data_5VYJ
#
_entry.id   5VYJ
#
_cell.length_a   156.950
_cell.length_b   167.240
_cell.length_c   242.900
_cell.angle_alpha   90.00
_cell.angle_beta   90.00
_cell.angle_gamma   90.00
#
_symmetry.space_group_name_H-M   'P 21 21 21'
#
loop_
_entity.id
_entity.type
_entity.pdbx_description
1 polymer 'Phosphoenolpyruvate carboxylase'
2 non-polymer GLYCINE
3 non-polymer 'ACETATE ION'
#
_entity_poly.entity_id   1
_entity_poly.type   'polypeptide(L)'
_entity_poly.pdbx_seq_one_letter_code
;MASTKAPGPGEKHHSIDAQLRQLVPGKVSEDDKLIEYDALLVDRFLNILQDLHGPSLREFVQECYEVSADYEGKGDTTKL
GELGAKLTGLAPADAILVASSILHMLNLANLAEEVQIAHRRRNSKLKKGGFADEGSATTESDIEETLKRLVSEVGKSPEE
VFEALKNQTVDLVFTAHPTQSARRSLLQKNARIRNCLTQLNAKDITDDDKQELDEALQREIQAAFRTDEIRRAQPTPQDE
MRYGMSYIHETVWKGVPKFLRRVDTALKNIGINERLPYNVSLIRFSSWMGGDRDGNPRVTPEVTRDVCLLARMMAANLYI
DQIEELMFELSMWRCNDELRVRAEELHSSSGSKVTKYYIEFWKQIPPNEPYRVILGHVRDKLYNTRERARHLLASGVSEI
SAESSFTSIEEFLEPLELCYKSLCDCGDKAIADGSLLDLLRQVFTFGLSLVKLDIRQESERHTDVIDAITTHLGIGSYRE
WSEDKRQEWLLSELRGKRPLLPPDLPQTEEIADVIGAFHVLAELPPDSFGPYIISMATAPSDVLAVELLQRECGVRQPLP
VVPLFERLADLQSAPASVERLFSVDWYMDRIKGKQQVMVGYSDSGKDAGRLSAAWQLYRAQEEMAQVAKRYGVKLTLFHG
RGGTVGRGGGPTHLAILSQPPDTINGSIRVTVQGEVIEFCFGEEHLCFQTLQRFTAATLEHGMHPPVSPKPEWRKLMDEM
AVVATEEYRSVVVKEARFVEYFRSATPETEYGRMNIGSRPAKRRPGGGITTLRAIPWIFSWTQTRFHLPVWLGVGAAFKF
AIDKDVRNFQVLKEMYNEWPFFRVTLDLLEMVFAKGDPGIAGLYDELLVAEELKPFGKQLRDKYVETQQLLLQIAGHKDI
LEGDPFLKQGLVLRNPYITTLNVFQAYTLKRIRDPNFKVTPQPPLSKEFADENKPAGLVKLNPASEYPPGLEDTLILTMK
GIAAGMQNTG
;
_entity_poly.pdbx_strand_id   A,B,C,D
#
loop_
_chem_comp.id
_chem_comp.type
_chem_comp.name
_chem_comp.formula
ACT non-polymer 'ACETATE ION' 'C2 H3 O2 -1'
#
# COMPACT_ATOMS: atom_id res chain seq x y z
N ILE A 35 4.24 -50.61 35.08
CA ILE A 35 3.66 -51.92 35.37
C ILE A 35 2.77 -52.41 34.21
N GLU A 36 1.47 -52.13 34.29
CA GLU A 36 0.50 -52.57 33.28
C GLU A 36 0.51 -51.62 32.07
N TYR A 37 1.12 -50.46 32.29
CA TYR A 37 1.17 -49.42 31.28
C TYR A 37 2.30 -49.61 30.28
N ASP A 38 3.52 -49.89 30.77
CA ASP A 38 4.68 -49.95 29.90
C ASP A 38 4.72 -51.23 29.07
N ALA A 39 4.20 -52.31 29.66
CA ALA A 39 4.04 -53.55 28.93
C ALA A 39 3.14 -53.27 27.74
N LEU A 40 2.00 -52.63 28.02
CA LEU A 40 1.02 -52.26 27.01
C LEU A 40 1.66 -51.55 25.80
N LEU A 41 2.52 -50.57 26.07
CA LEU A 41 3.14 -49.78 25.02
C LEU A 41 4.18 -50.55 24.22
N VAL A 42 5.10 -51.21 24.93
CA VAL A 42 6.17 -51.96 24.31
C VAL A 42 5.66 -53.09 23.40
N ASP A 43 4.54 -53.70 23.78
CA ASP A 43 3.94 -54.75 22.95
C ASP A 43 3.36 -54.19 21.67
N ARG A 44 2.81 -52.98 21.74
CA ARG A 44 2.24 -52.36 20.55
C ARG A 44 3.31 -51.89 19.59
N PHE A 45 4.43 -51.41 20.14
CA PHE A 45 5.57 -51.04 19.31
C PHE A 45 6.09 -52.25 18.55
N LEU A 46 6.36 -53.32 19.30
CA LEU A 46 6.89 -54.55 18.70
C LEU A 46 6.02 -55.12 17.58
N ASN A 47 4.71 -55.00 17.70
CA ASN A 47 3.82 -55.45 16.63
C ASN A 47 3.93 -54.56 15.41
N ILE A 48 4.29 -53.29 15.65
CA ILE A 48 4.48 -52.33 14.58
C ILE A 48 5.83 -52.57 13.90
N LEU A 49 6.87 -52.79 14.72
CA LEU A 49 8.21 -53.08 14.24
C LEU A 49 8.24 -54.36 13.40
N GLN A 50 7.41 -55.32 13.78
CA GLN A 50 7.26 -56.58 13.06
C GLN A 50 6.40 -56.43 11.82
N ASP A 51 5.40 -55.57 11.90
CA ASP A 51 4.52 -55.29 10.78
C ASP A 51 5.32 -54.68 9.64
N LEU A 52 6.18 -53.72 9.98
CA LEU A 52 6.86 -52.90 8.99
C LEU A 52 8.22 -53.44 8.58
N HIS A 53 8.82 -54.27 9.41
CA HIS A 53 10.22 -54.70 9.20
C HIS A 53 10.45 -56.22 9.24
N GLY A 54 9.36 -56.98 9.29
CA GLY A 54 9.46 -58.43 9.37
C GLY A 54 9.63 -58.89 10.80
N PRO A 55 9.36 -60.19 11.07
CA PRO A 55 9.41 -60.76 12.42
C PRO A 55 10.83 -61.00 12.89
N SER A 56 11.76 -61.19 11.94
CA SER A 56 13.15 -61.47 12.27
C SER A 56 13.82 -60.32 13.01
N LEU A 57 13.55 -59.08 12.57
CA LEU A 57 14.11 -57.91 13.23
C LEU A 57 13.53 -57.73 14.65
N ARG A 58 12.24 -58.02 14.78
CA ARG A 58 11.55 -57.94 16.06
C ARG A 58 12.20 -58.89 17.07
N GLU A 59 12.50 -60.09 16.62
CA GLU A 59 13.13 -61.10 17.46
C GLU A 59 14.52 -60.66 17.89
N PHE A 60 15.26 -60.08 16.96
CA PHE A 60 16.59 -59.56 17.25
C PHE A 60 16.58 -58.61 18.45
N VAL A 61 15.66 -57.64 18.41
CA VAL A 61 15.51 -56.67 19.49
C VAL A 61 15.12 -57.33 20.82
N GLN A 62 14.38 -58.44 20.72
CA GLN A 62 13.97 -59.20 21.89
C GLN A 62 15.06 -60.18 22.34
N GLU A 63 15.90 -60.63 21.40
CA GLU A 63 17.06 -61.44 21.71
C GLU A 63 18.08 -60.58 22.44
N CYS A 64 18.12 -59.30 22.07
CA CYS A 64 19.03 -58.36 22.69
C CYS A 64 18.58 -58.02 24.12
N TYR A 65 17.27 -58.01 24.33
CA TYR A 65 16.74 -57.70 25.65
C TYR A 65 17.17 -58.76 26.66
N GLU A 66 17.05 -60.03 26.26
CA GLU A 66 17.29 -61.13 27.17
C GLU A 66 18.77 -61.33 27.47
N VAL A 67 19.62 -61.08 26.48
CA VAL A 67 21.06 -61.16 26.70
C VAL A 67 21.52 -60.08 27.69
N SER A 68 20.92 -58.90 27.61
CA SER A 68 21.23 -57.82 28.53
C SER A 68 20.61 -58.10 29.88
N ALA A 69 19.45 -58.75 29.84
CA ALA A 69 18.76 -59.14 31.05
C ALA A 69 19.56 -60.21 31.79
N ASP A 70 20.24 -61.08 31.05
CA ASP A 70 21.11 -62.08 31.66
C ASP A 70 22.35 -61.43 32.28
N TYR A 71 22.67 -60.23 31.81
CA TYR A 71 23.74 -59.44 32.43
C TYR A 71 23.22 -58.75 33.67
N GLU A 72 22.03 -58.16 33.53
CA GLU A 72 21.39 -57.45 34.63
C GLU A 72 21.10 -58.37 35.82
N GLY A 73 20.74 -59.62 35.53
CA GLY A 73 20.32 -60.54 36.57
C GLY A 73 21.44 -61.36 37.18
N LYS A 74 22.63 -61.25 36.62
CA LYS A 74 23.74 -62.10 37.06
C LYS A 74 25.07 -61.34 37.12
N GLY A 75 25.12 -60.18 36.46
CA GLY A 75 26.36 -59.43 36.37
C GLY A 75 27.37 -60.13 35.47
N ASP A 76 26.92 -61.13 34.72
CA ASP A 76 27.80 -61.92 33.85
C ASP A 76 28.48 -61.06 32.77
N THR A 77 29.72 -60.68 33.04
CA THR A 77 30.48 -59.74 32.21
C THR A 77 30.58 -60.13 30.73
N THR A 78 30.68 -61.43 30.47
CA THR A 78 30.90 -61.94 29.11
C THR A 78 29.66 -61.80 28.20
N LYS A 79 28.49 -61.72 28.83
CA LYS A 79 27.23 -61.50 28.10
C LYS A 79 27.31 -60.28 27.17
N LEU A 80 27.93 -59.21 27.67
CA LEU A 80 28.06 -57.96 26.93
C LEU A 80 28.87 -58.12 25.64
N GLY A 81 29.91 -58.94 25.70
CA GLY A 81 30.76 -59.15 24.54
C GLY A 81 30.01 -59.92 23.46
N GLU A 82 29.22 -60.90 23.88
CA GLU A 82 28.46 -61.73 22.96
C GLU A 82 27.35 -60.91 22.29
N LEU A 83 26.88 -59.90 23.01
CA LEU A 83 25.86 -58.98 22.49
C LEU A 83 26.44 -58.10 21.40
N GLY A 84 27.59 -57.51 21.69
CA GLY A 84 28.28 -56.63 20.75
C GLY A 84 28.65 -57.36 19.47
N ALA A 85 28.82 -58.67 19.59
CA ALA A 85 29.10 -59.52 18.43
C ALA A 85 27.92 -59.49 17.46
N LYS A 86 26.72 -59.47 18.02
CA LYS A 86 25.51 -59.37 17.22
C LYS A 86 25.41 -57.99 16.59
N LEU A 87 25.44 -56.96 17.43
CA LEU A 87 25.22 -55.59 16.98
C LEU A 87 26.22 -55.12 15.90
N THR A 88 27.46 -55.57 16.01
CA THR A 88 28.53 -55.09 15.13
C THR A 88 28.36 -55.57 13.69
N GLY A 89 27.81 -56.77 13.54
CA GLY A 89 27.60 -57.37 12.24
C GLY A 89 26.47 -56.75 11.44
N LEU A 90 25.59 -56.02 12.11
CA LEU A 90 24.37 -55.48 11.49
C LEU A 90 24.58 -54.53 10.28
N ALA A 91 23.70 -54.68 9.28
CA ALA A 91 23.67 -53.80 8.10
C ALA A 91 23.46 -52.36 8.54
N PRO A 92 24.14 -51.40 7.86
CA PRO A 92 24.04 -49.99 8.25
C PRO A 92 22.60 -49.49 8.43
N ALA A 93 21.66 -50.02 7.64
CA ALA A 93 20.25 -49.68 7.77
C ALA A 93 19.61 -50.39 8.97
N ASP A 94 20.05 -51.62 9.23
CA ASP A 94 19.58 -52.41 10.36
C ASP A 94 20.25 -52.01 11.67
N ALA A 95 21.44 -51.41 11.57
CA ALA A 95 22.14 -50.95 12.75
C ALA A 95 21.38 -49.77 13.29
N ILE A 96 20.96 -48.88 12.39
CA ILE A 96 20.15 -47.73 12.76
C ILE A 96 18.76 -48.17 13.23
N LEU A 97 18.12 -49.02 12.43
CA LEU A 97 16.78 -49.51 12.74
C LEU A 97 16.66 -50.06 14.16
N VAL A 98 17.71 -50.73 14.62
CA VAL A 98 17.76 -51.31 15.95
C VAL A 98 17.95 -50.23 17.03
N ALA A 99 18.97 -49.39 16.86
CA ALA A 99 19.25 -48.28 17.78
C ALA A 99 18.08 -47.31 17.96
N SER A 100 17.32 -47.11 16.88
CA SER A 100 16.11 -46.31 16.95
C SER A 100 15.08 -47.06 17.76
N SER A 101 15.00 -48.37 17.53
CA SER A 101 13.99 -49.21 18.15
C SER A 101 14.14 -49.27 19.65
N ILE A 102 15.38 -49.42 20.11
CA ILE A 102 15.68 -49.39 21.54
C ILE A 102 15.33 -48.03 22.15
N LEU A 103 15.65 -46.97 21.42
CA LEU A 103 15.30 -45.60 21.83
C LEU A 103 13.78 -45.44 22.02
N HIS A 104 13.03 -45.75 20.98
CA HIS A 104 11.59 -45.57 21.01
C HIS A 104 10.88 -46.37 22.09
N MET A 105 11.29 -47.61 22.33
CA MET A 105 10.66 -48.39 23.39
C MET A 105 11.08 -47.82 24.71
N LEU A 106 12.32 -47.34 24.78
CA LEU A 106 12.82 -46.72 26.01
C LEU A 106 11.98 -45.48 26.36
N ASN A 107 11.79 -44.60 25.37
CA ASN A 107 10.93 -43.44 25.48
C ASN A 107 9.53 -43.77 26.00
N LEU A 108 8.82 -44.66 25.30
CA LEU A 108 7.51 -45.15 25.75
C LEU A 108 7.49 -45.60 27.20
N ALA A 109 8.59 -46.24 27.62
CA ALA A 109 8.75 -46.64 29.00
C ALA A 109 8.66 -45.41 29.91
N ASN A 110 9.38 -44.35 29.54
CA ASN A 110 9.32 -43.09 30.26
C ASN A 110 7.93 -42.46 30.18
N LEU A 111 7.28 -42.58 29.03
CA LEU A 111 5.92 -42.09 28.85
C LEU A 111 4.98 -42.86 29.75
N ALA A 112 5.12 -44.18 29.73
CA ALA A 112 4.24 -45.03 30.51
C ALA A 112 4.45 -44.77 31.99
N GLU A 113 5.67 -44.46 32.38
CA GLU A 113 5.94 -44.14 33.77
C GLU A 113 5.28 -42.84 34.19
N GLU A 114 5.38 -41.82 33.35
CA GLU A 114 4.81 -40.50 33.64
C GLU A 114 3.31 -40.60 33.87
N VAL A 115 2.65 -41.43 33.07
CA VAL A 115 1.20 -41.67 33.19
C VAL A 115 0.86 -42.34 34.49
N GLN A 116 1.71 -43.28 34.91
CA GLN A 116 1.46 -43.99 36.15
C GLN A 116 1.78 -43.12 37.36
N ILE A 117 2.77 -42.25 37.25
CA ILE A 117 3.10 -41.34 38.36
C ILE A 117 1.97 -40.35 38.54
N ALA A 118 1.38 -39.91 37.43
CA ALA A 118 0.28 -38.96 37.49
C ALA A 118 -0.94 -39.63 38.11
N HIS A 119 -1.28 -40.83 37.62
CA HIS A 119 -2.35 -41.63 38.19
C HIS A 119 -2.21 -41.78 39.71
N ARG A 120 -1.04 -42.27 40.16
CA ARG A 120 -0.78 -42.46 41.59
C ARG A 120 -0.83 -41.16 42.39
N ARG A 121 -0.56 -40.02 41.74
CA ARG A 121 -0.68 -38.73 42.40
C ARG A 121 -2.13 -38.32 42.59
N ARG A 122 -2.93 -38.47 41.53
CA ARG A 122 -4.36 -38.17 41.60
C ARG A 122 -5.07 -39.06 42.62
N ASN A 123 -4.69 -40.34 42.66
CA ASN A 123 -5.33 -41.27 43.58
C ASN A 123 -5.07 -40.95 45.05
N SER A 124 -4.13 -40.04 45.30
CA SER A 124 -3.96 -39.48 46.62
C SER A 124 -5.03 -38.42 46.91
N LYS A 125 -6.05 -38.37 46.06
CA LYS A 125 -7.17 -37.45 46.21
C LYS A 125 -6.69 -36.01 46.42
N SER A 141 4.27 -32.63 49.41
CA SER A 141 2.85 -32.29 49.51
C SER A 141 2.44 -31.10 48.65
N ASP A 142 1.14 -30.80 48.66
CA ASP A 142 0.55 -29.73 47.86
C ASP A 142 0.46 -28.40 48.60
N ILE A 143 -0.36 -27.50 48.08
CA ILE A 143 -0.41 -26.10 48.54
C ILE A 143 -1.43 -25.84 49.65
N GLU A 144 -2.56 -26.53 49.61
CA GLU A 144 -3.53 -26.37 50.68
C GLU A 144 -3.10 -27.09 51.94
N GLU A 145 -2.46 -28.25 51.78
CA GLU A 145 -1.94 -28.98 52.92
C GLU A 145 -0.87 -28.17 53.64
N THR A 146 -0.11 -27.40 52.88
CA THR A 146 0.97 -26.60 53.42
C THR A 146 0.47 -25.38 54.18
N LEU A 147 -0.61 -24.77 53.72
CA LEU A 147 -1.18 -23.64 54.44
C LEU A 147 -1.72 -24.09 55.77
N LYS A 148 -2.38 -25.25 55.76
CA LYS A 148 -2.98 -25.80 56.97
C LYS A 148 -1.88 -26.21 57.95
N ARG A 149 -0.90 -26.96 57.46
CA ARG A 149 0.22 -27.37 58.29
C ARG A 149 0.99 -26.19 58.90
N LEU A 150 1.06 -25.07 58.19
CA LEU A 150 1.73 -23.89 58.73
C LEU A 150 0.91 -23.20 59.81
N VAL A 151 -0.37 -23.57 59.93
CA VAL A 151 -1.22 -22.96 60.95
C VAL A 151 -1.47 -23.93 62.10
N SER A 152 -1.75 -25.19 61.78
CA SER A 152 -1.93 -26.22 62.81
C SER A 152 -0.63 -26.56 63.53
N GLU A 153 0.37 -26.95 62.76
CA GLU A 153 1.61 -27.50 63.28
C GLU A 153 2.68 -26.47 63.64
N VAL A 154 2.94 -25.53 62.73
CA VAL A 154 3.89 -24.45 63.00
C VAL A 154 3.22 -23.33 63.82
N GLY A 155 1.89 -23.32 63.80
CA GLY A 155 1.15 -22.37 64.61
C GLY A 155 1.32 -20.92 64.21
N LYS A 156 1.42 -20.65 62.91
CA LYS A 156 1.37 -19.29 62.40
C LYS A 156 -0.10 -18.85 62.32
N SER A 157 -0.36 -17.56 62.43
CA SER A 157 -1.72 -17.07 62.23
C SER A 157 -1.97 -17.13 60.75
N PRO A 158 -3.21 -17.44 60.35
CA PRO A 158 -3.52 -17.44 58.92
C PRO A 158 -3.18 -16.10 58.27
N GLU A 159 -3.34 -15.00 59.01
CA GLU A 159 -3.01 -13.66 58.53
C GLU A 159 -1.54 -13.57 58.22
N GLU A 160 -0.71 -14.13 59.09
CA GLU A 160 0.74 -14.17 58.89
C GLU A 160 1.09 -14.97 57.64
N VAL A 161 0.39 -16.09 57.45
CA VAL A 161 0.57 -16.92 56.26
C VAL A 161 0.19 -16.12 55.01
N PHE A 162 -0.95 -15.45 55.09
CA PHE A 162 -1.48 -14.65 54.00
C PHE A 162 -0.48 -13.58 53.60
N GLU A 163 -0.02 -12.82 54.60
CA GLU A 163 0.99 -11.79 54.41
C GLU A 163 2.27 -12.35 53.79
N ALA A 164 2.66 -13.54 54.21
CA ALA A 164 3.89 -14.16 53.74
C ALA A 164 3.80 -14.51 52.25
N LEU A 165 2.61 -14.91 51.83
CA LEU A 165 2.32 -15.17 50.43
C LEU A 165 2.41 -13.89 49.61
N LYS A 166 1.66 -12.86 50.03
CA LYS A 166 1.65 -11.56 49.35
C LYS A 166 3.07 -11.09 49.03
N ASN A 167 4.01 -11.40 49.93
CA ASN A 167 5.39 -10.98 49.80
C ASN A 167 6.31 -11.99 49.14
N GLN A 168 5.73 -13.08 48.66
CA GLN A 168 6.57 -14.09 48.04
C GLN A 168 6.63 -13.88 46.52
N THR A 169 7.73 -14.34 45.92
CA THR A 169 7.91 -14.32 44.48
C THR A 169 9.00 -15.33 44.11
N VAL A 170 8.62 -16.37 43.38
CA VAL A 170 9.56 -17.33 42.83
C VAL A 170 9.68 -17.04 41.35
N ASP A 171 10.90 -16.86 40.87
CA ASP A 171 11.14 -16.51 39.48
C ASP A 171 11.71 -17.73 38.78
N LEU A 172 10.99 -18.32 37.84
CA LEU A 172 11.52 -19.50 37.13
C LEU A 172 12.15 -19.11 35.79
N VAL A 173 13.47 -19.22 35.68
CA VAL A 173 14.14 -18.74 34.47
C VAL A 173 14.38 -19.82 33.42
N PHE A 174 13.52 -19.84 32.39
CA PHE A 174 13.71 -20.73 31.27
C PHE A 174 14.98 -20.34 30.56
N THR A 175 15.87 -21.30 30.35
CA THR A 175 17.07 -21.10 29.57
C THR A 175 17.10 -22.15 28.52
N ALA A 176 17.97 -21.95 27.54
CA ALA A 176 18.12 -22.89 26.44
C ALA A 176 19.47 -23.59 26.53
N HIS A 177 19.82 -24.10 27.72
CA HIS A 177 21.07 -24.82 27.87
C HIS A 177 21.01 -26.06 27.01
N PRO A 178 22.07 -26.34 26.25
CA PRO A 178 22.03 -27.40 25.24
C PRO A 178 21.76 -28.80 25.82
N THR A 179 20.53 -29.09 26.23
CA THR A 179 20.23 -30.40 26.81
C THR A 179 19.02 -31.08 26.17
N GLN A 180 18.26 -30.34 25.37
CA GLN A 180 17.05 -30.86 24.76
C GLN A 180 17.30 -31.53 23.41
N SER A 181 17.65 -32.81 23.42
CA SER A 181 17.98 -33.48 22.16
C SER A 181 16.75 -33.68 21.30
N ALA A 182 15.60 -33.90 21.94
CA ALA A 182 14.34 -34.24 21.26
C ALA A 182 13.85 -33.19 20.25
N ARG A 183 13.50 -33.64 19.05
CA ARG A 183 12.86 -32.77 18.06
C ARG A 183 11.47 -32.43 18.59
N ARG A 184 11.08 -31.16 18.54
CA ARG A 184 9.78 -30.78 19.09
C ARG A 184 8.66 -31.52 18.36
N SER A 185 8.91 -31.93 17.13
CA SER A 185 7.92 -32.65 16.34
C SER A 185 7.60 -34.00 17.00
N LEU A 186 8.59 -34.55 17.70
CA LEU A 186 8.45 -35.83 18.40
C LEU A 186 7.83 -35.58 19.76
N LEU A 187 8.32 -34.55 20.45
CA LEU A 187 7.78 -34.17 21.76
C LEU A 187 6.26 -33.97 21.72
N GLN A 188 5.75 -33.47 20.60
CA GLN A 188 4.31 -33.28 20.45
C GLN A 188 3.61 -34.64 20.44
N LYS A 189 4.24 -35.60 19.76
CA LYS A 189 3.68 -36.95 19.60
C LYS A 189 3.69 -37.74 20.90
N ASN A 190 4.64 -37.44 21.79
CA ASN A 190 4.60 -37.99 23.13
C ASN A 190 3.36 -37.53 23.86
N ALA A 191 3.07 -36.24 23.73
CA ALA A 191 1.98 -35.61 24.44
C ALA A 191 0.67 -36.32 24.12
N ARG A 192 0.52 -36.74 22.87
CA ARG A 192 -0.69 -37.45 22.47
C ARG A 192 -0.67 -38.86 23.02
N ILE A 193 0.49 -39.50 22.97
CA ILE A 193 0.60 -40.87 23.44
C ILE A 193 0.13 -40.95 24.88
N ARG A 194 0.63 -40.04 25.71
CA ARG A 194 0.25 -40.01 27.11
C ARG A 194 -1.25 -39.80 27.29
N ASN A 195 -1.81 -38.95 26.44
CA ASN A 195 -3.23 -38.65 26.47
C ASN A 195 -4.07 -39.88 26.11
N CYS A 196 -3.70 -40.53 25.02
CA CYS A 196 -4.33 -41.77 24.59
C CYS A 196 -4.26 -42.79 25.69
N LEU A 197 -3.07 -42.91 26.26
CA LEU A 197 -2.78 -43.91 27.25
C LEU A 197 -3.57 -43.62 28.51
N THR A 198 -3.87 -42.34 28.74
CA THR A 198 -4.64 -41.94 29.91
C THR A 198 -6.12 -42.30 29.81
N GLN A 199 -6.79 -41.82 28.76
CA GLN A 199 -8.21 -42.09 28.59
C GLN A 199 -8.49 -43.57 28.44
N LEU A 200 -7.50 -44.29 27.90
CA LEU A 200 -7.64 -45.71 27.62
C LEU A 200 -7.76 -46.46 28.94
N ASN A 201 -7.31 -45.80 30.01
CA ASN A 201 -7.34 -46.38 31.34
C ASN A 201 -8.24 -45.59 32.30
N ALA A 202 -9.30 -45.02 31.75
CA ALA A 202 -10.37 -44.43 32.56
C ALA A 202 -11.38 -45.52 32.88
N LYS A 203 -12.22 -45.26 33.89
CA LYS A 203 -13.20 -46.24 34.36
C LYS A 203 -14.45 -46.36 33.45
N ASP A 204 -15.17 -45.26 33.31
CA ASP A 204 -16.34 -45.22 32.44
C ASP A 204 -15.91 -44.89 31.02
N ILE A 205 -15.82 -45.92 30.17
CA ILE A 205 -15.36 -45.76 28.79
C ILE A 205 -15.89 -46.87 27.87
N THR A 206 -16.65 -46.47 26.85
CA THR A 206 -17.34 -47.44 25.98
C THR A 206 -16.35 -48.33 25.24
N ASP A 207 -16.80 -49.53 24.88
CA ASP A 207 -15.96 -50.44 24.12
C ASP A 207 -15.43 -49.78 22.85
N ASP A 208 -16.31 -49.05 22.16
CA ASP A 208 -15.96 -48.37 20.93
C ASP A 208 -15.01 -47.20 21.17
N ASP A 209 -15.26 -46.45 22.25
CA ASP A 209 -14.36 -45.39 22.68
C ASP A 209 -12.97 -45.95 23.00
N LYS A 210 -12.94 -47.13 23.62
CA LYS A 210 -11.69 -47.78 23.99
C LYS A 210 -10.97 -48.33 22.77
N GLN A 211 -11.76 -48.84 21.83
CA GLN A 211 -11.22 -49.45 20.62
C GLN A 211 -10.68 -48.41 19.64
N GLU A 212 -11.19 -47.19 19.73
CA GLU A 212 -10.74 -46.08 18.87
C GLU A 212 -9.58 -45.33 19.51
N LEU A 213 -9.58 -45.26 20.84
CA LEU A 213 -8.44 -44.74 21.58
C LEU A 213 -7.23 -45.63 21.35
N ASP A 214 -7.49 -46.94 21.24
CA ASP A 214 -6.44 -47.89 21.00
C ASP A 214 -5.82 -47.61 19.65
N GLU A 215 -6.66 -47.56 18.62
CA GLU A 215 -6.23 -47.26 17.26
C GLU A 215 -5.42 -45.97 17.21
N ALA A 216 -5.84 -45.01 18.02
CA ALA A 216 -5.19 -43.70 18.08
C ALA A 216 -3.79 -43.85 18.63
N LEU A 217 -3.67 -44.64 19.70
CA LEU A 217 -2.38 -44.88 20.32
C LEU A 217 -1.40 -45.59 19.37
N GLN A 218 -1.92 -46.57 18.63
CA GLN A 218 -1.10 -47.34 17.69
C GLN A 218 -0.41 -46.42 16.69
N ARG A 219 -1.21 -45.63 15.98
CA ARG A 219 -0.72 -44.82 14.86
C ARG A 219 0.16 -43.66 15.31
N GLU A 220 -0.10 -43.16 16.52
CA GLU A 220 0.72 -42.12 17.11
C GLU A 220 2.13 -42.65 17.41
N ILE A 221 2.21 -43.89 17.87
CA ILE A 221 3.50 -44.57 18.04
C ILE A 221 4.21 -44.73 16.70
N GLN A 222 3.53 -45.37 15.75
CA GLN A 222 4.08 -45.58 14.41
C GLN A 222 4.58 -44.28 13.78
N ALA A 223 3.79 -43.22 13.93
CA ALA A 223 4.17 -41.89 13.47
C ALA A 223 5.52 -41.43 14.01
N ALA A 224 5.69 -41.48 15.33
CA ALA A 224 6.96 -41.06 15.92
C ALA A 224 8.11 -41.98 15.48
N PHE A 225 7.80 -43.25 15.25
CA PHE A 225 8.81 -44.25 14.85
C PHE A 225 9.31 -44.05 13.41
N ARG A 226 8.45 -43.49 12.57
CA ARG A 226 8.80 -43.28 11.16
C ARG A 226 9.15 -41.84 10.83
N THR A 227 9.56 -41.11 11.86
CA THR A 227 10.09 -39.76 11.74
C THR A 227 11.56 -39.79 12.13
N ASP A 228 12.43 -39.16 11.33
CA ASP A 228 13.85 -39.12 11.64
C ASP A 228 14.07 -38.44 12.99
N GLU A 229 14.62 -39.18 13.97
CA GLU A 229 14.75 -38.66 15.33
C GLU A 229 15.83 -37.60 15.50
N ILE A 230 16.78 -37.59 14.56
CA ILE A 230 17.97 -36.76 14.68
C ILE A 230 17.80 -35.34 14.09
N ARG A 231 18.08 -34.33 14.91
CA ARG A 231 18.09 -32.96 14.42
C ARG A 231 19.29 -32.80 13.50
N ARG A 232 19.03 -32.45 12.25
CA ARG A 232 20.07 -32.43 11.22
C ARG A 232 20.89 -31.15 11.16
N ALA A 233 20.47 -30.14 11.93
CA ALA A 233 21.22 -28.88 11.98
C ALA A 233 20.98 -28.10 13.28
N GLN A 234 22.03 -27.43 13.76
CA GLN A 234 21.94 -26.61 14.96
C GLN A 234 20.83 -25.56 14.88
N PRO A 235 20.17 -25.30 16.01
CA PRO A 235 19.19 -24.20 16.05
C PRO A 235 19.90 -22.86 16.05
N THR A 236 19.25 -21.84 15.50
CA THR A 236 19.70 -20.49 15.68
C THR A 236 19.24 -20.14 17.08
N PRO A 237 19.88 -19.16 17.74
CA PRO A 237 19.47 -18.83 19.11
C PRO A 237 18.01 -18.36 19.20
N GLN A 238 17.46 -17.91 18.08
CA GLN A 238 16.09 -17.46 18.05
C GLN A 238 15.17 -18.65 18.00
N ASP A 239 15.55 -19.68 17.26
CA ASP A 239 14.82 -20.93 17.27
C ASP A 239 14.68 -21.42 18.71
N GLU A 240 15.81 -21.53 19.39
CA GLU A 240 15.87 -21.90 20.81
C GLU A 240 14.88 -21.09 21.64
N MET A 241 14.79 -19.81 21.36
CA MET A 241 13.87 -18.94 22.06
C MET A 241 12.45 -19.35 21.77
N ARG A 242 12.12 -19.54 20.50
CA ARG A 242 10.76 -19.90 20.13
C ARG A 242 10.37 -21.22 20.74
N TYR A 243 11.30 -22.16 20.71
CA TYR A 243 11.07 -23.51 21.22
C TYR A 243 10.64 -23.42 22.68
N GLY A 244 11.45 -22.76 23.50
CA GLY A 244 11.15 -22.61 24.91
C GLY A 244 9.95 -21.71 25.24
N MET A 245 9.61 -20.81 24.33
CA MET A 245 8.46 -19.94 24.51
C MET A 245 7.18 -20.71 24.30
N SER A 246 7.25 -21.76 23.49
CA SER A 246 6.07 -22.58 23.19
C SER A 246 5.42 -23.08 24.48
N TYR A 247 6.25 -23.38 25.47
CA TYR A 247 5.80 -23.84 26.78
C TYR A 247 5.03 -22.75 27.47
N ILE A 248 5.54 -21.51 27.38
CA ILE A 248 4.81 -20.35 27.89
C ILE A 248 3.42 -20.28 27.26
N HIS A 249 3.32 -20.56 25.96
CA HIS A 249 2.01 -20.61 25.32
C HIS A 249 1.15 -21.75 25.84
N GLU A 250 1.60 -22.98 25.62
CA GLU A 250 0.73 -24.16 25.74
C GLU A 250 0.35 -24.66 27.12
N THR A 251 1.07 -24.28 28.16
CA THR A 251 0.65 -24.67 29.51
C THR A 251 0.74 -23.55 30.54
N VAL A 252 1.74 -22.69 30.38
CA VAL A 252 2.05 -21.72 31.42
C VAL A 252 1.11 -20.52 31.44
N TRP A 253 0.67 -20.08 30.26
CA TRP A 253 -0.24 -18.94 30.14
C TRP A 253 -1.56 -19.17 30.86
N LYS A 254 -2.26 -20.24 30.52
CA LYS A 254 -3.51 -20.58 31.20
C LYS A 254 -3.30 -21.07 32.62
N GLY A 255 -2.17 -21.75 32.85
CA GLY A 255 -1.96 -22.50 34.08
C GLY A 255 -1.39 -21.74 35.26
N VAL A 256 -1.10 -20.47 35.05
CA VAL A 256 -0.71 -19.59 36.14
C VAL A 256 -1.94 -19.01 36.85
N PRO A 257 -2.95 -18.54 36.09
CA PRO A 257 -4.17 -18.13 36.78
C PRO A 257 -4.86 -19.30 37.46
N LYS A 258 -4.66 -20.51 36.93
CA LYS A 258 -5.33 -21.68 37.46
C LYS A 258 -4.72 -22.12 38.78
N PHE A 259 -3.42 -21.89 38.93
CA PHE A 259 -2.74 -22.22 40.17
C PHE A 259 -3.05 -21.17 41.23
N LEU A 260 -3.05 -19.91 40.84
CA LEU A 260 -3.40 -18.85 41.76
C LEU A 260 -4.84 -18.98 42.21
N ARG A 261 -5.67 -19.62 41.41
CA ARG A 261 -7.03 -19.83 41.83
C ARG A 261 -7.04 -20.83 42.97
N ARG A 262 -6.20 -21.86 42.89
CA ARG A 262 -6.07 -22.81 43.98
C ARG A 262 -5.56 -22.15 45.26
N VAL A 263 -4.62 -21.21 45.14
CA VAL A 263 -4.14 -20.46 46.30
C VAL A 263 -5.29 -19.68 46.94
N ASP A 264 -6.22 -19.21 46.13
CA ASP A 264 -7.40 -18.51 46.64
C ASP A 264 -8.20 -19.45 47.53
N THR A 265 -8.32 -20.68 47.04
CA THR A 265 -9.07 -21.73 47.73
C THR A 265 -8.39 -22.14 49.03
N ALA A 266 -7.15 -22.58 48.91
CA ALA A 266 -6.36 -22.94 50.07
C ALA A 266 -6.40 -21.83 51.11
N LEU A 267 -6.31 -20.58 50.67
CA LEU A 267 -6.41 -19.45 51.59
C LEU A 267 -7.78 -19.29 52.24
N LYS A 268 -8.85 -19.71 51.57
CA LYS A 268 -10.16 -19.57 52.19
C LYS A 268 -10.35 -20.65 53.24
N ASN A 269 -9.74 -21.81 53.01
CA ASN A 269 -9.85 -22.95 53.91
C ASN A 269 -9.05 -22.85 55.21
N ILE A 270 -8.21 -21.83 55.31
CA ILE A 270 -7.59 -21.51 56.59
C ILE A 270 -8.23 -20.23 57.10
N GLY A 271 -9.38 -19.90 56.53
CA GLY A 271 -10.21 -18.83 57.07
C GLY A 271 -9.92 -17.42 56.58
N ILE A 272 -8.95 -17.27 55.68
CA ILE A 272 -8.70 -15.99 55.03
C ILE A 272 -9.82 -15.76 54.03
N ASN A 273 -10.58 -14.69 54.23
CA ASN A 273 -11.80 -14.51 53.46
C ASN A 273 -11.67 -13.59 52.26
N GLU A 274 -10.48 -13.57 51.68
CA GLU A 274 -10.25 -12.80 50.46
C GLU A 274 -9.27 -13.50 49.55
N ARG A 275 -9.31 -13.11 48.28
CA ARG A 275 -8.38 -13.68 47.31
C ARG A 275 -7.02 -13.02 47.44
N LEU A 276 -5.98 -13.80 47.14
CA LEU A 276 -4.63 -13.27 47.01
C LEU A 276 -4.68 -12.20 45.94
N PRO A 277 -4.58 -10.91 46.35
CA PRO A 277 -4.68 -9.71 45.50
C PRO A 277 -3.99 -9.91 44.15
N TYR A 278 -4.59 -9.42 43.07
CA TYR A 278 -4.12 -9.81 41.75
C TYR A 278 -2.75 -9.24 41.35
N ASN A 279 -2.31 -8.18 42.04
CA ASN A 279 -1.00 -7.56 41.78
C ASN A 279 0.18 -8.30 42.41
N VAL A 280 -0.11 -9.34 43.17
CA VAL A 280 0.95 -10.18 43.70
C VAL A 280 1.45 -11.03 42.56
N SER A 281 2.75 -11.00 42.31
CA SER A 281 3.34 -11.93 41.37
C SER A 281 3.92 -13.05 42.22
N LEU A 282 3.10 -14.06 42.49
CA LEU A 282 3.49 -15.12 43.43
C LEU A 282 4.45 -16.08 42.73
N ILE A 283 4.50 -15.97 41.41
CA ILE A 283 5.38 -16.77 40.58
C ILE A 283 5.62 -16.03 39.25
N ARG A 284 6.90 -15.86 38.87
CA ARG A 284 7.27 -15.12 37.65
C ARG A 284 8.15 -15.95 36.71
N PHE A 285 8.14 -15.59 35.44
CA PHE A 285 8.96 -16.29 34.46
C PHE A 285 9.90 -15.32 33.73
N SER A 286 11.11 -15.78 33.48
CA SER A 286 12.12 -14.95 32.83
C SER A 286 12.92 -15.85 31.91
N SER A 287 13.75 -15.28 31.05
CA SER A 287 14.43 -16.09 30.05
C SER A 287 15.91 -15.74 29.91
N TRP A 288 16.69 -16.74 29.53
CA TRP A 288 18.10 -16.57 29.22
C TRP A 288 18.28 -16.75 27.73
N MET A 289 17.16 -17.08 27.09
CA MET A 289 17.18 -17.61 25.74
C MET A 289 17.75 -16.68 24.68
N GLY A 290 17.51 -15.38 24.82
CA GLY A 290 18.18 -14.42 23.95
C GLY A 290 19.34 -13.70 24.62
N GLY A 291 19.64 -14.06 25.87
CA GLY A 291 20.50 -13.22 26.71
C GLY A 291 21.80 -13.80 27.22
N ASP A 292 21.82 -15.10 27.43
CA ASP A 292 23.04 -15.80 27.83
C ASP A 292 23.96 -15.94 26.63
N ARG A 293 25.13 -15.30 26.73
CA ARG A 293 26.12 -15.37 25.68
C ARG A 293 27.46 -15.76 26.29
N ASP A 294 27.42 -16.31 27.50
CA ASP A 294 28.63 -16.85 28.12
C ASP A 294 29.16 -17.96 27.25
N GLY A 295 30.21 -17.65 26.49
CA GLY A 295 30.85 -18.62 25.65
C GLY A 295 29.93 -19.10 24.56
N ASN A 296 29.13 -18.16 24.04
CA ASN A 296 28.33 -18.40 22.86
C ASN A 296 28.26 -17.17 21.97
N PRO A 297 29.21 -17.06 21.02
CA PRO A 297 29.30 -15.85 20.18
C PRO A 297 28.17 -15.77 19.15
N ARG A 298 27.33 -16.81 19.10
CA ARG A 298 26.23 -16.85 18.15
C ARG A 298 25.02 -16.07 18.68
N VAL A 299 25.07 -15.74 19.96
CA VAL A 299 24.12 -14.82 20.58
C VAL A 299 24.64 -13.39 20.44
N THR A 300 24.18 -12.71 19.39
CA THR A 300 24.69 -11.40 19.04
C THR A 300 23.82 -10.31 19.69
N PRO A 301 24.22 -9.03 19.57
CA PRO A 301 23.28 -8.00 20.01
C PRO A 301 21.99 -8.05 19.21
N GLU A 302 22.04 -8.50 17.96
CA GLU A 302 20.81 -8.60 17.18
C GLU A 302 19.89 -9.69 17.71
N VAL A 303 20.46 -10.83 18.09
CA VAL A 303 19.69 -11.91 18.69
C VAL A 303 18.93 -11.44 19.94
N THR A 304 19.57 -10.59 20.74
CA THR A 304 18.88 -10.03 21.90
C THR A 304 17.69 -9.13 21.48
N ARG A 305 17.86 -8.41 20.38
CA ARG A 305 16.82 -7.51 19.92
C ARG A 305 15.66 -8.30 19.32
N ASP A 306 15.99 -9.31 18.53
CA ASP A 306 14.98 -10.14 17.88
C ASP A 306 14.12 -10.86 18.90
N VAL A 307 14.78 -11.43 19.90
CA VAL A 307 14.09 -12.15 20.97
C VAL A 307 13.20 -11.20 21.74
N CYS A 308 13.72 -10.00 22.03
CA CYS A 308 12.95 -8.99 22.74
C CYS A 308 11.67 -8.63 22.02
N LEU A 309 11.76 -8.42 20.71
CA LEU A 309 10.60 -8.02 19.92
C LEU A 309 9.66 -9.21 19.73
N LEU A 310 10.24 -10.36 19.41
CA LEU A 310 9.47 -11.59 19.26
C LEU A 310 8.58 -11.93 20.47
N ALA A 311 9.10 -11.69 21.68
CA ALA A 311 8.33 -11.95 22.88
C ALA A 311 7.21 -10.93 23.03
N ARG A 312 7.45 -9.70 22.60
CA ARG A 312 6.46 -8.64 22.73
C ARG A 312 5.31 -8.90 21.80
N MET A 313 5.64 -9.44 20.64
CA MET A 313 4.66 -9.93 19.69
C MET A 313 3.82 -11.03 20.33
N MET A 314 4.47 -12.10 20.78
CA MET A 314 3.79 -13.25 21.38
C MET A 314 2.89 -12.81 22.50
N ALA A 315 3.35 -11.85 23.27
CA ALA A 315 2.61 -11.32 24.40
C ALA A 315 1.30 -10.72 23.92
N ALA A 316 1.40 -9.69 23.10
CA ALA A 316 0.23 -8.97 22.63
C ALA A 316 -0.74 -9.93 21.97
N ASN A 317 -0.21 -10.89 21.22
CA ASN A 317 -1.05 -11.87 20.53
C ASN A 317 -1.84 -12.75 21.50
N LEU A 318 -1.25 -13.06 22.66
CA LEU A 318 -1.92 -13.91 23.67
C LEU A 318 -3.01 -13.15 24.41
N TYR A 319 -2.75 -11.87 24.67
CA TYR A 319 -3.73 -11.02 25.31
C TYR A 319 -4.93 -10.83 24.41
N ILE A 320 -4.70 -10.62 23.11
CA ILE A 320 -5.81 -10.35 22.18
C ILE A 320 -6.80 -11.49 22.15
N ASP A 321 -6.29 -12.72 22.07
CA ASP A 321 -7.16 -13.89 22.10
C ASP A 321 -7.94 -13.93 23.42
N GLN A 322 -7.27 -13.58 24.51
CA GLN A 322 -7.88 -13.50 25.82
C GLN A 322 -8.94 -12.40 25.90
N ILE A 323 -8.57 -11.19 25.51
CA ILE A 323 -9.50 -10.06 25.49
C ILE A 323 -10.72 -10.33 24.61
N GLU A 324 -10.51 -10.98 23.48
CA GLU A 324 -11.65 -11.30 22.63
C GLU A 324 -12.59 -12.29 23.29
N GLU A 325 -12.08 -13.16 24.15
CA GLU A 325 -12.94 -14.07 24.87
C GLU A 325 -13.68 -13.40 26.00
N LEU A 326 -13.04 -12.40 26.62
CA LEU A 326 -13.64 -11.67 27.72
C LEU A 326 -14.74 -10.76 27.21
N MET A 327 -14.58 -10.34 25.95
CA MET A 327 -15.55 -9.47 25.30
C MET A 327 -16.89 -10.13 25.08
N PHE A 328 -16.87 -11.37 24.59
CA PHE A 328 -18.08 -12.18 24.49
C PHE A 328 -18.74 -12.31 25.85
N GLU A 329 -17.93 -12.53 26.89
CA GLU A 329 -18.44 -12.80 28.24
C GLU A 329 -19.05 -11.60 28.95
N LEU A 330 -18.28 -10.54 29.12
CA LEU A 330 -18.73 -9.34 29.84
C LEU A 330 -19.81 -8.56 29.09
N SER A 331 -20.95 -9.21 28.93
CA SER A 331 -22.10 -8.66 28.22
C SER A 331 -22.99 -7.89 29.16
N MET A 332 -22.56 -7.66 30.39
CA MET A 332 -23.40 -6.94 31.35
C MET A 332 -23.56 -5.46 30.99
N TRP A 333 -24.63 -4.85 31.47
CA TRP A 333 -24.93 -3.45 31.17
C TRP A 333 -24.69 -2.52 32.37
N ARG A 334 -24.74 -3.08 33.58
CA ARG A 334 -24.54 -2.29 34.78
C ARG A 334 -23.07 -1.96 35.03
N CYS A 335 -22.73 -0.68 34.94
CA CYS A 335 -21.38 -0.24 35.22
C CYS A 335 -21.38 1.05 36.04
N ASN A 336 -20.22 1.38 36.63
CA ASN A 336 -20.10 2.57 37.48
C ASN A 336 -19.78 3.84 36.69
N ASP A 337 -19.92 4.98 37.36
CA ASP A 337 -19.89 6.27 36.68
C ASP A 337 -18.62 6.48 35.86
N GLU A 338 -17.47 6.22 36.46
CA GLU A 338 -16.20 6.38 35.75
C GLU A 338 -16.20 5.62 34.43
N LEU A 339 -16.53 4.33 34.48
CA LEU A 339 -16.49 3.50 33.28
C LEU A 339 -17.54 3.95 32.26
N ARG A 340 -18.72 4.32 32.74
CA ARG A 340 -19.74 4.84 31.85
C ARG A 340 -19.19 6.00 31.00
N VAL A 341 -18.58 6.98 31.66
CA VAL A 341 -18.03 8.17 30.98
C VAL A 341 -17.05 7.77 29.90
N ARG A 342 -16.06 6.97 30.28
CA ARG A 342 -15.02 6.54 29.36
C ARG A 342 -15.62 5.82 28.18
N ALA A 343 -16.58 4.93 28.44
CA ALA A 343 -17.18 4.16 27.37
C ALA A 343 -17.92 5.05 26.36
N GLU A 344 -18.63 6.06 26.87
CA GLU A 344 -19.34 7.00 26.00
C GLU A 344 -18.38 7.80 25.13
N GLU A 345 -17.23 8.18 25.69
CA GLU A 345 -16.18 8.85 24.93
C GLU A 345 -15.71 7.99 23.76
N LEU A 346 -15.37 6.74 24.06
CA LEU A 346 -14.86 5.80 23.08
C LEU A 346 -15.92 5.39 22.08
N HIS A 347 -17.18 5.37 22.53
CA HIS A 347 -18.30 4.95 21.68
C HIS A 347 -18.62 6.01 20.63
N SER A 348 -18.67 7.25 21.07
CA SER A 348 -19.03 8.36 20.18
C SER A 348 -17.90 8.73 19.25
N SER A 349 -16.69 8.26 19.55
CA SER A 349 -15.54 8.50 18.67
C SER A 349 -15.13 7.27 17.83
N SER A 350 -15.94 6.20 17.91
CA SER A 350 -15.65 4.94 17.23
C SER A 350 -14.24 4.42 17.55
N GLY A 351 -13.87 4.52 18.82
CA GLY A 351 -12.62 3.96 19.32
C GLY A 351 -11.49 4.92 19.57
N SER A 352 -11.81 6.22 19.58
CA SER A 352 -10.81 7.30 19.72
C SER A 352 -9.81 7.32 18.55
N LYS A 353 -10.22 6.75 17.42
CA LYS A 353 -9.44 6.74 16.16
C LYS A 353 -8.02 6.15 16.27
N VAL A 354 -7.91 4.96 16.86
CA VAL A 354 -6.63 4.30 17.14
C VAL A 354 -6.09 3.40 16.01
N THR A 355 -6.91 2.48 15.50
CA THR A 355 -6.41 1.40 14.62
C THR A 355 -6.87 1.33 13.15
N LYS A 356 -8.14 1.67 12.87
CA LYS A 356 -8.77 1.55 11.52
C LYS A 356 -9.00 0.07 11.11
N TYR A 357 -8.57 -0.83 12.00
CA TYR A 357 -8.87 -2.27 11.97
C TYR A 357 -10.01 -2.42 12.99
N TYR A 358 -10.70 -3.56 12.95
CA TYR A 358 -11.83 -3.84 13.85
C TYR A 358 -12.88 -2.72 13.77
N ILE A 359 -12.91 -2.01 12.63
CA ILE A 359 -13.90 -0.94 12.39
C ILE A 359 -15.29 -1.56 12.16
N GLU A 360 -15.30 -2.87 11.88
CA GLU A 360 -16.53 -3.68 11.87
C GLU A 360 -17.07 -3.85 13.29
N PHE A 361 -16.20 -4.27 14.21
CA PHE A 361 -16.59 -4.55 15.60
C PHE A 361 -16.71 -3.25 16.43
N TRP A 362 -16.92 -2.12 15.76
CA TRP A 362 -17.17 -0.82 16.39
C TRP A 362 -18.57 -0.32 16.04
N LYS A 363 -18.85 -0.25 14.74
CA LYS A 363 -20.19 0.06 14.24
C LYS A 363 -21.17 -1.07 14.58
N GLN A 364 -20.64 -2.21 15.04
CA GLN A 364 -21.48 -3.30 15.53
C GLN A 364 -21.86 -3.10 17.00
N ILE A 365 -20.96 -2.50 17.78
CA ILE A 365 -21.15 -2.34 19.23
C ILE A 365 -22.41 -1.55 19.64
N PRO A 366 -23.37 -2.24 20.29
CA PRO A 366 -24.60 -1.64 20.85
C PRO A 366 -24.24 -0.74 22.01
N PRO A 367 -25.13 0.19 22.38
CA PRO A 367 -24.70 1.21 23.35
C PRO A 367 -24.47 0.65 24.76
N ASN A 368 -25.45 -0.09 25.29
CA ASN A 368 -25.46 -0.49 26.71
C ASN A 368 -24.66 -1.74 27.02
N GLU A 369 -23.52 -1.87 26.35
CA GLU A 369 -22.59 -2.93 26.67
C GLU A 369 -21.30 -2.24 27.00
N PRO A 370 -21.24 -1.60 28.18
CA PRO A 370 -20.11 -0.73 28.52
C PRO A 370 -18.80 -1.48 28.50
N TYR A 371 -18.81 -2.72 28.99
CA TYR A 371 -17.57 -3.47 29.11
C TYR A 371 -16.96 -3.80 27.77
N ARG A 372 -17.80 -4.21 26.82
CA ARG A 372 -17.32 -4.57 25.49
C ARG A 372 -16.74 -3.36 24.79
N VAL A 373 -17.14 -2.17 25.23
CA VAL A 373 -16.59 -0.94 24.67
C VAL A 373 -15.16 -0.67 25.14
N ILE A 374 -14.95 -0.72 26.46
CA ILE A 374 -13.60 -0.57 27.02
C ILE A 374 -12.68 -1.63 26.44
N LEU A 375 -13.04 -2.89 26.62
CA LEU A 375 -12.19 -3.97 26.11
C LEU A 375 -12.03 -3.88 24.60
N GLY A 376 -13.05 -3.39 23.90
CA GLY A 376 -12.97 -3.22 22.46
C GLY A 376 -11.80 -2.31 22.10
N HIS A 377 -11.73 -1.19 22.80
CA HIS A 377 -10.64 -0.24 22.67
C HIS A 377 -9.33 -0.92 23.05
N VAL A 378 -9.34 -1.60 24.19
CA VAL A 378 -8.17 -2.34 24.68
C VAL A 378 -7.61 -3.28 23.60
N ARG A 379 -8.51 -3.91 22.85
CA ARG A 379 -8.09 -4.81 21.78
C ARG A 379 -7.45 -4.05 20.64
N ASP A 380 -8.11 -3.00 20.18
CA ASP A 380 -7.58 -2.13 19.14
C ASP A 380 -6.14 -1.78 19.48
N LYS A 381 -5.96 -1.28 20.69
CA LYS A 381 -4.64 -0.86 21.15
C LYS A 381 -3.65 -2.01 21.15
N LEU A 382 -4.12 -3.22 21.44
CA LEU A 382 -3.24 -4.38 21.47
C LEU A 382 -2.76 -4.76 20.08
N TYR A 383 -3.69 -4.78 19.13
CA TYR A 383 -3.38 -5.09 17.75
C TYR A 383 -2.26 -4.21 17.24
N ASN A 384 -2.35 -2.92 17.55
CA ASN A 384 -1.29 -1.96 17.25
C ASN A 384 0.02 -2.33 17.90
N THR A 385 -0.04 -2.72 19.18
CA THR A 385 1.17 -3.07 19.92
C THR A 385 1.84 -4.25 19.24
N ARG A 386 1.05 -5.25 18.88
CA ARG A 386 1.58 -6.43 18.19
C ARG A 386 2.16 -6.09 16.83
N GLU A 387 1.48 -5.21 16.10
CA GLU A 387 1.92 -4.83 14.77
C GLU A 387 3.11 -3.91 14.79
N ARG A 388 3.19 -3.03 15.77
CA ARG A 388 4.31 -2.10 15.86
C ARG A 388 5.60 -2.87 16.10
N ALA A 389 5.49 -3.93 16.90
CA ALA A 389 6.61 -4.83 17.16
C ALA A 389 7.07 -5.49 15.86
N ARG A 390 6.12 -6.06 15.12
CA ARG A 390 6.37 -6.70 13.83
C ARG A 390 7.07 -5.76 12.84
N HIS A 391 6.76 -4.47 12.93
CA HIS A 391 7.40 -3.48 12.06
C HIS A 391 8.83 -3.16 12.53
N LEU A 392 8.99 -2.91 13.83
CA LEU A 392 10.31 -2.75 14.42
C LEU A 392 11.20 -3.98 14.18
N LEU A 393 10.55 -5.15 14.07
CA LEU A 393 11.27 -6.39 13.86
C LEU A 393 11.82 -6.47 12.44
N ALA A 394 11.03 -6.03 11.47
CA ALA A 394 11.37 -6.19 10.05
C ALA A 394 11.95 -4.91 9.40
N SER A 395 11.96 -3.80 10.13
CA SER A 395 12.43 -2.55 9.56
C SER A 395 13.04 -1.58 10.58
N GLY A 396 12.82 -1.84 11.86
CA GLY A 396 13.35 -0.97 12.89
C GLY A 396 12.62 0.35 13.02
N VAL A 397 11.56 0.50 12.24
CA VAL A 397 10.73 1.71 12.27
C VAL A 397 9.24 1.37 12.00
N SER A 398 8.34 2.09 12.67
CA SER A 398 6.90 1.90 12.42
C SER A 398 6.10 3.19 12.25
N GLU A 399 5.14 3.12 11.32
CA GLU A 399 4.14 4.17 11.10
C GLU A 399 3.20 4.27 12.30
N ILE A 400 3.00 3.13 12.95
CA ILE A 400 2.16 3.02 14.15
C ILE A 400 2.82 3.72 15.33
N SER A 401 2.25 4.86 15.72
CA SER A 401 2.88 5.72 16.72
C SER A 401 3.02 5.08 18.09
N ALA A 402 3.69 5.79 19.00
CA ALA A 402 3.83 5.34 20.38
C ALA A 402 2.47 5.22 21.01
N GLU A 403 1.74 6.34 21.07
CA GLU A 403 0.48 6.34 21.79
C GLU A 403 -0.75 5.88 21.01
N SER A 404 -0.52 5.01 20.04
CA SER A 404 -1.60 4.31 19.36
C SER A 404 -1.54 2.85 19.81
N SER A 405 -0.59 2.58 20.70
CA SER A 405 -0.37 1.24 21.22
C SER A 405 -0.01 1.30 22.70
N PHE A 406 0.21 0.13 23.30
CA PHE A 406 0.52 0.07 24.72
C PHE A 406 2.01 0.15 24.95
N THR A 407 2.44 1.14 25.72
CA THR A 407 3.86 1.36 25.94
C THR A 407 4.29 0.92 27.35
N SER A 408 3.37 0.98 28.29
CA SER A 408 3.68 0.69 29.68
C SER A 408 2.69 -0.28 30.33
N ILE A 409 3.18 -1.11 31.25
CA ILE A 409 2.29 -2.03 31.94
C ILE A 409 1.19 -1.28 32.69
N GLU A 410 1.48 -0.06 33.13
CA GLU A 410 0.47 0.76 33.82
C GLU A 410 -0.65 1.20 32.89
N GLU A 411 -0.27 1.59 31.69
CA GLU A 411 -1.23 2.01 30.68
C GLU A 411 -2.21 0.88 30.38
N PHE A 412 -1.69 -0.35 30.33
CA PHE A 412 -2.46 -1.56 30.00
C PHE A 412 -3.37 -1.94 31.16
N LEU A 413 -2.89 -1.75 32.39
CA LEU A 413 -3.64 -2.12 33.57
C LEU A 413 -4.74 -1.12 33.90
N GLU A 414 -4.61 0.08 33.38
CA GLU A 414 -5.59 1.13 33.63
C GLU A 414 -7.03 0.71 33.31
N PRO A 415 -7.30 0.27 32.05
CA PRO A 415 -8.70 0.00 31.68
C PRO A 415 -9.18 -1.36 32.17
N LEU A 416 -8.25 -2.24 32.49
CA LEU A 416 -8.64 -3.55 32.98
C LEU A 416 -9.15 -3.43 34.41
N GLU A 417 -8.39 -2.76 35.26
CA GLU A 417 -8.78 -2.59 36.65
C GLU A 417 -10.02 -1.73 36.79
N LEU A 418 -10.18 -0.78 35.86
CA LEU A 418 -11.39 0.02 35.79
C LEU A 418 -12.60 -0.87 35.53
N CYS A 419 -12.40 -1.94 34.77
CA CYS A 419 -13.44 -2.95 34.57
C CYS A 419 -13.70 -3.70 35.85
N TYR A 420 -12.63 -4.04 36.56
CA TYR A 420 -12.73 -4.85 37.75
C TYR A 420 -13.37 -4.10 38.88
N LYS A 421 -13.00 -2.83 39.04
CA LYS A 421 -13.62 -2.04 40.07
C LYS A 421 -15.08 -1.74 39.70
N SER A 422 -15.34 -1.51 38.42
CA SER A 422 -16.69 -1.24 37.97
C SER A 422 -17.65 -2.36 38.31
N LEU A 423 -17.23 -3.60 38.07
CA LEU A 423 -18.09 -4.75 38.30
C LEU A 423 -18.36 -4.93 39.81
N CYS A 424 -17.34 -4.69 40.62
CA CYS A 424 -17.49 -4.83 42.08
C CYS A 424 -18.40 -3.75 42.60
N ASP A 425 -18.24 -2.55 42.07
CA ASP A 425 -19.05 -1.40 42.45
C ASP A 425 -20.55 -1.68 42.28
N CYS A 426 -20.92 -2.41 41.24
CA CYS A 426 -22.32 -2.73 41.01
C CYS A 426 -22.70 -4.06 41.66
N GLY A 427 -21.80 -4.59 42.49
CA GLY A 427 -22.07 -5.77 43.29
C GLY A 427 -21.90 -7.08 42.55
N ASP A 428 -21.20 -7.05 41.43
CA ASP A 428 -20.94 -8.26 40.66
C ASP A 428 -19.49 -8.66 40.76
N LYS A 429 -18.94 -8.63 41.97
CA LYS A 429 -17.57 -9.09 42.16
C LYS A 429 -17.42 -10.56 41.79
N ALA A 430 -18.51 -11.32 41.87
CA ALA A 430 -18.47 -12.73 41.49
C ALA A 430 -18.11 -12.87 40.01
N ILE A 431 -18.74 -12.04 39.18
CA ILE A 431 -18.44 -11.98 37.77
C ILE A 431 -17.04 -11.42 37.55
N ALA A 432 -16.68 -10.41 38.35
CA ALA A 432 -15.35 -9.83 38.24
C ALA A 432 -14.27 -10.86 38.54
N ASP A 433 -14.52 -11.70 39.54
CA ASP A 433 -13.55 -12.72 39.95
C ASP A 433 -13.49 -13.93 38.99
N GLY A 434 -14.02 -13.77 37.79
CA GLY A 434 -14.00 -14.82 36.79
C GLY A 434 -12.85 -14.67 35.79
N SER A 435 -13.19 -14.63 34.51
CA SER A 435 -12.18 -14.54 33.46
C SER A 435 -11.40 -13.24 33.51
N LEU A 436 -12.07 -12.19 33.98
CA LEU A 436 -11.43 -10.89 34.16
C LEU A 436 -10.34 -10.94 35.22
N LEU A 437 -10.55 -11.70 36.30
CA LEU A 437 -9.52 -11.83 37.33
C LEU A 437 -8.32 -12.66 36.84
N ASP A 438 -8.59 -13.70 36.06
CA ASP A 438 -7.52 -14.50 35.50
C ASP A 438 -6.68 -13.65 34.56
N LEU A 439 -7.32 -12.70 33.89
CA LEU A 439 -6.61 -11.82 32.97
C LEU A 439 -5.67 -10.87 33.69
N LEU A 440 -6.18 -10.20 34.71
CA LEU A 440 -5.39 -9.26 35.50
C LEU A 440 -4.13 -9.94 36.04
N ARG A 441 -4.28 -11.16 36.53
CA ARG A 441 -3.16 -11.88 37.10
C ARG A 441 -2.12 -12.20 36.05
N GLN A 442 -2.56 -12.36 34.79
CA GLN A 442 -1.66 -12.60 33.67
C GLN A 442 -0.91 -11.32 33.26
N VAL A 443 -1.55 -10.18 33.46
CA VAL A 443 -0.89 -8.91 33.22
C VAL A 443 0.22 -8.70 34.23
N PHE A 444 -0.10 -8.88 35.51
CA PHE A 444 0.90 -8.71 36.57
C PHE A 444 1.98 -9.79 36.53
N THR A 445 1.64 -10.96 36.00
CA THR A 445 2.62 -12.04 35.94
C THR A 445 3.51 -11.92 34.71
N PHE A 446 2.92 -11.78 33.52
CA PHE A 446 3.71 -11.77 32.28
C PHE A 446 4.05 -10.39 31.70
N GLY A 447 3.26 -9.38 32.06
CA GLY A 447 3.46 -8.04 31.53
C GLY A 447 3.44 -7.97 30.00
N LEU A 448 3.93 -6.86 29.48
CA LEU A 448 3.83 -6.58 28.04
C LEU A 448 4.79 -7.39 27.18
N SER A 449 5.76 -8.04 27.81
CA SER A 449 6.79 -8.77 27.08
C SER A 449 6.82 -10.25 27.42
N LEU A 450 5.79 -10.71 28.13
CA LEU A 450 5.63 -12.13 28.46
C LEU A 450 6.65 -12.62 29.48
N VAL A 451 7.95 -12.57 29.13
CA VAL A 451 9.06 -12.94 30.04
C VAL A 451 10.19 -11.93 29.99
N LYS A 452 10.93 -11.79 31.10
CA LYS A 452 12.05 -10.85 31.18
C LYS A 452 13.39 -11.50 30.81
N LEU A 453 14.18 -10.82 29.99
CA LEU A 453 15.43 -11.36 29.48
C LEU A 453 16.64 -11.06 30.36
N ASP A 454 17.25 -12.09 30.94
CA ASP A 454 18.49 -11.90 31.68
C ASP A 454 19.61 -11.79 30.67
N ILE A 455 20.60 -10.94 30.95
CA ILE A 455 21.78 -10.89 30.10
C ILE A 455 22.94 -11.51 30.85
N ARG A 456 23.74 -12.34 30.18
CA ARG A 456 24.91 -12.96 30.81
C ARG A 456 26.19 -12.92 29.96
N GLN A 457 27.25 -12.35 30.52
CA GLN A 457 28.56 -12.27 29.87
C GLN A 457 29.73 -12.67 30.77
N GLU A 458 30.79 -13.14 30.15
CA GLU A 458 32.01 -13.56 30.81
C GLU A 458 32.72 -12.38 31.44
N SER A 459 33.18 -12.56 32.66
CA SER A 459 33.75 -11.47 33.47
C SER A 459 34.91 -10.75 32.78
N GLU A 460 35.83 -11.53 32.20
CA GLU A 460 36.99 -10.97 31.53
C GLU A 460 36.64 -10.16 30.29
N ARG A 461 35.46 -10.39 29.72
CA ARG A 461 35.08 -9.70 28.48
C ARG A 461 34.88 -8.21 28.75
N HIS A 462 34.35 -7.91 29.93
CA HIS A 462 34.20 -6.53 30.39
C HIS A 462 35.57 -5.93 30.66
N THR A 463 36.45 -6.72 31.28
CA THR A 463 37.81 -6.29 31.57
C THR A 463 38.53 -5.94 30.26
N ASP A 464 38.44 -6.85 29.28
CA ASP A 464 39.00 -6.62 27.95
C ASP A 464 38.57 -5.29 27.35
N VAL A 465 37.29 -4.97 27.50
CA VAL A 465 36.77 -3.71 27.00
C VAL A 465 37.39 -2.53 27.75
N ILE A 466 37.36 -2.57 29.08
CA ILE A 466 37.84 -1.44 29.87
C ILE A 466 39.34 -1.17 29.71
N ASP A 467 40.11 -2.22 29.49
CA ASP A 467 41.54 -2.12 29.20
C ASP A 467 41.79 -1.38 27.89
N ALA A 468 41.03 -1.72 26.87
CA ALA A 468 41.12 -1.00 25.60
C ALA A 468 40.82 0.49 25.76
N ILE A 469 39.93 0.85 26.70
CA ILE A 469 39.57 2.25 26.96
C ILE A 469 40.66 3.02 27.71
N THR A 470 41.25 2.41 28.74
CA THR A 470 42.33 3.07 29.48
C THR A 470 43.59 3.15 28.64
N THR A 471 43.83 2.12 27.83
CA THR A 471 44.96 2.10 26.91
C THR A 471 44.81 3.18 25.82
N HIS A 472 43.69 3.17 25.11
CA HIS A 472 43.39 4.20 24.12
C HIS A 472 43.44 5.62 24.71
N LEU A 473 42.98 5.79 25.95
CA LEU A 473 43.00 7.10 26.60
C LEU A 473 44.34 7.43 27.25
N GLY A 474 45.27 6.47 27.26
CA GLY A 474 46.60 6.71 27.82
C GLY A 474 46.61 6.91 29.32
N ILE A 475 45.82 6.10 30.03
CA ILE A 475 45.80 6.05 31.49
C ILE A 475 46.51 4.77 31.94
N GLY A 476 46.99 3.99 30.97
CA GLY A 476 47.68 2.74 31.27
C GLY A 476 46.85 1.51 30.93
N SER A 477 47.13 0.40 31.62
CA SER A 477 46.38 -0.83 31.40
C SER A 477 45.57 -1.23 32.63
N TYR A 478 44.24 -1.12 32.52
CA TYR A 478 43.34 -1.51 33.59
C TYR A 478 43.55 -2.98 33.97
N ARG A 479 43.91 -3.81 32.98
CA ARG A 479 44.10 -5.24 33.22
C ARG A 479 45.25 -5.54 34.17
N GLU A 480 46.28 -4.71 34.14
CA GLU A 480 47.45 -4.94 34.99
C GLU A 480 47.30 -4.29 36.38
N TRP A 481 46.18 -3.61 36.61
CA TRP A 481 45.92 -2.99 37.91
C TRP A 481 45.47 -4.02 38.94
N SER A 482 45.84 -3.80 40.20
CA SER A 482 45.44 -4.67 41.30
C SER A 482 43.98 -4.41 41.62
N GLU A 483 43.34 -5.35 42.31
CA GLU A 483 41.89 -5.26 42.55
C GLU A 483 41.44 -3.98 43.27
N ASP A 484 42.23 -3.52 44.25
CA ASP A 484 41.83 -2.34 45.01
C ASP A 484 42.08 -1.04 44.22
N LYS A 485 42.94 -1.13 43.21
CA LYS A 485 43.21 -0.02 42.30
C LYS A 485 42.09 0.10 41.27
N ARG A 486 41.60 -1.05 40.79
CA ARG A 486 40.50 -1.08 39.84
C ARG A 486 39.27 -0.45 40.47
N GLN A 487 38.88 -0.96 41.65
CA GLN A 487 37.71 -0.46 42.37
C GLN A 487 37.75 1.04 42.59
N GLU A 488 38.95 1.53 42.89
CA GLU A 488 39.18 2.94 43.16
C GLU A 488 38.99 3.78 41.90
N TRP A 489 39.55 3.32 40.79
CA TRP A 489 39.47 4.04 39.53
C TRP A 489 38.06 4.05 38.99
N LEU A 490 37.38 2.92 39.15
CA LEU A 490 36.01 2.79 38.68
C LEU A 490 35.10 3.73 39.46
N LEU A 491 35.24 3.76 40.78
CA LEU A 491 34.41 4.66 41.60
C LEU A 491 34.62 6.14 41.27
N SER A 492 35.80 6.50 40.80
CA SER A 492 36.06 7.87 40.39
C SER A 492 35.23 8.19 39.16
N GLU A 493 35.24 7.29 38.19
CA GLU A 493 34.49 7.44 36.95
C GLU A 493 32.99 7.44 37.18
N LEU A 494 32.53 6.56 38.07
CA LEU A 494 31.10 6.42 38.35
C LEU A 494 30.56 7.64 39.10
N ARG A 495 31.42 8.24 39.93
CA ARG A 495 31.09 9.42 40.71
C ARG A 495 31.14 10.68 39.86
N GLY A 496 32.05 10.68 38.88
CA GLY A 496 32.24 11.83 38.01
C GLY A 496 31.12 12.01 37.01
N LYS A 497 31.10 13.18 36.38
CA LYS A 497 30.02 13.52 35.46
C LYS A 497 30.48 13.54 33.99
N ARG A 498 31.77 13.29 33.77
CA ARG A 498 32.32 13.29 32.43
C ARG A 498 32.22 11.93 31.76
N PRO A 499 31.83 11.93 30.47
CA PRO A 499 31.86 10.76 29.58
C PRO A 499 33.24 10.12 29.58
N LEU A 500 33.30 8.88 29.11
CA LEU A 500 34.55 8.13 29.11
C LEU A 500 34.78 7.44 27.77
N LEU A 501 33.79 6.68 27.32
CA LEU A 501 33.92 5.83 26.15
C LEU A 501 34.06 6.65 24.86
N PRO A 502 35.27 6.68 24.27
CA PRO A 502 35.45 7.40 23.01
C PRO A 502 34.81 6.65 21.84
N PRO A 503 34.24 7.38 20.87
CA PRO A 503 33.53 6.72 19.76
C PRO A 503 34.51 6.09 18.77
N ASP A 504 35.70 6.70 18.66
CA ASP A 504 36.75 6.20 17.79
C ASP A 504 37.61 5.14 18.48
N LEU A 505 37.07 4.52 19.53
CA LEU A 505 37.74 3.40 20.19
C LEU A 505 37.89 2.23 19.22
N PRO A 506 39.14 1.82 18.95
CA PRO A 506 39.42 0.63 18.13
C PRO A 506 38.92 -0.62 18.84
N GLN A 507 38.21 -1.50 18.13
CA GLN A 507 37.55 -2.65 18.74
C GLN A 507 37.87 -3.95 18.02
N THR A 508 38.08 -5.03 18.79
CA THR A 508 38.18 -6.38 18.24
C THR A 508 36.76 -6.90 17.99
N GLU A 509 36.62 -8.05 17.33
CA GLU A 509 35.28 -8.62 17.15
C GLU A 509 34.63 -8.88 18.49
N GLU A 510 35.44 -9.22 19.49
CA GLU A 510 34.93 -9.50 20.81
C GLU A 510 34.43 -8.26 21.52
N ILE A 511 35.26 -7.23 21.55
CA ILE A 511 34.93 -5.99 22.25
C ILE A 511 33.68 -5.34 21.65
N ALA A 512 33.50 -5.54 20.34
CA ALA A 512 32.36 -4.97 19.61
C ALA A 512 31.04 -5.63 20.01
N ASP A 513 31.09 -6.95 20.21
CA ASP A 513 29.93 -7.72 20.62
C ASP A 513 29.55 -7.42 22.06
N VAL A 514 30.49 -6.88 22.83
CA VAL A 514 30.20 -6.49 24.20
C VAL A 514 29.56 -5.10 24.21
N ILE A 515 30.19 -4.18 23.51
CA ILE A 515 29.69 -2.81 23.46
C ILE A 515 28.37 -2.74 22.68
N GLY A 516 28.27 -3.52 21.61
CA GLY A 516 27.05 -3.57 20.80
C GLY A 516 25.88 -4.19 21.54
N ALA A 517 26.19 -5.04 22.51
CA ALA A 517 25.16 -5.61 23.35
C ALA A 517 24.55 -4.49 24.17
N PHE A 518 25.39 -3.70 24.82
CA PHE A 518 24.89 -2.62 25.67
C PHE A 518 24.08 -1.63 24.85
N HIS A 519 24.52 -1.40 23.62
CA HIS A 519 23.83 -0.51 22.70
C HIS A 519 22.39 -0.97 22.48
N VAL A 520 22.21 -2.28 22.34
CA VAL A 520 20.89 -2.89 22.19
C VAL A 520 20.04 -2.74 23.45
N LEU A 521 20.66 -2.94 24.62
CA LEU A 521 19.97 -2.73 25.89
C LEU A 521 19.52 -1.28 26.04
N ALA A 522 20.29 -0.38 25.44
CA ALA A 522 20.01 1.05 25.48
C ALA A 522 18.68 1.42 24.84
N GLU A 523 18.41 0.89 23.64
CA GLU A 523 17.22 1.27 22.88
C GLU A 523 15.93 0.70 23.46
N LEU A 524 15.87 -0.63 23.51
CA LEU A 524 14.69 -1.35 23.98
C LEU A 524 14.19 -0.85 25.33
N PRO A 525 12.88 -0.97 25.58
CA PRO A 525 12.28 -0.53 26.84
C PRO A 525 12.86 -1.29 28.01
N PRO A 526 13.03 -0.63 29.17
CA PRO A 526 13.62 -1.29 30.33
C PRO A 526 12.81 -2.47 30.84
N ASP A 527 11.49 -2.43 30.69
CA ASP A 527 10.65 -3.53 31.18
C ASP A 527 10.73 -4.79 30.32
N SER A 528 11.82 -4.96 29.58
CA SER A 528 12.02 -6.17 28.81
C SER A 528 13.26 -6.95 29.28
N PHE A 529 13.95 -6.37 30.25
CA PHE A 529 15.18 -6.96 30.78
C PHE A 529 15.10 -7.23 32.27
N GLY A 530 15.72 -8.33 32.69
CA GLY A 530 15.90 -8.61 34.10
C GLY A 530 17.13 -7.88 34.63
N PRO A 531 18.17 -8.66 34.98
CA PRO A 531 19.47 -8.14 35.42
C PRO A 531 20.57 -8.41 34.41
N TYR A 532 21.76 -7.90 34.71
CA TYR A 532 22.94 -8.24 33.95
C TYR A 532 23.82 -9.17 34.78
N ILE A 533 24.09 -10.35 34.23
CA ILE A 533 24.69 -11.45 34.97
C ILE A 533 26.13 -11.65 34.51
N ILE A 534 27.05 -11.64 35.46
CA ILE A 534 28.45 -11.76 35.14
C ILE A 534 28.88 -13.18 35.45
N SER A 535 29.23 -13.95 34.42
CA SER A 535 29.79 -15.28 34.60
C SER A 535 31.20 -15.12 35.16
N MET A 536 31.74 -16.15 35.78
CA MET A 536 33.10 -16.12 36.31
C MET A 536 33.38 -14.89 37.19
N ALA A 537 32.36 -14.46 37.92
CA ALA A 537 32.48 -13.32 38.82
C ALA A 537 33.37 -13.68 39.99
N THR A 538 34.34 -12.81 40.28
CA THR A 538 35.32 -13.06 41.34
C THR A 538 35.37 -11.98 42.44
N ALA A 539 35.46 -10.71 42.04
CA ALA A 539 35.67 -9.61 42.97
C ALA A 539 34.86 -8.36 42.59
N PRO A 540 34.62 -7.44 43.55
CA PRO A 540 33.88 -6.19 43.39
C PRO A 540 34.17 -5.37 42.12
N SER A 541 35.39 -5.44 41.59
CA SER A 541 35.69 -4.83 40.30
C SER A 541 34.71 -5.28 39.21
N ASP A 542 34.48 -6.58 39.12
CA ASP A 542 33.64 -7.18 38.07
C ASP A 542 32.26 -6.53 38.00
N VAL A 543 31.64 -6.35 39.16
CA VAL A 543 30.35 -5.69 39.26
C VAL A 543 30.48 -4.23 38.85
N LEU A 544 31.44 -3.53 39.45
CA LEU A 544 31.62 -2.09 39.16
C LEU A 544 32.01 -1.82 37.69
N ALA A 545 32.74 -2.76 37.07
CA ALA A 545 33.12 -2.66 35.67
C ALA A 545 31.90 -2.50 34.76
N VAL A 546 30.91 -3.37 34.98
CA VAL A 546 29.69 -3.36 34.19
C VAL A 546 28.84 -2.15 34.48
N GLU A 547 28.67 -1.82 35.76
CA GLU A 547 27.95 -0.61 36.13
C GLU A 547 28.44 0.61 35.35
N LEU A 548 29.73 0.61 35.00
CA LEU A 548 30.33 1.69 34.21
C LEU A 548 30.09 1.54 32.71
N LEU A 549 30.44 0.39 32.16
CA LEU A 549 30.22 0.12 30.74
C LEU A 549 28.77 0.36 30.35
N GLN A 550 27.87 0.02 31.26
CA GLN A 550 26.44 0.13 31.03
C GLN A 550 26.02 1.59 31.01
N ARG A 551 26.54 2.36 31.96
CA ARG A 551 26.25 3.78 32.04
C ARG A 551 26.90 4.53 30.86
N GLU A 552 28.07 4.07 30.45
CA GLU A 552 28.81 4.72 29.36
C GLU A 552 28.41 4.25 27.96
N CYS A 553 27.49 3.31 27.88
CA CYS A 553 26.96 2.88 26.60
C CYS A 553 25.52 3.34 26.40
N GLY A 554 25.12 4.33 27.20
CA GLY A 554 23.85 4.97 27.01
C GLY A 554 22.66 4.13 27.38
N VAL A 555 22.83 3.20 28.32
CA VAL A 555 21.67 2.51 28.87
C VAL A 555 21.08 3.40 29.98
N ARG A 556 20.04 4.17 29.62
CA ARG A 556 19.56 5.26 30.46
C ARG A 556 18.98 4.76 31.78
N GLN A 557 18.28 3.64 31.74
CA GLN A 557 17.85 3.04 32.98
C GLN A 557 18.44 1.64 33.08
N PRO A 558 19.59 1.55 33.76
CA PRO A 558 20.48 0.38 33.75
C PRO A 558 19.89 -0.83 34.44
N LEU A 559 20.23 -2.01 33.91
CA LEU A 559 19.87 -3.28 34.52
C LEU A 559 20.66 -3.40 35.80
N PRO A 560 20.05 -3.93 36.87
CA PRO A 560 20.80 -4.13 38.11
C PRO A 560 21.82 -5.24 37.89
N VAL A 561 23.06 -5.02 38.30
CA VAL A 561 24.13 -5.98 38.02
C VAL A 561 24.25 -7.09 39.06
N VAL A 562 24.21 -8.35 38.62
CA VAL A 562 24.44 -9.48 39.52
C VAL A 562 25.61 -10.37 39.09
N PRO A 563 26.44 -10.77 40.07
CA PRO A 563 27.60 -11.62 39.84
C PRO A 563 27.23 -13.08 39.98
N LEU A 564 27.77 -13.89 39.07
CA LEU A 564 27.59 -15.32 39.18
C LEU A 564 28.88 -15.89 39.68
N PHE A 565 28.84 -16.40 40.91
CA PHE A 565 29.99 -17.03 41.52
C PHE A 565 29.96 -18.52 41.16
N GLU A 566 30.76 -18.90 40.15
CA GLU A 566 30.67 -20.22 39.53
C GLU A 566 31.69 -21.22 40.09
N ARG A 567 32.77 -20.71 40.66
CA ARG A 567 33.88 -21.55 41.10
C ARG A 567 34.14 -21.46 42.60
N LEU A 568 34.91 -22.41 43.13
CA LEU A 568 35.06 -22.59 44.57
C LEU A 568 35.70 -21.40 45.27
N ALA A 569 36.80 -20.94 44.72
CA ALA A 569 37.53 -19.82 45.29
C ALA A 569 36.67 -18.55 45.33
N ASP A 570 35.86 -18.36 44.28
CA ASP A 570 34.99 -17.19 44.16
C ASP A 570 33.83 -17.24 45.15
N LEU A 571 33.41 -18.47 45.47
CA LEU A 571 32.36 -18.69 46.45
C LEU A 571 32.84 -18.40 47.87
N GLN A 572 34.10 -18.76 48.17
CA GLN A 572 34.68 -18.49 49.48
C GLN A 572 34.85 -16.99 49.72
N SER A 573 35.30 -16.30 48.68
CA SER A 573 35.52 -14.86 48.73
C SER A 573 34.20 -14.10 48.54
N ALA A 574 33.20 -14.80 48.01
CA ALA A 574 31.92 -14.20 47.67
C ALA A 574 31.35 -13.26 48.75
N PRO A 575 31.18 -13.77 49.99
CA PRO A 575 30.59 -12.90 51.02
C PRO A 575 31.43 -11.65 51.33
N ALA A 576 32.73 -11.75 51.08
CA ALA A 576 33.64 -10.61 51.24
C ALA A 576 33.49 -9.65 50.07
N SER A 577 33.42 -10.19 48.85
CA SER A 577 33.13 -9.42 47.65
C SER A 577 31.84 -8.63 47.84
N VAL A 578 30.84 -9.30 48.39
CA VAL A 578 29.53 -8.69 48.64
C VAL A 578 29.67 -7.52 49.61
N GLU A 579 30.37 -7.75 50.72
CA GLU A 579 30.51 -6.74 51.75
C GLU A 579 31.22 -5.48 51.26
N ARG A 580 32.25 -5.65 50.43
CA ARG A 580 32.97 -4.52 49.88
C ARG A 580 32.02 -3.62 49.09
N LEU A 581 31.15 -4.26 48.29
CA LEU A 581 30.21 -3.54 47.43
C LEU A 581 29.17 -2.77 48.25
N PHE A 582 28.70 -3.37 49.35
CA PHE A 582 27.70 -2.75 50.21
C PHE A 582 28.27 -1.57 50.98
N SER A 583 29.58 -1.63 51.23
CA SER A 583 30.26 -0.60 52.00
C SER A 583 30.59 0.65 51.17
N VAL A 584 30.20 0.66 49.89
CA VAL A 584 30.50 1.77 48.99
C VAL A 584 29.31 2.72 48.81
N ASP A 585 29.47 3.97 49.27
CA ASP A 585 28.39 4.97 49.24
C ASP A 585 27.66 5.10 47.92
N TRP A 586 28.41 5.05 46.82
CA TRP A 586 27.81 5.10 45.50
C TRP A 586 26.98 3.86 45.19
N TYR A 587 27.57 2.68 45.40
CA TYR A 587 26.89 1.42 45.08
C TYR A 587 25.65 1.24 45.92
N MET A 588 25.66 1.80 47.12
CA MET A 588 24.57 1.65 48.06
C MET A 588 23.35 2.44 47.59
N ASP A 589 23.60 3.61 46.99
CA ASP A 589 22.51 4.45 46.49
C ASP A 589 21.94 3.90 45.19
N ARG A 590 22.78 3.18 44.46
CA ARG A 590 22.43 2.57 43.18
C ARG A 590 21.45 1.42 43.34
N ILE A 591 21.73 0.51 44.28
CA ILE A 591 20.92 -0.69 44.45
C ILE A 591 19.64 -0.44 45.24
N LYS A 592 19.66 0.56 46.12
CA LYS A 592 18.49 0.95 46.89
C LYS A 592 17.88 -0.18 47.74
N GLY A 593 18.73 -0.93 48.42
CA GLY A 593 18.26 -1.91 49.39
C GLY A 593 18.00 -3.30 48.84
N LYS A 594 18.29 -3.46 47.55
CA LYS A 594 18.05 -4.73 46.88
C LYS A 594 19.32 -5.19 46.18
N GLN A 595 19.68 -6.45 46.39
CA GLN A 595 20.84 -7.04 45.73
C GLN A 595 20.58 -8.49 45.34
N GLN A 596 20.90 -8.84 44.11
CA GLN A 596 20.77 -10.22 43.67
C GLN A 596 22.14 -10.80 43.36
N VAL A 597 22.32 -12.08 43.62
CA VAL A 597 23.58 -12.76 43.31
C VAL A 597 23.31 -14.20 42.89
N MET A 598 23.96 -14.66 41.82
CA MET A 598 23.70 -15.99 41.34
C MET A 598 24.77 -16.96 41.82
N VAL A 599 24.37 -18.19 42.15
CA VAL A 599 25.32 -19.26 42.47
C VAL A 599 25.23 -20.40 41.46
N GLY A 600 26.35 -20.78 40.88
CA GLY A 600 26.36 -21.79 39.84
C GLY A 600 26.60 -23.21 40.33
N TYR A 601 25.67 -24.12 40.06
CA TYR A 601 25.84 -25.49 40.53
C TYR A 601 26.59 -26.35 39.53
N SER A 602 26.59 -25.94 38.26
CA SER A 602 27.28 -26.69 37.22
C SER A 602 28.81 -26.58 37.35
N ASP A 603 29.31 -25.34 37.30
CA ASP A 603 30.75 -25.10 37.27
C ASP A 603 31.43 -25.19 38.64
N SER A 604 30.62 -25.24 39.69
CA SER A 604 31.10 -25.60 41.03
C SER A 604 31.62 -27.03 41.03
N GLY A 605 30.70 -27.98 40.99
CA GLY A 605 31.03 -29.39 40.95
C GLY A 605 32.14 -29.79 39.97
N LYS A 606 32.36 -28.99 38.94
CA LYS A 606 33.48 -29.25 38.06
C LYS A 606 34.78 -28.78 38.73
N ASP A 607 34.70 -27.69 39.47
CA ASP A 607 35.87 -27.12 40.16
C ASP A 607 36.33 -27.96 41.34
N ALA A 608 35.48 -28.11 42.36
CA ALA A 608 35.73 -29.03 43.48
C ALA A 608 35.01 -30.36 43.24
N GLY A 609 34.73 -31.11 44.29
CA GLY A 609 33.96 -32.34 44.13
C GLY A 609 32.46 -32.06 44.06
N ARG A 610 31.64 -33.09 44.19
CA ARG A 610 30.21 -32.85 44.37
C ARG A 610 29.95 -32.39 45.81
N LEU A 611 30.65 -33.01 46.76
CA LEU A 611 30.43 -32.77 48.19
C LEU A 611 30.96 -31.42 48.63
N SER A 612 32.17 -31.12 48.22
CA SER A 612 32.84 -29.87 48.58
C SER A 612 32.17 -28.67 47.90
N ALA A 613 31.57 -28.89 46.74
CA ALA A 613 30.82 -27.86 46.04
C ALA A 613 29.51 -27.58 46.75
N ALA A 614 28.73 -28.64 46.98
CA ALA A 614 27.41 -28.53 47.60
C ALA A 614 27.48 -27.83 48.95
N TRP A 615 28.53 -28.13 49.71
CA TRP A 615 28.75 -27.55 51.03
C TRP A 615 29.17 -26.08 50.95
N GLN A 616 30.03 -25.74 49.99
CA GLN A 616 30.48 -24.36 49.86
C GLN A 616 29.30 -23.45 49.50
N LEU A 617 28.47 -23.93 48.57
CA LEU A 617 27.28 -23.22 48.11
C LEU A 617 26.29 -22.97 49.24
N TYR A 618 26.26 -23.87 50.21
CA TYR A 618 25.44 -23.72 51.40
C TYR A 618 25.91 -22.54 52.21
N ARG A 619 27.17 -22.58 52.63
CA ARG A 619 27.67 -21.52 53.49
C ARG A 619 27.95 -20.21 52.76
N ALA A 620 28.08 -20.25 51.43
CA ALA A 620 28.19 -19.02 50.67
C ALA A 620 26.86 -18.25 50.74
N GLN A 621 25.76 -18.99 50.77
CA GLN A 621 24.42 -18.40 50.88
C GLN A 621 24.20 -17.83 52.26
N GLU A 622 24.74 -18.54 53.25
CA GLU A 622 24.50 -18.23 54.66
C GLU A 622 25.18 -16.94 55.05
N GLU A 623 26.44 -16.82 54.63
CA GLU A 623 27.27 -15.68 54.99
C GLU A 623 26.90 -14.42 54.20
N MET A 624 26.55 -14.58 52.93
CA MET A 624 26.03 -13.45 52.14
C MET A 624 24.72 -12.92 52.72
N ALA A 625 23.85 -13.83 53.14
CA ALA A 625 22.62 -13.49 53.84
C ALA A 625 22.94 -12.64 55.04
N GLN A 626 23.92 -13.07 55.82
CA GLN A 626 24.36 -12.34 57.02
C GLN A 626 24.88 -10.96 56.67
N VAL A 627 25.75 -10.89 55.67
CA VAL A 627 26.28 -9.60 55.25
C VAL A 627 25.11 -8.69 54.85
N ALA A 628 24.29 -9.19 53.94
CA ALA A 628 23.11 -8.47 53.48
C ALA A 628 22.22 -8.01 54.64
N LYS A 629 22.00 -8.88 55.61
CA LYS A 629 21.21 -8.51 56.77
C LYS A 629 21.90 -7.40 57.56
N ARG A 630 23.20 -7.52 57.76
CA ARG A 630 23.91 -6.50 58.54
C ARG A 630 23.84 -5.16 57.83
N TYR A 631 23.85 -5.17 56.50
CA TYR A 631 23.81 -3.93 55.72
C TYR A 631 22.40 -3.43 55.38
N GLY A 632 21.37 -4.13 55.88
CA GLY A 632 19.99 -3.74 55.66
C GLY A 632 19.59 -3.88 54.21
N VAL A 633 20.15 -4.89 53.53
CA VAL A 633 19.95 -5.14 52.10
C VAL A 633 19.21 -6.46 51.88
N LYS A 634 18.13 -6.43 51.08
CA LYS A 634 17.41 -7.67 50.73
C LYS A 634 18.19 -8.46 49.70
N LEU A 635 18.66 -9.65 50.08
CA LEU A 635 19.45 -10.48 49.20
C LEU A 635 18.60 -11.53 48.50
N THR A 636 18.57 -11.47 47.17
CA THR A 636 17.88 -12.49 46.40
C THR A 636 18.90 -13.43 45.76
N LEU A 637 18.75 -14.72 46.01
CA LEU A 637 19.72 -15.67 45.48
C LEU A 637 19.18 -16.35 44.23
N PHE A 638 20.04 -16.41 43.22
CA PHE A 638 19.67 -16.97 41.93
C PHE A 638 20.39 -18.31 41.80
N HIS A 639 19.62 -19.40 41.72
CA HIS A 639 20.20 -20.73 41.73
C HIS A 639 20.41 -21.33 40.34
N GLY A 640 21.67 -21.50 39.95
CA GLY A 640 21.98 -22.11 38.68
C GLY A 640 21.84 -23.61 38.73
N ARG A 641 20.61 -24.11 38.71
CA ARG A 641 20.37 -25.54 38.85
C ARG A 641 20.07 -26.25 37.52
N GLY A 642 20.79 -27.35 37.26
CA GLY A 642 20.57 -28.13 36.05
C GLY A 642 19.65 -29.33 36.21
N GLY A 643 19.52 -30.11 35.14
CA GLY A 643 18.70 -31.31 35.17
C GLY A 643 19.32 -32.45 35.97
N THR A 644 20.56 -32.80 35.62
CA THR A 644 21.31 -33.86 36.29
C THR A 644 21.67 -33.55 37.74
N VAL A 645 21.92 -34.60 38.51
CA VAL A 645 22.21 -34.45 39.93
C VAL A 645 23.53 -33.72 40.17
N GLY A 646 24.50 -33.97 39.30
CA GLY A 646 25.81 -33.33 39.41
C GLY A 646 25.83 -31.87 39.02
N ARG A 647 24.68 -31.32 38.70
CA ARG A 647 24.59 -29.88 38.44
C ARG A 647 23.49 -29.21 39.28
N GLY A 648 23.26 -29.76 40.47
CA GLY A 648 22.30 -29.16 41.39
C GLY A 648 20.93 -29.73 41.16
N GLY A 649 20.86 -30.83 40.43
CA GLY A 649 19.58 -31.49 40.17
C GLY A 649 19.01 -32.09 41.43
N GLY A 650 17.73 -32.43 41.37
CA GLY A 650 17.04 -33.04 42.49
C GLY A 650 15.63 -32.50 42.58
N PRO A 651 14.73 -33.22 43.25
CA PRO A 651 13.33 -32.81 43.46
C PRO A 651 13.23 -31.37 43.96
N THR A 652 12.23 -30.64 43.48
CA THR A 652 12.11 -29.21 43.77
C THR A 652 12.06 -28.90 45.27
N HIS A 653 11.19 -29.58 45.99
CA HIS A 653 10.99 -29.28 47.40
C HIS A 653 12.17 -29.71 48.27
N LEU A 654 12.85 -30.79 47.89
CA LEU A 654 14.02 -31.26 48.64
C LEU A 654 15.21 -30.31 48.47
N ALA A 655 15.43 -29.88 47.23
CA ALA A 655 16.45 -28.89 46.90
C ALA A 655 16.32 -27.62 47.74
N ILE A 656 15.08 -27.17 47.93
CA ILE A 656 14.79 -25.94 48.70
C ILE A 656 14.95 -26.18 50.20
N LEU A 657 14.56 -27.38 50.63
CA LEU A 657 14.73 -27.80 52.00
C LEU A 657 16.20 -27.84 52.35
N SER A 658 17.04 -28.11 51.35
CA SER A 658 18.46 -28.24 51.59
C SER A 658 19.17 -26.89 51.59
N GLN A 659 18.39 -25.80 51.53
CA GLN A 659 18.97 -24.47 51.52
C GLN A 659 19.00 -23.89 52.93
N PRO A 660 20.10 -23.17 53.28
CA PRO A 660 20.32 -22.65 54.63
C PRO A 660 19.16 -21.78 55.10
N PRO A 661 18.69 -21.99 56.35
CA PRO A 661 17.55 -21.26 56.92
C PRO A 661 17.67 -19.75 56.73
N ASP A 662 16.54 -19.05 56.68
CA ASP A 662 16.54 -17.59 56.64
C ASP A 662 17.31 -16.96 55.46
N THR A 663 17.55 -17.73 54.40
CA THR A 663 18.16 -17.18 53.17
C THR A 663 17.31 -17.33 51.91
N ILE A 664 16.00 -17.44 52.08
CA ILE A 664 15.08 -17.35 50.93
C ILE A 664 14.06 -16.26 51.21
N ASN A 665 13.25 -16.47 52.25
CA ASN A 665 12.29 -15.49 52.73
C ASN A 665 11.43 -14.87 51.62
N GLY A 666 10.79 -15.71 50.81
CA GLY A 666 9.88 -15.24 49.78
C GLY A 666 10.51 -14.43 48.65
N SER A 667 11.71 -14.83 48.23
CA SER A 667 12.41 -14.15 47.15
C SER A 667 13.51 -15.06 46.62
N ILE A 668 13.27 -15.71 45.49
CA ILE A 668 14.22 -16.69 44.97
C ILE A 668 14.11 -16.82 43.45
N ARG A 669 15.22 -17.14 42.78
CA ARG A 669 15.22 -17.38 41.34
C ARG A 669 15.88 -18.71 41.01
N VAL A 670 15.23 -19.52 40.19
CA VAL A 670 15.75 -20.83 39.86
C VAL A 670 15.72 -21.07 38.35
N THR A 671 16.84 -21.57 37.83
CA THR A 671 16.93 -21.87 36.42
C THR A 671 16.20 -23.17 36.10
N VAL A 672 15.53 -23.19 34.95
CA VAL A 672 14.91 -24.40 34.45
C VAL A 672 15.53 -24.66 33.08
N GLN A 673 16.50 -25.57 33.04
CA GLN A 673 17.45 -25.61 31.94
C GLN A 673 17.22 -26.67 30.88
N GLY A 674 17.02 -26.21 29.63
CA GLY A 674 16.93 -27.09 28.48
C GLY A 674 15.78 -28.06 28.52
N GLU A 675 16.08 -29.33 28.78
CA GLU A 675 15.07 -30.39 28.77
C GLU A 675 14.18 -30.32 30.01
N VAL A 676 14.72 -29.74 31.08
CA VAL A 676 13.99 -29.63 32.34
C VAL A 676 12.64 -28.91 32.14
N ILE A 677 12.60 -27.98 31.20
CA ILE A 677 11.35 -27.30 30.89
C ILE A 677 10.26 -28.25 30.42
N GLU A 678 10.65 -29.28 29.66
CA GLU A 678 9.70 -30.30 29.22
C GLU A 678 9.32 -31.22 30.36
N PHE A 679 10.26 -31.43 31.29
CA PHE A 679 9.98 -32.22 32.48
C PHE A 679 8.96 -31.49 33.33
N CYS A 680 9.13 -30.18 33.42
CA CYS A 680 8.34 -29.38 34.34
C CYS A 680 7.09 -28.74 33.75
N PHE A 681 7.03 -28.60 32.43
CA PHE A 681 5.92 -27.89 31.80
C PHE A 681 5.36 -28.55 30.52
N GLY A 682 5.68 -29.82 30.33
CA GLY A 682 5.20 -30.55 29.16
C GLY A 682 3.70 -30.72 29.10
N GLU A 683 3.04 -30.75 30.26
CA GLU A 683 1.60 -30.94 30.35
C GLU A 683 0.98 -29.97 31.32
N GLU A 684 -0.31 -29.71 31.17
CA GLU A 684 -1.03 -28.79 32.04
C GLU A 684 -0.93 -29.15 33.51
N HIS A 685 -1.18 -30.43 33.80
CA HIS A 685 -1.06 -30.94 35.16
C HIS A 685 0.37 -30.80 35.69
N LEU A 686 1.35 -31.07 34.83
CA LEU A 686 2.75 -30.94 35.18
C LEU A 686 3.10 -29.50 35.55
N CYS A 687 2.57 -28.54 34.81
CA CYS A 687 2.86 -27.15 35.13
C CYS A 687 2.30 -26.81 36.52
N PHE A 688 1.01 -27.06 36.69
CA PHE A 688 0.32 -26.84 37.96
C PHE A 688 1.06 -27.47 39.15
N GLN A 689 1.65 -28.64 38.92
CA GLN A 689 2.36 -29.34 39.97
C GLN A 689 3.70 -28.65 40.24
N THR A 690 4.33 -28.16 39.17
CA THR A 690 5.62 -27.51 39.30
C THR A 690 5.48 -26.16 40.05
N LEU A 691 4.46 -25.38 39.71
CA LEU A 691 4.22 -24.13 40.43
C LEU A 691 3.90 -24.41 41.90
N GLN A 692 3.24 -25.54 42.14
CA GLN A 692 2.88 -25.97 43.49
C GLN A 692 4.10 -26.22 44.35
N ARG A 693 5.05 -26.99 43.82
CA ARG A 693 6.27 -27.32 44.55
C ARG A 693 7.04 -26.07 44.93
N PHE A 694 7.31 -25.22 43.94
CA PHE A 694 8.10 -24.03 44.19
C PHE A 694 7.42 -23.12 45.21
N THR A 695 6.10 -23.00 45.12
CA THR A 695 5.39 -22.09 46.01
C THR A 695 5.28 -22.66 47.43
N ALA A 696 4.92 -23.92 47.54
CA ALA A 696 4.78 -24.54 48.85
C ALA A 696 6.11 -24.63 49.61
N ALA A 697 7.17 -24.97 48.88
CA ALA A 697 8.48 -25.19 49.48
C ALA A 697 9.14 -23.89 49.92
N THR A 698 9.02 -22.85 49.11
CA THR A 698 9.56 -21.54 49.44
C THR A 698 8.83 -20.92 50.63
N LEU A 699 7.53 -21.15 50.67
CA LEU A 699 6.70 -20.59 51.73
C LEU A 699 6.99 -21.26 53.05
N GLU A 700 7.02 -22.60 53.03
CA GLU A 700 7.31 -23.37 54.23
C GLU A 700 8.73 -23.11 54.71
N HIS A 701 9.67 -23.01 53.78
CA HIS A 701 11.05 -22.70 54.11
C HIS A 701 11.15 -21.30 54.73
N GLY A 702 10.22 -20.43 54.37
CA GLY A 702 10.22 -19.08 54.92
C GLY A 702 9.91 -19.07 56.40
N MET A 703 8.75 -19.64 56.74
CA MET A 703 8.20 -19.57 58.10
C MET A 703 8.66 -20.73 58.97
N HIS A 704 8.95 -21.86 58.33
CA HIS A 704 9.32 -23.06 59.07
C HIS A 704 10.63 -23.67 58.57
N PRO A 705 11.76 -22.96 58.83
CA PRO A 705 13.07 -23.28 58.26
C PRO A 705 13.59 -24.68 58.62
N PRO A 706 14.56 -25.19 57.85
CA PRO A 706 15.24 -26.42 58.26
C PRO A 706 16.11 -26.10 59.46
N VAL A 707 16.68 -27.11 60.09
CA VAL A 707 17.56 -26.87 61.23
C VAL A 707 18.91 -26.34 60.75
N SER A 708 19.56 -25.49 61.54
CA SER A 708 20.94 -25.15 61.23
C SER A 708 21.76 -26.36 61.66
N PRO A 709 22.97 -26.52 61.10
CA PRO A 709 23.82 -27.64 61.51
C PRO A 709 24.56 -27.39 62.82
N LYS A 710 24.71 -28.46 63.61
CA LYS A 710 25.45 -28.40 64.87
C LYS A 710 26.91 -28.07 64.55
N PRO A 711 27.62 -27.44 65.51
CA PRO A 711 29.03 -27.11 65.25
C PRO A 711 29.90 -28.32 64.97
N GLU A 712 29.54 -29.47 65.55
CA GLU A 712 30.25 -30.72 65.31
C GLU A 712 30.23 -31.03 63.83
N TRP A 713 29.02 -31.02 63.28
CA TRP A 713 28.77 -31.30 61.86
C TRP A 713 29.53 -30.32 60.97
N ARG A 714 29.38 -29.04 61.29
CA ARG A 714 30.02 -27.98 60.52
C ARG A 714 31.51 -28.19 60.36
N LYS A 715 32.21 -28.41 61.47
CA LYS A 715 33.66 -28.59 61.41
C LYS A 715 34.00 -29.81 60.55
N LEU A 716 33.19 -30.85 60.64
CA LEU A 716 33.42 -32.10 59.90
C LEU A 716 33.23 -31.93 58.38
N MET A 717 32.22 -31.15 57.98
CA MET A 717 32.01 -30.84 56.57
C MET A 717 33.21 -30.09 56.03
N ASP A 718 33.70 -29.14 56.83
CA ASP A 718 34.83 -28.30 56.47
C ASP A 718 36.04 -29.17 56.23
N GLU A 719 36.21 -30.16 57.10
CA GLU A 719 37.35 -31.06 57.01
C GLU A 719 37.20 -32.01 55.83
N MET A 720 36.01 -32.58 55.66
CA MET A 720 35.75 -33.54 54.60
C MET A 720 35.83 -32.90 53.22
N ALA A 721 35.45 -31.63 53.15
CA ALA A 721 35.46 -30.86 51.90
C ALA A 721 36.84 -30.79 51.28
N VAL A 722 37.82 -30.39 52.07
CA VAL A 722 39.21 -30.32 51.63
C VAL A 722 39.68 -31.65 51.07
N VAL A 723 39.43 -32.71 51.82
CA VAL A 723 39.82 -34.06 51.45
C VAL A 723 39.13 -34.44 50.14
N ALA A 724 37.86 -34.06 50.03
CA ALA A 724 37.08 -34.37 48.85
C ALA A 724 37.60 -33.60 47.64
N THR A 725 37.86 -32.31 47.85
CA THR A 725 38.34 -31.45 46.79
C THR A 725 39.66 -31.98 46.23
N GLU A 726 40.57 -32.35 47.13
CA GLU A 726 41.90 -32.80 46.74
C GLU A 726 41.85 -34.17 46.09
N GLU A 727 40.98 -35.04 46.59
CA GLU A 727 40.79 -36.36 45.98
C GLU A 727 40.24 -36.19 44.57
N TYR A 728 39.27 -35.31 44.43
CA TYR A 728 38.69 -35.01 43.13
C TYR A 728 39.76 -34.44 42.19
N ARG A 729 40.52 -33.46 42.67
CA ARG A 729 41.50 -32.77 41.84
C ARG A 729 42.76 -33.57 41.60
N SER A 730 43.00 -34.57 42.43
CA SER A 730 44.12 -35.48 42.21
C SER A 730 43.85 -36.36 40.99
N VAL A 731 42.60 -36.34 40.52
CA VAL A 731 42.22 -37.09 39.33
C VAL A 731 42.07 -36.17 38.10
N VAL A 732 41.07 -35.29 38.12
CA VAL A 732 40.76 -34.47 36.94
C VAL A 732 41.79 -33.35 36.68
N VAL A 733 42.60 -33.04 37.67
CA VAL A 733 43.61 -31.99 37.54
C VAL A 733 45.02 -32.55 37.63
N LYS A 734 45.38 -33.03 38.82
CA LYS A 734 46.73 -33.53 39.07
C LYS A 734 46.94 -34.93 38.50
N GLU A 735 46.99 -35.00 37.17
CA GLU A 735 47.23 -36.23 36.42
C GLU A 735 47.24 -35.87 34.95
N ALA A 736 48.39 -36.04 34.30
CA ALA A 736 48.52 -35.65 32.91
C ALA A 736 47.69 -36.56 32.02
N ARG A 737 47.69 -37.84 32.35
CA ARG A 737 47.04 -38.82 31.50
C ARG A 737 45.55 -38.99 31.77
N PHE A 738 44.92 -38.03 32.45
CA PHE A 738 43.47 -38.11 32.71
C PHE A 738 42.66 -37.70 31.48
N VAL A 739 43.03 -36.56 30.89
CA VAL A 739 42.30 -36.03 29.74
C VAL A 739 42.28 -37.03 28.59
N GLU A 740 43.38 -37.75 28.41
CA GLU A 740 43.49 -38.76 27.36
C GLU A 740 42.64 -39.98 27.68
N TYR A 741 42.61 -40.34 28.96
CA TYR A 741 41.69 -41.35 29.45
C TYR A 741 40.25 -40.87 29.31
N PHE A 742 40.02 -39.60 29.64
CA PHE A 742 38.67 -39.03 29.59
C PHE A 742 38.04 -39.08 28.19
N ARG A 743 38.75 -38.60 27.18
CA ARG A 743 38.19 -38.50 25.84
C ARG A 743 38.13 -39.86 25.16
N SER A 744 38.78 -40.83 25.78
CA SER A 744 38.83 -42.19 25.28
C SER A 744 37.71 -43.07 25.85
N ALA A 745 37.52 -43.00 27.17
CA ALA A 745 36.57 -43.87 27.87
C ALA A 745 35.11 -43.42 27.79
N THR A 746 34.86 -42.26 27.21
CA THR A 746 33.51 -41.72 27.13
C THR A 746 33.26 -41.14 25.75
N PRO A 747 31.97 -41.06 25.35
CA PRO A 747 31.68 -40.47 24.04
C PRO A 747 31.67 -38.95 24.11
N GLU A 748 32.58 -38.38 24.91
CA GLU A 748 32.58 -36.95 25.21
C GLU A 748 32.64 -36.08 23.97
N THR A 749 33.52 -36.45 23.04
CA THR A 749 33.80 -35.63 21.87
C THR A 749 32.69 -35.67 20.82
N GLU A 750 31.74 -36.60 20.99
CA GLU A 750 30.64 -36.77 20.02
C GLU A 750 29.38 -36.02 20.44
N TYR A 751 29.50 -35.14 21.41
CA TYR A 751 28.35 -34.46 21.99
C TYR A 751 27.66 -33.51 21.02
N GLY A 752 28.48 -32.81 20.24
CA GLY A 752 27.97 -31.81 19.33
C GLY A 752 27.25 -32.41 18.15
N ARG A 753 27.42 -33.72 17.95
CA ARG A 753 26.83 -34.40 16.80
C ARG A 753 25.33 -34.53 16.94
N MET A 754 24.83 -34.28 18.14
CA MET A 754 23.39 -34.30 18.38
C MET A 754 22.71 -33.02 17.90
N ASN A 755 23.52 -32.03 17.51
CA ASN A 755 23.03 -30.71 17.13
C ASN A 755 21.99 -30.20 18.10
N ILE A 756 22.28 -30.30 19.39
CA ILE A 756 21.33 -29.88 20.40
C ILE A 756 21.24 -28.35 20.45
N GLY A 757 22.29 -27.71 20.95
CA GLY A 757 22.28 -26.29 21.24
C GLY A 757 22.75 -25.40 20.12
N SER A 758 22.93 -24.13 20.43
CA SER A 758 23.38 -23.17 19.43
C SER A 758 24.76 -22.68 19.81
N ARG A 759 25.42 -23.42 20.69
CA ARG A 759 26.66 -22.95 21.26
C ARG A 759 27.81 -23.92 21.03
N PRO A 760 29.05 -23.45 21.21
CA PRO A 760 30.19 -24.35 21.33
C PRO A 760 30.18 -25.04 22.70
N ALA A 761 30.23 -26.38 22.69
CA ALA A 761 30.22 -27.17 23.92
C ALA A 761 31.58 -27.11 24.61
N LYS A 762 32.48 -26.32 24.05
CA LYS A 762 33.78 -26.02 24.64
C LYS A 762 34.25 -24.64 24.17
N ARG A 763 34.64 -23.78 25.11
CA ARG A 763 35.08 -22.42 24.79
C ARG A 763 36.43 -22.40 24.05
N ARG A 764 36.42 -22.85 22.79
CA ARG A 764 37.63 -22.99 21.95
C ARG A 764 38.62 -24.06 22.46
N PRO A 765 39.14 -24.91 21.53
CA PRO A 765 39.97 -26.10 21.84
C PRO A 765 41.18 -25.87 22.73
N GLY A 766 41.60 -24.61 22.86
CA GLY A 766 42.74 -24.24 23.69
C GLY A 766 42.41 -24.16 25.17
N GLY A 767 42.82 -25.18 25.91
CA GLY A 767 42.54 -25.27 27.33
C GLY A 767 42.41 -26.70 27.81
N GLY A 768 41.98 -27.61 26.93
CA GLY A 768 41.83 -29.01 27.30
C GLY A 768 40.60 -29.29 28.16
N ILE A 769 40.82 -29.74 29.39
CA ILE A 769 39.71 -30.03 30.32
C ILE A 769 39.11 -28.77 30.94
N THR A 770 39.93 -27.72 31.06
CA THR A 770 39.51 -26.50 31.74
C THR A 770 38.44 -25.72 30.98
N THR A 771 38.45 -25.82 29.66
CA THR A 771 37.54 -25.05 28.82
C THR A 771 36.31 -25.83 28.41
N LEU A 772 36.29 -27.14 28.68
CA LEU A 772 35.12 -27.97 28.39
C LEU A 772 33.96 -27.59 29.31
N ARG A 773 32.82 -27.24 28.73
CA ARG A 773 31.67 -26.81 29.51
C ARG A 773 31.13 -27.94 30.40
N ALA A 774 30.35 -27.57 31.40
CA ALA A 774 29.88 -28.50 32.42
C ALA A 774 28.85 -29.51 31.91
N ILE A 775 28.11 -29.12 30.87
CA ILE A 775 27.07 -30.00 30.34
C ILE A 775 27.62 -31.22 29.59
N PRO A 776 28.53 -31.02 28.62
CA PRO A 776 29.09 -32.23 28.02
C PRO A 776 29.93 -33.03 29.02
N TRP A 777 30.48 -32.35 30.02
CA TRP A 777 31.22 -32.99 31.12
C TRP A 777 30.39 -34.07 31.83
N ILE A 778 29.25 -33.68 32.38
CA ILE A 778 28.37 -34.59 33.09
C ILE A 778 27.79 -35.62 32.14
N PHE A 779 27.53 -35.17 30.91
CA PHE A 779 26.99 -36.03 29.87
C PHE A 779 27.86 -37.27 29.62
N SER A 780 29.17 -37.06 29.53
CA SER A 780 30.11 -38.11 29.15
C SER A 780 30.12 -39.24 30.16
N TRP A 781 30.10 -38.87 31.44
CA TRP A 781 30.15 -39.85 32.51
C TRP A 781 28.77 -40.44 32.84
N THR A 782 27.73 -39.83 32.26
CA THR A 782 26.37 -40.31 32.42
C THR A 782 26.05 -41.40 31.39
N GLN A 783 26.49 -41.16 30.15
CA GLN A 783 26.32 -42.10 29.06
C GLN A 783 27.00 -43.42 29.38
N THR A 784 28.20 -43.31 29.94
CA THR A 784 29.08 -44.43 30.22
C THR A 784 28.62 -45.16 31.49
N ARG A 785 27.65 -44.55 32.15
CA ARG A 785 27.06 -45.07 33.39
C ARG A 785 28.08 -45.27 34.50
N PHE A 786 28.96 -44.28 34.65
CA PHE A 786 29.98 -44.30 35.67
C PHE A 786 29.75 -43.13 36.62
N HIS A 787 29.27 -42.02 36.07
CA HIS A 787 28.95 -40.82 36.83
C HIS A 787 30.12 -40.32 37.66
N LEU A 788 31.30 -40.25 37.07
CA LEU A 788 32.51 -39.87 37.83
C LEU A 788 32.39 -38.57 38.66
N PRO A 789 31.97 -37.45 38.05
CA PRO A 789 32.02 -36.16 38.75
C PRO A 789 31.06 -36.05 39.93
N VAL A 790 30.03 -36.89 39.92
CA VAL A 790 28.95 -36.87 40.89
C VAL A 790 29.34 -37.45 42.27
N TRP A 791 30.29 -38.38 42.30
CA TRP A 791 30.69 -39.01 43.56
C TRP A 791 32.19 -38.99 43.87
N LEU A 792 33.02 -38.37 43.03
CA LEU A 792 34.48 -38.52 43.17
C LEU A 792 35.02 -38.11 44.55
N GLY A 793 34.79 -36.87 44.96
CA GLY A 793 35.30 -36.43 46.25
C GLY A 793 34.85 -37.27 47.44
N VAL A 794 33.64 -37.81 47.35
CA VAL A 794 32.91 -38.34 48.51
C VAL A 794 33.58 -39.53 49.21
N GLY A 795 33.90 -40.56 48.44
CA GLY A 795 34.45 -41.78 49.02
C GLY A 795 35.62 -41.55 49.95
N ALA A 796 36.44 -40.55 49.63
CA ALA A 796 37.62 -40.23 50.43
C ALA A 796 37.27 -39.38 51.65
N ALA A 797 36.22 -38.57 51.54
CA ALA A 797 35.82 -37.69 52.64
C ALA A 797 35.05 -38.44 53.72
N PHE A 798 34.53 -39.62 53.37
CA PHE A 798 33.85 -40.46 54.35
C PHE A 798 34.89 -41.28 55.09
N LYS A 799 35.82 -41.86 54.34
CA LYS A 799 36.86 -42.70 54.91
C LYS A 799 37.74 -41.88 55.85
N PHE A 800 38.09 -40.67 55.42
CA PHE A 800 38.88 -39.75 56.25
C PHE A 800 38.22 -39.50 57.60
N ALA A 801 36.91 -39.30 57.57
CA ALA A 801 36.15 -38.90 58.76
C ALA A 801 36.07 -40.01 59.80
N ILE A 802 35.83 -41.25 59.35
CA ILE A 802 35.74 -42.38 60.26
C ILE A 802 37.11 -42.89 60.71
N ASP A 803 38.14 -42.63 59.93
CA ASP A 803 39.49 -43.05 60.29
C ASP A 803 40.17 -42.03 61.20
N LYS A 804 39.75 -40.77 61.10
CA LYS A 804 40.24 -39.71 61.98
C LYS A 804 39.75 -39.94 63.40
N ASP A 805 38.54 -40.50 63.52
CA ASP A 805 37.97 -40.90 64.81
C ASP A 805 36.75 -41.80 64.57
N VAL A 806 36.70 -42.94 65.26
CA VAL A 806 35.63 -43.91 65.02
C VAL A 806 34.28 -43.43 65.56
N ARG A 807 34.32 -42.40 66.39
CA ARG A 807 33.12 -41.74 66.86
C ARG A 807 32.39 -41.00 65.73
N ASN A 808 33.09 -40.76 64.62
CA ASN A 808 32.52 -40.02 63.50
C ASN A 808 31.49 -40.80 62.67
N PHE A 809 31.61 -42.12 62.66
CA PHE A 809 30.63 -42.96 61.97
C PHE A 809 29.22 -42.75 62.57
N GLN A 810 29.14 -42.53 63.88
CA GLN A 810 27.86 -42.25 64.54
C GLN A 810 27.45 -40.80 64.33
N VAL A 811 28.40 -39.99 63.87
CA VAL A 811 28.13 -38.60 63.55
C VAL A 811 27.58 -38.49 62.13
N LEU A 812 28.24 -39.17 61.18
CA LEU A 812 27.80 -39.18 59.80
C LEU A 812 26.38 -39.73 59.62
N LYS A 813 26.00 -40.72 60.42
CA LYS A 813 24.63 -41.26 60.41
C LYS A 813 23.65 -40.29 61.06
N GLU A 814 24.05 -39.74 62.20
CA GLU A 814 23.24 -38.79 62.94
C GLU A 814 22.92 -37.55 62.11
N MET A 815 23.81 -37.21 61.19
CA MET A 815 23.65 -36.08 60.28
C MET A 815 22.71 -36.42 59.11
N TYR A 816 22.84 -37.65 58.61
CA TYR A 816 21.98 -38.10 57.54
C TYR A 816 20.53 -38.20 58.02
N ASN A 817 20.33 -38.60 59.27
CA ASN A 817 18.98 -38.71 59.82
C ASN A 817 18.31 -37.36 60.05
N GLU A 818 19.07 -36.37 60.51
CA GLU A 818 18.47 -35.17 61.11
C GLU A 818 18.56 -33.91 60.25
N TRP A 819 19.70 -33.76 59.56
CA TRP A 819 20.03 -32.57 58.76
C TRP A 819 19.55 -32.69 57.30
N PRO A 820 18.54 -31.88 56.92
CA PRO A 820 17.98 -31.84 55.56
C PRO A 820 19.05 -31.77 54.46
N PHE A 821 19.95 -30.80 54.53
CA PHE A 821 21.04 -30.68 53.55
C PHE A 821 21.82 -31.96 53.31
N PHE A 822 22.39 -32.50 54.37
CA PHE A 822 23.24 -33.68 54.25
C PHE A 822 22.44 -34.86 53.71
N ARG A 823 21.21 -35.00 54.18
CA ARG A 823 20.40 -36.12 53.78
C ARG A 823 20.03 -36.08 52.31
N VAL A 824 19.57 -34.93 51.84
CA VAL A 824 19.23 -34.79 50.43
C VAL A 824 20.45 -35.10 49.55
N THR A 825 21.64 -34.64 49.96
CA THR A 825 22.83 -34.85 49.14
C THR A 825 23.22 -36.32 48.98
N LEU A 826 23.10 -37.09 50.06
CA LEU A 826 23.44 -38.51 50.00
C LEU A 826 22.33 -39.31 49.33
N ASP A 827 21.08 -38.87 49.50
CA ASP A 827 19.97 -39.53 48.87
C ASP A 827 20.11 -39.40 47.36
N LEU A 828 20.42 -38.18 46.94
CA LEU A 828 20.58 -37.90 45.53
C LEU A 828 21.76 -38.67 45.00
N LEU A 829 22.79 -38.85 45.84
CA LEU A 829 23.94 -39.68 45.49
C LEU A 829 23.56 -41.15 45.31
N GLU A 830 22.70 -41.65 46.20
CA GLU A 830 22.25 -43.04 46.18
C GLU A 830 21.52 -43.35 44.89
N MET A 831 20.66 -42.43 44.46
CA MET A 831 19.89 -42.61 43.25
C MET A 831 20.81 -42.64 42.03
N VAL A 832 21.89 -41.87 42.09
CA VAL A 832 22.87 -41.87 41.02
C VAL A 832 23.62 -43.20 40.91
N PHE A 833 24.10 -43.73 42.04
CA PHE A 833 24.77 -45.03 42.03
C PHE A 833 23.83 -46.13 41.56
N ALA A 834 22.55 -45.96 41.85
CA ALA A 834 21.51 -46.87 41.39
C ALA A 834 21.36 -46.78 39.88
N LYS A 835 21.70 -45.63 39.34
CA LYS A 835 21.67 -45.46 37.90
C LYS A 835 23.07 -45.73 37.35
N GLY A 836 23.86 -46.43 38.15
CA GLY A 836 25.24 -46.71 37.80
C GLY A 836 25.56 -48.18 37.71
N ASP A 837 26.40 -48.51 36.74
CA ASP A 837 26.85 -49.89 36.55
C ASP A 837 28.30 -49.86 36.14
N PRO A 838 29.20 -50.14 37.09
CA PRO A 838 30.65 -50.04 36.88
C PRO A 838 31.15 -51.11 35.92
N GLY A 839 30.34 -52.13 35.69
CA GLY A 839 30.66 -53.11 34.66
C GLY A 839 30.74 -52.45 33.29
N ILE A 840 29.71 -51.67 32.97
CA ILE A 840 29.61 -50.93 31.71
C ILE A 840 30.77 -49.95 31.55
N ALA A 841 31.14 -49.30 32.64
CA ALA A 841 32.30 -48.41 32.67
C ALA A 841 33.57 -49.19 32.35
N GLY A 842 33.62 -50.44 32.82
CA GLY A 842 34.69 -51.35 32.49
C GLY A 842 34.67 -51.74 31.03
N LEU A 843 33.48 -52.02 30.50
CA LEU A 843 33.33 -52.40 29.09
C LEU A 843 33.82 -51.31 28.12
N TYR A 844 33.68 -50.04 28.50
CA TYR A 844 34.19 -48.97 27.66
C TYR A 844 35.71 -48.90 27.76
N ASP A 845 36.24 -49.10 28.96
CA ASP A 845 37.68 -49.13 29.20
C ASP A 845 38.33 -50.26 28.41
N GLU A 846 37.61 -51.37 28.27
CA GLU A 846 38.15 -52.53 27.57
C GLU A 846 38.35 -52.24 26.08
N LEU A 847 37.30 -51.73 25.45
CA LEU A 847 37.33 -51.52 24.01
C LEU A 847 38.06 -50.26 23.54
N LEU A 848 38.16 -49.25 24.39
CA LEU A 848 38.59 -47.95 23.91
C LEU A 848 39.89 -47.46 24.53
N VAL A 849 40.04 -47.61 25.84
CA VAL A 849 41.18 -47.05 26.55
C VAL A 849 42.47 -47.81 26.26
N ALA A 850 43.54 -47.05 26.01
CA ALA A 850 44.88 -47.61 25.77
C ALA A 850 45.31 -48.56 26.90
N GLU A 851 46.18 -49.51 26.58
CA GLU A 851 46.56 -50.54 27.54
C GLU A 851 47.26 -49.98 28.80
N GLU A 852 48.04 -48.93 28.63
CA GLU A 852 48.75 -48.30 29.74
C GLU A 852 47.81 -47.60 30.72
N LEU A 853 46.71 -47.06 30.21
CA LEU A 853 45.76 -46.32 31.03
C LEU A 853 44.68 -47.23 31.61
N LYS A 854 44.60 -48.46 31.09
CA LYS A 854 43.60 -49.43 31.53
C LYS A 854 43.55 -49.72 33.06
N PRO A 855 44.72 -49.81 33.74
CA PRO A 855 44.72 -49.97 35.20
C PRO A 855 44.25 -48.71 35.94
N PHE A 856 44.57 -47.54 35.40
CA PHE A 856 44.13 -46.27 35.97
C PHE A 856 42.62 -46.23 36.00
N GLY A 857 42.00 -46.80 34.98
CA GLY A 857 40.55 -46.91 34.92
C GLY A 857 40.02 -47.83 36.00
N LYS A 858 40.69 -48.96 36.18
CA LYS A 858 40.31 -49.96 37.19
C LYS A 858 40.46 -49.38 38.58
N GLN A 859 41.47 -48.53 38.75
CA GLN A 859 41.69 -47.83 40.01
C GLN A 859 40.49 -46.95 40.32
N LEU A 860 39.88 -46.39 39.29
CA LEU A 860 38.72 -45.53 39.47
C LEU A 860 37.47 -46.35 39.82
N ARG A 861 37.32 -47.53 39.23
CA ARG A 861 36.20 -48.39 39.57
C ARG A 861 36.25 -48.85 41.03
N ASP A 862 37.45 -48.99 41.57
CA ASP A 862 37.61 -49.35 42.98
C ASP A 862 37.07 -48.25 43.91
N LYS A 863 37.34 -47.00 43.53
CA LYS A 863 36.83 -45.84 44.27
C LYS A 863 35.32 -45.79 44.15
N TYR A 864 34.82 -46.20 42.97
CA TYR A 864 33.39 -46.26 42.72
C TYR A 864 32.71 -47.19 43.70
N VAL A 865 33.26 -48.39 43.86
CA VAL A 865 32.67 -49.38 44.76
C VAL A 865 32.83 -48.99 46.22
N GLU A 866 33.99 -48.43 46.56
CA GLU A 866 34.27 -47.99 47.92
C GLU A 866 33.36 -46.86 48.34
N THR A 867 33.07 -45.94 47.42
CA THR A 867 32.19 -44.82 47.72
C THR A 867 30.73 -45.25 47.87
N GLN A 868 30.27 -46.14 46.99
CA GLN A 868 28.92 -46.68 47.07
C GLN A 868 28.72 -47.43 48.38
N GLN A 869 29.74 -48.19 48.77
CA GLN A 869 29.71 -49.00 49.98
C GLN A 869 29.67 -48.15 51.24
N LEU A 870 30.52 -47.12 51.30
CA LEU A 870 30.57 -46.19 52.43
C LEU A 870 29.28 -45.37 52.57
N LEU A 871 28.72 -44.97 51.44
CA LEU A 871 27.45 -44.23 51.41
C LEU A 871 26.32 -45.01 52.06
N LEU A 872 26.14 -46.26 51.64
CA LEU A 872 25.04 -47.08 52.12
C LEU A 872 25.13 -47.36 53.61
N GLN A 873 26.34 -47.51 54.12
CA GLN A 873 26.54 -47.73 55.56
C GLN A 873 26.04 -46.52 56.36
N ILE A 874 26.36 -45.33 55.85
CA ILE A 874 25.97 -44.06 56.49
C ILE A 874 24.48 -43.80 56.35
N ALA A 875 23.93 -44.11 55.18
CA ALA A 875 22.51 -43.94 54.91
C ALA A 875 21.65 -45.00 55.60
N GLY A 876 22.29 -45.98 56.22
CA GLY A 876 21.58 -47.01 56.96
C GLY A 876 20.77 -47.92 56.07
N HIS A 877 21.20 -48.03 54.82
CA HIS A 877 20.54 -48.90 53.86
C HIS A 877 21.43 -50.12 53.59
N LYS A 878 20.82 -51.29 53.49
CA LYS A 878 21.57 -52.52 53.21
C LYS A 878 21.67 -52.73 51.70
N ASP A 879 20.66 -52.22 50.99
CA ASP A 879 20.59 -52.28 49.52
C ASP A 879 20.62 -50.86 48.95
N ILE A 880 20.94 -50.75 47.66
CA ILE A 880 20.80 -49.48 46.96
C ILE A 880 19.33 -49.31 46.57
N LEU A 881 18.82 -48.08 46.68
CA LEU A 881 17.37 -47.81 46.52
C LEU A 881 16.49 -48.78 47.31
N GLU A 882 16.91 -49.04 48.54
CA GLU A 882 16.23 -49.98 49.43
C GLU A 882 14.86 -49.45 49.83
N GLY A 883 14.85 -48.21 50.29
CA GLY A 883 13.62 -47.56 50.72
C GLY A 883 12.65 -47.20 49.61
N ASP A 884 13.18 -46.86 48.43
CA ASP A 884 12.38 -46.39 47.31
C ASP A 884 11.97 -47.53 46.35
N PRO A 885 10.69 -47.96 46.40
CA PRO A 885 10.18 -48.94 45.44
C PRO A 885 9.77 -48.21 44.17
N PHE A 886 9.17 -48.90 43.20
CA PHE A 886 8.73 -48.25 41.95
C PHE A 886 9.90 -47.66 41.14
N LEU A 887 10.64 -46.71 41.73
CA LEU A 887 11.83 -46.15 41.05
C LEU A 887 12.90 -47.23 40.91
N LYS A 888 12.79 -48.31 41.69
CA LYS A 888 13.59 -49.52 41.50
C LYS A 888 12.90 -50.47 40.52
N GLN A 889 11.58 -50.60 40.63
CA GLN A 889 10.79 -51.37 39.67
C GLN A 889 11.05 -50.85 38.26
N GLY A 890 11.10 -49.52 38.15
CA GLY A 890 11.19 -48.85 36.88
C GLY A 890 12.52 -49.09 36.20
N LEU A 891 13.57 -49.14 37.02
CA LEU A 891 14.92 -49.42 36.57
C LEU A 891 15.12 -50.90 36.18
N VAL A 892 14.10 -51.73 36.37
CA VAL A 892 14.20 -53.14 36.00
C VAL A 892 13.83 -53.42 34.53
N LEU A 893 12.81 -52.73 34.00
CA LEU A 893 12.49 -52.90 32.59
C LEU A 893 13.38 -52.03 31.70
N ARG A 894 13.82 -50.90 32.24
CA ARG A 894 14.60 -49.94 31.47
C ARG A 894 16.03 -50.42 31.28
N ASN A 895 16.62 -51.01 32.33
CA ASN A 895 18.04 -51.36 32.34
C ASN A 895 18.58 -52.30 31.24
N PRO A 896 17.86 -53.39 30.93
CA PRO A 896 18.39 -54.22 29.84
C PRO A 896 18.49 -53.48 28.50
N TYR A 897 17.64 -52.48 28.27
CA TYR A 897 17.70 -51.70 27.04
C TYR A 897 18.85 -50.70 27.03
N ILE A 898 19.05 -50.03 28.17
CA ILE A 898 20.17 -49.11 28.34
C ILE A 898 21.48 -49.88 28.16
N THR A 899 21.52 -51.11 28.68
CA THR A 899 22.66 -51.99 28.55
C THR A 899 22.97 -52.30 27.09
N THR A 900 21.93 -52.54 26.29
CA THR A 900 22.09 -52.83 24.87
C THR A 900 22.78 -51.66 24.17
N LEU A 901 22.18 -50.49 24.28
CA LEU A 901 22.74 -49.28 23.68
C LEU A 901 24.14 -49.01 24.22
N ASN A 902 24.35 -49.26 25.51
CA ASN A 902 25.69 -49.12 26.08
C ASN A 902 26.71 -49.92 25.29
N VAL A 903 26.43 -51.21 25.13
CA VAL A 903 27.30 -52.09 24.37
C VAL A 903 27.39 -51.64 22.92
N PHE A 904 26.24 -51.32 22.35
CA PHE A 904 26.15 -50.79 20.99
C PHE A 904 27.10 -49.61 20.81
N GLN A 905 26.96 -48.62 21.70
CA GLN A 905 27.71 -47.38 21.64
C GLN A 905 29.21 -47.60 21.81
N ALA A 906 29.59 -48.51 22.68
CA ALA A 906 31.01 -48.77 22.92
C ALA A 906 31.71 -49.33 21.68
N TYR A 907 31.06 -50.29 21.02
CA TYR A 907 31.63 -50.87 19.81
C TYR A 907 31.58 -49.89 18.66
N THR A 908 30.54 -49.06 18.64
CA THR A 908 30.34 -48.10 17.55
C THR A 908 31.36 -46.96 17.63
N LEU A 909 31.85 -46.68 18.84
CA LEU A 909 32.94 -45.72 18.96
C LEU A 909 34.23 -46.38 18.48
N LYS A 910 34.38 -47.67 18.79
CA LYS A 910 35.51 -48.46 18.31
C LYS A 910 35.55 -48.52 16.78
N ARG A 911 34.42 -48.86 16.15
CA ARG A 911 34.35 -48.99 14.70
C ARG A 911 34.74 -47.70 13.99
N ILE A 912 34.55 -46.57 14.65
CA ILE A 912 34.86 -45.28 14.09
C ILE A 912 36.31 -44.90 14.33
N ARG A 913 36.75 -45.01 15.58
CA ARG A 913 38.10 -44.61 15.95
C ARG A 913 39.17 -45.53 15.36
N ASP A 914 38.93 -46.85 15.44
CA ASP A 914 39.87 -47.85 14.95
C ASP A 914 39.33 -48.49 13.66
N PRO A 915 39.87 -48.08 12.49
CA PRO A 915 39.43 -48.63 11.20
C PRO A 915 39.98 -50.05 11.01
N ASN A 916 40.95 -50.41 11.85
CA ASN A 916 41.52 -51.75 11.91
C ASN A 916 40.66 -52.71 12.70
N PHE A 917 39.55 -52.22 13.23
CA PHE A 917 38.64 -53.09 13.97
C PHE A 917 37.82 -53.88 12.95
N LYS A 918 38.03 -55.19 12.91
CA LYS A 918 37.40 -56.05 11.92
C LYS A 918 36.13 -56.68 12.47
N VAL A 919 35.14 -56.86 11.60
CA VAL A 919 33.91 -57.55 11.95
C VAL A 919 33.14 -58.02 10.70
N THR A 920 32.59 -59.23 10.77
CA THR A 920 31.89 -59.85 9.65
C THR A 920 30.45 -59.35 9.55
N PRO A 921 30.10 -58.65 8.44
CA PRO A 921 28.75 -58.12 8.25
C PRO A 921 27.70 -59.24 8.16
N GLN A 922 26.49 -58.95 8.62
CA GLN A 922 25.42 -59.95 8.66
C GLN A 922 24.53 -59.76 7.44
N PRO A 923 23.51 -60.63 7.25
CA PRO A 923 22.49 -60.36 6.22
C PRO A 923 21.46 -59.33 6.70
N PRO A 924 20.81 -58.64 5.75
CA PRO A 924 19.78 -57.63 6.05
C PRO A 924 18.59 -58.18 6.86
N LEU A 925 18.26 -57.57 7.99
CA LEU A 925 17.15 -58.00 8.86
C LEU A 925 15.79 -57.42 8.48
N SER A 926 15.81 -56.19 7.98
CA SER A 926 14.60 -55.46 7.62
C SER A 926 14.07 -55.89 6.26
N LYS A 927 12.78 -56.24 6.20
CA LYS A 927 12.13 -56.63 4.94
C LYS A 927 11.96 -55.42 4.03
N GLU A 928 12.29 -54.23 4.56
CA GLU A 928 12.23 -52.99 3.81
C GLU A 928 13.54 -52.74 3.06
N PHE A 929 14.64 -53.18 3.66
CA PHE A 929 15.93 -53.01 3.02
C PHE A 929 16.54 -54.36 2.59
N ALA A 930 15.91 -54.98 1.60
CA ALA A 930 16.41 -56.23 1.01
C ALA A 930 17.66 -55.98 0.15
N ASP A 931 17.49 -55.29 -0.97
CA ASP A 931 18.60 -54.89 -1.85
C ASP A 931 19.70 -54.12 -1.09
N GLU A 932 20.96 -54.30 -1.50
CA GLU A 932 22.09 -53.62 -0.84
C GLU A 932 22.50 -52.30 -1.51
N ALA A 936 18.86 -48.48 2.23
CA ALA A 936 18.77 -47.44 1.20
C ALA A 936 18.45 -46.08 1.81
N GLY A 937 17.19 -45.65 1.63
CA GLY A 937 16.75 -44.32 1.98
C GLY A 937 17.04 -43.83 3.39
N LEU A 938 17.14 -44.76 4.33
CA LEU A 938 17.31 -44.42 5.74
C LEU A 938 18.70 -43.88 6.10
N VAL A 939 19.74 -44.39 5.43
CA VAL A 939 21.10 -43.92 5.70
C VAL A 939 21.36 -42.65 4.90
N LYS A 940 20.56 -42.47 3.85
CA LYS A 940 20.63 -41.29 2.98
C LYS A 940 20.29 -39.98 3.69
N LEU A 941 19.68 -40.09 4.88
CA LEU A 941 19.24 -38.92 5.65
C LEU A 941 20.41 -38.05 6.15
N ASN A 942 21.50 -38.69 6.55
CA ASN A 942 22.76 -37.99 6.86
C ASN A 942 23.66 -38.06 5.63
N PRO A 943 23.59 -37.02 4.77
CA PRO A 943 24.28 -37.08 3.49
C PRO A 943 25.80 -37.18 3.62
N ALA A 944 26.41 -36.11 4.12
CA ALA A 944 27.86 -36.03 4.22
C ALA A 944 28.36 -36.37 5.62
N SER A 945 28.20 -37.62 6.02
CA SER A 945 28.73 -38.06 7.31
C SER A 945 30.25 -38.13 7.21
N GLU A 946 30.94 -37.64 8.24
CA GLU A 946 32.40 -37.77 8.29
C GLU A 946 32.75 -39.26 8.53
N TYR A 947 31.80 -40.00 9.10
CA TYR A 947 31.97 -41.40 9.43
C TYR A 947 31.37 -42.32 8.35
N PRO A 948 31.89 -43.56 8.23
CA PRO A 948 31.33 -44.62 7.35
C PRO A 948 29.81 -44.77 7.50
N PRO A 949 29.15 -45.35 6.48
CA PRO A 949 27.69 -45.45 6.38
C PRO A 949 26.95 -45.90 7.64
N GLY A 950 26.19 -44.98 8.22
CA GLY A 950 25.25 -45.29 9.29
C GLY A 950 25.90 -45.49 10.64
N LEU A 951 27.16 -45.09 10.77
CA LEU A 951 27.84 -45.19 12.06
C LEU A 951 27.57 -43.95 12.89
N GLU A 952 27.45 -42.80 12.24
CA GLU A 952 27.11 -41.57 12.95
C GLU A 952 25.68 -41.63 13.47
N ASP A 953 24.73 -41.90 12.57
CA ASP A 953 23.32 -42.03 12.95
C ASP A 953 23.11 -43.02 14.09
N THR A 954 23.80 -44.15 14.03
CA THR A 954 23.76 -45.17 15.08
C THR A 954 24.30 -44.63 16.40
N LEU A 955 25.48 -44.00 16.34
CA LEU A 955 26.10 -43.40 17.51
C LEU A 955 25.18 -42.35 18.15
N ILE A 956 24.65 -41.43 17.34
CA ILE A 956 23.72 -40.43 17.86
C ILE A 956 22.49 -41.10 18.46
N LEU A 957 21.96 -42.10 17.77
CA LEU A 957 20.81 -42.85 18.28
C LEU A 957 21.12 -43.64 19.54
N THR A 958 22.38 -44.07 19.72
CA THR A 958 22.76 -44.68 20.98
C THR A 958 22.95 -43.61 22.06
N MET A 959 23.32 -42.39 21.64
CA MET A 959 23.47 -41.28 22.57
C MET A 959 22.12 -40.73 23.07
N LYS A 960 21.18 -40.59 22.14
CA LYS A 960 19.84 -40.09 22.47
C LYS A 960 19.08 -41.08 23.34
N GLY A 961 19.14 -42.35 22.96
CA GLY A 961 18.50 -43.42 23.72
C GLY A 961 18.98 -43.54 25.15
N ILE A 962 20.28 -43.71 25.34
CA ILE A 962 20.87 -43.85 26.68
C ILE A 962 20.44 -42.69 27.59
N ALA A 963 20.47 -41.47 27.05
CA ALA A 963 20.05 -40.29 27.81
C ALA A 963 18.58 -40.35 28.18
N ALA A 964 17.77 -40.99 27.32
CA ALA A 964 16.36 -41.19 27.59
C ALA A 964 16.16 -42.21 28.70
N GLY A 965 17.04 -43.21 28.75
CA GLY A 965 16.98 -44.24 29.77
C GLY A 965 17.42 -43.69 31.11
N MET A 966 18.40 -42.79 31.08
CA MET A 966 18.90 -42.16 32.30
C MET A 966 17.98 -41.00 32.74
N GLN A 967 17.03 -40.66 31.88
CA GLN A 967 16.09 -39.57 32.11
C GLN A 967 16.76 -38.21 32.33
N ASN A 968 17.99 -38.09 31.84
CA ASN A 968 18.77 -36.87 31.92
C ASN A 968 19.87 -36.87 30.86
N THR A 969 20.00 -35.76 30.11
CA THR A 969 21.02 -35.68 29.07
C THR A 969 22.36 -35.19 29.62
N GLY A 970 22.29 -34.14 30.44
CA GLY A 970 23.46 -33.54 31.06
C GLY A 970 23.13 -32.36 31.97
N GLU B 36 -33.27 -33.59 40.89
CA GLU B 36 -32.07 -33.45 41.71
C GLU B 36 -31.11 -32.40 41.16
N TYR B 37 -30.89 -32.43 39.83
CA TYR B 37 -29.97 -31.50 39.18
C TYR B 37 -30.48 -30.05 39.21
N ASP B 38 -31.79 -29.89 39.02
CA ASP B 38 -32.43 -28.57 39.00
C ASP B 38 -32.51 -27.93 40.38
N ALA B 39 -32.55 -28.76 41.42
CA ALA B 39 -32.49 -28.31 42.80
C ALA B 39 -31.10 -27.74 43.09
N LEU B 40 -30.13 -28.13 42.27
CA LEU B 40 -28.78 -27.60 42.38
C LEU B 40 -28.75 -26.21 41.76
N LEU B 41 -29.34 -26.07 40.58
CA LEU B 41 -29.28 -24.81 39.80
C LEU B 41 -30.27 -23.75 40.28
N VAL B 42 -31.49 -24.16 40.61
CA VAL B 42 -32.56 -23.26 41.00
C VAL B 42 -32.26 -22.68 42.35
N ASP B 43 -31.67 -23.50 43.21
CA ASP B 43 -31.34 -23.02 44.54
C ASP B 43 -30.19 -22.04 44.52
N ARG B 44 -29.23 -22.25 43.63
CA ARG B 44 -28.14 -21.30 43.52
C ARG B 44 -28.60 -19.99 42.93
N PHE B 45 -29.60 -20.04 42.05
CA PHE B 45 -30.12 -18.82 41.46
C PHE B 45 -30.72 -17.96 42.54
N LEU B 46 -31.48 -18.60 43.43
CA LEU B 46 -32.21 -17.88 44.47
C LEU B 46 -31.30 -17.19 45.46
N ASN B 47 -30.20 -17.83 45.81
CA ASN B 47 -29.22 -17.19 46.68
C ASN B 47 -28.65 -15.97 46.01
N ILE B 48 -28.46 -16.05 44.69
CA ILE B 48 -27.90 -14.97 43.89
C ILE B 48 -28.91 -13.84 43.72
N LEU B 49 -30.15 -14.23 43.42
CA LEU B 49 -31.28 -13.31 43.34
C LEU B 49 -31.46 -12.57 44.66
N GLN B 50 -31.34 -13.30 45.77
CA GLN B 50 -31.45 -12.70 47.08
C GLN B 50 -30.26 -11.82 47.42
N ASP B 51 -29.07 -12.31 47.14
CA ASP B 51 -27.86 -11.55 47.42
C ASP B 51 -27.91 -10.19 46.72
N LEU B 52 -28.34 -10.20 45.47
CA LEU B 52 -28.34 -8.98 44.64
C LEU B 52 -29.54 -8.04 44.84
N HIS B 53 -30.73 -8.59 45.02
CA HIS B 53 -31.94 -7.77 45.08
C HIS B 53 -32.62 -7.80 46.45
N GLY B 54 -31.90 -8.26 47.47
CA GLY B 54 -32.45 -8.39 48.81
C GLY B 54 -33.50 -9.48 48.87
N PRO B 55 -33.82 -9.98 50.08
CA PRO B 55 -34.91 -10.95 50.17
C PRO B 55 -36.23 -10.31 49.76
N SER B 56 -37.34 -11.00 49.97
CA SER B 56 -38.67 -10.48 49.63
C SER B 56 -38.93 -10.53 48.13
N LEU B 57 -38.01 -10.04 47.31
CA LEU B 57 -38.09 -10.32 45.87
C LEU B 57 -37.82 -11.81 45.67
N ARG B 58 -36.89 -12.35 46.45
CA ARG B 58 -36.63 -13.77 46.42
C ARG B 58 -37.85 -14.53 46.91
N GLU B 59 -38.48 -13.98 47.95
CA GLU B 59 -39.68 -14.57 48.51
C GLU B 59 -40.86 -14.45 47.53
N PHE B 60 -40.96 -13.32 46.84
CA PHE B 60 -42.07 -13.06 45.93
C PHE B 60 -42.10 -14.09 44.81
N VAL B 61 -40.91 -14.37 44.28
CA VAL B 61 -40.77 -15.33 43.21
C VAL B 61 -41.07 -16.74 43.72
N GLN B 62 -40.72 -16.98 44.99
CA GLN B 62 -41.02 -18.27 45.63
C GLN B 62 -42.52 -18.42 45.91
N GLU B 63 -43.15 -17.35 46.42
CA GLU B 63 -44.59 -17.34 46.65
C GLU B 63 -45.35 -17.54 45.34
N CYS B 64 -44.85 -16.94 44.26
CA CYS B 64 -45.46 -17.06 42.95
C CYS B 64 -45.41 -18.49 42.44
N TYR B 65 -44.46 -19.27 42.97
CA TYR B 65 -44.31 -20.65 42.53
C TYR B 65 -45.40 -21.53 43.12
N GLU B 66 -45.68 -21.34 44.40
CA GLU B 66 -46.61 -22.22 45.10
C GLU B 66 -48.06 -21.91 44.77
N VAL B 67 -48.38 -20.63 44.62
CA VAL B 67 -49.70 -20.25 44.14
C VAL B 67 -49.95 -20.92 42.78
N SER B 68 -48.90 -21.00 41.96
CA SER B 68 -48.96 -21.67 40.67
C SER B 68 -48.93 -23.18 40.83
N ALA B 69 -48.38 -23.62 41.94
CA ALA B 69 -48.32 -25.05 42.23
C ALA B 69 -49.68 -25.53 42.76
N ASP B 70 -50.36 -24.68 43.51
CA ASP B 70 -51.71 -25.02 43.97
C ASP B 70 -52.66 -25.07 42.78
N TYR B 71 -52.43 -24.19 41.79
CA TYR B 71 -53.22 -24.24 40.57
C TYR B 71 -52.97 -25.55 39.88
N GLU B 72 -51.70 -25.90 39.75
CA GLU B 72 -51.33 -27.15 39.11
C GLU B 72 -51.97 -28.34 39.85
N GLY B 73 -51.75 -28.43 41.15
CA GLY B 73 -52.21 -29.57 41.93
C GLY B 73 -53.70 -29.83 42.04
N LYS B 74 -54.52 -28.82 41.79
CA LYS B 74 -55.96 -28.91 42.04
C LYS B 74 -56.87 -28.44 40.90
N GLY B 75 -56.28 -27.83 39.87
CA GLY B 75 -57.04 -27.29 38.76
C GLY B 75 -57.93 -26.10 39.11
N ASP B 76 -57.39 -25.16 39.88
CA ASP B 76 -58.16 -24.02 40.40
C ASP B 76 -58.45 -22.92 39.39
N THR B 77 -59.72 -22.70 39.07
CA THR B 77 -60.09 -21.51 38.30
C THR B 77 -59.66 -20.28 39.11
N THR B 78 -59.66 -20.45 40.43
CA THR B 78 -59.51 -19.36 41.40
C THR B 78 -58.08 -18.94 41.71
N LYS B 79 -57.13 -19.87 41.59
CA LYS B 79 -55.73 -19.59 41.92
C LYS B 79 -55.10 -18.54 41.01
N LEU B 80 -55.40 -18.63 39.72
CA LEU B 80 -54.87 -17.73 38.73
C LEU B 80 -55.28 -16.27 38.99
N GLY B 81 -56.49 -16.07 39.53
CA GLY B 81 -56.93 -14.75 39.89
C GLY B 81 -56.02 -14.13 40.94
N GLU B 82 -55.73 -14.90 41.98
CA GLU B 82 -54.87 -14.48 43.08
C GLU B 82 -53.46 -14.11 42.59
N LEU B 83 -52.99 -14.86 41.60
CA LEU B 83 -51.63 -14.71 41.08
C LEU B 83 -51.48 -13.36 40.39
N GLY B 84 -52.43 -13.03 39.52
CA GLY B 84 -52.42 -11.78 38.79
C GLY B 84 -52.60 -10.58 39.69
N ALA B 85 -53.27 -10.80 40.82
CA ALA B 85 -53.38 -9.77 41.85
C ALA B 85 -51.98 -9.28 42.22
N LYS B 86 -51.08 -10.23 42.49
CA LYS B 86 -49.71 -9.89 42.83
C LYS B 86 -48.96 -9.24 41.68
N LEU B 87 -49.00 -9.87 40.51
CA LEU B 87 -48.12 -9.52 39.41
C LEU B 87 -48.37 -8.12 38.87
N THR B 88 -49.62 -7.67 39.01
CA THR B 88 -50.00 -6.31 38.62
C THR B 88 -49.84 -5.35 39.78
N GLY B 89 -49.24 -4.21 39.51
CA GLY B 89 -49.03 -3.21 40.52
C GLY B 89 -47.56 -3.12 40.86
N LEU B 90 -46.81 -4.15 40.47
CA LEU B 90 -45.37 -4.17 40.68
C LEU B 90 -44.71 -2.95 40.05
N ALA B 91 -43.62 -2.48 40.66
CA ALA B 91 -42.86 -1.39 40.05
C ALA B 91 -42.33 -1.85 38.71
N PRO B 92 -42.25 -0.94 37.74
CA PRO B 92 -41.74 -1.28 36.40
C PRO B 92 -40.40 -2.03 36.45
N ALA B 93 -39.51 -1.65 37.37
CA ALA B 93 -38.26 -2.37 37.54
C ALA B 93 -38.47 -3.79 38.12
N ASP B 94 -39.25 -3.88 39.19
CA ASP B 94 -39.53 -5.15 39.83
C ASP B 94 -40.26 -6.10 38.90
N ALA B 95 -41.12 -5.54 38.07
CA ALA B 95 -41.91 -6.34 37.14
C ALA B 95 -40.99 -7.06 36.19
N ILE B 96 -40.01 -6.34 35.65
CA ILE B 96 -39.03 -6.94 34.77
C ILE B 96 -38.18 -7.98 35.48
N LEU B 97 -37.75 -7.67 36.71
CA LEU B 97 -36.97 -8.62 37.49
C LEU B 97 -37.74 -9.92 37.73
N VAL B 98 -39.03 -9.82 38.04
CA VAL B 98 -39.85 -11.03 38.25
C VAL B 98 -39.87 -11.91 37.00
N ALA B 99 -40.26 -11.34 35.87
CA ALA B 99 -40.29 -12.08 34.62
C ALA B 99 -38.91 -12.64 34.25
N SER B 100 -37.89 -11.78 34.35
CA SER B 100 -36.50 -12.18 34.10
C SER B 100 -36.08 -13.33 35.00
N SER B 101 -36.39 -13.23 36.29
CA SER B 101 -36.09 -14.31 37.21
C SER B 101 -36.74 -15.60 36.77
N ILE B 102 -38.05 -15.56 36.56
CA ILE B 102 -38.79 -16.75 36.14
C ILE B 102 -38.19 -17.32 34.88
N LEU B 103 -37.75 -16.44 33.99
CA LEU B 103 -37.11 -16.85 32.74
C LEU B 103 -35.86 -17.69 33.00
N HIS B 104 -34.95 -17.18 33.83
CA HIS B 104 -33.69 -17.88 34.10
C HIS B 104 -33.88 -19.18 34.88
N MET B 105 -34.78 -19.17 35.86
CA MET B 105 -35.09 -20.38 36.62
C MET B 105 -35.65 -21.44 35.67
N LEU B 106 -36.44 -20.98 34.72
CA LEU B 106 -37.00 -21.87 33.72
C LEU B 106 -35.90 -22.33 32.77
N ASN B 107 -35.01 -21.42 32.41
CA ASN B 107 -33.90 -21.79 31.54
C ASN B 107 -32.95 -22.78 32.22
N LEU B 108 -32.70 -22.55 33.51
CA LEU B 108 -31.82 -23.42 34.28
C LEU B 108 -32.45 -24.80 34.48
N ALA B 109 -33.78 -24.83 34.48
CA ALA B 109 -34.49 -26.09 34.57
C ALA B 109 -34.17 -26.90 33.32
N ASN B 110 -34.22 -26.24 32.17
CA ASN B 110 -33.89 -26.85 30.88
C ASN B 110 -32.46 -27.37 30.78
N LEU B 111 -31.51 -26.60 31.28
CA LEU B 111 -30.11 -27.00 31.21
C LEU B 111 -29.88 -28.25 32.06
N ALA B 112 -30.27 -28.17 33.33
CA ALA B 112 -30.13 -29.29 34.26
C ALA B 112 -30.78 -30.55 33.70
N GLU B 113 -31.87 -30.38 32.96
CA GLU B 113 -32.49 -31.51 32.30
C GLU B 113 -31.59 -32.09 31.22
N GLU B 114 -31.11 -31.23 30.33
CA GLU B 114 -30.27 -31.69 29.23
C GLU B 114 -29.07 -32.48 29.74
N VAL B 115 -28.50 -32.04 30.86
CA VAL B 115 -27.39 -32.74 31.49
C VAL B 115 -27.81 -34.12 32.00
N GLN B 116 -28.98 -34.19 32.63
CA GLN B 116 -29.48 -35.48 33.13
C GLN B 116 -30.00 -36.38 32.01
N ILE B 117 -30.27 -35.81 30.84
CA ILE B 117 -30.59 -36.64 29.67
C ILE B 117 -29.30 -37.24 29.12
N ALA B 118 -28.25 -36.44 29.08
CA ALA B 118 -26.98 -36.91 28.54
C ALA B 118 -26.35 -37.91 29.49
N HIS B 119 -26.60 -37.72 30.78
CA HIS B 119 -26.13 -38.65 31.80
C HIS B 119 -26.82 -39.99 31.60
N ARG B 120 -28.15 -39.97 31.56
CA ARG B 120 -28.94 -41.19 31.38
C ARG B 120 -28.53 -41.93 30.12
N ARG B 121 -28.35 -41.20 29.02
CA ARG B 121 -27.97 -41.80 27.75
C ARG B 121 -26.60 -42.45 27.80
N ARG B 122 -25.65 -41.79 28.47
CA ARG B 122 -24.31 -42.37 28.64
C ARG B 122 -24.41 -43.67 29.43
N ASN B 123 -25.16 -43.62 30.54
CA ASN B 123 -25.38 -44.78 31.40
C ASN B 123 -26.10 -45.95 30.73
N SER B 124 -26.51 -45.76 29.47
CA SER B 124 -26.93 -46.88 28.64
C SER B 124 -25.70 -47.44 27.95
N LYS B 125 -24.62 -47.64 28.72
CA LYS B 125 -23.37 -48.21 28.21
C LYS B 125 -22.43 -48.59 29.36
N SER B 141 -32.19 -45.80 18.69
CA SER B 141 -30.94 -46.54 18.85
C SER B 141 -29.79 -46.01 17.98
N ASP B 142 -28.56 -46.22 18.45
CA ASP B 142 -27.38 -45.64 17.80
C ASP B 142 -27.03 -46.32 16.48
N ILE B 143 -25.85 -46.02 15.95
CA ILE B 143 -25.46 -46.50 14.62
C ILE B 143 -24.93 -47.93 14.63
N GLU B 144 -24.18 -48.32 15.66
CA GLU B 144 -23.67 -49.68 15.69
C GLU B 144 -24.78 -50.70 15.95
N GLU B 145 -25.70 -50.35 16.85
CA GLU B 145 -26.81 -51.22 17.16
C GLU B 145 -27.66 -51.48 15.93
N THR B 146 -27.80 -50.45 15.10
CA THR B 146 -28.59 -50.52 13.88
C THR B 146 -27.90 -51.38 12.80
N LEU B 147 -26.57 -51.36 12.76
CA LEU B 147 -25.86 -52.27 11.86
C LEU B 147 -26.03 -53.70 12.35
N LYS B 148 -25.80 -53.92 13.64
CA LYS B 148 -25.90 -55.27 14.21
C LYS B 148 -27.29 -55.87 14.13
N ARG B 149 -28.31 -55.02 14.01
CA ARG B 149 -29.68 -55.51 13.89
C ARG B 149 -30.01 -55.82 12.42
N LEU B 150 -29.50 -55.01 11.51
CA LEU B 150 -29.72 -55.23 10.09
C LEU B 150 -29.12 -56.55 9.65
N VAL B 151 -28.07 -56.97 10.34
CA VAL B 151 -27.37 -58.22 10.04
C VAL B 151 -28.06 -59.39 10.73
N SER B 152 -28.29 -59.26 12.03
CA SER B 152 -28.92 -60.30 12.85
C SER B 152 -30.38 -60.51 12.54
N GLU B 153 -31.19 -59.52 12.88
CA GLU B 153 -32.63 -59.66 12.86
C GLU B 153 -33.22 -59.54 11.45
N VAL B 154 -32.92 -58.46 10.76
CA VAL B 154 -33.37 -58.27 9.38
C VAL B 154 -32.75 -59.33 8.49
N GLY B 155 -31.57 -59.80 8.88
CA GLY B 155 -30.85 -60.79 8.11
C GLY B 155 -30.25 -60.28 6.81
N LYS B 156 -29.63 -59.11 6.85
CA LYS B 156 -28.91 -58.61 5.67
C LYS B 156 -27.40 -58.86 5.82
N SER B 157 -26.75 -59.16 4.70
CA SER B 157 -25.31 -59.38 4.73
C SER B 157 -24.60 -58.09 5.04
N PRO B 158 -23.47 -58.17 5.76
CA PRO B 158 -22.62 -57.00 5.99
C PRO B 158 -22.33 -56.24 4.69
N GLU B 159 -21.94 -56.96 3.65
CA GLU B 159 -21.63 -56.36 2.36
C GLU B 159 -22.82 -55.59 1.78
N GLU B 160 -24.03 -55.97 2.15
CA GLU B 160 -25.24 -55.27 1.70
C GLU B 160 -25.41 -53.98 2.48
N VAL B 161 -25.28 -54.10 3.80
CA VAL B 161 -25.41 -52.94 4.67
C VAL B 161 -24.34 -51.92 4.27
N PHE B 162 -23.09 -52.36 4.23
CA PHE B 162 -21.97 -51.52 3.83
C PHE B 162 -22.19 -50.86 2.46
N GLU B 163 -22.94 -51.54 1.60
CA GLU B 163 -23.25 -51.01 0.28
C GLU B 163 -24.27 -49.89 0.38
N ALA B 164 -25.23 -50.08 1.26
CA ALA B 164 -26.28 -49.08 1.46
C ALA B 164 -25.71 -47.79 2.04
N LEU B 165 -24.75 -47.95 2.95
CA LEU B 165 -24.09 -46.79 3.57
C LEU B 165 -23.38 -45.94 2.53
N LYS B 166 -22.56 -46.57 1.70
CA LYS B 166 -21.85 -45.86 0.65
C LYS B 166 -22.80 -45.02 -0.23
N ASN B 167 -23.99 -45.57 -0.50
CA ASN B 167 -25.01 -44.87 -1.30
C ASN B 167 -25.98 -44.02 -0.49
N GLN B 168 -25.69 -43.82 0.78
CA GLN B 168 -26.54 -42.96 1.59
C GLN B 168 -25.98 -41.54 1.70
N THR B 169 -26.85 -40.55 1.55
CA THR B 169 -26.50 -39.15 1.80
C THR B 169 -27.66 -38.42 2.48
N VAL B 170 -27.41 -37.94 3.71
CA VAL B 170 -28.40 -37.17 4.47
C VAL B 170 -27.97 -35.71 4.49
N ASP B 171 -28.82 -34.82 3.97
CA ASP B 171 -28.46 -33.41 3.80
C ASP B 171 -29.24 -32.56 4.79
N LEU B 172 -28.56 -32.07 5.82
CA LEU B 172 -29.20 -31.23 6.83
C LEU B 172 -29.09 -29.76 6.44
N VAL B 173 -30.22 -29.08 6.36
CA VAL B 173 -30.25 -27.72 5.84
C VAL B 173 -30.57 -26.69 6.92
N PHE B 174 -29.54 -26.10 7.50
CA PHE B 174 -29.72 -25.02 8.46
C PHE B 174 -30.46 -23.88 7.79
N THR B 175 -31.53 -23.41 8.43
CA THR B 175 -32.26 -22.24 7.96
C THR B 175 -32.33 -21.21 9.05
N ALA B 176 -32.62 -19.97 8.68
CA ALA B 176 -32.74 -18.88 9.63
C ALA B 176 -34.19 -18.49 9.90
N HIS B 177 -35.08 -19.48 9.95
CA HIS B 177 -36.45 -19.22 10.37
C HIS B 177 -36.42 -18.57 11.74
N PRO B 178 -37.23 -17.53 11.93
CA PRO B 178 -37.14 -16.65 13.12
C PRO B 178 -37.56 -17.30 14.44
N THR B 179 -36.89 -18.38 14.85
CA THR B 179 -37.31 -19.10 16.05
C THR B 179 -36.32 -19.09 17.22
N GLN B 180 -35.21 -18.36 17.09
CA GLN B 180 -34.22 -18.30 18.18
C GLN B 180 -34.22 -16.94 18.88
N SER B 181 -35.01 -16.83 19.95
CA SER B 181 -35.07 -15.60 20.72
C SER B 181 -33.74 -15.26 21.39
N ALA B 182 -33.01 -16.29 21.83
CA ALA B 182 -31.79 -16.15 22.63
C ALA B 182 -30.60 -15.40 21.98
N ARG B 183 -30.12 -14.37 22.66
CA ARG B 183 -28.87 -13.71 22.28
C ARG B 183 -27.77 -14.77 22.35
N ARG B 184 -26.87 -14.77 21.39
CA ARG B 184 -25.83 -15.81 21.36
C ARG B 184 -24.97 -15.71 22.60
N SER B 185 -24.80 -14.50 23.11
CA SER B 185 -24.02 -14.26 24.33
C SER B 185 -24.59 -15.01 25.54
N LEU B 186 -25.89 -15.30 25.49
CA LEU B 186 -26.56 -16.06 26.55
C LEU B 186 -26.52 -17.55 26.28
N LEU B 187 -26.60 -17.92 25.00
CA LEU B 187 -26.46 -19.31 24.59
C LEU B 187 -25.10 -19.79 25.04
N GLN B 188 -24.10 -18.93 24.90
CA GLN B 188 -22.72 -19.23 25.26
C GLN B 188 -22.59 -19.59 26.75
N LYS B 189 -23.24 -18.79 27.59
CA LYS B 189 -23.18 -18.95 29.03
C LYS B 189 -23.89 -20.22 29.45
N ASN B 190 -24.82 -20.69 28.63
CA ASN B 190 -25.48 -21.96 28.88
C ASN B 190 -24.49 -23.10 28.81
N ALA B 191 -23.62 -23.04 27.81
CA ALA B 191 -22.64 -24.10 27.58
C ALA B 191 -21.73 -24.29 28.78
N ARG B 192 -21.35 -23.18 29.40
CA ARG B 192 -20.45 -23.22 30.55
C ARG B 192 -21.17 -23.69 31.80
N ILE B 193 -22.45 -23.33 31.91
CA ILE B 193 -23.31 -23.80 32.99
C ILE B 193 -23.52 -25.30 32.91
N ARG B 194 -23.81 -25.80 31.69
CA ARG B 194 -23.92 -27.25 31.48
C ARG B 194 -22.61 -27.95 31.80
N ASN B 195 -21.51 -27.39 31.29
CA ASN B 195 -20.20 -27.95 31.56
C ASN B 195 -19.79 -27.93 33.04
N CYS B 196 -20.10 -26.85 33.74
CA CYS B 196 -19.83 -26.80 35.18
C CYS B 196 -20.69 -27.79 35.94
N LEU B 197 -21.88 -28.05 35.42
CA LEU B 197 -22.82 -28.94 36.08
C LEU B 197 -22.41 -30.38 35.83
N THR B 198 -21.89 -30.63 34.63
CA THR B 198 -21.44 -31.95 34.26
C THR B 198 -20.24 -32.40 35.12
N GLN B 199 -19.20 -31.58 35.20
CA GLN B 199 -18.01 -31.95 35.95
C GLN B 199 -18.34 -32.10 37.42
N LEU B 200 -19.17 -31.18 37.91
CA LEU B 200 -19.58 -31.13 39.30
C LEU B 200 -20.15 -32.47 39.77
N ASN B 201 -20.81 -33.18 38.86
CA ASN B 201 -21.40 -34.46 39.21
C ASN B 201 -20.71 -35.66 38.54
N ALA B 202 -19.38 -35.68 38.62
CA ALA B 202 -18.59 -36.81 38.14
C ALA B 202 -17.84 -37.46 39.30
N LYS B 203 -17.17 -38.58 39.01
CA LYS B 203 -16.36 -39.30 40.00
C LYS B 203 -14.91 -38.85 39.86
N ASP B 204 -14.05 -39.25 40.81
CA ASP B 204 -12.64 -38.85 40.78
C ASP B 204 -12.49 -37.33 40.75
N ILE B 205 -13.29 -36.66 41.57
CA ILE B 205 -13.26 -35.20 41.68
C ILE B 205 -12.83 -34.78 43.09
N THR B 206 -11.79 -33.97 43.20
CA THR B 206 -11.26 -33.56 44.50
C THR B 206 -12.20 -32.58 45.23
N ASP B 207 -11.96 -32.35 46.52
CA ASP B 207 -12.79 -31.41 47.27
C ASP B 207 -12.57 -29.99 46.80
N ASP B 208 -11.39 -29.70 46.28
CA ASP B 208 -11.05 -28.35 45.81
C ASP B 208 -11.54 -28.13 44.38
N ASP B 209 -11.38 -29.14 43.54
CA ASP B 209 -11.89 -29.07 42.17
C ASP B 209 -13.40 -28.88 42.20
N LYS B 210 -14.05 -29.54 43.16
CA LYS B 210 -15.49 -29.42 43.26
C LYS B 210 -15.86 -28.04 43.77
N GLN B 211 -15.04 -27.52 44.67
CA GLN B 211 -15.33 -26.25 45.33
C GLN B 211 -15.18 -25.04 44.41
N GLU B 212 -14.32 -25.17 43.40
CA GLU B 212 -14.05 -24.09 42.45
C GLU B 212 -14.95 -24.20 41.21
N LEU B 213 -15.44 -25.41 40.95
CA LEU B 213 -16.41 -25.63 39.89
C LEU B 213 -17.71 -25.04 40.34
N ASP B 214 -17.96 -25.12 41.64
CA ASP B 214 -19.17 -24.57 42.20
C ASP B 214 -19.07 -23.05 42.16
N GLU B 215 -17.93 -22.49 42.53
CA GLU B 215 -17.73 -21.05 42.43
C GLU B 215 -17.91 -20.57 40.97
N ALA B 216 -17.54 -21.41 40.02
CA ALA B 216 -17.65 -21.09 38.61
C ALA B 216 -19.09 -21.13 38.15
N LEU B 217 -19.80 -22.18 38.56
CA LEU B 217 -21.22 -22.33 38.27
C LEU B 217 -22.00 -21.17 38.86
N GLN B 218 -21.64 -20.75 40.06
CA GLN B 218 -22.27 -19.57 40.66
C GLN B 218 -22.13 -18.38 39.74
N ARG B 219 -20.88 -18.05 39.39
CA ARG B 219 -20.60 -16.81 38.71
C ARG B 219 -21.06 -16.82 37.26
N GLU B 220 -21.23 -18.01 36.70
CA GLU B 220 -21.70 -18.10 35.32
C GLU B 220 -23.21 -17.85 35.27
N ILE B 221 -23.91 -18.32 36.29
CA ILE B 221 -25.35 -18.08 36.41
C ILE B 221 -25.62 -16.60 36.58
N GLN B 222 -24.90 -15.97 37.51
CA GLN B 222 -25.02 -14.53 37.74
C GLN B 222 -24.68 -13.70 36.49
N ALA B 223 -23.76 -14.20 35.68
CA ALA B 223 -23.47 -13.56 34.40
C ALA B 223 -24.74 -13.44 33.56
N ALA B 224 -25.36 -14.57 33.23
CA ALA B 224 -26.56 -14.55 32.42
C ALA B 224 -27.69 -13.76 33.05
N PHE B 225 -27.77 -13.74 34.37
CA PHE B 225 -28.83 -13.01 35.05
C PHE B 225 -28.65 -11.51 34.91
N ARG B 226 -27.40 -11.08 34.83
CA ARG B 226 -27.08 -9.65 34.76
C ARG B 226 -26.65 -9.20 33.37
N THR B 227 -27.18 -9.89 32.37
CA THR B 227 -27.11 -9.51 30.97
C THR B 227 -28.54 -9.18 30.52
N ASP B 228 -28.69 -8.21 29.64
CA ASP B 228 -30.01 -7.92 29.07
C ASP B 228 -30.41 -9.01 28.06
N GLU B 229 -31.39 -9.82 28.45
CA GLU B 229 -31.84 -10.95 27.63
C GLU B 229 -32.51 -10.54 26.32
N ILE B 230 -32.95 -9.28 26.24
CA ILE B 230 -33.69 -8.80 25.07
C ILE B 230 -32.83 -8.27 23.92
N ARG B 231 -32.91 -8.90 22.74
CA ARG B 231 -32.25 -8.37 21.55
C ARG B 231 -32.91 -7.04 21.27
N ARG B 232 -32.10 -6.01 21.07
CA ARG B 232 -32.64 -4.65 20.99
C ARG B 232 -32.85 -4.16 19.56
N ALA B 233 -32.35 -4.96 18.61
CA ALA B 233 -32.50 -4.67 17.18
C ALA B 233 -32.47 -5.95 16.35
N GLN B 234 -33.25 -5.94 15.28
CA GLN B 234 -33.30 -7.07 14.35
C GLN B 234 -31.98 -7.28 13.62
N PRO B 235 -31.55 -8.54 13.51
CA PRO B 235 -30.35 -8.98 12.79
C PRO B 235 -30.44 -8.79 11.27
N THR B 236 -29.31 -8.52 10.63
CA THR B 236 -29.28 -8.50 9.17
C THR B 236 -29.25 -9.96 8.75
N PRO B 237 -29.62 -10.27 7.49
CA PRO B 237 -29.48 -11.66 7.01
C PRO B 237 -28.05 -12.17 7.16
N GLN B 238 -27.08 -11.28 6.96
CA GLN B 238 -25.69 -11.66 7.11
C GLN B 238 -25.38 -12.00 8.55
N ASP B 239 -26.03 -11.30 9.49
CA ASP B 239 -25.90 -11.66 10.91
C ASP B 239 -26.47 -13.03 11.16
N GLU B 240 -27.67 -13.25 10.66
CA GLU B 240 -28.33 -14.52 10.79
C GLU B 240 -27.39 -15.61 10.28
N MET B 241 -26.79 -15.34 9.13
CA MET B 241 -25.90 -16.32 8.52
C MET B 241 -24.70 -16.66 9.42
N ARG B 242 -23.98 -15.64 9.89
CA ARG B 242 -22.86 -15.88 10.80
C ARG B 242 -23.29 -16.56 12.09
N TYR B 243 -24.44 -16.18 12.61
CA TYR B 243 -24.99 -16.77 13.83
C TYR B 243 -25.10 -18.28 13.65
N GLY B 244 -25.53 -18.69 12.47
CA GLY B 244 -25.77 -20.09 12.20
C GLY B 244 -24.51 -20.83 11.83
N MET B 245 -23.53 -20.11 11.31
CA MET B 245 -22.25 -20.71 10.95
C MET B 245 -21.37 -20.95 12.16
N SER B 246 -21.69 -20.30 13.28
CA SER B 246 -20.94 -20.54 14.49
C SER B 246 -21.06 -22.02 14.86
N TYR B 247 -22.21 -22.61 14.58
CA TYR B 247 -22.44 -24.03 14.84
C TYR B 247 -21.59 -24.94 13.96
N ILE B 248 -21.49 -24.61 12.67
CA ILE B 248 -20.63 -25.35 11.75
C ILE B 248 -19.20 -25.30 12.26
N HIS B 249 -18.79 -24.14 12.74
CA HIS B 249 -17.43 -23.96 13.26
C HIS B 249 -17.21 -24.78 14.52
N GLU B 250 -18.09 -24.62 15.50
CA GLU B 250 -17.81 -25.08 16.85
C GLU B 250 -18.11 -26.54 17.16
N THR B 251 -19.04 -27.16 16.45
CA THR B 251 -19.33 -28.57 16.74
C THR B 251 -19.41 -29.46 15.52
N VAL B 252 -19.89 -28.92 14.40
CA VAL B 252 -20.13 -29.70 13.19
C VAL B 252 -18.87 -30.01 12.41
N TRP B 253 -17.96 -29.05 12.35
CA TRP B 253 -16.69 -29.20 11.64
C TRP B 253 -15.90 -30.38 12.17
N LYS B 254 -15.69 -30.39 13.48
CA LYS B 254 -14.93 -31.46 14.10
C LYS B 254 -15.82 -32.65 14.39
N GLY B 255 -17.13 -32.45 14.38
CA GLY B 255 -18.07 -33.48 14.80
C GLY B 255 -18.42 -34.49 13.73
N VAL B 256 -18.10 -34.12 12.49
CA VAL B 256 -18.30 -34.97 11.32
C VAL B 256 -17.26 -36.09 11.19
N PRO B 257 -15.96 -35.77 11.37
CA PRO B 257 -15.00 -36.87 11.25
C PRO B 257 -15.12 -37.87 12.41
N LYS B 258 -15.54 -37.37 13.57
CA LYS B 258 -15.73 -38.25 14.71
C LYS B 258 -16.89 -39.21 14.46
N PHE B 259 -17.98 -38.71 13.89
CA PHE B 259 -19.11 -39.58 13.62
C PHE B 259 -18.81 -40.62 12.54
N LEU B 260 -18.09 -40.21 11.50
CA LEU B 260 -17.68 -41.13 10.45
C LEU B 260 -16.76 -42.19 11.01
N ARG B 261 -15.90 -41.80 11.94
CA ARG B 261 -14.94 -42.76 12.46
C ARG B 261 -15.61 -43.82 13.31
N ARG B 262 -16.77 -43.49 13.88
CA ARG B 262 -17.55 -44.48 14.61
C ARG B 262 -18.21 -45.46 13.63
N VAL B 263 -18.68 -44.95 12.50
CA VAL B 263 -19.22 -45.77 11.42
C VAL B 263 -18.16 -46.76 10.92
N ASP B 264 -16.91 -46.31 10.92
CA ASP B 264 -15.78 -47.17 10.60
C ASP B 264 -15.69 -48.30 11.60
N THR B 265 -15.82 -47.94 12.88
CA THR B 265 -15.80 -48.94 13.94
C THR B 265 -17.08 -49.79 13.91
N ALA B 266 -18.23 -49.15 13.74
CA ALA B 266 -19.49 -49.87 13.69
C ALA B 266 -19.45 -50.93 12.59
N LEU B 267 -18.86 -50.56 11.45
CA LEU B 267 -18.71 -51.46 10.30
C LEU B 267 -17.78 -52.63 10.56
N LYS B 268 -16.67 -52.38 11.25
CA LYS B 268 -15.71 -53.44 11.52
C LYS B 268 -16.36 -54.44 12.47
N ASN B 269 -17.27 -53.94 13.30
CA ASN B 269 -17.97 -54.81 14.23
C ASN B 269 -19.02 -55.73 13.59
N ILE B 270 -19.27 -55.56 12.29
CA ILE B 270 -20.06 -56.56 11.57
C ILE B 270 -19.23 -57.24 10.49
N GLY B 271 -17.91 -57.21 10.64
CA GLY B 271 -17.02 -57.96 9.78
C GLY B 271 -16.57 -57.30 8.49
N ILE B 272 -16.95 -56.05 8.26
CA ILE B 272 -16.47 -55.28 7.13
C ILE B 272 -15.05 -54.79 7.43
N ASN B 273 -14.05 -55.29 6.71
CA ASN B 273 -12.66 -54.98 7.03
C ASN B 273 -12.06 -53.78 6.31
N GLU B 274 -12.88 -52.76 6.08
CA GLU B 274 -12.39 -51.50 5.53
C GLU B 274 -13.23 -50.36 6.08
N ARG B 275 -12.65 -49.17 6.11
CA ARG B 275 -13.37 -48.00 6.60
C ARG B 275 -14.29 -47.52 5.50
N LEU B 276 -15.31 -46.76 5.88
CA LEU B 276 -16.16 -46.11 4.89
C LEU B 276 -15.32 -45.10 4.11
N PRO B 277 -15.13 -45.34 2.80
CA PRO B 277 -14.29 -44.54 1.90
C PRO B 277 -14.53 -43.03 2.07
N TYR B 278 -13.46 -42.26 2.01
CA TYR B 278 -13.55 -40.84 2.37
C TYR B 278 -14.32 -39.99 1.34
N ASN B 279 -14.48 -40.51 0.12
CA ASN B 279 -15.28 -39.81 -0.89
C ASN B 279 -16.79 -39.95 -0.68
N VAL B 280 -17.16 -40.68 0.37
CA VAL B 280 -18.58 -40.82 0.70
C VAL B 280 -19.06 -39.60 1.48
N SER B 281 -20.18 -39.05 1.03
CA SER B 281 -20.83 -37.96 1.72
C SER B 281 -21.98 -38.56 2.46
N LEU B 282 -21.69 -39.24 3.57
CA LEU B 282 -22.70 -39.92 4.37
C LEU B 282 -23.63 -38.89 5.03
N ILE B 283 -23.11 -37.69 5.21
CA ILE B 283 -23.86 -36.59 5.79
C ILE B 283 -23.32 -35.28 5.21
N ARG B 284 -24.22 -34.39 4.79
CA ARG B 284 -23.84 -33.10 4.21
C ARG B 284 -24.59 -31.98 4.90
N PHE B 285 -24.10 -30.75 4.72
CA PHE B 285 -24.75 -29.57 5.27
C PHE B 285 -25.03 -28.54 4.19
N SER B 286 -26.18 -27.89 4.30
CA SER B 286 -26.59 -26.88 3.34
C SER B 286 -27.29 -25.77 4.09
N SER B 287 -27.36 -24.58 3.49
CA SER B 287 -27.90 -23.43 4.19
C SER B 287 -29.01 -22.72 3.41
N TRP B 288 -29.86 -22.01 4.12
CA TRP B 288 -30.90 -21.18 3.51
C TRP B 288 -30.61 -19.76 3.92
N MET B 289 -29.53 -19.59 4.68
CA MET B 289 -29.33 -18.37 5.45
C MET B 289 -29.18 -17.06 4.67
N GLY B 290 -28.83 -17.13 3.39
CA GLY B 290 -28.85 -15.93 2.57
C GLY B 290 -29.62 -16.15 1.28
N GLY B 291 -30.43 -17.20 1.24
CA GLY B 291 -31.06 -17.65 0.02
C GLY B 291 -32.56 -17.67 0.02
N ASP B 292 -33.16 -18.00 1.16
CA ASP B 292 -34.61 -17.94 1.29
C ASP B 292 -35.05 -16.48 1.39
N ARG B 293 -35.83 -16.04 0.41
CA ARG B 293 -36.29 -14.66 0.30
C ARG B 293 -37.80 -14.64 0.32
N ASP B 294 -38.38 -15.82 0.45
CA ASP B 294 -39.83 -15.98 0.47
C ASP B 294 -40.41 -15.06 1.54
N GLY B 295 -41.04 -13.98 1.09
CA GLY B 295 -41.67 -13.04 1.99
C GLY B 295 -40.67 -12.31 2.86
N ASN B 296 -39.43 -12.17 2.37
CA ASN B 296 -38.41 -11.42 3.08
C ASN B 296 -37.62 -10.52 2.15
N PRO B 297 -38.15 -9.31 1.86
CA PRO B 297 -37.53 -8.40 0.89
C PRO B 297 -36.09 -8.02 1.22
N ARG B 298 -35.69 -8.25 2.48
CA ARG B 298 -34.39 -7.83 2.99
C ARG B 298 -33.26 -8.76 2.59
N VAL B 299 -33.60 -9.94 2.08
CA VAL B 299 -32.58 -10.78 1.47
C VAL B 299 -32.41 -10.35 0.02
N THR B 300 -31.42 -9.51 -0.21
CA THR B 300 -31.22 -8.88 -1.50
C THR B 300 -30.20 -9.65 -2.31
N PRO B 301 -30.12 -9.39 -3.62
CA PRO B 301 -29.07 -10.01 -4.41
C PRO B 301 -27.69 -9.82 -3.81
N GLU B 302 -27.39 -8.63 -3.30
CA GLU B 302 -26.08 -8.40 -2.69
C GLU B 302 -25.86 -9.30 -1.46
N VAL B 303 -26.88 -9.43 -0.62
CA VAL B 303 -26.85 -10.35 0.52
C VAL B 303 -26.44 -11.79 0.14
N THR B 304 -27.09 -12.31 -0.89
CA THR B 304 -26.81 -13.64 -1.42
C THR B 304 -25.33 -13.77 -1.80
N ARG B 305 -24.78 -12.68 -2.31
CA ARG B 305 -23.39 -12.65 -2.72
C ARG B 305 -22.45 -12.63 -1.51
N ASP B 306 -22.83 -11.87 -0.48
CA ASP B 306 -22.03 -11.75 0.75
C ASP B 306 -21.89 -13.08 1.43
N VAL B 307 -23.01 -13.76 1.53
CA VAL B 307 -23.10 -15.05 2.20
C VAL B 307 -22.24 -16.09 1.49
N CYS B 308 -22.28 -16.11 0.16
CA CYS B 308 -21.49 -17.07 -0.63
C CYS B 308 -19.97 -16.91 -0.44
N LEU B 309 -19.56 -15.65 -0.23
CA LEU B 309 -18.16 -15.29 -0.09
C LEU B 309 -17.72 -15.38 1.35
N LEU B 310 -18.61 -14.98 2.27
CA LEU B 310 -18.34 -15.15 3.69
C LEU B 310 -18.04 -16.60 3.98
N ALA B 311 -18.86 -17.48 3.41
CA ALA B 311 -18.71 -18.91 3.59
C ALA B 311 -17.34 -19.41 3.13
N ARG B 312 -16.95 -19.04 1.91
CA ARG B 312 -15.68 -19.45 1.34
C ARG B 312 -14.52 -18.92 2.17
N MET B 313 -14.74 -17.79 2.84
CA MET B 313 -13.75 -17.20 3.71
C MET B 313 -13.66 -17.99 5.01
N MET B 314 -14.80 -18.41 5.53
CA MET B 314 -14.82 -19.18 6.76
C MET B 314 -14.18 -20.53 6.51
N ALA B 315 -14.51 -21.11 5.35
CA ALA B 315 -14.04 -22.45 4.97
C ALA B 315 -12.54 -22.48 4.78
N ALA B 316 -12.03 -21.51 4.03
CA ALA B 316 -10.59 -21.39 3.81
C ALA B 316 -9.88 -21.33 5.15
N ASN B 317 -10.40 -20.51 6.05
CA ASN B 317 -9.79 -20.34 7.37
C ASN B 317 -9.71 -21.63 8.16
N LEU B 318 -10.80 -22.39 8.17
CA LEU B 318 -10.85 -23.66 8.91
C LEU B 318 -9.83 -24.64 8.38
N TYR B 319 -9.76 -24.76 7.05
CA TYR B 319 -8.83 -25.67 6.39
C TYR B 319 -7.38 -25.32 6.67
N ILE B 320 -7.08 -24.02 6.70
CA ILE B 320 -5.72 -23.58 6.99
C ILE B 320 -5.33 -24.01 8.39
N ASP B 321 -6.27 -23.92 9.33
CA ASP B 321 -6.06 -24.40 10.69
C ASP B 321 -5.80 -25.88 10.74
N GLN B 322 -6.64 -26.65 10.06
CA GLN B 322 -6.48 -28.08 10.00
C GLN B 322 -5.19 -28.48 9.30
N ILE B 323 -4.83 -27.80 8.22
CA ILE B 323 -3.62 -28.13 7.45
C ILE B 323 -2.36 -27.85 8.26
N GLU B 324 -2.41 -26.81 9.09
CA GLU B 324 -1.25 -26.43 9.88
C GLU B 324 -1.00 -27.45 10.98
N GLU B 325 -2.05 -27.85 11.68
CA GLU B 325 -1.91 -28.93 12.62
C GLU B 325 -1.32 -30.17 11.96
N LEU B 326 -1.78 -30.48 10.74
CA LEU B 326 -1.36 -31.68 10.05
C LEU B 326 0.12 -31.64 9.65
N MET B 327 0.60 -30.46 9.26
CA MET B 327 2.01 -30.29 8.93
C MET B 327 2.88 -30.65 10.13
N PHE B 328 2.47 -30.20 11.30
CA PHE B 328 3.16 -30.53 12.53
C PHE B 328 3.26 -32.03 12.73
N GLU B 329 2.25 -32.76 12.26
CA GLU B 329 2.16 -34.20 12.52
C GLU B 329 2.87 -35.06 11.49
N LEU B 330 2.57 -34.82 10.21
CA LEU B 330 3.19 -35.56 9.11
C LEU B 330 4.64 -35.18 8.88
N SER B 331 5.49 -35.51 9.85
CA SER B 331 6.91 -35.23 9.79
C SER B 331 7.65 -36.45 9.29
N MET B 332 6.92 -37.47 8.85
CA MET B 332 7.56 -38.65 8.29
C MET B 332 8.32 -38.31 7.01
N TRP B 333 9.45 -38.99 6.78
CA TRP B 333 10.33 -38.71 5.65
C TRP B 333 10.03 -39.63 4.45
N ARG B 334 9.49 -40.81 4.73
CA ARG B 334 9.24 -41.80 3.69
C ARG B 334 8.02 -41.48 2.83
N CYS B 335 8.26 -41.13 1.57
CA CYS B 335 7.19 -40.82 0.62
C CYS B 335 7.31 -41.62 -0.69
N ASN B 336 6.22 -41.71 -1.45
CA ASN B 336 6.25 -42.40 -2.74
C ASN B 336 6.83 -41.50 -3.83
N ASP B 337 7.05 -42.04 -5.03
CA ASP B 337 7.78 -41.32 -6.07
C ASP B 337 7.08 -40.07 -6.60
N GLU B 338 5.77 -40.17 -6.82
CA GLU B 338 4.99 -39.05 -7.36
C GLU B 338 4.93 -37.86 -6.40
N LEU B 339 5.07 -38.13 -5.11
CA LEU B 339 5.19 -37.07 -4.11
C LEU B 339 6.63 -36.57 -3.98
N ARG B 340 7.61 -37.46 -4.15
CA ARG B 340 9.01 -37.07 -4.04
C ARG B 340 9.39 -36.11 -5.15
N VAL B 341 8.79 -36.29 -6.33
CA VAL B 341 9.04 -35.36 -7.41
C VAL B 341 8.39 -34.00 -7.15
N ARG B 342 7.09 -33.99 -6.88
CA ARG B 342 6.36 -32.74 -6.64
C ARG B 342 6.95 -31.96 -5.49
N ALA B 343 7.42 -32.66 -4.45
CA ALA B 343 7.98 -31.97 -3.28
C ALA B 343 9.27 -31.21 -3.61
N GLU B 344 10.13 -31.79 -4.44
CA GLU B 344 11.35 -31.09 -4.84
C GLU B 344 11.08 -29.89 -5.76
N GLU B 345 10.03 -29.94 -6.57
CA GLU B 345 9.61 -28.80 -7.38
C GLU B 345 9.35 -27.61 -6.47
N LEU B 346 8.45 -27.81 -5.52
CA LEU B 346 8.06 -26.78 -4.57
C LEU B 346 9.20 -26.38 -3.61
N HIS B 347 10.10 -27.31 -3.31
CA HIS B 347 11.22 -27.00 -2.41
C HIS B 347 12.27 -26.13 -3.12
N SER B 348 12.74 -26.60 -4.27
CA SER B 348 13.81 -25.91 -4.99
C SER B 348 13.37 -24.56 -5.54
N SER B 349 12.07 -24.41 -5.78
CA SER B 349 11.53 -23.18 -6.35
C SER B 349 11.03 -22.20 -5.29
N SER B 350 11.06 -22.63 -4.02
CA SER B 350 10.55 -21.88 -2.87
C SER B 350 9.03 -21.68 -2.86
N GLY B 351 8.31 -22.80 -3.01
CA GLY B 351 6.87 -22.80 -2.97
C GLY B 351 6.20 -22.49 -4.30
N SER B 352 7.00 -22.44 -5.37
CA SER B 352 6.53 -22.04 -6.70
C SER B 352 5.92 -20.62 -6.72
N LYS B 353 6.50 -19.72 -5.93
CA LYS B 353 6.06 -18.32 -5.82
C LYS B 353 4.53 -18.06 -5.90
N VAL B 354 3.78 -18.63 -4.96
CA VAL B 354 2.33 -18.51 -4.95
C VAL B 354 1.80 -17.41 -4.01
N THR B 355 2.36 -17.32 -2.80
CA THR B 355 1.78 -16.45 -1.78
C THR B 355 2.59 -15.24 -1.31
N LYS B 356 3.90 -15.39 -1.17
CA LYS B 356 4.77 -14.38 -0.53
C LYS B 356 4.54 -14.22 0.98
N TYR B 357 3.42 -14.73 1.48
CA TYR B 357 3.06 -14.57 2.88
C TYR B 357 3.83 -15.54 3.78
N TYR B 358 3.76 -16.83 3.45
CA TYR B 358 4.44 -17.84 4.26
C TYR B 358 5.86 -18.07 3.77
N ILE B 359 6.64 -17.00 3.62
CA ILE B 359 7.96 -17.08 3.01
C ILE B 359 9.09 -17.44 4.00
N GLU B 360 8.97 -16.99 5.24
CA GLU B 360 9.87 -17.45 6.29
C GLU B 360 9.82 -18.95 6.34
N PHE B 361 8.62 -19.49 6.24
CA PHE B 361 8.41 -20.93 6.22
C PHE B 361 9.14 -21.64 5.06
N TRP B 362 9.23 -20.99 3.91
CA TRP B 362 9.88 -21.60 2.76
C TRP B 362 11.41 -21.50 2.82
N LYS B 363 11.92 -20.95 3.93
CA LYS B 363 13.35 -20.87 4.18
C LYS B 363 13.71 -21.60 5.46
N GLN B 364 12.71 -22.02 6.21
CA GLN B 364 12.93 -22.85 7.39
C GLN B 364 12.94 -24.32 6.98
N ILE B 365 12.04 -24.69 6.07
CA ILE B 365 11.85 -26.08 5.66
C ILE B 365 13.14 -26.83 5.35
N PRO B 366 13.41 -27.91 6.12
CA PRO B 366 14.47 -28.88 5.86
C PRO B 366 14.08 -29.77 4.67
N PRO B 367 15.07 -30.32 3.97
CA PRO B 367 14.85 -31.10 2.75
C PRO B 367 13.89 -32.28 2.91
N ASN B 368 14.13 -33.12 3.91
CA ASN B 368 13.49 -34.43 4.01
C ASN B 368 12.15 -34.50 4.73
N GLU B 369 11.33 -33.46 4.58
CA GLU B 369 9.98 -33.50 5.12
C GLU B 369 8.98 -33.30 3.99
N PRO B 370 8.77 -34.35 3.18
CA PRO B 370 8.02 -34.28 1.92
C PRO B 370 6.57 -33.90 2.12
N TYR B 371 5.97 -34.37 3.22
CA TYR B 371 4.58 -34.07 3.48
C TYR B 371 4.39 -32.62 3.88
N ARG B 372 5.31 -32.11 4.70
CA ARG B 372 5.24 -30.72 5.14
C ARG B 372 5.33 -29.78 3.96
N VAL B 373 6.07 -30.18 2.93
CA VAL B 373 6.25 -29.35 1.73
C VAL B 373 5.05 -29.38 0.79
N ILE B 374 4.36 -30.50 0.67
CA ILE B 374 3.15 -30.54 -0.14
C ILE B 374 2.09 -29.68 0.51
N LEU B 375 1.87 -29.92 1.81
CA LEU B 375 0.82 -29.25 2.58
C LEU B 375 1.18 -27.80 2.77
N GLY B 376 2.46 -27.50 2.80
CA GLY B 376 2.92 -26.12 2.87
C GLY B 376 2.34 -25.35 1.71
N HIS B 377 2.42 -25.95 0.53
CA HIS B 377 1.91 -25.34 -0.70
C HIS B 377 0.39 -25.26 -0.70
N VAL B 378 -0.25 -26.32 -0.23
CA VAL B 378 -1.69 -26.35 -0.10
C VAL B 378 -2.12 -25.16 0.73
N ARG B 379 -1.39 -24.89 1.80
CA ARG B 379 -1.70 -23.76 2.69
C ARG B 379 -1.57 -22.40 1.99
N ASP B 380 -0.46 -22.19 1.28
CA ASP B 380 -0.26 -20.97 0.51
C ASP B 380 -1.43 -20.70 -0.42
N LYS B 381 -1.91 -21.74 -1.07
CA LYS B 381 -3.04 -21.61 -1.99
C LYS B 381 -4.34 -21.33 -1.24
N LEU B 382 -4.45 -21.89 -0.03
CA LEU B 382 -5.62 -21.67 0.82
C LEU B 382 -5.68 -20.23 1.31
N TYR B 383 -4.56 -19.71 1.78
CA TYR B 383 -4.47 -18.30 2.18
C TYR B 383 -4.95 -17.38 1.05
N ASN B 384 -4.52 -17.64 -0.17
CA ASN B 384 -5.04 -16.88 -1.31
C ASN B 384 -6.53 -17.05 -1.52
N THR B 385 -7.02 -18.29 -1.40
CA THR B 385 -8.44 -18.54 -1.58
C THR B 385 -9.22 -17.72 -0.58
N ARG B 386 -8.72 -17.67 0.65
CA ARG B 386 -9.31 -16.88 1.72
C ARG B 386 -9.26 -15.39 1.42
N GLU B 387 -8.06 -14.91 1.05
CA GLU B 387 -7.86 -13.48 0.86
C GLU B 387 -8.58 -12.94 -0.36
N ARG B 388 -8.62 -13.72 -1.42
CA ARG B 388 -9.30 -13.33 -2.64
C ARG B 388 -10.79 -13.17 -2.39
N ALA B 389 -11.32 -13.98 -1.48
CA ALA B 389 -12.71 -13.87 -1.08
C ALA B 389 -12.94 -12.57 -0.28
N ARG B 390 -11.95 -12.18 0.51
CA ARG B 390 -12.06 -10.91 1.22
C ARG B 390 -12.02 -9.75 0.23
N HIS B 391 -11.12 -9.82 -0.74
CA HIS B 391 -10.98 -8.72 -1.70
C HIS B 391 -12.22 -8.62 -2.57
N LEU B 392 -12.80 -9.76 -2.91
CA LEU B 392 -14.04 -9.79 -3.69
C LEU B 392 -15.22 -9.22 -2.92
N LEU B 393 -15.22 -9.40 -1.60
CA LEU B 393 -16.33 -8.98 -0.76
C LEU B 393 -16.26 -7.47 -0.52
N ALA B 394 -15.04 -6.95 -0.44
CA ALA B 394 -14.82 -5.53 -0.19
C ALA B 394 -14.80 -4.69 -1.47
N SER B 395 -14.34 -5.27 -2.56
CA SER B 395 -14.07 -4.50 -3.78
C SER B 395 -14.82 -5.01 -5.00
N GLY B 396 -14.93 -6.33 -5.11
CA GLY B 396 -15.55 -6.93 -6.28
C GLY B 396 -14.51 -7.51 -7.19
N VAL B 397 -13.25 -7.15 -6.94
CA VAL B 397 -12.12 -7.64 -7.72
C VAL B 397 -10.89 -7.86 -6.86
N SER B 398 -10.00 -8.73 -7.31
CA SER B 398 -8.78 -9.04 -6.56
C SER B 398 -7.49 -9.03 -7.39
N GLU B 399 -6.41 -8.62 -6.74
CA GLU B 399 -5.08 -8.68 -7.31
C GLU B 399 -4.56 -10.12 -7.27
N ILE B 400 -5.15 -10.92 -6.40
CA ILE B 400 -4.86 -12.35 -6.30
C ILE B 400 -5.62 -13.13 -7.39
N SER B 401 -4.89 -13.61 -8.39
CA SER B 401 -5.49 -14.36 -9.51
C SER B 401 -6.32 -15.54 -9.04
N ALA B 402 -7.07 -16.15 -9.97
CA ALA B 402 -7.78 -17.39 -9.68
C ALA B 402 -6.83 -18.57 -9.55
N GLU B 403 -5.88 -18.69 -10.49
CA GLU B 403 -4.99 -19.85 -10.50
C GLU B 403 -4.13 -19.95 -9.24
N SER B 404 -3.87 -18.82 -8.60
CA SER B 404 -3.03 -18.82 -7.40
C SER B 404 -3.82 -19.16 -6.15
N SER B 405 -5.04 -19.68 -6.35
CA SER B 405 -5.90 -20.10 -5.25
C SER B 405 -6.69 -21.33 -5.65
N PHE B 406 -7.42 -21.90 -4.70
CA PHE B 406 -8.24 -23.06 -5.00
C PHE B 406 -9.60 -22.67 -5.55
N THR B 407 -9.81 -23.06 -6.79
CA THR B 407 -10.98 -22.68 -7.54
C THR B 407 -12.03 -23.81 -7.50
N SER B 408 -11.55 -25.05 -7.47
CA SER B 408 -12.45 -26.21 -7.47
C SER B 408 -12.14 -27.23 -6.36
N ILE B 409 -13.13 -28.02 -5.98
CA ILE B 409 -12.91 -29.06 -4.96
C ILE B 409 -11.91 -30.09 -5.45
N GLU B 410 -11.88 -30.35 -6.75
CA GLU B 410 -10.92 -31.31 -7.30
C GLU B 410 -9.48 -30.79 -7.22
N GLU B 411 -9.29 -29.50 -7.51
CA GLU B 411 -7.97 -28.88 -7.40
C GLU B 411 -7.42 -29.00 -5.98
N PHE B 412 -8.32 -28.90 -5.01
CA PHE B 412 -8.00 -28.95 -3.58
C PHE B 412 -7.66 -30.37 -3.16
N LEU B 413 -8.44 -31.31 -3.66
CA LEU B 413 -8.29 -32.70 -3.30
C LEU B 413 -6.99 -33.29 -3.82
N GLU B 414 -6.56 -32.84 -4.99
CA GLU B 414 -5.41 -33.43 -5.67
C GLU B 414 -4.18 -33.70 -4.77
N PRO B 415 -3.62 -32.66 -4.10
CA PRO B 415 -2.42 -32.91 -3.30
C PRO B 415 -2.72 -33.69 -2.03
N LEU B 416 -3.92 -33.53 -1.51
CA LEU B 416 -4.32 -34.23 -0.30
C LEU B 416 -4.38 -35.74 -0.54
N GLU B 417 -5.11 -36.14 -1.57
CA GLU B 417 -5.21 -37.55 -1.92
C GLU B 417 -3.86 -38.13 -2.31
N LEU B 418 -3.00 -37.31 -2.91
CA LEU B 418 -1.60 -37.67 -3.09
C LEU B 418 -0.93 -38.05 -1.77
N CYS B 419 -0.96 -37.15 -0.78
CA CYS B 419 -0.36 -37.39 0.53
C CYS B 419 -0.82 -38.71 1.10
N TYR B 420 -2.12 -38.96 0.96
CA TYR B 420 -2.73 -40.17 1.47
C TYR B 420 -2.15 -41.39 0.75
N LYS B 421 -2.16 -41.36 -0.58
CA LYS B 421 -1.65 -42.50 -1.35
C LYS B 421 -0.16 -42.76 -1.07
N SER B 422 0.63 -41.71 -0.91
CA SER B 422 2.03 -41.84 -0.54
C SER B 422 2.22 -42.59 0.78
N LEU B 423 1.56 -42.12 1.84
CA LEU B 423 1.66 -42.76 3.15
C LEU B 423 1.30 -44.24 3.07
N CYS B 424 0.27 -44.57 2.30
CA CYS B 424 -0.14 -45.95 2.07
C CYS B 424 0.89 -46.79 1.33
N ASP B 425 1.44 -46.22 0.25
CA ASP B 425 2.42 -46.90 -0.57
C ASP B 425 3.62 -47.26 0.28
N CYS B 426 4.01 -46.36 1.17
CA CYS B 426 5.14 -46.59 2.07
C CYS B 426 4.75 -47.49 3.25
N GLY B 427 3.48 -47.89 3.30
CA GLY B 427 3.01 -48.85 4.27
C GLY B 427 2.51 -48.21 5.55
N ASP B 428 2.43 -46.89 5.56
CA ASP B 428 1.94 -46.19 6.73
C ASP B 428 0.48 -45.84 6.54
N LYS B 429 -0.33 -46.82 6.14
CA LYS B 429 -1.75 -46.57 6.01
C LYS B 429 -2.37 -46.21 7.37
N ALA B 430 -1.74 -46.65 8.46
CA ALA B 430 -2.22 -46.32 9.81
C ALA B 430 -2.07 -44.84 10.16
N ILE B 431 -0.87 -44.31 9.90
CA ILE B 431 -0.62 -42.88 10.00
C ILE B 431 -1.58 -42.12 9.09
N ALA B 432 -1.78 -42.62 7.87
CA ALA B 432 -2.61 -41.92 6.93
C ALA B 432 -4.07 -41.89 7.40
N ASP B 433 -4.50 -42.94 8.08
CA ASP B 433 -5.89 -42.98 8.54
C ASP B 433 -6.16 -42.15 9.79
N GLY B 434 -5.15 -41.39 10.22
CA GLY B 434 -5.28 -40.50 11.36
C GLY B 434 -5.82 -39.14 10.97
N SER B 435 -5.05 -38.08 11.25
CA SER B 435 -5.51 -36.72 11.01
C SER B 435 -5.86 -36.49 9.55
N LEU B 436 -5.06 -37.07 8.65
CA LEU B 436 -5.24 -36.89 7.21
C LEU B 436 -6.53 -37.50 6.66
N LEU B 437 -6.98 -38.59 7.26
CA LEU B 437 -8.25 -39.20 6.83
C LEU B 437 -9.40 -38.29 7.26
N ASP B 438 -9.28 -37.72 8.44
CA ASP B 438 -10.29 -36.82 8.98
C ASP B 438 -10.39 -35.54 8.16
N LEU B 439 -9.24 -35.06 7.68
CA LEU B 439 -9.20 -33.87 6.84
C LEU B 439 -9.83 -34.13 5.47
N LEU B 440 -9.44 -35.22 4.82
CA LEU B 440 -9.98 -35.57 3.51
C LEU B 440 -11.48 -35.70 3.58
N ARG B 441 -11.96 -36.33 4.64
CA ARG B 441 -13.39 -36.49 4.80
C ARG B 441 -14.09 -35.15 4.92
N GLN B 442 -13.41 -34.18 5.55
CA GLN B 442 -13.97 -32.84 5.64
C GLN B 442 -14.11 -32.17 4.25
N VAL B 443 -13.10 -32.32 3.40
CA VAL B 443 -13.12 -31.73 2.07
C VAL B 443 -14.29 -32.22 1.23
N PHE B 444 -14.56 -33.52 1.30
CA PHE B 444 -15.68 -34.10 0.57
C PHE B 444 -16.98 -33.68 1.21
N THR B 445 -16.98 -33.59 2.53
CA THR B 445 -18.18 -33.24 3.26
C THR B 445 -18.51 -31.74 3.12
N PHE B 446 -17.54 -30.88 3.44
CA PHE B 446 -17.79 -29.44 3.52
C PHE B 446 -17.39 -28.62 2.31
N GLY B 447 -16.49 -29.16 1.48
CA GLY B 447 -16.08 -28.48 0.26
C GLY B 447 -15.44 -27.13 0.52
N LEU B 448 -15.40 -26.28 -0.49
CA LEU B 448 -14.72 -24.99 -0.38
C LEU B 448 -15.60 -23.86 0.13
N SER B 449 -16.91 -24.07 0.18
CA SER B 449 -17.83 -23.01 0.56
C SER B 449 -18.55 -23.39 1.84
N LEU B 450 -18.04 -24.46 2.47
CA LEU B 450 -18.51 -24.92 3.79
C LEU B 450 -19.92 -25.49 3.73
N VAL B 451 -20.87 -24.68 3.27
CA VAL B 451 -22.25 -25.10 3.12
C VAL B 451 -22.83 -24.54 1.82
N LYS B 452 -23.59 -25.37 1.11
CA LYS B 452 -24.20 -24.97 -0.15
C LYS B 452 -25.47 -24.18 0.11
N LEU B 453 -25.72 -23.16 -0.72
CA LEU B 453 -26.84 -22.25 -0.49
C LEU B 453 -28.06 -22.58 -1.34
N ASP B 454 -29.19 -22.89 -0.70
CA ASP B 454 -30.44 -23.01 -1.43
C ASP B 454 -31.02 -21.64 -1.69
N ILE B 455 -31.52 -21.41 -2.89
CA ILE B 455 -32.26 -20.17 -3.14
C ILE B 455 -33.76 -20.50 -3.16
N ARG B 456 -34.56 -19.66 -2.51
CA ARG B 456 -35.99 -19.87 -2.46
C ARG B 456 -36.74 -18.59 -2.86
N GLN B 457 -37.73 -18.72 -3.74
CA GLN B 457 -38.58 -17.59 -4.10
C GLN B 457 -40.04 -17.99 -4.37
N GLU B 458 -40.94 -17.09 -3.99
CA GLU B 458 -42.38 -17.21 -4.20
C GLU B 458 -42.70 -17.52 -5.67
N SER B 459 -43.67 -18.40 -5.87
CA SER B 459 -44.09 -18.85 -7.20
C SER B 459 -44.55 -17.71 -8.10
N GLU B 460 -45.47 -16.91 -7.59
CA GLU B 460 -46.09 -15.80 -8.31
C GLU B 460 -45.10 -14.70 -8.67
N ARG B 461 -43.96 -14.67 -7.99
CA ARG B 461 -42.97 -13.64 -8.25
C ARG B 461 -42.34 -13.87 -9.60
N HIS B 462 -42.18 -15.13 -9.98
CA HIS B 462 -41.67 -15.45 -11.31
C HIS B 462 -42.74 -15.14 -12.35
N THR B 463 -44.00 -15.39 -11.99
CA THR B 463 -45.10 -15.10 -12.90
C THR B 463 -45.06 -13.63 -13.29
N ASP B 464 -44.90 -12.74 -12.31
CA ASP B 464 -44.87 -11.30 -12.56
C ASP B 464 -43.72 -10.89 -13.48
N VAL B 465 -42.61 -11.60 -13.41
CA VAL B 465 -41.47 -11.27 -14.25
C VAL B 465 -41.74 -11.70 -15.69
N ILE B 466 -42.33 -12.88 -15.82
CA ILE B 466 -42.66 -13.42 -17.14
C ILE B 466 -43.84 -12.69 -17.80
N ASP B 467 -44.84 -12.34 -17.02
CA ASP B 467 -45.93 -11.49 -17.51
C ASP B 467 -45.39 -10.14 -17.94
N ALA B 468 -44.34 -9.68 -17.28
CA ALA B 468 -43.73 -8.40 -17.64
C ALA B 468 -43.04 -8.52 -18.99
N ILE B 469 -42.56 -9.71 -19.30
CA ILE B 469 -41.89 -9.92 -20.58
C ILE B 469 -42.91 -10.02 -21.72
N THR B 470 -43.92 -10.87 -21.54
CA THR B 470 -44.95 -11.05 -22.56
C THR B 470 -45.69 -9.75 -22.86
N THR B 471 -45.97 -8.97 -21.82
CA THR B 471 -46.55 -7.64 -21.99
C THR B 471 -45.65 -6.71 -22.84
N HIS B 472 -44.39 -6.55 -22.44
CA HIS B 472 -43.43 -5.70 -23.17
C HIS B 472 -43.24 -6.12 -24.63
N LEU B 473 -43.17 -7.43 -24.89
CA LEU B 473 -43.03 -7.88 -26.27
C LEU B 473 -44.36 -7.87 -27.03
N GLY B 474 -45.46 -7.67 -26.31
CA GLY B 474 -46.78 -7.67 -26.90
C GLY B 474 -47.23 -9.04 -27.40
N ILE B 475 -46.84 -10.10 -26.69
CA ILE B 475 -47.36 -11.43 -26.95
C ILE B 475 -48.61 -11.67 -26.10
N GLY B 476 -48.96 -10.71 -25.24
CA GLY B 476 -50.11 -10.85 -24.37
C GLY B 476 -49.74 -10.93 -22.89
N SER B 477 -50.65 -11.45 -22.07
CA SER B 477 -50.40 -11.55 -20.63
C SER B 477 -50.17 -12.99 -20.19
N TYR B 478 -48.92 -13.33 -19.89
CA TYR B 478 -48.56 -14.66 -19.39
C TYR B 478 -49.42 -15.06 -18.19
N ARG B 479 -49.81 -14.06 -17.40
CA ARG B 479 -50.63 -14.29 -16.22
C ARG B 479 -52.01 -14.86 -16.58
N GLU B 480 -52.61 -14.31 -17.64
CA GLU B 480 -53.97 -14.68 -18.02
C GLU B 480 -54.05 -16.01 -18.75
N TRP B 481 -52.91 -16.53 -19.21
CA TRP B 481 -52.91 -17.81 -19.92
C TRP B 481 -53.25 -18.97 -18.99
N SER B 482 -53.96 -19.95 -19.52
CA SER B 482 -54.21 -21.21 -18.82
C SER B 482 -52.88 -21.90 -18.62
N GLU B 483 -52.83 -22.83 -17.67
CA GLU B 483 -51.61 -23.56 -17.36
C GLU B 483 -51.04 -24.31 -18.56
N ASP B 484 -51.92 -24.92 -19.35
CA ASP B 484 -51.47 -25.67 -20.51
C ASP B 484 -50.89 -24.75 -21.59
N LYS B 485 -51.43 -23.53 -21.66
CA LYS B 485 -50.90 -22.51 -22.58
C LYS B 485 -49.50 -22.06 -22.16
N ARG B 486 -49.33 -21.85 -20.86
CA ARG B 486 -48.04 -21.45 -20.29
C ARG B 486 -46.97 -22.49 -20.56
N GLN B 487 -47.33 -23.76 -20.41
CA GLN B 487 -46.37 -24.86 -20.60
C GLN B 487 -45.89 -24.94 -22.03
N GLU B 488 -46.83 -24.78 -22.95
CA GLU B 488 -46.55 -24.76 -24.38
C GLU B 488 -45.58 -23.63 -24.75
N TRP B 489 -45.96 -22.41 -24.40
CA TRP B 489 -45.14 -21.23 -24.67
C TRP B 489 -43.75 -21.33 -24.08
N LEU B 490 -43.68 -21.71 -22.80
CA LEU B 490 -42.39 -21.87 -22.12
C LEU B 490 -41.49 -22.86 -22.84
N LEU B 491 -42.06 -23.99 -23.28
CA LEU B 491 -41.27 -25.04 -23.94
C LEU B 491 -40.80 -24.64 -25.34
N SER B 492 -41.60 -23.83 -26.03
CA SER B 492 -41.20 -23.27 -27.31
C SER B 492 -39.97 -22.41 -27.07
N GLU B 493 -40.01 -21.66 -25.98
CA GLU B 493 -38.93 -20.77 -25.61
C GLU B 493 -37.70 -21.54 -25.13
N LEU B 494 -37.91 -22.51 -24.25
CA LEU B 494 -36.79 -23.27 -23.71
C LEU B 494 -36.03 -23.97 -24.84
N ARG B 495 -36.78 -24.50 -25.80
CA ARG B 495 -36.19 -25.16 -26.94
C ARG B 495 -35.56 -24.14 -27.88
N GLY B 496 -36.19 -22.97 -27.97
CA GLY B 496 -35.77 -21.90 -28.87
C GLY B 496 -34.37 -21.39 -28.61
N LYS B 497 -33.69 -20.96 -29.68
CA LYS B 497 -32.30 -20.51 -29.58
C LYS B 497 -32.21 -19.00 -29.39
N ARG B 498 -33.35 -18.33 -29.46
CA ARG B 498 -33.38 -16.88 -29.44
C ARG B 498 -33.60 -16.31 -28.07
N PRO B 499 -32.82 -15.27 -27.72
CA PRO B 499 -33.00 -14.46 -26.52
C PRO B 499 -34.41 -13.96 -26.37
N LEU B 500 -34.85 -13.85 -25.12
CA LEU B 500 -36.19 -13.40 -24.82
C LEU B 500 -36.15 -12.10 -24.02
N LEU B 501 -35.46 -12.13 -22.88
CA LEU B 501 -35.45 -11.01 -21.93
C LEU B 501 -34.85 -9.73 -22.48
N PRO B 502 -35.68 -8.68 -22.67
CA PRO B 502 -35.20 -7.39 -23.20
C PRO B 502 -34.55 -6.53 -22.13
N PRO B 503 -33.39 -5.92 -22.44
CA PRO B 503 -32.66 -5.13 -21.44
C PRO B 503 -33.41 -3.88 -21.01
N ASP B 504 -34.15 -3.30 -21.96
CA ASP B 504 -34.94 -2.12 -21.68
C ASP B 504 -36.29 -2.48 -21.05
N LEU B 505 -36.36 -3.64 -20.42
CA LEU B 505 -37.61 -4.05 -19.77
C LEU B 505 -37.87 -3.15 -18.56
N PRO B 506 -39.06 -2.55 -18.51
CA PRO B 506 -39.45 -1.79 -17.32
C PRO B 506 -39.65 -2.77 -16.16
N GLN B 507 -39.18 -2.39 -14.97
CA GLN B 507 -39.24 -3.28 -13.81
C GLN B 507 -39.76 -2.57 -12.56
N THR B 508 -40.56 -3.27 -11.75
CA THR B 508 -40.83 -2.81 -10.38
C THR B 508 -39.65 -3.23 -9.51
N GLU B 509 -39.53 -2.68 -8.31
CA GLU B 509 -38.45 -3.07 -7.41
C GLU B 509 -38.50 -4.59 -7.20
N GLU B 510 -39.71 -5.15 -7.22
CA GLU B 510 -39.93 -6.57 -7.03
C GLU B 510 -39.45 -7.43 -8.20
N ILE B 511 -39.64 -6.93 -9.41
CA ILE B 511 -39.20 -7.67 -10.60
C ILE B 511 -37.68 -7.59 -10.69
N ALA B 512 -37.14 -6.50 -10.16
CA ALA B 512 -35.69 -6.26 -10.19
C ALA B 512 -34.97 -7.16 -9.19
N ASP B 513 -35.53 -7.27 -7.99
CA ASP B 513 -35.02 -8.17 -6.97
C ASP B 513 -34.95 -9.62 -7.48
N VAL B 514 -35.90 -10.01 -8.34
CA VAL B 514 -35.96 -11.38 -8.89
C VAL B 514 -34.92 -11.61 -9.97
N ILE B 515 -34.84 -10.68 -10.90
CA ILE B 515 -33.92 -10.79 -12.01
C ILE B 515 -32.50 -10.59 -11.50
N GLY B 516 -32.33 -9.61 -10.62
CA GLY B 516 -31.03 -9.32 -10.07
C GLY B 516 -30.50 -10.47 -9.23
N ALA B 517 -31.41 -11.30 -8.75
CA ALA B 517 -31.02 -12.50 -8.02
C ALA B 517 -30.40 -13.55 -8.96
N PHE B 518 -31.02 -13.77 -10.11
CA PHE B 518 -30.46 -14.69 -11.09
C PHE B 518 -29.11 -14.19 -11.57
N HIS B 519 -28.99 -12.88 -11.75
CA HIS B 519 -27.74 -12.25 -12.17
C HIS B 519 -26.60 -12.62 -11.22
N VAL B 520 -26.86 -12.54 -9.91
CA VAL B 520 -25.90 -12.89 -8.88
C VAL B 520 -25.55 -14.37 -8.92
N LEU B 521 -26.57 -15.20 -9.16
CA LEU B 521 -26.38 -16.64 -9.27
C LEU B 521 -25.47 -16.96 -10.43
N ALA B 522 -25.49 -16.10 -11.44
CA ALA B 522 -24.76 -16.35 -12.67
C ALA B 522 -23.30 -15.91 -12.60
N GLU B 523 -22.96 -15.03 -11.67
CA GLU B 523 -21.56 -14.60 -11.55
C GLU B 523 -20.82 -15.55 -10.66
N LEU B 524 -21.46 -15.92 -9.55
CA LEU B 524 -20.84 -16.75 -8.52
C LEU B 524 -20.61 -18.19 -9.01
N PRO B 525 -19.54 -18.82 -8.49
CA PRO B 525 -19.17 -20.18 -8.87
C PRO B 525 -20.35 -21.13 -8.64
N PRO B 526 -20.59 -22.06 -9.59
CA PRO B 526 -21.74 -22.96 -9.45
C PRO B 526 -21.70 -23.81 -8.17
N ASP B 527 -20.51 -24.17 -7.71
CA ASP B 527 -20.36 -25.04 -6.53
C ASP B 527 -20.69 -24.38 -5.20
N SER B 528 -21.15 -23.14 -5.24
CA SER B 528 -21.56 -22.46 -4.02
C SER B 528 -23.08 -22.51 -3.83
N PHE B 529 -23.76 -23.12 -4.80
CA PHE B 529 -25.22 -23.20 -4.75
C PHE B 529 -25.78 -24.61 -4.69
N GLY B 530 -26.91 -24.75 -4.01
CA GLY B 530 -27.70 -25.94 -4.09
C GLY B 530 -28.74 -25.78 -5.19
N PRO B 531 -30.01 -26.03 -4.85
CA PRO B 531 -31.12 -25.95 -5.80
C PRO B 531 -31.83 -24.61 -5.70
N TYR B 532 -32.64 -24.27 -6.70
CA TYR B 532 -33.52 -23.11 -6.63
C TYR B 532 -34.88 -23.64 -6.23
N ILE B 533 -35.40 -23.15 -5.11
CA ILE B 533 -36.64 -23.66 -4.57
C ILE B 533 -37.79 -22.71 -4.83
N ILE B 534 -38.85 -23.23 -5.44
CA ILE B 534 -40.02 -22.42 -5.71
C ILE B 534 -41.06 -22.66 -4.62
N SER B 535 -41.23 -21.68 -3.74
CA SER B 535 -42.25 -21.75 -2.72
C SER B 535 -43.56 -21.55 -3.43
N MET B 536 -44.65 -22.09 -2.86
CA MET B 536 -46.00 -21.95 -3.42
C MET B 536 -46.11 -22.63 -4.77
N ALA B 537 -45.31 -23.66 -4.99
CA ALA B 537 -45.34 -24.37 -6.26
C ALA B 537 -46.69 -25.05 -6.40
N THR B 538 -47.27 -24.98 -7.61
CA THR B 538 -48.62 -25.48 -7.90
C THR B 538 -48.72 -26.38 -9.13
N ALA B 539 -48.04 -26.01 -10.21
CA ALA B 539 -48.08 -26.78 -11.45
C ALA B 539 -46.75 -26.69 -12.21
N PRO B 540 -46.49 -27.61 -13.17
CA PRO B 540 -45.21 -27.60 -13.89
C PRO B 540 -44.80 -26.27 -14.53
N SER B 541 -45.76 -25.41 -14.85
CA SER B 541 -45.44 -24.05 -15.31
C SER B 541 -44.46 -23.36 -14.36
N ASP B 542 -44.74 -23.42 -13.06
CA ASP B 542 -43.93 -22.73 -12.05
C ASP B 542 -42.45 -23.14 -12.11
N VAL B 543 -42.21 -24.42 -12.40
CA VAL B 543 -40.87 -25.01 -12.52
C VAL B 543 -40.16 -24.62 -13.84
N LEU B 544 -40.88 -24.69 -14.95
CA LEU B 544 -40.36 -24.26 -16.24
C LEU B 544 -40.16 -22.75 -16.32
N ALA B 545 -41.02 -22.01 -15.63
CA ALA B 545 -40.92 -20.56 -15.54
C ALA B 545 -39.54 -20.14 -15.05
N VAL B 546 -39.08 -20.78 -13.99
CA VAL B 546 -37.75 -20.52 -13.45
C VAL B 546 -36.68 -20.98 -14.43
N GLU B 547 -36.76 -22.23 -14.85
CA GLU B 547 -35.82 -22.79 -15.81
C GLU B 547 -35.53 -21.82 -16.97
N LEU B 548 -36.57 -21.10 -17.41
CA LEU B 548 -36.46 -20.09 -18.46
C LEU B 548 -35.77 -18.83 -17.94
N LEU B 549 -36.34 -18.26 -16.87
CA LEU B 549 -35.78 -17.08 -16.21
C LEU B 549 -34.30 -17.26 -15.85
N GLN B 550 -33.93 -18.48 -15.52
CA GLN B 550 -32.57 -18.79 -15.12
C GLN B 550 -31.63 -18.76 -16.32
N ARG B 551 -32.08 -19.36 -17.42
CA ARG B 551 -31.31 -19.42 -18.66
C ARG B 551 -31.23 -18.06 -19.32
N GLU B 552 -32.32 -17.31 -19.22
CA GLU B 552 -32.42 -16.02 -19.88
C GLU B 552 -31.78 -14.89 -19.10
N CYS B 553 -31.32 -15.18 -17.88
CA CYS B 553 -30.57 -14.21 -17.10
C CYS B 553 -29.07 -14.47 -17.13
N GLY B 554 -28.66 -15.51 -17.85
CA GLY B 554 -27.25 -15.80 -18.02
C GLY B 554 -26.59 -16.71 -17.00
N VAL B 555 -27.36 -17.64 -16.42
CA VAL B 555 -26.80 -18.64 -15.50
C VAL B 555 -26.19 -19.81 -16.29
N ARG B 556 -24.93 -19.70 -16.67
CA ARG B 556 -24.28 -20.66 -17.56
C ARG B 556 -24.52 -22.13 -17.21
N GLN B 557 -24.45 -22.46 -15.92
CA GLN B 557 -24.75 -23.81 -15.46
C GLN B 557 -25.84 -23.75 -14.39
N PRO B 558 -27.11 -23.84 -14.83
CA PRO B 558 -28.28 -23.53 -14.00
C PRO B 558 -28.49 -24.44 -12.77
N LEU B 559 -28.86 -23.82 -11.64
CA LEU B 559 -29.27 -24.55 -10.44
C LEU B 559 -30.47 -25.40 -10.76
N PRO B 560 -30.43 -26.71 -10.40
CA PRO B 560 -31.61 -27.55 -10.59
C PRO B 560 -32.79 -27.00 -9.80
N VAL B 561 -33.95 -26.96 -10.44
CA VAL B 561 -35.13 -26.32 -9.88
C VAL B 561 -35.98 -27.32 -9.11
N VAL B 562 -36.28 -27.03 -7.85
CA VAL B 562 -37.14 -27.90 -7.05
C VAL B 562 -38.42 -27.20 -6.60
N PRO B 563 -39.58 -27.84 -6.81
CA PRO B 563 -40.85 -27.20 -6.45
C PRO B 563 -41.14 -27.38 -4.97
N LEU B 564 -41.78 -26.42 -4.31
CA LEU B 564 -42.20 -26.69 -2.94
C LEU B 564 -43.72 -26.72 -2.86
N PHE B 565 -44.23 -27.89 -2.50
CA PHE B 565 -45.66 -28.08 -2.32
C PHE B 565 -46.01 -27.84 -0.85
N GLU B 566 -46.68 -26.72 -0.60
CA GLU B 566 -46.77 -26.14 0.74
C GLU B 566 -48.23 -26.10 1.19
N ARG B 567 -49.13 -26.25 0.23
CA ARG B 567 -50.56 -26.23 0.56
C ARG B 567 -51.23 -27.53 0.15
N LEU B 568 -52.46 -27.74 0.64
CA LEU B 568 -53.15 -29.02 0.51
C LEU B 568 -53.43 -29.33 -0.96
N ALA B 569 -54.03 -28.37 -1.64
CA ALA B 569 -54.38 -28.50 -3.05
C ALA B 569 -53.16 -28.87 -3.90
N ASP B 570 -52.04 -28.21 -3.64
CA ASP B 570 -50.82 -28.38 -4.43
C ASP B 570 -50.17 -29.74 -4.19
N LEU B 571 -50.32 -30.27 -2.96
CA LEU B 571 -49.80 -31.59 -2.58
C LEU B 571 -50.64 -32.74 -3.18
N GLN B 572 -51.91 -32.44 -3.47
CA GLN B 572 -52.79 -33.40 -4.11
C GLN B 572 -52.45 -33.50 -5.58
N SER B 573 -52.39 -32.35 -6.24
CA SER B 573 -52.07 -32.28 -7.66
C SER B 573 -50.58 -32.51 -7.89
N ALA B 574 -49.83 -32.75 -6.82
CA ALA B 574 -48.39 -32.86 -6.91
C ALA B 574 -47.85 -34.00 -7.79
N PRO B 575 -48.27 -35.25 -7.54
CA PRO B 575 -47.64 -36.29 -8.36
C PRO B 575 -48.09 -36.18 -9.82
N ALA B 576 -49.21 -35.47 -10.04
CA ALA B 576 -49.65 -35.15 -11.39
C ALA B 576 -48.70 -34.13 -12.01
N SER B 577 -48.40 -33.09 -11.25
CA SER B 577 -47.43 -32.09 -11.67
C SER B 577 -46.10 -32.77 -12.02
N VAL B 578 -45.61 -33.62 -11.13
CA VAL B 578 -44.32 -34.30 -11.31
C VAL B 578 -44.27 -35.16 -12.56
N GLU B 579 -45.39 -35.81 -12.88
CA GLU B 579 -45.44 -36.65 -14.07
C GLU B 579 -45.45 -35.81 -15.34
N ARG B 580 -46.17 -34.70 -15.33
CA ARG B 580 -46.18 -33.84 -16.50
C ARG B 580 -44.77 -33.37 -16.83
N LEU B 581 -44.04 -32.91 -15.81
CA LEU B 581 -42.65 -32.52 -16.02
C LEU B 581 -41.78 -33.66 -16.56
N PHE B 582 -41.95 -34.85 -15.99
CA PHE B 582 -41.19 -36.02 -16.40
C PHE B 582 -41.47 -36.43 -17.84
N SER B 583 -42.65 -36.09 -18.33
CA SER B 583 -43.11 -36.53 -19.66
C SER B 583 -42.69 -35.59 -20.78
N VAL B 584 -42.03 -34.50 -20.44
CA VAL B 584 -41.53 -33.53 -21.41
C VAL B 584 -40.11 -33.85 -21.85
N ASP B 585 -39.93 -34.05 -23.15
CA ASP B 585 -38.62 -34.41 -23.70
C ASP B 585 -37.50 -33.46 -23.31
N TRP B 586 -37.80 -32.18 -23.23
CA TRP B 586 -36.79 -31.20 -22.85
C TRP B 586 -36.40 -31.34 -21.39
N TYR B 587 -37.41 -31.25 -20.52
CA TYR B 587 -37.16 -31.28 -19.08
C TYR B 587 -36.42 -32.54 -18.64
N MET B 588 -36.63 -33.65 -19.34
CA MET B 588 -36.02 -34.91 -18.93
C MET B 588 -34.52 -34.98 -19.29
N ASP B 589 -34.12 -34.26 -20.33
CA ASP B 589 -32.72 -34.19 -20.72
C ASP B 589 -32.02 -33.24 -19.78
N ARG B 590 -32.79 -32.31 -19.23
CA ARG B 590 -32.26 -31.31 -18.33
C ARG B 590 -31.87 -31.92 -17.00
N ILE B 591 -32.79 -32.67 -16.40
CA ILE B 591 -32.59 -33.20 -15.06
C ILE B 591 -31.63 -34.39 -15.02
N LYS B 592 -31.58 -35.13 -16.12
CA LYS B 592 -30.68 -36.29 -16.22
C LYS B 592 -30.88 -37.29 -15.09
N GLY B 593 -32.13 -37.70 -14.86
CA GLY B 593 -32.41 -38.79 -13.95
C GLY B 593 -32.56 -38.43 -12.50
N LYS B 594 -32.29 -37.16 -12.18
CA LYS B 594 -32.39 -36.69 -10.81
C LYS B 594 -33.43 -35.56 -10.65
N GLN B 595 -34.41 -35.80 -9.78
CA GLN B 595 -35.44 -34.81 -9.47
C GLN B 595 -35.67 -34.72 -7.97
N GLN B 596 -35.36 -33.56 -7.39
CA GLN B 596 -35.65 -33.28 -5.99
C GLN B 596 -36.95 -32.48 -5.89
N VAL B 597 -37.77 -32.75 -4.88
CA VAL B 597 -38.95 -31.91 -4.64
C VAL B 597 -39.17 -31.65 -3.15
N MET B 598 -39.56 -30.43 -2.79
CA MET B 598 -39.72 -30.07 -1.38
C MET B 598 -41.17 -30.12 -0.88
N VAL B 599 -41.36 -30.70 0.29
CA VAL B 599 -42.67 -30.76 0.92
C VAL B 599 -42.70 -29.97 2.22
N GLY B 600 -43.62 -29.01 2.30
CA GLY B 600 -43.71 -28.11 3.44
C GLY B 600 -44.64 -28.62 4.53
N TYR B 601 -44.12 -28.80 5.72
CA TYR B 601 -44.96 -29.25 6.81
C TYR B 601 -45.60 -28.03 7.47
N SER B 602 -45.00 -26.86 7.25
CA SER B 602 -45.38 -25.66 8.00
C SER B 602 -46.69 -25.04 7.51
N ASP B 603 -46.73 -24.70 6.22
CA ASP B 603 -47.90 -24.02 5.66
C ASP B 603 -49.00 -25.01 5.25
N SER B 604 -48.76 -26.31 5.43
CA SER B 604 -49.77 -27.36 5.19
C SER B 604 -50.72 -27.43 6.36
N GLY B 605 -50.17 -27.62 7.54
CA GLY B 605 -50.95 -27.67 8.75
C GLY B 605 -51.70 -26.39 9.04
N LYS B 606 -51.40 -25.33 8.26
CA LYS B 606 -52.08 -24.05 8.43
C LYS B 606 -53.26 -24.00 7.47
N ASP B 607 -53.12 -24.68 6.34
CA ASP B 607 -54.13 -24.76 5.29
C ASP B 607 -55.27 -25.71 5.70
N ALA B 608 -54.94 -27.00 5.78
CA ALA B 608 -55.85 -28.03 6.29
C ALA B 608 -55.62 -28.21 7.78
N GLY B 609 -56.14 -29.28 8.35
CA GLY B 609 -55.90 -29.57 9.76
C GLY B 609 -54.50 -30.13 9.96
N ARG B 610 -54.13 -30.45 11.19
CA ARG B 610 -52.89 -31.15 11.41
C ARG B 610 -53.00 -32.54 10.81
N LEU B 611 -54.12 -33.20 11.08
CA LEU B 611 -54.33 -34.58 10.64
C LEU B 611 -54.35 -34.70 9.12
N SER B 612 -55.14 -33.84 8.49
CA SER B 612 -55.26 -33.79 7.04
C SER B 612 -53.92 -33.56 6.36
N ALA B 613 -53.13 -32.62 6.90
CA ALA B 613 -51.82 -32.30 6.36
C ALA B 613 -50.82 -33.45 6.43
N ALA B 614 -50.68 -34.03 7.61
CA ALA B 614 -49.76 -35.14 7.84
C ALA B 614 -50.05 -36.30 6.90
N TRP B 615 -51.33 -36.52 6.62
CA TRP B 615 -51.77 -37.63 5.77
C TRP B 615 -51.59 -37.32 4.30
N GLN B 616 -51.91 -36.10 3.91
CA GLN B 616 -51.69 -35.70 2.52
C GLN B 616 -50.21 -35.75 2.21
N LEU B 617 -49.40 -35.21 3.12
CA LEU B 617 -47.96 -35.26 2.98
C LEU B 617 -47.43 -36.69 2.85
N TYR B 618 -48.12 -37.64 3.47
CA TYR B 618 -47.70 -39.04 3.38
C TYR B 618 -47.82 -39.55 1.98
N ARG B 619 -49.01 -39.47 1.41
CA ARG B 619 -49.26 -40.06 0.10
C ARG B 619 -48.81 -39.15 -1.03
N ALA B 620 -48.54 -37.89 -0.74
CA ALA B 620 -47.93 -37.03 -1.75
C ALA B 620 -46.52 -37.53 -2.00
N GLN B 621 -45.88 -38.05 -0.96
CA GLN B 621 -44.54 -38.63 -1.08
C GLN B 621 -44.64 -39.96 -1.78
N GLU B 622 -45.61 -40.75 -1.34
CA GLU B 622 -45.72 -42.11 -1.77
C GLU B 622 -45.91 -42.21 -3.27
N GLU B 623 -46.81 -41.38 -3.78
CA GLU B 623 -47.17 -41.36 -5.20
C GLU B 623 -46.09 -40.75 -6.08
N MET B 624 -45.54 -39.61 -5.66
CA MET B 624 -44.46 -38.97 -6.38
C MET B 624 -43.32 -39.96 -6.58
N ALA B 625 -43.00 -40.70 -5.52
CA ALA B 625 -42.01 -41.77 -5.62
C ALA B 625 -42.40 -42.77 -6.71
N GLN B 626 -43.68 -43.13 -6.75
CA GLN B 626 -44.18 -44.06 -7.75
C GLN B 626 -44.06 -43.49 -9.16
N VAL B 627 -44.45 -42.23 -9.36
CA VAL B 627 -44.33 -41.60 -10.68
C VAL B 627 -42.87 -41.63 -11.14
N ALA B 628 -41.98 -41.28 -10.22
CA ALA B 628 -40.56 -41.23 -10.49
C ALA B 628 -39.99 -42.60 -10.86
N LYS B 629 -40.23 -43.60 -10.01
CA LYS B 629 -39.75 -44.95 -10.23
C LYS B 629 -40.17 -45.46 -11.61
N ARG B 630 -41.37 -45.04 -12.03
CA ARG B 630 -41.91 -45.39 -13.34
C ARG B 630 -41.14 -44.73 -14.46
N TYR B 631 -40.74 -43.48 -14.24
CA TYR B 631 -39.98 -42.73 -15.25
C TYR B 631 -38.47 -42.80 -15.03
N GLY B 632 -38.03 -43.72 -14.17
CA GLY B 632 -36.61 -43.97 -13.96
C GLY B 632 -35.82 -42.79 -13.41
N VAL B 633 -36.51 -41.90 -12.70
CA VAL B 633 -35.90 -40.73 -12.08
C VAL B 633 -35.64 -40.98 -10.61
N LYS B 634 -34.45 -40.62 -10.12
CA LYS B 634 -34.16 -40.74 -8.69
C LYS B 634 -34.72 -39.57 -7.90
N LEU B 635 -35.85 -39.79 -7.25
CA LEU B 635 -36.49 -38.74 -6.46
C LEU B 635 -35.79 -38.53 -5.12
N THR B 636 -35.63 -37.26 -4.74
CA THR B 636 -35.07 -36.92 -3.44
C THR B 636 -36.00 -35.98 -2.72
N LEU B 637 -36.67 -36.47 -1.69
CA LEU B 637 -37.64 -35.65 -0.99
C LEU B 637 -36.94 -34.65 -0.07
N PHE B 638 -37.37 -33.39 -0.11
CA PHE B 638 -36.84 -32.36 0.78
C PHE B 638 -37.89 -32.04 1.81
N HIS B 639 -37.58 -32.33 3.07
CA HIS B 639 -38.58 -32.14 4.10
C HIS B 639 -38.45 -30.83 4.86
N GLY B 640 -39.49 -30.02 4.77
CA GLY B 640 -39.54 -28.76 5.50
C GLY B 640 -40.17 -28.95 6.85
N ARG B 641 -39.38 -29.41 7.82
CA ARG B 641 -39.85 -29.66 9.18
C ARG B 641 -39.42 -28.55 10.13
N GLY B 642 -40.30 -28.19 11.05
CA GLY B 642 -39.96 -27.22 12.07
C GLY B 642 -39.57 -27.84 13.40
N GLY B 643 -39.59 -27.03 14.45
CA GLY B 643 -39.27 -27.50 15.80
C GLY B 643 -40.52 -27.96 16.50
N THR B 644 -41.56 -27.14 16.37
CA THR B 644 -42.87 -27.40 16.94
C THR B 644 -43.57 -28.56 16.25
N VAL B 645 -44.42 -29.26 17.00
CA VAL B 645 -45.06 -30.47 16.51
C VAL B 645 -45.95 -30.20 15.29
N GLY B 646 -46.68 -29.10 15.36
CA GLY B 646 -47.56 -28.68 14.28
C GLY B 646 -46.84 -28.02 13.11
N ARG B 647 -45.53 -28.20 13.03
CA ARG B 647 -44.81 -27.84 11.82
C ARG B 647 -43.91 -29.00 11.42
N GLY B 648 -44.30 -30.20 11.79
CA GLY B 648 -43.56 -31.38 11.39
C GLY B 648 -42.44 -31.69 12.36
N GLY B 649 -42.61 -31.28 13.61
CA GLY B 649 -41.60 -31.52 14.62
C GLY B 649 -41.79 -32.88 15.23
N GLY B 650 -40.78 -33.33 15.96
CA GLY B 650 -40.80 -34.62 16.63
C GLY B 650 -39.45 -35.27 16.55
N PRO B 651 -39.18 -36.23 17.46
CA PRO B 651 -37.94 -37.02 17.47
C PRO B 651 -37.53 -37.45 16.07
N THR B 652 -36.24 -37.38 15.77
CA THR B 652 -35.74 -37.58 14.42
C THR B 652 -36.04 -38.94 13.84
N HIS B 653 -35.80 -39.98 14.63
CA HIS B 653 -35.96 -41.35 14.16
C HIS B 653 -37.44 -41.71 13.94
N LEU B 654 -38.32 -41.02 14.65
CA LEU B 654 -39.75 -41.26 14.49
C LEU B 654 -40.26 -40.63 13.19
N ALA B 655 -39.78 -39.42 12.92
CA ALA B 655 -40.21 -38.66 11.76
C ALA B 655 -39.84 -39.39 10.47
N ILE B 656 -38.73 -40.11 10.50
CA ILE B 656 -38.29 -40.90 9.35
C ILE B 656 -39.07 -42.23 9.29
N LEU B 657 -39.26 -42.84 10.46
CA LEU B 657 -40.01 -44.09 10.60
C LEU B 657 -41.41 -43.94 10.04
N SER B 658 -41.99 -42.76 10.24
CA SER B 658 -43.35 -42.48 9.84
C SER B 658 -43.48 -42.05 8.37
N GLN B 659 -42.36 -42.05 7.65
CA GLN B 659 -42.40 -41.70 6.24
C GLN B 659 -42.56 -42.96 5.40
N PRO B 660 -43.40 -42.88 4.34
CA PRO B 660 -43.80 -44.02 3.50
C PRO B 660 -42.64 -44.89 3.10
N PRO B 661 -42.83 -46.22 3.06
CA PRO B 661 -41.72 -47.13 2.77
C PRO B 661 -41.14 -46.84 1.40
N ASP B 662 -39.89 -47.18 1.17
CA ASP B 662 -39.31 -47.12 -0.16
C ASP B 662 -39.41 -45.74 -0.84
N THR B 663 -39.47 -44.67 -0.05
CA THR B 663 -39.43 -43.33 -0.62
C THR B 663 -38.22 -42.52 -0.12
N ILE B 664 -37.28 -43.18 0.54
CA ILE B 664 -36.07 -42.50 1.00
C ILE B 664 -34.83 -43.01 0.27
N ASN B 665 -34.43 -44.22 0.57
CA ASN B 665 -33.34 -44.89 -0.14
C ASN B 665 -32.07 -44.04 -0.27
N GLY B 666 -31.36 -43.88 0.86
CA GLY B 666 -30.06 -43.23 0.87
C GLY B 666 -30.00 -41.81 0.33
N SER B 667 -31.16 -41.18 0.10
CA SER B 667 -31.17 -39.80 -0.41
C SER B 667 -32.34 -38.97 0.13
N ILE B 668 -32.03 -38.08 1.07
CA ILE B 668 -33.04 -37.27 1.75
C ILE B 668 -32.43 -35.93 2.19
N ARG B 669 -33.26 -34.88 2.27
CA ARG B 669 -32.85 -33.61 2.87
C ARG B 669 -33.91 -33.12 3.85
N VAL B 670 -33.46 -32.57 4.97
CA VAL B 670 -34.36 -32.09 6.03
C VAL B 670 -33.91 -30.74 6.60
N THR B 671 -34.85 -29.81 6.76
CA THR B 671 -34.52 -28.50 7.31
C THR B 671 -34.23 -28.59 8.81
N VAL B 672 -33.24 -27.83 9.27
CA VAL B 672 -33.02 -27.67 10.70
C VAL B 672 -33.24 -26.21 11.04
N GLN B 673 -34.38 -25.89 11.64
CA GLN B 673 -34.87 -24.51 11.62
C GLN B 673 -34.68 -23.70 12.90
N GLY B 674 -33.92 -22.61 12.79
CA GLY B 674 -33.75 -21.65 13.85
C GLY B 674 -33.21 -22.21 15.14
N GLU B 675 -34.06 -22.31 16.16
CA GLU B 675 -33.61 -22.75 17.47
C GLU B 675 -33.22 -24.22 17.45
N VAL B 676 -33.76 -24.96 16.49
CA VAL B 676 -33.49 -26.39 16.39
C VAL B 676 -32.01 -26.70 16.10
N ILE B 677 -31.30 -25.73 15.50
CA ILE B 677 -29.86 -25.85 15.31
C ILE B 677 -29.17 -25.97 16.67
N GLU B 678 -29.64 -25.18 17.64
CA GLU B 678 -29.09 -25.19 19.00
C GLU B 678 -29.50 -26.46 19.76
N PHE B 679 -30.68 -26.95 19.43
CA PHE B 679 -31.19 -28.19 20.01
C PHE B 679 -30.31 -29.35 19.59
N CYS B 680 -29.89 -29.35 18.32
CA CYS B 680 -29.13 -30.47 17.75
C CYS B 680 -27.62 -30.31 17.75
N PHE B 681 -27.11 -29.08 17.69
CA PHE B 681 -25.68 -28.85 17.51
C PHE B 681 -25.06 -27.88 18.52
N GLY B 682 -25.70 -27.73 19.67
CA GLY B 682 -25.21 -26.83 20.71
C GLY B 682 -23.98 -27.34 21.43
N GLU B 683 -23.90 -28.65 21.61
CA GLU B 683 -22.77 -29.26 22.28
C GLU B 683 -22.19 -30.34 21.39
N GLU B 684 -20.94 -30.72 21.66
CA GLU B 684 -20.28 -31.76 20.89
C GLU B 684 -21.11 -33.02 20.83
N HIS B 685 -21.56 -33.48 21.99
CA HIS B 685 -22.29 -34.74 22.08
C HIS B 685 -23.66 -34.67 21.42
N LEU B 686 -24.25 -33.48 21.41
CA LEU B 686 -25.53 -33.29 20.75
C LEU B 686 -25.37 -33.44 19.26
N CYS B 687 -24.28 -32.90 18.73
CA CYS B 687 -24.05 -32.94 17.29
C CYS B 687 -23.84 -34.38 16.87
N PHE B 688 -23.07 -35.09 17.67
CA PHE B 688 -22.76 -36.48 17.38
C PHE B 688 -24.02 -37.34 17.40
N GLN B 689 -24.91 -37.12 18.35
CA GLN B 689 -26.14 -37.91 18.39
C GLN B 689 -27.08 -37.54 17.25
N THR B 690 -26.96 -36.31 16.77
CA THR B 690 -27.86 -35.83 15.74
C THR B 690 -27.48 -36.45 14.40
N LEU B 691 -26.18 -36.64 14.19
CA LEU B 691 -25.71 -37.33 12.99
C LEU B 691 -26.03 -38.81 13.10
N GLN B 692 -25.95 -39.33 14.32
CA GLN B 692 -26.30 -40.72 14.59
C GLN B 692 -27.76 -40.98 14.23
N ARG B 693 -28.66 -40.17 14.76
CA ARG B 693 -30.09 -40.38 14.58
C ARG B 693 -30.46 -40.42 13.11
N PHE B 694 -30.07 -39.37 12.39
CA PHE B 694 -30.46 -39.22 10.98
C PHE B 694 -29.93 -40.37 10.15
N THR B 695 -28.66 -40.68 10.37
CA THR B 695 -27.97 -41.72 9.62
C THR B 695 -28.47 -43.12 9.96
N ALA B 696 -28.63 -43.43 11.24
CA ALA B 696 -29.18 -44.73 11.64
C ALA B 696 -30.63 -44.97 11.15
N ALA B 697 -31.47 -43.93 11.19
CA ALA B 697 -32.87 -44.09 10.79
C ALA B 697 -33.01 -44.22 9.28
N THR B 698 -32.34 -43.34 8.55
CA THR B 698 -32.32 -43.36 7.09
C THR B 698 -31.95 -44.74 6.56
N LEU B 699 -30.91 -45.31 7.17
CA LEU B 699 -30.42 -46.63 6.78
C LEU B 699 -31.51 -47.67 7.01
N GLU B 700 -31.93 -47.78 8.26
CA GLU B 700 -32.88 -48.80 8.63
C GLU B 700 -34.16 -48.64 7.83
N HIS B 701 -34.54 -47.40 7.56
CA HIS B 701 -35.75 -47.13 6.79
C HIS B 701 -35.66 -47.66 5.35
N GLY B 702 -34.46 -47.78 4.82
CA GLY B 702 -34.29 -48.18 3.43
C GLY B 702 -34.10 -49.68 3.25
N MET B 703 -33.46 -50.31 4.23
CA MET B 703 -33.15 -51.74 4.18
C MET B 703 -34.27 -52.57 4.79
N HIS B 704 -35.03 -51.92 5.66
CA HIS B 704 -36.09 -52.55 6.45
C HIS B 704 -37.20 -51.52 6.74
N PRO B 705 -38.00 -51.17 5.71
CA PRO B 705 -39.04 -50.14 5.74
C PRO B 705 -40.21 -50.50 6.65
N PRO B 706 -41.06 -49.51 7.00
CA PRO B 706 -42.28 -49.76 7.78
C PRO B 706 -43.35 -50.43 6.93
N VAL B 707 -44.43 -50.86 7.56
CA VAL B 707 -45.53 -51.48 6.84
C VAL B 707 -46.30 -50.43 6.07
N SER B 708 -46.57 -50.72 4.79
CA SER B 708 -47.46 -49.92 3.98
C SER B 708 -48.84 -50.05 4.62
N PRO B 709 -49.66 -49.00 4.56
CA PRO B 709 -50.97 -49.09 5.20
C PRO B 709 -51.94 -50.05 4.50
N LYS B 710 -52.73 -50.76 5.30
CA LYS B 710 -53.82 -51.59 4.80
C LYS B 710 -54.82 -50.72 4.04
N PRO B 711 -55.47 -51.30 3.00
CA PRO B 711 -56.46 -50.54 2.23
C PRO B 711 -57.61 -50.01 3.09
N GLU B 712 -57.94 -50.69 4.18
CA GLU B 712 -58.95 -50.20 5.13
C GLU B 712 -58.52 -48.86 5.71
N TRP B 713 -57.28 -48.84 6.22
CA TRP B 713 -56.70 -47.67 6.88
C TRP B 713 -56.71 -46.44 5.99
N ARG B 714 -56.20 -46.62 4.77
CA ARG B 714 -56.20 -45.57 3.75
C ARG B 714 -57.56 -44.93 3.60
N LYS B 715 -58.56 -45.77 3.43
CA LYS B 715 -59.91 -45.27 3.18
C LYS B 715 -60.34 -44.42 4.36
N LEU B 716 -60.08 -44.91 5.57
CA LEU B 716 -60.45 -44.20 6.78
C LEU B 716 -59.73 -42.87 6.87
N MET B 717 -58.40 -42.90 6.68
CA MET B 717 -57.60 -41.69 6.64
C MET B 717 -58.09 -40.70 5.58
N ASP B 718 -58.53 -41.21 4.43
CA ASP B 718 -59.04 -40.33 3.38
C ASP B 718 -60.29 -39.61 3.86
N GLU B 719 -61.22 -40.39 4.40
CA GLU B 719 -62.51 -39.89 4.86
C GLU B 719 -62.38 -39.01 6.08
N MET B 720 -61.48 -39.37 7.00
CA MET B 720 -61.25 -38.56 8.19
C MET B 720 -60.63 -37.21 7.86
N ALA B 721 -59.69 -37.21 6.91
CA ALA B 721 -58.98 -35.99 6.58
C ALA B 721 -59.94 -34.91 6.09
N VAL B 722 -60.90 -35.31 5.25
CA VAL B 722 -61.90 -34.39 4.73
C VAL B 722 -62.73 -33.80 5.85
N VAL B 723 -63.07 -34.65 6.82
CA VAL B 723 -63.78 -34.20 8.01
C VAL B 723 -62.93 -33.22 8.77
N ALA B 724 -61.69 -33.63 9.05
CA ALA B 724 -60.75 -32.79 9.78
C ALA B 724 -60.53 -31.45 9.08
N THR B 725 -60.26 -31.50 7.78
CA THR B 725 -60.02 -30.29 7.00
C THR B 725 -61.20 -29.35 7.09
N GLU B 726 -62.41 -29.91 7.06
CA GLU B 726 -63.60 -29.06 7.10
C GLU B 726 -63.80 -28.47 8.49
N GLU B 727 -63.55 -29.28 9.50
CA GLU B 727 -63.68 -28.83 10.88
C GLU B 727 -62.67 -27.72 11.17
N TYR B 728 -61.46 -27.88 10.66
CA TYR B 728 -60.38 -26.90 10.85
C TYR B 728 -60.71 -25.55 10.22
N ARG B 729 -61.06 -25.56 8.94
CA ARG B 729 -61.35 -24.33 8.21
C ARG B 729 -62.67 -23.74 8.63
N SER B 730 -63.52 -24.58 9.24
CA SER B 730 -64.80 -24.10 9.74
C SER B 730 -64.56 -23.05 10.83
N VAL B 731 -63.44 -23.19 11.54
CA VAL B 731 -63.09 -22.25 12.60
C VAL B 731 -62.18 -21.12 12.11
N VAL B 732 -61.09 -21.49 11.45
CA VAL B 732 -60.06 -20.52 11.07
C VAL B 732 -60.35 -19.74 9.79
N VAL B 733 -61.38 -20.16 9.05
CA VAL B 733 -61.75 -19.52 7.78
C VAL B 733 -63.22 -19.08 7.79
N LYS B 734 -64.13 -20.05 7.80
CA LYS B 734 -65.56 -19.78 7.69
C LYS B 734 -66.17 -19.33 9.02
N GLU B 735 -65.67 -18.23 9.56
CA GLU B 735 -66.12 -17.65 10.82
C GLU B 735 -65.44 -16.29 10.88
N ALA B 736 -66.13 -15.24 10.46
CA ALA B 736 -65.45 -13.97 10.26
C ALA B 736 -64.97 -13.36 11.56
N ARG B 737 -65.62 -13.72 12.66
CA ARG B 737 -65.22 -13.18 13.95
C ARG B 737 -63.97 -13.83 14.53
N PHE B 738 -63.45 -14.86 13.85
CA PHE B 738 -62.31 -15.64 14.35
C PHE B 738 -61.04 -14.83 14.46
N VAL B 739 -60.65 -14.21 13.35
CA VAL B 739 -59.44 -13.41 13.29
C VAL B 739 -59.38 -12.40 14.43
N GLU B 740 -60.54 -11.87 14.81
CA GLU B 740 -60.63 -10.93 15.93
C GLU B 740 -60.28 -11.64 17.24
N TYR B 741 -60.98 -12.73 17.52
CA TYR B 741 -60.72 -13.55 18.69
C TYR B 741 -59.25 -13.97 18.79
N PHE B 742 -58.66 -14.36 17.67
CA PHE B 742 -57.25 -14.77 17.60
C PHE B 742 -56.25 -13.68 17.98
N ARG B 743 -56.42 -12.48 17.44
CA ARG B 743 -55.53 -11.37 17.76
C ARG B 743 -55.91 -10.78 19.11
N SER B 744 -56.90 -11.38 19.73
CA SER B 744 -57.36 -10.95 21.04
C SER B 744 -56.93 -11.93 22.12
N ALA B 745 -57.03 -13.23 21.80
CA ALA B 745 -56.79 -14.28 22.79
C ALA B 745 -55.33 -14.74 22.93
N THR B 746 -54.51 -14.46 21.92
CA THR B 746 -53.11 -14.86 21.93
C THR B 746 -52.19 -13.66 21.70
N PRO B 747 -50.93 -13.74 22.18
CA PRO B 747 -50.02 -12.61 21.96
C PRO B 747 -49.46 -12.59 20.54
N GLU B 748 -50.28 -12.98 19.57
CA GLU B 748 -49.81 -13.07 18.20
C GLU B 748 -49.17 -11.80 17.72
N THR B 749 -49.88 -10.69 17.87
CA THR B 749 -49.40 -9.42 17.30
C THR B 749 -48.07 -8.95 17.90
N GLU B 750 -47.72 -9.49 19.05
CA GLU B 750 -46.55 -9.02 19.78
C GLU B 750 -45.27 -9.79 19.46
N TYR B 751 -45.36 -10.68 18.48
CA TYR B 751 -44.26 -11.57 18.12
C TYR B 751 -43.04 -10.81 17.59
N GLY B 752 -43.31 -9.72 16.88
CA GLY B 752 -42.24 -8.94 16.27
C GLY B 752 -41.26 -8.41 17.30
N ARG B 753 -41.77 -8.10 18.49
CA ARG B 753 -41.01 -7.39 19.52
C ARG B 753 -39.79 -8.14 20.05
N MET B 754 -39.70 -9.42 19.75
CA MET B 754 -38.56 -10.21 20.19
C MET B 754 -37.33 -9.96 19.33
N ASN B 755 -37.53 -9.34 18.18
CA ASN B 755 -36.45 -9.06 17.24
C ASN B 755 -35.70 -10.31 16.82
N ILE B 756 -36.43 -11.40 16.65
CA ILE B 756 -35.85 -12.62 16.12
C ILE B 756 -35.88 -12.46 14.61
N GLY B 757 -34.74 -12.64 13.96
CA GLY B 757 -34.71 -12.66 12.51
C GLY B 757 -35.04 -11.36 11.78
N SER B 758 -34.75 -11.32 10.48
CA SER B 758 -34.86 -10.11 9.68
C SER B 758 -36.22 -10.00 9.00
N ARG B 759 -36.85 -11.14 8.81
CA ARG B 759 -38.09 -11.22 8.07
C ARG B 759 -39.26 -10.57 8.81
N PRO B 760 -40.00 -9.71 8.10
CA PRO B 760 -41.32 -9.27 8.57
C PRO B 760 -42.29 -10.46 8.69
N ALA B 761 -43.15 -10.45 9.71
CA ALA B 761 -43.99 -11.61 10.06
C ALA B 761 -45.27 -11.76 9.23
N LYS B 762 -45.56 -10.77 8.39
CA LYS B 762 -46.74 -10.76 7.52
C LYS B 762 -46.40 -10.11 6.17
N ARG B 763 -46.74 -10.81 5.08
CA ARG B 763 -46.61 -10.26 3.71
C ARG B 763 -47.61 -9.11 3.43
N ARG B 764 -47.37 -7.96 4.08
CA ARG B 764 -48.30 -6.81 4.10
C ARG B 764 -49.57 -7.08 4.92
N PRO B 765 -49.99 -6.10 5.75
CA PRO B 765 -51.10 -6.26 6.71
C PRO B 765 -52.36 -6.91 6.12
N GLY B 766 -52.61 -6.68 4.83
CA GLY B 766 -53.78 -7.19 4.15
C GLY B 766 -53.81 -8.71 4.03
N GLY B 767 -55.03 -9.26 4.07
CA GLY B 767 -55.24 -10.68 4.04
C GLY B 767 -55.50 -11.22 5.44
N GLY B 768 -54.97 -10.52 6.43
CA GLY B 768 -55.16 -10.88 7.82
C GLY B 768 -54.58 -12.23 8.20
N ILE B 769 -55.42 -13.28 8.10
CA ILE B 769 -55.07 -14.62 8.56
C ILE B 769 -54.45 -15.48 7.43
N THR B 770 -54.84 -15.16 6.19
CA THR B 770 -54.28 -15.85 5.03
C THR B 770 -52.80 -15.50 4.84
N THR B 771 -52.40 -14.33 5.35
CA THR B 771 -51.06 -13.80 5.10
C THR B 771 -50.08 -13.89 6.28
N LEU B 772 -50.58 -14.35 7.43
CA LEU B 772 -49.72 -14.52 8.60
C LEU B 772 -48.82 -15.73 8.45
N ARG B 773 -47.51 -15.52 8.60
CA ARG B 773 -46.53 -16.61 8.45
C ARG B 773 -46.81 -17.72 9.43
N ALA B 774 -46.32 -18.93 9.11
CA ALA B 774 -46.63 -20.10 9.92
C ALA B 774 -46.09 -20.00 11.35
N ILE B 775 -44.89 -19.43 11.50
CA ILE B 775 -44.20 -19.45 12.78
C ILE B 775 -44.86 -18.59 13.87
N PRO B 776 -45.14 -17.31 13.59
CA PRO B 776 -45.93 -16.58 14.59
C PRO B 776 -47.29 -17.23 14.89
N TRP B 777 -47.98 -17.75 13.88
CA TRP B 777 -49.23 -18.53 14.05
C TRP B 777 -49.11 -19.60 15.13
N ILE B 778 -48.22 -20.58 14.93
CA ILE B 778 -47.98 -21.65 15.90
C ILE B 778 -47.50 -21.11 17.25
N PHE B 779 -46.68 -20.05 17.21
CA PHE B 779 -46.19 -19.39 18.42
C PHE B 779 -47.34 -18.90 19.30
N SER B 780 -48.29 -18.21 18.69
CA SER B 780 -49.39 -17.58 19.42
C SER B 780 -50.15 -18.57 20.27
N TRP B 781 -50.46 -19.73 19.70
CA TRP B 781 -51.29 -20.70 20.40
C TRP B 781 -50.45 -21.51 21.38
N THR B 782 -49.13 -21.42 21.24
CA THR B 782 -48.21 -22.17 22.07
C THR B 782 -47.98 -21.40 23.38
N GLN B 783 -47.91 -20.07 23.29
CA GLN B 783 -47.79 -19.18 24.46
C GLN B 783 -48.97 -19.30 25.41
N THR B 784 -50.14 -19.49 24.82
CA THR B 784 -51.42 -19.49 25.51
C THR B 784 -51.72 -20.91 26.02
N ARG B 785 -50.81 -21.84 25.68
CA ARG B 785 -50.87 -23.25 26.08
C ARG B 785 -52.19 -23.95 25.69
N PHE B 786 -52.63 -23.72 24.46
CA PHE B 786 -53.92 -24.18 23.96
C PHE B 786 -53.71 -25.05 22.72
N HIS B 787 -52.78 -24.63 21.86
CA HIS B 787 -52.33 -25.39 20.70
C HIS B 787 -53.42 -25.67 19.66
N LEU B 788 -54.30 -24.70 19.46
CA LEU B 788 -55.45 -24.83 18.55
C LEU B 788 -55.17 -25.47 17.16
N PRO B 789 -54.17 -24.98 16.41
CA PRO B 789 -53.96 -25.52 15.07
C PRO B 789 -53.38 -26.93 15.08
N VAL B 790 -52.87 -27.35 16.22
CA VAL B 790 -52.20 -28.64 16.34
C VAL B 790 -53.20 -29.81 16.39
N TRP B 791 -54.35 -29.58 17.02
CA TRP B 791 -55.32 -30.64 17.22
C TRP B 791 -56.71 -30.42 16.64
N LEU B 792 -56.94 -29.30 15.97
CA LEU B 792 -58.31 -28.90 15.60
C LEU B 792 -59.09 -29.94 14.78
N GLY B 793 -58.54 -30.37 13.66
CA GLY B 793 -59.22 -31.37 12.86
C GLY B 793 -59.49 -32.71 13.54
N VAL B 794 -58.63 -33.07 14.51
CA VAL B 794 -58.56 -34.43 15.05
C VAL B 794 -59.80 -34.91 15.79
N GLY B 795 -60.34 -34.07 16.66
CA GLY B 795 -61.54 -34.41 17.42
C GLY B 795 -62.70 -34.80 16.53
N ALA B 796 -62.95 -33.99 15.51
CA ALA B 796 -64.05 -34.24 14.59
C ALA B 796 -63.83 -35.51 13.76
N ALA B 797 -62.61 -35.72 13.29
CA ALA B 797 -62.30 -36.85 12.41
C ALA B 797 -62.39 -38.18 13.12
N PHE B 798 -62.07 -38.18 14.42
CA PHE B 798 -62.15 -39.38 15.22
C PHE B 798 -63.60 -39.63 15.56
N LYS B 799 -64.29 -38.59 15.99
CA LYS B 799 -65.70 -38.69 16.33
C LYS B 799 -66.49 -39.16 15.11
N PHE B 800 -66.09 -38.71 13.93
CA PHE B 800 -66.77 -39.09 12.69
C PHE B 800 -66.62 -40.58 12.37
N ALA B 801 -65.42 -41.10 12.55
CA ALA B 801 -65.15 -42.48 12.14
C ALA B 801 -65.89 -43.48 13.02
N ILE B 802 -66.05 -43.16 14.30
CA ILE B 802 -66.75 -44.06 15.21
C ILE B 802 -68.30 -43.91 15.18
N ASP B 803 -68.78 -42.72 14.82
CA ASP B 803 -70.22 -42.49 14.68
C ASP B 803 -70.74 -43.08 13.37
N LYS B 804 -69.85 -43.22 12.39
CA LYS B 804 -70.20 -43.80 11.09
C LYS B 804 -70.31 -45.32 11.22
N ASP B 805 -69.40 -45.92 11.99
CA ASP B 805 -69.44 -47.35 12.28
C ASP B 805 -68.59 -47.68 13.51
N VAL B 806 -69.24 -48.15 14.57
CA VAL B 806 -68.59 -48.34 15.87
C VAL B 806 -67.50 -49.41 15.80
N ARG B 807 -67.51 -50.16 14.70
CA ARG B 807 -66.45 -51.12 14.43
C ARG B 807 -65.12 -50.42 14.21
N ASN B 808 -65.18 -49.20 13.69
CA ASN B 808 -63.99 -48.42 13.37
C ASN B 808 -63.12 -48.12 14.58
N PHE B 809 -63.71 -48.15 15.77
CA PHE B 809 -62.95 -47.94 16.98
C PHE B 809 -61.83 -48.99 17.07
N GLN B 810 -62.18 -50.24 16.78
CA GLN B 810 -61.21 -51.34 16.80
C GLN B 810 -60.24 -51.28 15.62
N VAL B 811 -60.55 -50.42 14.65
CA VAL B 811 -59.71 -50.15 13.49
C VAL B 811 -58.76 -49.00 13.82
N LEU B 812 -59.32 -47.95 14.44
CA LEU B 812 -58.54 -46.82 14.92
C LEU B 812 -57.58 -47.28 15.99
N LYS B 813 -57.97 -48.26 16.80
CA LYS B 813 -57.05 -48.84 17.77
C LYS B 813 -55.98 -49.72 17.10
N GLU B 814 -56.34 -50.40 16.01
CA GLU B 814 -55.39 -51.28 15.32
C GLU B 814 -54.36 -50.43 14.59
N MET B 815 -54.82 -49.29 14.08
CA MET B 815 -53.96 -48.35 13.39
C MET B 815 -52.93 -47.74 14.32
N TYR B 816 -53.29 -47.55 15.58
CA TYR B 816 -52.36 -46.98 16.53
C TYR B 816 -51.33 -48.02 16.94
N ASN B 817 -51.73 -49.29 16.98
CA ASN B 817 -50.81 -50.33 17.41
C ASN B 817 -49.90 -50.83 16.32
N GLU B 818 -50.36 -50.76 15.07
CA GLU B 818 -49.68 -51.46 13.99
C GLU B 818 -49.04 -50.57 12.93
N TRP B 819 -49.53 -49.35 12.79
CA TRP B 819 -49.09 -48.48 11.71
C TRP B 819 -48.22 -47.34 12.21
N PRO B 820 -46.89 -47.44 11.97
CA PRO B 820 -45.91 -46.44 12.42
C PRO B 820 -46.38 -45.00 12.25
N PHE B 821 -46.71 -44.62 11.03
CA PHE B 821 -47.20 -43.28 10.73
C PHE B 821 -48.30 -42.80 11.67
N PHE B 822 -49.34 -43.61 11.82
CA PHE B 822 -50.50 -43.21 12.61
C PHE B 822 -50.17 -43.15 14.09
N ARG B 823 -49.37 -44.09 14.54
CA ARG B 823 -48.93 -44.11 15.93
C ARG B 823 -48.17 -42.83 16.25
N VAL B 824 -47.20 -42.50 15.40
CA VAL B 824 -46.35 -41.33 15.61
C VAL B 824 -47.17 -40.05 15.68
N THR B 825 -48.14 -39.91 14.78
CA THR B 825 -49.00 -38.73 14.76
C THR B 825 -49.81 -38.57 16.04
N LEU B 826 -50.24 -39.67 16.64
CA LEU B 826 -51.05 -39.59 17.84
C LEU B 826 -50.20 -39.39 19.09
N ASP B 827 -49.05 -40.05 19.15
CA ASP B 827 -48.16 -39.93 20.31
C ASP B 827 -47.66 -38.51 20.45
N LEU B 828 -47.39 -37.90 19.30
CA LEU B 828 -46.95 -36.52 19.24
C LEU B 828 -48.08 -35.56 19.62
N LEU B 829 -49.31 -35.90 19.25
CA LEU B 829 -50.46 -35.13 19.69
C LEU B 829 -50.65 -35.27 21.19
N GLU B 830 -50.21 -36.40 21.73
CA GLU B 830 -50.31 -36.64 23.17
C GLU B 830 -49.39 -35.66 23.88
N MET B 831 -48.14 -35.60 23.45
CA MET B 831 -47.16 -34.71 24.07
C MET B 831 -47.67 -33.27 24.09
N VAL B 832 -48.21 -32.81 22.97
CA VAL B 832 -48.81 -31.48 22.88
C VAL B 832 -49.86 -31.20 23.96
N PHE B 833 -50.83 -32.12 24.11
CA PHE B 833 -51.91 -31.98 25.10
C PHE B 833 -51.37 -31.99 26.54
N ALA B 834 -50.31 -32.74 26.77
CA ALA B 834 -49.68 -32.79 28.08
C ALA B 834 -48.83 -31.55 28.30
N LYS B 835 -48.60 -30.79 27.24
CA LYS B 835 -48.00 -29.46 27.36
C LYS B 835 -49.12 -28.43 27.27
N GLY B 836 -50.33 -28.84 27.63
CA GLY B 836 -51.49 -27.98 27.48
C GLY B 836 -52.38 -27.88 28.69
N ASP B 837 -52.97 -26.70 28.88
CA ASP B 837 -53.86 -26.45 29.98
C ASP B 837 -54.93 -25.48 29.50
N PRO B 838 -56.13 -25.99 29.18
CA PRO B 838 -57.19 -25.15 28.62
C PRO B 838 -57.66 -24.07 29.59
N GLY B 839 -57.34 -24.23 30.87
CA GLY B 839 -57.67 -23.20 31.86
C GLY B 839 -56.94 -21.89 31.63
N ILE B 840 -55.65 -21.99 31.38
CA ILE B 840 -54.83 -20.84 31.02
C ILE B 840 -55.41 -20.22 29.76
N ALA B 841 -55.79 -21.08 28.81
CA ALA B 841 -56.44 -20.64 27.58
C ALA B 841 -57.77 -19.92 27.84
N GLY B 842 -58.33 -20.15 29.03
CA GLY B 842 -59.53 -19.46 29.45
C GLY B 842 -59.24 -18.19 30.24
N LEU B 843 -58.07 -18.13 30.86
CA LEU B 843 -57.63 -16.93 31.57
C LEU B 843 -57.32 -15.80 30.59
N TYR B 844 -56.85 -16.16 29.40
CA TYR B 844 -56.62 -15.18 28.35
C TYR B 844 -57.95 -14.71 27.79
N ASP B 845 -58.91 -15.63 27.66
CA ASP B 845 -60.25 -15.29 27.21
C ASP B 845 -60.91 -14.34 28.18
N GLU B 846 -60.93 -14.72 29.45
CA GLU B 846 -61.52 -13.93 30.51
C GLU B 846 -61.07 -12.47 30.38
N LEU B 847 -59.76 -12.28 30.37
CA LEU B 847 -59.18 -10.95 30.46
C LEU B 847 -59.07 -10.16 29.16
N LEU B 848 -58.95 -10.85 28.03
CA LEU B 848 -58.63 -10.15 26.78
C LEU B 848 -59.69 -10.26 25.70
N VAL B 849 -60.56 -11.26 25.78
CA VAL B 849 -61.58 -11.45 24.76
C VAL B 849 -62.84 -10.60 25.01
N ALA B 850 -63.37 -10.02 23.94
CA ALA B 850 -64.60 -9.24 23.98
C ALA B 850 -65.75 -10.15 24.43
N GLU B 851 -66.70 -9.60 25.18
CA GLU B 851 -67.77 -10.40 25.79
C GLU B 851 -68.47 -11.33 24.80
N GLU B 852 -68.87 -10.78 23.66
CA GLU B 852 -69.63 -11.52 22.66
C GLU B 852 -68.90 -12.77 22.15
N LEU B 853 -67.58 -12.69 22.08
CA LEU B 853 -66.76 -13.76 21.53
C LEU B 853 -66.37 -14.79 22.58
N LYS B 854 -66.62 -14.49 23.85
CA LYS B 854 -66.27 -15.39 24.94
C LYS B 854 -66.89 -16.81 24.88
N PRO B 855 -68.19 -16.92 24.52
CA PRO B 855 -68.74 -18.26 24.34
C PRO B 855 -68.11 -18.99 23.15
N PHE B 856 -67.61 -18.24 22.16
CA PHE B 856 -66.89 -18.85 21.06
C PHE B 856 -65.61 -19.50 21.59
N GLY B 857 -65.04 -18.92 22.63
CA GLY B 857 -63.84 -19.45 23.26
C GLY B 857 -64.12 -20.76 23.97
N LYS B 858 -65.13 -20.74 24.84
CA LYS B 858 -65.54 -21.93 25.59
C LYS B 858 -65.88 -23.06 24.64
N GLN B 859 -66.36 -22.68 23.46
CA GLN B 859 -66.77 -23.62 22.43
C GLN B 859 -65.57 -24.39 21.91
N LEU B 860 -64.46 -23.68 21.76
CA LEU B 860 -63.20 -24.26 21.31
C LEU B 860 -62.59 -25.16 22.37
N ARG B 861 -62.64 -24.72 23.63
CA ARG B 861 -62.13 -25.52 24.73
C ARG B 861 -62.95 -26.78 24.92
N ASP B 862 -64.23 -26.73 24.55
CA ASP B 862 -65.06 -27.91 24.57
C ASP B 862 -64.52 -28.93 23.56
N LYS B 863 -64.08 -28.43 22.40
CA LYS B 863 -63.43 -29.29 21.41
C LYS B 863 -62.08 -29.82 21.90
N TYR B 864 -61.34 -28.96 22.62
CA TYR B 864 -60.06 -29.36 23.18
C TYR B 864 -60.23 -30.61 24.02
N VAL B 865 -61.18 -30.56 24.94
CA VAL B 865 -61.37 -31.65 25.91
C VAL B 865 -61.91 -32.91 25.25
N GLU B 866 -62.80 -32.74 24.29
CA GLU B 866 -63.32 -33.86 23.51
C GLU B 866 -62.22 -34.54 22.71
N THR B 867 -61.18 -33.77 22.35
CA THR B 867 -60.13 -34.29 21.47
C THR B 867 -59.11 -35.10 22.24
N GLN B 868 -58.70 -34.60 23.40
CA GLN B 868 -57.79 -35.33 24.26
C GLN B 868 -58.46 -36.61 24.75
N GLN B 869 -59.77 -36.57 24.92
CA GLN B 869 -60.52 -37.68 25.47
C GLN B 869 -60.60 -38.85 24.49
N LEU B 870 -60.85 -38.53 23.23
CA LEU B 870 -60.89 -39.51 22.15
C LEU B 870 -59.49 -40.02 21.82
N LEU B 871 -58.52 -39.09 21.84
CA LEU B 871 -57.12 -39.41 21.54
C LEU B 871 -56.59 -40.49 22.47
N LEU B 872 -56.74 -40.29 23.77
CA LEU B 872 -56.29 -41.27 24.75
C LEU B 872 -57.00 -42.61 24.58
N GLN B 873 -58.31 -42.55 24.34
CA GLN B 873 -59.11 -43.74 24.16
C GLN B 873 -58.46 -44.64 23.13
N ILE B 874 -58.34 -44.13 21.91
CA ILE B 874 -57.69 -44.84 20.81
C ILE B 874 -56.31 -45.38 21.16
N ALA B 875 -55.48 -44.54 21.78
CA ALA B 875 -54.13 -44.95 22.15
C ALA B 875 -54.14 -45.99 23.28
N GLY B 876 -55.26 -46.09 23.98
CA GLY B 876 -55.42 -47.08 25.03
C GLY B 876 -54.83 -46.64 26.35
N HIS B 877 -54.56 -45.35 26.46
CA HIS B 877 -54.04 -44.77 27.71
C HIS B 877 -55.23 -44.33 28.59
N LYS B 878 -55.07 -44.40 29.91
CA LYS B 878 -56.12 -43.96 30.84
C LYS B 878 -55.87 -42.51 31.26
N ASP B 879 -54.60 -42.15 31.30
CA ASP B 879 -54.14 -40.81 31.64
C ASP B 879 -53.26 -40.32 30.52
N ILE B 880 -52.84 -39.06 30.60
CA ILE B 880 -51.96 -38.52 29.57
C ILE B 880 -50.50 -38.73 29.97
N LEU B 881 -49.64 -38.88 28.97
CA LEU B 881 -48.23 -39.23 29.16
C LEU B 881 -48.02 -40.38 30.14
N GLU B 882 -48.88 -41.38 30.09
CA GLU B 882 -48.74 -42.50 31.02
C GLU B 882 -47.58 -43.39 30.56
N GLY B 883 -47.39 -43.45 29.24
CA GLY B 883 -46.30 -44.21 28.67
C GLY B 883 -44.93 -43.56 28.84
N ASP B 884 -44.92 -42.28 29.19
CA ASP B 884 -43.69 -41.50 29.35
C ASP B 884 -43.63 -40.85 30.73
N PRO B 885 -42.91 -41.49 31.68
CA PRO B 885 -42.81 -40.96 33.04
C PRO B 885 -41.82 -39.81 33.22
N PHE B 886 -40.70 -39.82 32.51
CA PHE B 886 -39.67 -38.78 32.69
C PHE B 886 -40.00 -37.45 32.00
N LEU B 887 -40.63 -37.51 30.83
CA LEU B 887 -41.09 -36.27 30.17
C LEU B 887 -42.25 -35.66 30.96
N LYS B 888 -42.97 -36.52 31.66
CA LYS B 888 -44.03 -36.12 32.57
C LYS B 888 -43.45 -35.61 33.88
N GLN B 889 -42.36 -36.24 34.33
CA GLN B 889 -41.65 -35.79 35.54
C GLN B 889 -41.14 -34.37 35.32
N GLY B 890 -40.59 -34.11 34.14
CA GLY B 890 -39.99 -32.82 33.81
C GLY B 890 -41.00 -31.70 33.76
N LEU B 891 -42.19 -32.02 33.25
CA LEU B 891 -43.28 -31.07 33.13
C LEU B 891 -43.92 -30.70 34.47
N VAL B 892 -43.42 -31.26 35.57
CA VAL B 892 -44.01 -30.94 36.87
C VAL B 892 -43.31 -29.77 37.57
N LEU B 893 -41.99 -29.69 37.45
CA LEU B 893 -41.29 -28.57 38.08
C LEU B 893 -41.40 -27.31 37.22
N ARG B 894 -41.50 -27.52 35.91
CA ARG B 894 -41.58 -26.42 34.96
C ARG B 894 -42.93 -25.70 34.97
N ASN B 895 -44.01 -26.47 35.01
CA ASN B 895 -45.35 -25.92 34.89
C ASN B 895 -45.74 -24.74 35.80
N PRO B 896 -45.34 -24.77 37.10
CA PRO B 896 -45.72 -23.62 37.92
C PRO B 896 -45.04 -22.33 37.50
N TYR B 897 -43.91 -22.42 36.82
CA TYR B 897 -43.24 -21.22 36.35
C TYR B 897 -43.91 -20.69 35.10
N ILE B 898 -44.23 -21.59 34.18
CA ILE B 898 -44.95 -21.23 32.95
C ILE B 898 -46.32 -20.64 33.28
N THR B 899 -46.99 -21.25 34.24
CA THR B 899 -48.27 -20.76 34.73
C THR B 899 -48.11 -19.37 35.32
N THR B 900 -46.99 -19.12 35.99
CA THR B 900 -46.71 -17.81 36.58
C THR B 900 -46.54 -16.78 35.48
N LEU B 901 -45.83 -17.15 34.42
CA LEU B 901 -45.64 -16.28 33.26
C LEU B 901 -46.89 -16.11 32.39
N ASN B 902 -47.78 -17.11 32.40
CA ASN B 902 -49.03 -16.98 31.66
C ASN B 902 -49.89 -15.91 32.30
N VAL B 903 -50.09 -16.04 33.60
CA VAL B 903 -50.83 -15.04 34.34
C VAL B 903 -50.16 -13.68 34.15
N PHE B 904 -48.83 -13.64 34.26
CA PHE B 904 -48.10 -12.39 34.10
C PHE B 904 -48.32 -11.80 32.71
N GLN B 905 -48.34 -12.65 31.70
CA GLN B 905 -48.45 -12.19 30.33
C GLN B 905 -49.88 -11.74 30.02
N ALA B 906 -50.87 -12.51 30.44
CA ALA B 906 -52.27 -12.15 30.25
C ALA B 906 -52.62 -10.77 30.81
N TYR B 907 -52.20 -10.50 32.04
CA TYR B 907 -52.43 -9.20 32.67
C TYR B 907 -51.57 -8.10 32.10
N THR B 908 -50.40 -8.44 31.60
CA THR B 908 -49.52 -7.43 31.02
C THR B 908 -49.95 -7.15 29.57
N LEU B 909 -50.67 -8.11 28.98
CA LEU B 909 -51.34 -7.87 27.69
C LEU B 909 -52.56 -6.99 27.89
N LYS B 910 -53.24 -7.14 29.03
CA LYS B 910 -54.40 -6.31 29.35
C LYS B 910 -53.97 -4.90 29.72
N ARG B 911 -52.85 -4.76 30.42
CA ARG B 911 -52.36 -3.44 30.79
C ARG B 911 -52.02 -2.61 29.55
N ILE B 912 -51.57 -3.29 28.50
CA ILE B 912 -51.18 -2.63 27.27
C ILE B 912 -52.39 -2.22 26.42
N ARG B 913 -53.30 -3.15 26.19
CA ARG B 913 -54.43 -2.89 25.29
C ARG B 913 -55.48 -1.96 25.88
N ASP B 914 -55.79 -2.17 27.15
CA ASP B 914 -56.87 -1.46 27.82
C ASP B 914 -56.28 -0.47 28.80
N PRO B 915 -56.28 0.83 28.44
CA PRO B 915 -55.69 1.86 29.31
C PRO B 915 -56.65 2.30 30.42
N ASN B 916 -57.87 1.79 30.39
CA ASN B 916 -58.85 2.00 31.46
C ASN B 916 -58.67 1.00 32.60
N PHE B 917 -57.93 -0.08 32.34
CA PHE B 917 -57.58 -1.06 33.36
C PHE B 917 -56.75 -0.36 34.44
N LYS B 918 -57.27 -0.30 35.67
CA LYS B 918 -56.53 0.32 36.75
C LYS B 918 -55.89 -0.73 37.64
N VAL B 919 -54.84 -0.34 38.36
CA VAL B 919 -54.18 -1.24 39.29
C VAL B 919 -53.39 -0.50 40.38
N THR B 920 -53.58 -0.89 41.64
CA THR B 920 -52.95 -0.18 42.75
C THR B 920 -51.50 -0.60 42.96
N PRO B 921 -50.57 0.35 42.80
CA PRO B 921 -49.13 0.03 42.83
C PRO B 921 -48.64 -0.54 44.15
N GLN B 922 -47.74 -1.52 44.05
CA GLN B 922 -47.14 -2.17 45.20
C GLN B 922 -45.90 -1.41 45.65
N PRO B 923 -45.42 -1.69 46.87
CA PRO B 923 -44.12 -1.13 47.27
C PRO B 923 -43.00 -1.81 46.49
N PRO B 924 -41.82 -1.16 46.40
CA PRO B 924 -40.71 -1.73 45.65
C PRO B 924 -40.22 -3.03 46.29
N LEU B 925 -39.60 -3.89 45.49
CA LEU B 925 -39.18 -5.20 45.96
C LEU B 925 -37.68 -5.33 45.92
N SER B 926 -37.07 -4.83 44.86
CA SER B 926 -35.62 -4.93 44.73
C SER B 926 -34.93 -3.85 45.50
N LYS B 927 -33.94 -4.24 46.30
CA LYS B 927 -33.18 -3.29 47.09
C LYS B 927 -32.37 -2.37 46.18
N GLU B 928 -32.16 -2.82 44.95
CA GLU B 928 -31.39 -2.08 43.95
C GLU B 928 -32.11 -0.80 43.52
N PHE B 929 -33.43 -0.88 43.39
CA PHE B 929 -34.22 0.30 43.03
C PHE B 929 -35.17 0.67 44.16
N ALA B 930 -34.63 1.34 45.18
CA ALA B 930 -35.44 1.80 46.30
C ALA B 930 -36.60 2.77 45.90
N ASP B 931 -36.35 3.95 45.31
CA ASP B 931 -35.08 4.67 45.21
C ASP B 931 -35.39 6.16 45.07
N GLU B 932 -36.46 6.46 44.33
CA GLU B 932 -36.92 7.83 44.15
C GLU B 932 -38.40 7.88 43.81
N ALA B 936 -35.47 4.58 37.25
CA ALA B 936 -34.87 3.24 37.27
C ALA B 936 -33.87 3.02 36.14
N GLY B 937 -32.81 2.28 36.41
CA GLY B 937 -31.75 2.06 35.44
C GLY B 937 -31.94 0.85 34.54
N LEU B 938 -32.59 -0.18 35.07
CA LEU B 938 -32.89 -1.41 34.32
C LEU B 938 -33.98 -1.16 33.31
N VAL B 939 -34.97 -0.37 33.67
CA VAL B 939 -35.91 0.12 32.68
C VAL B 939 -35.08 1.11 31.89
N LYS B 940 -35.58 1.56 30.74
CA LYS B 940 -34.82 2.53 29.94
C LYS B 940 -33.54 1.91 29.32
N LEU B 941 -33.41 0.59 29.46
CA LEU B 941 -32.56 -0.16 28.56
C LEU B 941 -33.37 -0.25 27.28
N ASN B 942 -34.67 -0.06 27.42
CA ASN B 942 -35.56 0.09 26.27
C ASN B 942 -35.68 1.57 25.90
N PRO B 943 -34.91 2.00 24.87
CA PRO B 943 -34.80 3.42 24.51
C PRO B 943 -36.17 4.05 24.21
N ALA B 944 -36.77 3.69 23.08
CA ALA B 944 -38.10 4.17 22.73
C ALA B 944 -39.13 3.04 22.79
N SER B 945 -39.98 3.05 23.82
CA SER B 945 -41.06 2.06 23.91
C SER B 945 -42.39 2.67 23.51
N GLU B 946 -43.15 1.99 22.66
CA GLU B 946 -44.48 2.44 22.29
C GLU B 946 -45.40 2.31 23.49
N TYR B 947 -45.06 1.34 24.33
CA TYR B 947 -45.81 0.99 25.52
C TYR B 947 -45.27 1.73 26.75
N PRO B 948 -46.10 1.86 27.80
CA PRO B 948 -45.69 2.35 29.13
C PRO B 948 -44.38 1.69 29.62
N PRO B 949 -43.57 2.43 30.40
CA PRO B 949 -42.16 2.14 30.73
C PRO B 949 -41.74 0.66 30.79
N GLY B 950 -42.27 -0.09 31.76
CA GLY B 950 -41.81 -1.46 31.94
C GLY B 950 -42.53 -2.51 31.13
N LEU B 951 -43.55 -2.11 30.38
CA LEU B 951 -44.47 -3.09 29.81
C LEU B 951 -43.95 -3.85 28.60
N GLU B 952 -43.16 -3.20 27.74
CA GLU B 952 -42.64 -3.91 26.59
C GLU B 952 -41.54 -4.89 26.99
N ASP B 953 -40.70 -4.52 27.95
CA ASP B 953 -39.66 -5.44 28.43
C ASP B 953 -40.26 -6.60 29.21
N THR B 954 -41.27 -6.31 30.02
CA THR B 954 -41.95 -7.35 30.79
C THR B 954 -42.61 -8.36 29.86
N LEU B 955 -43.42 -7.87 28.93
CA LEU B 955 -44.09 -8.72 27.94
C LEU B 955 -43.12 -9.56 27.11
N ILE B 956 -41.99 -8.98 26.71
CA ILE B 956 -41.02 -9.74 25.94
C ILE B 956 -40.46 -10.86 26.80
N LEU B 957 -40.18 -10.54 28.05
CA LEU B 957 -39.62 -11.52 28.97
C LEU B 957 -40.61 -12.63 29.29
N THR B 958 -41.90 -12.32 29.24
CA THR B 958 -42.90 -13.34 29.48
C THR B 958 -42.99 -14.24 28.26
N MET B 959 -42.85 -13.67 27.08
CA MET B 959 -42.85 -14.44 25.85
C MET B 959 -41.65 -15.37 25.77
N LYS B 960 -40.46 -14.82 26.03
CA LYS B 960 -39.24 -15.59 25.98
C LYS B 960 -39.29 -16.68 27.05
N GLY B 961 -39.82 -16.33 28.22
CA GLY B 961 -39.92 -17.24 29.34
C GLY B 961 -40.83 -18.45 29.11
N ILE B 962 -42.04 -18.20 28.61
CA ILE B 962 -43.00 -19.26 28.34
C ILE B 962 -42.46 -20.20 27.27
N ALA B 963 -41.88 -19.60 26.23
CA ALA B 963 -41.31 -20.36 25.14
C ALA B 963 -40.20 -21.29 25.63
N ALA B 964 -39.42 -20.78 26.59
CA ALA B 964 -38.36 -21.55 27.23
C ALA B 964 -38.91 -22.74 28.04
N GLY B 965 -40.11 -22.56 28.62
CA GLY B 965 -40.75 -23.61 29.37
C GLY B 965 -41.26 -24.67 28.41
N MET B 966 -41.99 -24.23 27.40
CA MET B 966 -42.54 -25.12 26.38
C MET B 966 -41.45 -25.78 25.53
N GLN B 967 -40.23 -25.26 25.66
CA GLN B 967 -39.09 -25.67 24.86
C GLN B 967 -39.36 -25.48 23.37
N ASN B 968 -40.25 -24.56 23.06
CA ASN B 968 -40.54 -24.19 21.68
C ASN B 968 -41.04 -22.74 21.49
N THR B 969 -40.46 -22.06 20.52
CA THR B 969 -40.85 -20.71 20.18
C THR B 969 -42.05 -20.76 19.24
N GLY B 970 -41.89 -21.40 18.08
CA GLY B 970 -42.99 -21.52 17.14
C GLY B 970 -42.73 -22.40 15.94
N GLU C 36 10.43 56.49 -24.10
CA GLU C 36 9.08 56.35 -24.62
C GLU C 36 8.36 55.18 -23.97
N TYR C 37 9.13 54.26 -23.41
CA TYR C 37 8.61 53.02 -22.81
C TYR C 37 7.72 53.25 -21.58
N ASP C 38 8.06 54.26 -20.78
CA ASP C 38 7.35 54.55 -19.53
C ASP C 38 6.08 55.36 -19.79
N ALA C 39 6.09 56.11 -20.89
CA ALA C 39 4.92 56.82 -21.36
C ALA C 39 3.90 55.78 -21.82
N LEU C 40 4.40 54.64 -22.29
CA LEU C 40 3.56 53.55 -22.79
C LEU C 40 2.85 52.84 -21.64
N LEU C 41 3.56 52.63 -20.55
CA LEU C 41 3.03 51.86 -19.41
C LEU C 41 2.22 52.70 -18.45
N VAL C 42 2.68 53.93 -18.20
CA VAL C 42 1.98 54.83 -17.29
C VAL C 42 0.67 55.27 -17.92
N ASP C 43 0.67 55.45 -19.23
CA ASP C 43 -0.56 55.84 -19.90
C ASP C 43 -1.57 54.72 -19.93
N ARG C 44 -1.10 53.49 -20.07
CA ARG C 44 -2.01 52.35 -20.09
C ARG C 44 -2.57 52.05 -18.73
N PHE C 45 -1.74 52.20 -17.69
CA PHE C 45 -2.21 52.05 -16.33
C PHE C 45 -3.34 53.05 -16.01
N LEU C 46 -3.15 54.31 -16.38
CA LEU C 46 -4.09 55.35 -16.02
C LEU C 46 -5.46 55.13 -16.65
N ASN C 47 -5.48 54.69 -17.90
CA ASN C 47 -6.73 54.34 -18.58
C ASN C 47 -7.50 53.26 -17.83
N ILE C 48 -6.75 52.32 -17.27
CA ILE C 48 -7.31 51.19 -16.50
C ILE C 48 -7.79 51.67 -15.15
N LEU C 49 -7.07 52.64 -14.59
CA LEU C 49 -7.41 53.23 -13.31
C LEU C 49 -8.74 53.96 -13.45
N GLN C 50 -8.85 54.71 -14.53
CA GLN C 50 -10.04 55.49 -14.83
C GLN C 50 -11.20 54.58 -15.17
N ASP C 51 -10.95 53.64 -16.08
CA ASP C 51 -11.95 52.66 -16.47
C ASP C 51 -12.55 51.93 -15.27
N LEU C 52 -11.74 51.67 -14.25
CA LEU C 52 -12.18 50.87 -13.11
C LEU C 52 -12.73 51.67 -11.93
N HIS C 53 -12.30 52.92 -11.78
CA HIS C 53 -12.59 53.68 -10.56
C HIS C 53 -13.23 55.05 -10.78
N GLY C 54 -13.23 55.49 -12.04
CA GLY C 54 -13.84 56.76 -12.37
C GLY C 54 -12.79 57.83 -12.58
N PRO C 55 -13.06 58.77 -13.50
CA PRO C 55 -12.09 59.77 -13.95
C PRO C 55 -11.53 60.65 -12.82
N SER C 56 -12.39 60.95 -11.84
CA SER C 56 -12.03 61.76 -10.69
C SER C 56 -10.74 61.30 -10.04
N LEU C 57 -10.73 60.05 -9.59
CA LEU C 57 -9.55 59.46 -8.94
C LEU C 57 -8.32 59.54 -9.84
N ARG C 58 -8.52 59.37 -11.15
CA ARG C 58 -7.44 59.42 -12.13
C ARG C 58 -6.87 60.83 -12.24
N GLU C 59 -7.76 61.80 -12.07
CA GLU C 59 -7.35 63.20 -12.04
C GLU C 59 -6.58 63.47 -10.76
N PHE C 60 -7.07 62.96 -9.64
CA PHE C 60 -6.39 63.11 -8.36
C PHE C 60 -4.96 62.57 -8.39
N VAL C 61 -4.79 61.34 -8.88
CA VAL C 61 -3.46 60.76 -8.98
C VAL C 61 -2.57 61.60 -9.91
N GLN C 62 -3.19 62.27 -10.87
CA GLN C 62 -2.46 63.09 -11.84
C GLN C 62 -2.11 64.45 -11.25
N GLU C 63 -3.03 64.99 -10.45
CA GLU C 63 -2.83 66.27 -9.77
C GLU C 63 -1.74 66.15 -8.73
N CYS C 64 -1.69 64.98 -8.09
CA CYS C 64 -0.64 64.67 -7.13
C CYS C 64 0.73 64.68 -7.80
N TYR C 65 0.77 64.30 -9.06
CA TYR C 65 2.02 64.27 -9.78
C TYR C 65 2.54 65.69 -9.93
N GLU C 66 1.69 66.58 -10.43
CA GLU C 66 2.12 67.94 -10.75
C GLU C 66 2.41 68.81 -9.54
N VAL C 67 1.71 68.57 -8.43
CA VAL C 67 2.01 69.28 -7.20
C VAL C 67 3.40 68.89 -6.68
N SER C 68 3.78 67.64 -6.88
CA SER C 68 5.08 67.14 -6.46
C SER C 68 6.16 67.47 -7.50
N ALA C 69 5.73 67.72 -8.73
CA ALA C 69 6.63 68.10 -9.80
C ALA C 69 7.00 69.59 -9.72
N ASP C 70 6.16 70.37 -9.06
CA ASP C 70 6.44 71.77 -8.78
C ASP C 70 7.43 71.86 -7.64
N TYR C 71 7.38 70.89 -6.73
CA TYR C 71 8.40 70.81 -5.71
C TYR C 71 9.71 70.38 -6.35
N GLU C 72 9.64 69.38 -7.22
CA GLU C 72 10.83 68.89 -7.90
C GLU C 72 11.48 69.98 -8.76
N GLY C 73 10.66 70.70 -9.50
CA GLY C 73 11.14 71.75 -10.40
C GLY C 73 11.87 72.89 -9.74
N LYS C 74 11.21 73.57 -8.80
CA LYS C 74 11.73 74.82 -8.22
C LYS C 74 12.31 74.71 -6.80
N GLY C 75 11.88 73.68 -6.05
CA GLY C 75 12.33 73.48 -4.68
C GLY C 75 11.36 73.97 -3.61
N ASP C 76 10.24 74.55 -4.02
CA ASP C 76 9.21 75.09 -3.13
C ASP C 76 8.74 74.06 -2.10
N THR C 77 9.00 74.35 -0.82
CA THR C 77 8.65 73.44 0.28
C THR C 77 7.16 73.52 0.65
N THR C 78 6.51 74.62 0.24
CA THR C 78 5.10 74.87 0.56
C THR C 78 4.16 73.92 -0.20
N LYS C 79 4.62 73.46 -1.35
CA LYS C 79 3.94 72.43 -2.14
C LYS C 79 3.64 71.17 -1.29
N LEU C 80 4.68 70.62 -0.66
CA LEU C 80 4.57 69.39 0.14
C LEU C 80 3.48 69.45 1.20
N GLY C 81 3.38 70.58 1.92
CA GLY C 81 2.34 70.75 2.90
C GLY C 81 0.97 70.70 2.26
N GLU C 82 0.87 71.24 1.06
CA GLU C 82 -0.42 71.37 0.36
C GLU C 82 -0.88 70.02 -0.17
N LEU C 83 0.09 69.16 -0.46
CA LEU C 83 -0.17 67.85 -1.02
C LEU C 83 -0.71 66.88 0.02
N GLY C 84 -0.13 66.93 1.21
CA GLY C 84 -0.59 66.13 2.33
C GLY C 84 -1.91 66.66 2.85
N ALA C 85 -2.23 67.90 2.50
CA ALA C 85 -3.54 68.45 2.80
C ALA C 85 -4.61 67.63 2.07
N LYS C 86 -4.35 67.35 0.80
CA LYS C 86 -5.24 66.52 -0.01
C LYS C 86 -5.31 65.09 0.53
N LEU C 87 -4.15 64.44 0.58
CA LEU C 87 -4.04 63.01 0.87
C LEU C 87 -4.67 62.55 2.17
N THR C 88 -4.67 63.44 3.16
CA THR C 88 -5.06 63.11 4.53
C THR C 88 -6.56 62.85 4.64
N GLY C 89 -7.34 63.68 3.96
CA GLY C 89 -8.79 63.61 4.04
C GLY C 89 -9.43 62.44 3.31
N LEU C 90 -8.68 61.82 2.39
CA LEU C 90 -9.19 60.71 1.59
C LEU C 90 -9.92 59.62 2.39
N ALA C 91 -10.87 58.95 1.73
CA ALA C 91 -11.55 57.80 2.31
C ALA C 91 -10.53 56.72 2.63
N PRO C 92 -10.89 55.76 3.51
CA PRO C 92 -9.96 54.65 3.73
C PRO C 92 -9.76 53.80 2.46
N ALA C 93 -10.79 53.65 1.64
CA ALA C 93 -10.68 52.90 0.38
C ALA C 93 -9.91 53.68 -0.70
N ASP C 94 -10.17 54.98 -0.80
CA ASP C 94 -9.47 55.82 -1.76
C ASP C 94 -8.01 56.01 -1.38
N ALA C 95 -7.75 56.08 -0.08
CA ALA C 95 -6.38 56.28 0.39
C ALA C 95 -5.51 55.12 -0.04
N ILE C 96 -6.02 53.91 0.17
CA ILE C 96 -5.31 52.71 -0.24
C ILE C 96 -5.17 52.70 -1.76
N LEU C 97 -6.27 52.98 -2.45
CA LEU C 97 -6.26 53.12 -3.90
C LEU C 97 -5.17 54.06 -4.42
N VAL C 98 -5.11 55.28 -3.91
CA VAL C 98 -4.08 56.21 -4.32
C VAL C 98 -2.69 55.63 -4.05
N ALA C 99 -2.47 55.14 -2.83
CA ALA C 99 -1.19 54.52 -2.47
C ALA C 99 -0.85 53.27 -3.32
N SER C 100 -1.85 52.44 -3.59
CA SER C 100 -1.68 51.28 -4.47
C SER C 100 -1.33 51.72 -5.88
N SER C 101 -2.03 52.73 -6.39
CA SER C 101 -1.78 53.25 -7.73
C SER C 101 -0.36 53.80 -7.93
N ILE C 102 0.10 54.63 -7.00
CA ILE C 102 1.44 55.19 -7.10
C ILE C 102 2.50 54.08 -7.07
N LEU C 103 2.19 53.00 -6.35
CA LEU C 103 3.06 51.83 -6.28
C LEU C 103 3.22 51.17 -7.63
N HIS C 104 2.10 50.96 -8.32
CA HIS C 104 2.12 50.26 -9.59
C HIS C 104 2.70 51.11 -10.71
N MET C 105 2.57 52.43 -10.61
CA MET C 105 3.12 53.31 -11.63
C MET C 105 4.61 53.40 -11.43
N LEU C 106 5.02 53.42 -10.18
CA LEU C 106 6.43 53.49 -9.82
C LEU C 106 7.10 52.18 -10.21
N ASN C 107 6.36 51.09 -10.08
CA ASN C 107 6.85 49.78 -10.46
C ASN C 107 6.96 49.61 -11.97
N LEU C 108 5.91 50.05 -12.68
CA LEU C 108 5.92 50.04 -14.13
C LEU C 108 6.99 50.97 -14.69
N ALA C 109 7.38 51.99 -13.91
CA ALA C 109 8.46 52.87 -14.33
C ALA C 109 9.77 52.09 -14.29
N ASN C 110 9.87 51.20 -13.32
CA ASN C 110 11.05 50.34 -13.17
C ASN C 110 11.16 49.31 -14.28
N LEU C 111 10.03 48.72 -14.66
CA LEU C 111 10.02 47.68 -15.67
C LEU C 111 10.38 48.29 -17.01
N ALA C 112 9.88 49.51 -17.23
CA ALA C 112 10.11 50.21 -18.49
C ALA C 112 11.55 50.68 -18.59
N GLU C 113 12.21 50.86 -17.44
CA GLU C 113 13.64 51.15 -17.43
C GLU C 113 14.48 49.88 -17.66
N GLU C 114 14.11 48.77 -17.04
CA GLU C 114 14.86 47.53 -17.21
C GLU C 114 14.84 47.10 -18.66
N VAL C 115 13.69 47.25 -19.30
CA VAL C 115 13.54 46.87 -20.69
C VAL C 115 14.48 47.70 -21.56
N GLN C 116 14.52 49.00 -21.32
CA GLN C 116 15.33 49.92 -22.11
C GLN C 116 16.83 49.77 -21.83
N ILE C 117 17.18 49.48 -20.58
CA ILE C 117 18.56 49.14 -20.24
C ILE C 117 19.02 47.93 -21.04
N ALA C 118 18.11 46.95 -21.15
CA ALA C 118 18.39 45.69 -21.83
C ALA C 118 18.51 45.91 -23.33
N HIS C 119 17.73 46.86 -23.84
CA HIS C 119 17.70 47.20 -25.25
C HIS C 119 18.97 47.93 -25.64
N ARG C 120 19.45 48.80 -24.75
CA ARG C 120 20.65 49.58 -25.03
C ARG C 120 21.90 48.71 -25.01
N ARG C 121 21.96 47.79 -24.05
CA ARG C 121 23.03 46.81 -23.97
C ARG C 121 23.09 45.95 -25.23
N ARG C 122 21.94 45.45 -25.65
CA ARG C 122 21.82 44.58 -26.83
C ARG C 122 22.25 45.31 -28.10
N ASN C 123 21.86 46.58 -28.20
CA ASN C 123 22.21 47.44 -29.34
C ASN C 123 23.70 47.79 -29.39
N SER C 124 24.46 47.32 -28.40
CA SER C 124 25.92 47.36 -28.47
C SER C 124 26.46 46.09 -29.15
N LYS C 125 26.68 46.24 -30.45
CA LYS C 125 27.23 45.21 -31.32
C LYS C 125 27.48 45.86 -32.68
N GLU C 140 33.25 48.89 -17.65
CA GLU C 140 32.39 47.72 -17.76
C GLU C 140 32.65 46.93 -19.05
N SER C 141 32.69 45.60 -18.95
CA SER C 141 32.80 44.74 -20.14
C SER C 141 32.40 43.26 -19.89
N ASP C 142 32.23 42.51 -20.97
CA ASP C 142 31.79 41.12 -20.89
C ASP C 142 32.96 40.15 -20.87
N ILE C 143 32.68 38.88 -21.13
CA ILE C 143 33.69 37.84 -20.98
C ILE C 143 34.56 37.65 -22.21
N GLU C 144 34.00 37.83 -23.41
CA GLU C 144 34.78 37.64 -24.63
C GLU C 144 35.72 38.82 -24.88
N GLU C 145 35.29 40.01 -24.49
CA GLU C 145 36.10 41.21 -24.61
C GLU C 145 37.25 41.17 -23.60
N THR C 146 36.93 40.73 -22.38
CA THR C 146 37.91 40.67 -21.30
C THR C 146 39.03 39.66 -21.60
N LEU C 147 38.72 38.64 -22.37
CA LEU C 147 39.76 37.71 -22.79
C LEU C 147 40.66 38.38 -23.82
N LYS C 148 40.05 38.94 -24.86
CA LYS C 148 40.78 39.62 -25.92
C LYS C 148 41.63 40.78 -25.41
N ARG C 149 41.25 41.37 -24.28
CA ARG C 149 42.01 42.47 -23.72
C ARG C 149 43.23 41.95 -22.98
N LEU C 150 43.02 40.92 -22.17
CA LEU C 150 44.10 40.34 -21.38
C LEU C 150 45.21 39.77 -22.27
N VAL C 151 44.86 39.47 -23.52
CA VAL C 151 45.79 38.93 -24.50
C VAL C 151 46.48 40.03 -25.31
N SER C 152 45.69 41.03 -25.69
CA SER C 152 46.18 42.17 -26.48
C SER C 152 46.92 43.16 -25.61
N GLU C 153 46.15 43.87 -24.79
CA GLU C 153 46.68 44.99 -24.01
C GLU C 153 47.57 44.55 -22.83
N VAL C 154 47.09 43.64 -22.00
CA VAL C 154 47.86 43.17 -20.84
C VAL C 154 49.04 42.27 -21.26
N GLY C 155 49.05 41.83 -22.51
CA GLY C 155 50.12 41.00 -23.03
C GLY C 155 50.25 39.63 -22.39
N LYS C 156 49.13 39.04 -21.96
CA LYS C 156 49.13 37.69 -21.39
C LYS C 156 48.91 36.64 -22.50
N SER C 157 49.41 35.43 -22.31
CA SER C 157 49.20 34.40 -23.31
C SER C 157 47.84 33.77 -23.12
N PRO C 158 47.20 33.36 -24.21
CA PRO C 158 45.94 32.61 -24.11
C PRO C 158 46.03 31.41 -23.15
N GLU C 159 47.16 30.70 -23.14
CA GLU C 159 47.31 29.54 -22.26
C GLU C 159 47.43 29.96 -20.80
N GLU C 160 47.84 31.20 -20.57
CA GLU C 160 47.82 31.75 -19.22
C GLU C 160 46.39 32.09 -18.84
N VAL C 161 45.67 32.70 -19.79
CA VAL C 161 44.27 33.06 -19.57
C VAL C 161 43.42 31.80 -19.44
N PHE C 162 43.78 30.78 -20.22
CA PHE C 162 43.06 29.52 -20.18
C PHE C 162 43.35 28.84 -18.85
N GLU C 163 44.59 28.92 -18.41
CA GLU C 163 44.98 28.34 -17.14
C GLU C 163 44.27 29.04 -16.01
N ALA C 164 44.28 30.37 -16.05
CA ALA C 164 43.62 31.19 -15.03
C ALA C 164 42.17 30.80 -14.88
N LEU C 165 41.51 30.60 -16.02
CA LEU C 165 40.11 30.21 -16.06
C LEU C 165 39.85 28.89 -15.34
N LYS C 166 40.62 27.85 -15.71
CA LYS C 166 40.43 26.53 -15.14
C LYS C 166 40.54 26.54 -13.63
N ASN C 167 41.30 27.50 -13.10
CA ASN C 167 41.51 27.61 -11.65
C ASN C 167 40.51 28.52 -10.94
N GLN C 168 39.67 29.20 -11.72
CA GLN C 168 38.72 30.14 -11.14
C GLN C 168 37.42 29.47 -10.71
N THR C 169 36.86 29.98 -9.62
CA THR C 169 35.59 29.52 -9.07
C THR C 169 34.95 30.66 -8.29
N VAL C 170 33.86 31.20 -8.82
CA VAL C 170 33.07 32.21 -8.11
C VAL C 170 31.87 31.50 -7.49
N ASP C 171 31.57 31.82 -6.23
CA ASP C 171 30.50 31.15 -5.50
C ASP C 171 29.49 32.21 -5.06
N LEU C 172 28.35 32.26 -5.73
CA LEU C 172 27.28 33.21 -5.35
C LEU C 172 26.37 32.53 -4.33
N VAL C 173 26.17 33.15 -3.17
CA VAL C 173 25.41 32.53 -2.09
C VAL C 173 24.04 33.19 -1.91
N PHE C 174 22.96 32.52 -2.34
CA PHE C 174 21.62 33.09 -2.18
C PHE C 174 21.23 33.10 -0.72
N THR C 175 20.80 34.25 -0.22
CA THR C 175 20.31 34.29 1.14
C THR C 175 18.90 34.83 1.21
N ALA C 176 18.31 34.72 2.39
CA ALA C 176 16.94 35.16 2.58
C ALA C 176 16.88 36.37 3.50
N HIS C 177 17.87 37.23 3.40
CA HIS C 177 17.83 38.51 4.12
C HIS C 177 16.53 39.22 3.74
N PRO C 178 15.76 39.64 4.75
CA PRO C 178 14.38 40.12 4.60
C PRO C 178 14.23 41.42 3.82
N THR C 179 14.70 41.42 2.57
CA THR C 179 14.60 42.60 1.71
C THR C 179 13.88 42.28 0.40
N GLN C 180 12.64 41.82 0.47
CA GLN C 180 11.83 41.61 -0.74
C GLN C 180 10.35 41.65 -0.39
N SER C 181 9.77 42.84 -0.45
CA SER C 181 8.36 43.00 -0.12
C SER C 181 7.47 42.25 -1.11
N ALA C 182 8.02 41.99 -2.29
CA ALA C 182 7.28 41.46 -3.44
C ALA C 182 6.73 40.05 -3.29
N ARG C 183 5.40 39.93 -3.30
CA ARG C 183 4.76 38.63 -3.44
C ARG C 183 5.26 38.04 -4.73
N ARG C 184 5.56 36.75 -4.77
CA ARG C 184 6.08 36.17 -6.00
C ARG C 184 5.06 36.31 -7.12
N SER C 185 3.79 36.17 -6.75
CA SER C 185 2.68 36.26 -7.68
C SER C 185 2.80 37.51 -8.55
N LEU C 186 3.20 38.62 -7.92
CA LEU C 186 3.34 39.91 -8.60
C LEU C 186 4.60 39.96 -9.44
N LEU C 187 5.62 39.22 -9.00
CA LEU C 187 6.91 39.21 -9.67
C LEU C 187 6.78 38.55 -11.03
N GLN C 188 6.01 37.46 -11.05
CA GLN C 188 5.76 36.71 -12.27
C GLN C 188 5.07 37.62 -13.28
N LYS C 189 4.15 38.44 -12.79
CA LYS C 189 3.41 39.39 -13.63
C LYS C 189 4.32 40.46 -14.22
N ASN C 190 5.36 40.84 -13.48
CA ASN C 190 6.37 41.73 -14.02
C ASN C 190 7.03 41.10 -15.24
N ALA C 191 7.48 39.86 -15.11
CA ALA C 191 8.21 39.18 -16.17
C ALA C 191 7.41 39.12 -17.48
N ARG C 192 6.09 38.99 -17.36
CA ARG C 192 5.18 38.96 -18.51
C ARG C 192 4.99 40.36 -19.09
N ILE C 193 4.87 41.34 -18.20
CA ILE C 193 4.78 42.74 -18.61
C ILE C 193 6.03 43.12 -19.38
N ARG C 194 7.20 42.82 -18.84
CA ARG C 194 8.45 43.09 -19.57
C ARG C 194 8.45 42.37 -20.90
N ASN C 195 7.97 41.12 -20.90
CA ASN C 195 7.92 40.30 -22.09
C ASN C 195 6.94 40.81 -23.14
N CYS C 196 5.78 41.30 -22.71
CA CYS C 196 4.82 41.93 -23.63
C CYS C 196 5.38 43.22 -24.18
N LEU C 197 6.24 43.85 -23.39
CA LEU C 197 6.78 45.15 -23.72
C LEU C 197 7.95 45.00 -24.67
N THR C 198 8.80 44.01 -24.39
CA THR C 198 9.94 43.72 -25.24
C THR C 198 9.50 43.36 -26.65
N GLN C 199 8.60 42.39 -26.76
CA GLN C 199 8.12 41.95 -28.06
C GLN C 199 7.40 43.07 -28.78
N LEU C 200 6.58 43.81 -28.05
CA LEU C 200 5.81 44.94 -28.61
C LEU C 200 6.73 45.85 -29.40
N ASN C 201 7.92 46.09 -28.86
CA ASN C 201 8.88 46.95 -29.50
C ASN C 201 9.90 46.16 -30.31
N ALA C 202 9.46 45.08 -30.95
CA ALA C 202 10.32 44.36 -31.88
C ALA C 202 10.36 45.10 -33.20
N LYS C 203 11.37 44.80 -34.02
CA LYS C 203 11.50 45.43 -35.33
C LYS C 203 10.41 44.93 -36.29
N ASP C 204 10.43 43.64 -36.61
CA ASP C 204 9.48 43.09 -37.57
C ASP C 204 8.32 42.37 -36.88
N ILE C 205 7.09 42.85 -37.12
CA ILE C 205 5.90 42.42 -36.38
C ILE C 205 4.60 42.86 -37.07
N THR C 206 3.61 41.96 -37.13
CA THR C 206 2.31 42.25 -37.74
C THR C 206 1.60 43.37 -37.00
N ASP C 207 0.56 43.94 -37.60
CA ASP C 207 -0.30 44.85 -36.88
C ASP C 207 -1.16 44.04 -35.91
N ASP C 208 -1.49 42.82 -36.32
CA ASP C 208 -2.29 41.91 -35.52
C ASP C 208 -1.49 41.41 -34.32
N ASP C 209 -0.25 41.02 -34.57
CA ASP C 209 0.62 40.57 -33.48
C ASP C 209 0.80 41.68 -32.47
N LYS C 210 0.90 42.92 -32.95
CA LYS C 210 1.13 44.08 -32.09
C LYS C 210 -0.13 44.41 -31.31
N GLN C 211 -1.23 44.47 -32.03
CA GLN C 211 -2.54 44.71 -31.44
C GLN C 211 -2.90 43.70 -30.34
N GLU C 212 -2.47 42.45 -30.50
CA GLU C 212 -2.76 41.39 -29.52
C GLU C 212 -1.76 41.38 -28.35
N LEU C 213 -0.53 41.78 -28.61
CA LEU C 213 0.47 41.95 -27.56
C LEU C 213 0.10 43.13 -26.69
N ASP C 214 -0.54 44.12 -27.29
CA ASP C 214 -0.99 45.28 -26.56
C ASP C 214 -2.12 44.90 -25.63
N GLU C 215 -3.08 44.14 -26.13
CA GLU C 215 -4.14 43.61 -25.28
C GLU C 215 -3.56 42.77 -24.13
N ALA C 216 -2.51 42.02 -24.42
CA ALA C 216 -1.89 41.17 -23.42
C ALA C 216 -1.24 42.00 -22.32
N LEU C 217 -0.61 43.09 -22.74
CA LEU C 217 0.05 43.99 -21.81
C LEU C 217 -0.99 44.68 -20.94
N GLN C 218 -2.13 45.05 -21.53
CA GLN C 218 -3.21 45.70 -20.79
C GLN C 218 -3.65 44.87 -19.60
N ARG C 219 -4.07 43.63 -19.87
CA ARG C 219 -4.70 42.79 -18.85
C ARG C 219 -3.68 42.31 -17.84
N GLU C 220 -2.41 42.29 -18.24
CA GLU C 220 -1.37 41.88 -17.32
C GLU C 220 -1.18 42.94 -16.25
N ILE C 221 -1.19 44.20 -16.67
CA ILE C 221 -1.08 45.34 -15.75
C ILE C 221 -2.26 45.37 -14.80
N GLN C 222 -3.46 45.17 -15.33
CA GLN C 222 -4.68 45.18 -14.54
C GLN C 222 -4.76 44.00 -13.57
N ALA C 223 -4.20 42.86 -13.97
CA ALA C 223 -4.13 41.72 -13.07
C ALA C 223 -3.25 42.07 -11.86
N ALA C 224 -2.07 42.62 -12.11
CA ALA C 224 -1.20 43.07 -11.03
C ALA C 224 -1.88 44.09 -10.12
N PHE C 225 -2.64 45.01 -10.72
CA PHE C 225 -3.32 46.06 -9.96
C PHE C 225 -4.47 45.49 -9.15
N ARG C 226 -5.12 44.44 -9.65
CA ARG C 226 -6.24 43.84 -8.93
C ARG C 226 -5.88 42.63 -8.08
N THR C 227 -4.64 42.64 -7.58
CA THR C 227 -4.13 41.65 -6.63
C THR C 227 -3.72 42.41 -5.36
N ASP C 228 -3.89 41.79 -4.19
CA ASP C 228 -3.49 42.42 -2.94
C ASP C 228 -1.97 42.41 -2.79
N GLU C 229 -1.35 43.58 -2.95
CA GLU C 229 0.12 43.68 -2.99
C GLU C 229 0.81 43.39 -1.67
N ILE C 230 0.02 43.31 -0.59
CA ILE C 230 0.55 43.10 0.74
C ILE C 230 0.63 41.62 1.15
N ARG C 231 1.79 41.19 1.63
CA ARG C 231 1.90 39.85 2.18
C ARG C 231 1.21 39.86 3.54
N ARG C 232 0.27 38.95 3.74
CA ARG C 232 -0.57 39.01 4.93
C ARG C 232 -0.13 38.08 6.06
N ALA C 233 1.03 37.46 5.91
CA ALA C 233 1.62 36.67 7.00
C ALA C 233 3.06 36.36 6.64
N GLN C 234 3.95 36.46 7.62
CA GLN C 234 5.35 36.16 7.40
C GLN C 234 5.52 34.78 6.79
N PRO C 235 6.53 34.62 5.93
CA PRO C 235 6.87 33.32 5.35
C PRO C 235 7.55 32.43 6.39
N THR C 236 7.50 31.12 6.22
CA THR C 236 8.31 30.22 7.04
C THR C 236 9.67 30.09 6.35
N PRO C 237 10.72 29.76 7.12
CA PRO C 237 12.04 29.57 6.50
C PRO C 237 12.00 28.63 5.30
N GLN C 238 11.20 27.57 5.37
CA GLN C 238 11.04 26.66 4.25
C GLN C 238 10.44 27.36 3.05
N ASP C 239 9.51 28.29 3.29
CA ASP C 239 8.94 29.09 2.21
C ASP C 239 10.04 29.92 1.58
N GLU C 240 10.84 30.54 2.45
CA GLU C 240 11.93 31.37 1.99
C GLU C 240 12.85 30.62 1.06
N MET C 241 13.12 29.37 1.42
CA MET C 241 13.99 28.52 0.62
C MET C 241 13.37 28.16 -0.73
N ARG C 242 12.12 27.70 -0.74
CA ARG C 242 11.46 27.38 -2.00
C ARG C 242 11.37 28.60 -2.90
N TYR C 243 11.14 29.74 -2.29
CA TYR C 243 11.01 31.00 -3.01
C TYR C 243 12.28 31.28 -3.79
N GLY C 244 13.42 31.08 -3.15
CA GLY C 244 14.70 31.40 -3.76
C GLY C 244 15.21 30.33 -4.68
N MET C 245 14.74 29.11 -4.48
CA MET C 245 15.11 28.01 -5.36
C MET C 245 14.45 28.16 -6.72
N SER C 246 13.34 28.88 -6.76
CA SER C 246 12.62 29.06 -8.02
C SER C 246 13.47 29.81 -9.04
N TYR C 247 14.49 30.53 -8.57
CA TYR C 247 15.40 31.21 -9.46
C TYR C 247 16.41 30.22 -10.04
N ILE C 248 16.95 29.40 -9.14
CA ILE C 248 17.78 28.26 -9.52
C ILE C 248 17.09 27.44 -10.61
N HIS C 249 15.78 27.24 -10.47
CA HIS C 249 14.99 26.47 -11.44
C HIS C 249 14.79 27.21 -12.75
N GLU C 250 14.23 28.41 -12.66
CA GLU C 250 13.73 29.08 -13.85
C GLU C 250 14.78 29.81 -14.67
N THR C 251 15.89 30.20 -14.07
CA THR C 251 16.92 30.90 -14.85
C THR C 251 18.34 30.33 -14.71
N VAL C 252 18.74 30.02 -13.48
CA VAL C 252 20.11 29.58 -13.22
C VAL C 252 20.40 28.21 -13.80
N TRP C 253 19.47 27.26 -13.62
CA TRP C 253 19.66 25.88 -14.09
C TRP C 253 20.00 25.81 -15.56
N LYS C 254 19.14 26.40 -16.39
CA LYS C 254 19.37 26.38 -17.83
C LYS C 254 20.45 27.36 -18.24
N GLY C 255 20.66 28.38 -17.41
CA GLY C 255 21.45 29.53 -17.78
C GLY C 255 22.93 29.42 -17.48
N VAL C 256 23.28 28.41 -16.69
CA VAL C 256 24.68 28.08 -16.41
C VAL C 256 25.40 27.48 -17.63
N PRO C 257 24.80 26.49 -18.31
CA PRO C 257 25.59 25.91 -19.40
C PRO C 257 25.66 26.83 -20.61
N LYS C 258 24.73 27.77 -20.70
CA LYS C 258 24.75 28.74 -21.79
C LYS C 258 25.86 29.76 -21.59
N PHE C 259 26.13 30.14 -20.34
CA PHE C 259 27.22 31.05 -20.06
C PHE C 259 28.55 30.36 -20.28
N LEU C 260 28.58 29.07 -19.96
CA LEU C 260 29.80 28.28 -20.05
C LEU C 260 30.18 28.05 -21.50
N ARG C 261 29.20 27.73 -22.34
CA ARG C 261 29.46 27.56 -23.76
C ARG C 261 29.89 28.88 -24.38
N ARG C 262 29.47 29.99 -23.78
CA ARG C 262 29.95 31.29 -24.22
C ARG C 262 31.43 31.40 -23.90
N VAL C 263 31.82 31.00 -22.69
CA VAL C 263 33.22 30.96 -22.29
C VAL C 263 34.02 30.07 -23.23
N ASP C 264 33.39 29.00 -23.73
CA ASP C 264 34.03 28.19 -24.75
C ASP C 264 34.29 29.04 -25.98
N THR C 265 33.24 29.68 -26.49
CA THR C 265 33.37 30.51 -27.69
C THR C 265 34.41 31.61 -27.49
N ALA C 266 34.37 32.29 -26.35
CA ALA C 266 35.34 33.32 -26.02
C ALA C 266 36.77 32.79 -25.97
N LEU C 267 36.93 31.55 -25.53
CA LEU C 267 38.24 30.93 -25.52
C LEU C 267 38.72 30.68 -26.95
N LYS C 268 37.80 30.32 -27.83
CA LYS C 268 38.18 30.00 -29.20
C LYS C 268 38.60 31.24 -29.99
N ASN C 269 38.04 32.39 -29.61
CA ASN C 269 38.34 33.63 -30.29
C ASN C 269 39.74 34.18 -29.97
N ILE C 270 40.36 33.66 -28.91
CA ILE C 270 41.72 34.04 -28.58
C ILE C 270 42.71 32.91 -28.85
N GLY C 271 42.27 31.93 -29.64
CA GLY C 271 43.16 30.89 -30.12
C GLY C 271 43.12 29.54 -29.43
N ILE C 272 42.53 29.50 -28.23
CA ILE C 272 42.43 28.24 -27.48
C ILE C 272 41.54 27.27 -28.26
N ASN C 273 42.05 26.09 -28.58
CA ASN C 273 41.30 25.20 -29.46
C ASN C 273 40.43 24.18 -28.75
N GLU C 274 40.38 24.27 -27.43
CA GLU C 274 39.54 23.36 -26.67
C GLU C 274 38.51 24.07 -25.79
N ARG C 275 37.49 23.31 -25.39
CA ARG C 275 36.44 23.84 -24.53
C ARG C 275 36.90 23.81 -23.08
N LEU C 276 36.28 24.64 -22.24
CA LEU C 276 36.58 24.64 -20.82
C LEU C 276 36.16 23.30 -20.23
N PRO C 277 37.14 22.50 -19.76
CA PRO C 277 36.91 21.12 -19.28
C PRO C 277 35.74 21.05 -18.32
N TYR C 278 34.82 20.12 -18.54
CA TYR C 278 33.53 20.17 -17.85
C TYR C 278 33.59 20.02 -16.33
N ASN C 279 34.71 19.55 -15.81
CA ASN C 279 34.87 19.44 -14.37
C ASN C 279 35.25 20.76 -13.70
N VAL C 280 35.41 21.80 -14.51
CA VAL C 280 35.67 23.13 -13.96
C VAL C 280 34.39 23.74 -13.42
N SER C 281 34.44 24.20 -12.18
CA SER C 281 33.32 24.91 -11.60
C SER C 281 33.62 26.40 -11.65
N LEU C 282 33.50 26.98 -12.84
CA LEU C 282 33.78 28.39 -13.08
C LEU C 282 32.87 29.30 -12.26
N ILE C 283 31.71 28.74 -11.89
CA ILE C 283 30.74 29.45 -11.09
C ILE C 283 29.94 28.39 -10.31
N ARG C 284 29.65 28.66 -9.04
CA ARG C 284 28.86 27.73 -8.24
C ARG C 284 27.77 28.49 -7.49
N PHE C 285 26.87 27.75 -6.86
CA PHE C 285 25.78 28.36 -6.12
C PHE C 285 25.61 27.72 -4.74
N SER C 286 25.44 28.55 -3.71
CA SER C 286 25.17 28.06 -2.36
C SER C 286 23.96 28.79 -1.77
N SER C 287 23.56 28.43 -0.55
CA SER C 287 22.38 29.04 0.09
C SER C 287 22.55 29.26 1.60
N TRP C 288 21.91 30.30 2.12
CA TRP C 288 21.78 30.49 3.57
C TRP C 288 20.34 30.21 3.96
N MET C 289 19.51 30.06 2.95
CA MET C 289 18.10 29.81 3.16
C MET C 289 17.93 28.46 3.86
N GLY C 290 17.81 28.52 5.18
CA GLY C 290 17.72 27.35 6.00
C GLY C 290 18.90 27.16 6.94
N GLY C 291 20.03 27.81 6.65
CA GLY C 291 21.25 27.57 7.41
C GLY C 291 21.65 28.70 8.35
N ASP C 292 21.43 29.92 7.90
CA ASP C 292 21.70 31.10 8.69
C ASP C 292 20.60 31.23 9.75
N ARG C 293 21.00 31.04 11.00
CA ARG C 293 20.08 31.17 12.13
C ARG C 293 20.47 32.37 13.01
N ASP C 294 21.43 33.16 12.54
CA ASP C 294 21.89 34.31 13.29
C ASP C 294 20.75 35.26 13.60
N GLY C 295 20.32 35.28 14.86
CA GLY C 295 19.29 36.20 15.29
C GLY C 295 17.94 35.81 14.71
N ASN C 296 17.79 34.55 14.35
CA ASN C 296 16.51 34.06 13.83
C ASN C 296 16.17 32.69 14.37
N PRO C 297 15.52 32.65 15.54
CA PRO C 297 15.22 31.41 16.26
C PRO C 297 14.29 30.45 15.49
N ARG C 298 13.54 30.97 14.52
CA ARG C 298 12.59 30.17 13.76
C ARG C 298 13.27 29.23 12.78
N VAL C 299 14.57 29.46 12.56
CA VAL C 299 15.41 28.50 11.84
C VAL C 299 15.91 27.46 12.84
N THR C 300 15.15 26.38 12.95
CA THR C 300 15.39 25.33 13.92
C THR C 300 16.16 24.19 13.26
N PRO C 301 16.71 23.25 14.08
CA PRO C 301 17.40 22.10 13.50
C PRO C 301 16.56 21.31 12.50
N GLU C 302 15.24 21.30 12.68
CA GLU C 302 14.35 20.58 11.78
C GLU C 302 14.29 21.29 10.44
N VAL C 303 14.24 22.62 10.47
CA VAL C 303 14.24 23.42 9.24
C VAL C 303 15.45 23.13 8.35
N THR C 304 16.62 22.99 8.96
CA THR C 304 17.85 22.70 8.21
C THR C 304 17.81 21.35 7.50
N ARG C 305 17.31 20.34 8.21
CA ARG C 305 17.11 19.03 7.64
C ARG C 305 16.09 19.07 6.51
N ASP C 306 15.06 19.90 6.68
CA ASP C 306 13.95 20.04 5.71
C ASP C 306 14.45 20.59 4.40
N VAL C 307 15.27 21.61 4.51
CA VAL C 307 15.78 22.29 3.34
C VAL C 307 16.77 21.39 2.62
N CYS C 308 17.65 20.76 3.40
CA CYS C 308 18.66 19.86 2.84
C CYS C 308 18.07 18.76 1.94
N LEU C 309 16.91 18.25 2.34
CA LEU C 309 16.27 17.17 1.61
C LEU C 309 15.45 17.70 0.47
N LEU C 310 14.74 18.81 0.71
CA LEU C 310 13.97 19.49 -0.34
C LEU C 310 14.85 19.78 -1.54
N ALA C 311 16.04 20.29 -1.27
CA ALA C 311 17.03 20.56 -2.30
C ALA C 311 17.32 19.32 -3.14
N ARG C 312 17.58 18.18 -2.48
CA ARG C 312 17.92 16.94 -3.17
C ARG C 312 16.78 16.50 -4.05
N MET C 313 15.56 16.71 -3.56
CA MET C 313 14.35 16.44 -4.30
C MET C 313 14.33 17.24 -5.59
N MET C 314 14.36 18.57 -5.45
CA MET C 314 14.34 19.50 -6.59
C MET C 314 15.39 19.12 -7.61
N ALA C 315 16.60 18.86 -7.11
CA ALA C 315 17.73 18.49 -7.95
C ALA C 315 17.42 17.27 -8.79
N ALA C 316 16.98 16.21 -8.13
CA ALA C 316 16.74 14.95 -8.82
C ALA C 316 15.70 15.17 -9.88
N ASN C 317 14.69 15.98 -9.55
CA ASN C 317 13.63 16.22 -10.52
C ASN C 317 14.06 17.06 -11.71
N LEU C 318 15.00 17.97 -11.51
CA LEU C 318 15.55 18.75 -12.60
C LEU C 318 16.36 17.84 -13.52
N TYR C 319 17.16 16.97 -12.92
CA TYR C 319 18.00 16.03 -13.66
C TYR C 319 17.16 15.05 -14.45
N ILE C 320 16.09 14.55 -13.84
CA ILE C 320 15.22 13.59 -14.50
C ILE C 320 14.71 14.18 -15.80
N ASP C 321 14.34 15.45 -15.75
CA ASP C 321 13.88 16.16 -16.94
C ASP C 321 14.96 16.27 -17.99
N GLN C 322 16.18 16.63 -17.58
CA GLN C 322 17.29 16.76 -18.52
C GLN C 322 17.65 15.42 -19.13
N ILE C 323 17.81 14.40 -18.29
CA ILE C 323 18.14 13.05 -18.74
C ILE C 323 17.14 12.58 -19.78
N GLU C 324 15.87 12.85 -19.51
CA GLU C 324 14.82 12.40 -20.40
C GLU C 324 14.85 13.03 -21.79
N GLU C 325 15.20 14.32 -21.87
CA GLU C 325 15.32 14.93 -23.18
C GLU C 325 16.52 14.36 -23.91
N LEU C 326 17.55 14.02 -23.14
CA LEU C 326 18.80 13.50 -23.69
C LEU C 326 18.61 12.11 -24.29
N MET C 327 17.67 11.34 -23.73
CA MET C 327 17.40 10.01 -24.22
C MET C 327 16.75 10.06 -25.59
N PHE C 328 16.01 11.13 -25.85
CA PHE C 328 15.39 11.30 -27.14
C PHE C 328 16.40 11.74 -28.19
N GLU C 329 17.44 12.42 -27.73
CA GLU C 329 18.47 12.92 -28.64
C GLU C 329 19.51 11.83 -28.95
N LEU C 330 20.12 11.28 -27.90
CA LEU C 330 21.16 10.27 -28.05
C LEU C 330 20.65 8.94 -28.65
N SER C 331 20.16 9.00 -29.89
CA SER C 331 19.63 7.82 -30.56
C SER C 331 20.72 7.01 -31.25
N MET C 332 21.90 7.61 -31.44
CA MET C 332 22.99 6.95 -32.17
C MET C 332 23.33 5.53 -31.68
N TRP C 333 23.76 4.68 -32.61
CA TRP C 333 23.98 3.25 -32.37
C TRP C 333 25.45 2.90 -32.10
N ARG C 334 26.36 3.74 -32.61
CA ARG C 334 27.79 3.52 -32.44
C ARG C 334 28.27 3.87 -31.04
N CYS C 335 28.73 2.87 -30.31
CA CYS C 335 29.29 3.06 -28.97
C CYS C 335 30.62 2.33 -28.85
N ASN C 336 31.45 2.75 -27.90
CA ASN C 336 32.73 2.08 -27.64
C ASN C 336 32.55 0.84 -26.77
N ASP C 337 33.63 0.11 -26.50
CA ASP C 337 33.53 -1.18 -25.83
C ASP C 337 32.99 -1.15 -24.39
N GLU C 338 33.53 -0.26 -23.57
CA GLU C 338 33.14 -0.19 -22.15
C GLU C 338 31.65 0.05 -21.97
N LEU C 339 31.07 0.85 -22.87
CA LEU C 339 29.66 1.19 -22.81
C LEU C 339 28.78 0.04 -23.32
N ARG C 340 29.17 -0.55 -24.45
CA ARG C 340 28.46 -1.71 -25.01
C ARG C 340 28.24 -2.80 -23.95
N VAL C 341 29.31 -3.14 -23.23
CA VAL C 341 29.26 -4.14 -22.17
C VAL C 341 28.25 -3.77 -21.08
N ARG C 342 28.36 -2.55 -20.58
CA ARG C 342 27.45 -2.04 -19.55
C ARG C 342 26.02 -1.99 -20.06
N ALA C 343 25.86 -1.51 -21.28
CA ALA C 343 24.54 -1.44 -21.89
C ALA C 343 23.92 -2.82 -22.12
N GLU C 344 24.74 -3.84 -22.34
CA GLU C 344 24.24 -5.20 -22.51
C GLU C 344 23.94 -5.91 -21.18
N GLU C 345 24.60 -5.50 -20.10
CA GLU C 345 24.24 -5.99 -18.77
C GLU C 345 22.86 -5.45 -18.40
N LEU C 346 22.71 -4.14 -18.54
CA LEU C 346 21.50 -3.42 -18.17
C LEU C 346 20.30 -3.80 -19.02
N HIS C 347 20.55 -4.12 -20.28
CA HIS C 347 19.48 -4.51 -21.18
C HIS C 347 18.86 -5.83 -20.71
N SER C 348 19.71 -6.85 -20.51
CA SER C 348 19.25 -8.19 -20.12
C SER C 348 18.56 -8.23 -18.75
N SER C 349 19.15 -7.57 -17.77
CA SER C 349 18.61 -7.52 -16.41
C SER C 349 17.37 -6.63 -16.27
N SER C 350 17.01 -5.97 -17.37
CA SER C 350 15.93 -4.97 -17.41
C SER C 350 16.06 -3.88 -16.33
N GLY C 351 17.25 -3.27 -16.26
CA GLY C 351 17.54 -2.17 -15.37
C GLY C 351 18.39 -2.53 -14.15
N SER C 352 18.82 -3.79 -14.09
CA SER C 352 19.42 -4.40 -12.90
C SER C 352 18.44 -4.46 -11.71
N LYS C 353 17.14 -4.46 -12.02
CA LYS C 353 16.04 -4.50 -11.04
C LYS C 353 16.01 -3.33 -10.04
N VAL C 354 16.27 -2.11 -10.52
CA VAL C 354 16.38 -0.93 -9.64
C VAL C 354 15.05 -0.22 -9.33
N THR C 355 14.05 -0.32 -10.21
CA THR C 355 12.84 0.48 -10.04
C THR C 355 11.45 -0.20 -10.07
N LYS C 356 11.16 -0.97 -11.13
CA LYS C 356 9.81 -1.52 -11.41
C LYS C 356 8.76 -0.45 -11.80
N TYR C 357 9.08 0.80 -11.50
CA TYR C 357 8.48 1.98 -12.11
C TYR C 357 9.40 2.22 -13.31
N TYR C 358 8.88 2.80 -14.39
CA TYR C 358 9.61 2.88 -15.67
C TYR C 358 9.92 1.49 -16.26
N ILE C 359 9.13 0.47 -15.90
CA ILE C 359 9.36 -0.90 -16.40
C ILE C 359 8.75 -1.12 -17.79
N GLU C 360 7.70 -0.35 -18.10
CA GLU C 360 7.13 -0.29 -19.45
C GLU C 360 8.21 0.05 -20.46
N PHE C 361 8.95 1.11 -20.16
CA PHE C 361 10.08 1.57 -20.96
C PHE C 361 11.17 0.50 -21.14
N TRP C 362 11.43 -0.28 -20.09
CA TRP C 362 12.54 -1.23 -20.07
C TRP C 362 12.43 -2.40 -21.05
N LYS C 363 11.22 -2.95 -21.22
CA LYS C 363 11.02 -4.08 -22.13
C LYS C 363 11.14 -3.68 -23.61
N GLN C 364 10.46 -2.60 -23.98
CA GLN C 364 10.36 -2.18 -25.37
C GLN C 364 11.54 -1.34 -25.91
N ILE C 365 12.61 -1.20 -25.14
CA ILE C 365 13.78 -0.48 -25.62
C ILE C 365 14.63 -1.34 -26.55
N PRO C 366 14.81 -0.89 -27.82
CA PRO C 366 15.65 -1.61 -28.78
C PRO C 366 17.08 -1.83 -28.27
N PRO C 367 17.76 -2.87 -28.79
CA PRO C 367 19.12 -3.23 -28.34
C PRO C 367 20.21 -2.29 -28.89
N ASN C 368 20.02 -1.82 -30.12
CA ASN C 368 20.99 -0.96 -30.81
C ASN C 368 20.87 0.52 -30.48
N GLU C 369 20.29 0.82 -29.32
CA GLU C 369 20.21 2.19 -28.79
C GLU C 369 20.92 2.23 -27.44
N PRO C 370 22.27 2.17 -27.46
CA PRO C 370 23.10 1.96 -26.26
C PRO C 370 22.96 3.10 -25.28
N TYR C 371 23.05 4.32 -25.76
CA TYR C 371 23.04 5.48 -24.89
C TYR C 371 21.73 5.55 -24.16
N ARG C 372 20.65 5.24 -24.86
CA ARG C 372 19.31 5.26 -24.26
C ARG C 372 19.20 4.27 -23.11
N VAL C 373 19.99 3.21 -23.15
CA VAL C 373 19.96 2.21 -22.11
C VAL C 373 20.72 2.67 -20.87
N ILE C 374 21.89 3.27 -21.07
CA ILE C 374 22.68 3.80 -19.96
C ILE C 374 21.91 4.89 -19.23
N LEU C 375 21.37 5.84 -20.00
CA LEU C 375 20.59 6.94 -19.43
C LEU C 375 19.29 6.44 -18.84
N GLY C 376 18.68 5.47 -19.50
CA GLY C 376 17.45 4.86 -19.00
C GLY C 376 17.68 4.33 -17.60
N HIS C 377 18.87 3.81 -17.37
CA HIS C 377 19.28 3.33 -16.06
C HIS C 377 19.50 4.49 -15.10
N VAL C 378 20.32 5.45 -15.53
CA VAL C 378 20.57 6.67 -14.76
C VAL C 378 19.27 7.32 -14.28
N ARG C 379 18.26 7.35 -15.15
CA ARG C 379 16.99 8.00 -14.82
C ARG C 379 16.15 7.16 -13.87
N ASP C 380 16.29 5.84 -13.95
CA ASP C 380 15.59 4.97 -13.03
C ASP C 380 16.17 5.17 -11.65
N LYS C 381 17.48 5.38 -11.60
CA LYS C 381 18.18 5.59 -10.35
C LYS C 381 17.83 6.95 -9.76
N LEU C 382 17.65 7.94 -10.63
CA LEU C 382 17.33 9.30 -10.23
C LEU C 382 15.96 9.39 -9.57
N TYR C 383 14.99 8.66 -10.11
CA TYR C 383 13.63 8.60 -9.56
C TYR C 383 13.68 8.09 -8.12
N ASN C 384 14.51 7.08 -7.90
CA ASN C 384 14.70 6.54 -6.56
C ASN C 384 15.25 7.61 -5.63
N THR C 385 16.28 8.31 -6.09
CA THR C 385 16.94 9.33 -5.29
C THR C 385 15.93 10.39 -4.86
N ARG C 386 15.08 10.82 -5.78
CA ARG C 386 14.02 11.80 -5.51
C ARG C 386 12.97 11.26 -4.54
N GLU C 387 12.65 9.98 -4.69
CA GLU C 387 11.64 9.33 -3.87
C GLU C 387 12.16 8.97 -2.49
N ARG C 388 13.44 8.63 -2.40
CA ARG C 388 14.04 8.34 -1.11
C ARG C 388 14.11 9.62 -0.28
N ALA C 389 14.23 10.76 -0.95
CA ALA C 389 14.26 12.03 -0.25
C ALA C 389 12.87 12.37 0.29
N ARG C 390 11.86 12.19 -0.55
CA ARG C 390 10.47 12.44 -0.17
C ARG C 390 10.04 11.59 1.03
N HIS C 391 10.54 10.36 1.08
CA HIS C 391 10.22 9.50 2.21
C HIS C 391 11.01 9.92 3.44
N LEU C 392 12.27 10.32 3.23
CA LEU C 392 13.10 10.76 4.35
C LEU C 392 12.59 12.07 4.95
N LEU C 393 11.75 12.75 4.18
CA LEU C 393 11.21 14.05 4.59
C LEU C 393 9.87 13.83 5.27
N ALA C 394 9.09 12.89 4.74
CA ALA C 394 7.77 12.61 5.27
C ALA C 394 7.81 11.69 6.50
N SER C 395 8.85 10.85 6.60
CA SER C 395 8.92 9.86 7.67
C SER C 395 10.28 9.81 8.37
N GLY C 396 11.35 10.00 7.61
CA GLY C 396 12.69 9.93 8.19
C GLY C 396 13.38 8.64 7.80
N VAL C 397 12.57 7.72 7.28
CA VAL C 397 13.05 6.43 6.77
C VAL C 397 12.34 6.07 5.47
N SER C 398 13.11 5.62 4.48
CA SER C 398 12.52 5.13 3.24
C SER C 398 12.76 3.63 3.09
N GLU C 399 11.86 2.96 2.39
CA GLU C 399 12.07 1.58 1.99
C GLU C 399 13.18 1.51 0.95
N ILE C 400 13.27 2.55 0.12
CA ILE C 400 14.29 2.65 -0.94
C ILE C 400 15.71 2.72 -0.38
N SER C 401 16.54 1.77 -0.81
CA SER C 401 17.88 1.58 -0.26
C SER C 401 18.93 2.58 -0.74
N ALA C 402 20.15 2.44 -0.21
CA ALA C 402 21.25 3.31 -0.58
C ALA C 402 21.67 3.09 -2.04
N GLU C 403 22.05 1.87 -2.36
CA GLU C 403 22.54 1.56 -3.70
C GLU C 403 21.45 1.13 -4.68
N SER C 404 20.29 1.76 -4.52
CA SER C 404 19.23 1.71 -5.52
C SER C 404 19.02 3.12 -6.00
N SER C 405 19.86 4.03 -5.49
CA SER C 405 19.80 5.46 -5.84
C SER C 405 21.20 6.06 -5.87
N PHE C 406 21.28 7.31 -6.32
CA PHE C 406 22.54 8.06 -6.35
C PHE C 406 22.86 8.70 -5.02
N THR C 407 23.98 8.28 -4.43
CA THR C 407 24.36 8.74 -3.11
C THR C 407 25.44 9.82 -3.18
N SER C 408 26.38 9.63 -4.10
CA SER C 408 27.51 10.53 -4.26
C SER C 408 27.56 11.15 -5.65
N ILE C 409 28.24 12.28 -5.78
CA ILE C 409 28.38 12.94 -7.07
C ILE C 409 29.23 12.10 -8.02
N GLU C 410 30.14 11.30 -7.45
CA GLU C 410 30.94 10.40 -8.27
C GLU C 410 30.09 9.33 -8.92
N GLU C 411 29.18 8.76 -8.13
CA GLU C 411 28.32 7.69 -8.61
C GLU C 411 27.52 8.14 -9.82
N PHE C 412 27.00 9.36 -9.75
CA PHE C 412 26.16 9.96 -10.77
C PHE C 412 26.97 10.33 -12.03
N LEU C 413 28.21 10.78 -11.84
CA LEU C 413 29.04 11.19 -12.97
C LEU C 413 29.56 10.02 -13.81
N GLU C 414 29.82 8.90 -13.16
CA GLU C 414 30.38 7.72 -13.82
C GLU C 414 29.73 7.33 -15.16
N PRO C 415 28.39 7.14 -15.19
CA PRO C 415 27.75 6.75 -16.45
C PRO C 415 27.73 7.90 -17.46
N LEU C 416 27.61 9.12 -16.95
CA LEU C 416 27.50 10.29 -17.81
C LEU C 416 28.79 10.51 -18.59
N GLU C 417 29.92 10.51 -17.88
CA GLU C 417 31.22 10.68 -18.52
C GLU C 417 31.50 9.48 -19.42
N LEU C 418 31.06 8.30 -18.99
CA LEU C 418 31.15 7.10 -19.80
C LEU C 418 30.46 7.28 -21.16
N CYS C 419 29.33 7.99 -21.18
CA CYS C 419 28.65 8.30 -22.44
C CYS C 419 29.47 9.26 -23.26
N TYR C 420 30.05 10.24 -22.58
CA TYR C 420 30.83 11.27 -23.24
C TYR C 420 32.05 10.65 -23.93
N LYS C 421 32.84 9.91 -23.18
CA LYS C 421 34.00 9.26 -23.76
C LYS C 421 33.60 8.28 -24.87
N SER C 422 32.45 7.63 -24.73
CA SER C 422 31.94 6.74 -25.78
C SER C 422 31.77 7.51 -27.07
N LEU C 423 31.03 8.62 -26.99
CA LEU C 423 30.71 9.43 -28.15
C LEU C 423 31.97 10.03 -28.75
N CYS C 424 32.96 10.33 -27.91
CA CYS C 424 34.24 10.84 -28.40
C CYS C 424 35.00 9.74 -29.14
N ASP C 425 35.10 8.57 -28.52
CA ASP C 425 35.78 7.43 -29.10
C ASP C 425 35.17 6.98 -30.44
N CYS C 426 33.94 7.38 -30.70
CA CYS C 426 33.32 7.06 -31.98
C CYS C 426 33.44 8.19 -32.98
N GLY C 427 34.12 9.25 -32.56
CA GLY C 427 34.38 10.40 -33.40
C GLY C 427 33.25 11.42 -33.35
N ASP C 428 32.24 11.12 -32.55
CA ASP C 428 31.08 11.99 -32.42
C ASP C 428 31.23 12.94 -31.24
N LYS C 429 32.40 13.55 -31.11
CA LYS C 429 32.62 14.53 -30.04
C LYS C 429 31.73 15.75 -30.27
N ALA C 430 31.35 15.98 -31.53
CA ALA C 430 30.41 17.06 -31.85
C ALA C 430 29.05 16.76 -31.23
N ILE C 431 28.54 15.55 -31.44
CA ILE C 431 27.32 15.12 -30.79
C ILE C 431 27.44 15.20 -29.28
N ALA C 432 28.60 14.81 -28.75
CA ALA C 432 28.82 14.78 -27.31
C ALA C 432 28.77 16.17 -26.68
N ASP C 433 29.32 17.15 -27.40
CA ASP C 433 29.42 18.51 -26.90
C ASP C 433 28.11 19.27 -27.06
N GLY C 434 27.02 18.54 -27.24
CA GLY C 434 25.72 19.17 -27.31
C GLY C 434 25.03 19.16 -25.96
N SER C 435 23.83 18.60 -25.91
CA SER C 435 23.07 18.57 -24.68
C SER C 435 23.81 17.75 -23.64
N LEU C 436 24.54 16.72 -24.08
CA LEU C 436 25.32 15.91 -23.14
C LEU C 436 26.35 16.74 -22.36
N LEU C 437 27.12 17.57 -23.07
CA LEU C 437 28.09 18.45 -22.43
C LEU C 437 27.42 19.39 -21.42
N ASP C 438 26.27 19.96 -21.81
CA ASP C 438 25.57 20.88 -20.93
C ASP C 438 25.21 20.20 -19.62
N LEU C 439 24.70 18.98 -19.72
CA LEU C 439 24.35 18.20 -18.54
C LEU C 439 25.53 17.99 -17.58
N LEU C 440 26.64 17.48 -18.12
CA LEU C 440 27.86 17.25 -17.34
C LEU C 440 28.29 18.47 -16.54
N ARG C 441 28.20 19.62 -17.19
CA ARG C 441 28.52 20.88 -16.56
C ARG C 441 27.53 21.21 -15.45
N GLN C 442 26.28 20.82 -15.64
CA GLN C 442 25.31 21.00 -14.56
C GLN C 442 25.70 20.15 -13.35
N VAL C 443 26.14 18.92 -13.60
CA VAL C 443 26.43 17.98 -12.51
C VAL C 443 27.59 18.44 -11.64
N PHE C 444 28.58 19.05 -12.26
CA PHE C 444 29.71 19.60 -11.52
C PHE C 444 29.35 20.93 -10.86
N THR C 445 28.43 21.67 -11.49
CA THR C 445 28.04 22.97 -10.98
C THR C 445 26.97 22.87 -9.89
N PHE C 446 26.02 21.95 -10.07
CA PHE C 446 24.93 21.83 -9.12
C PHE C 446 24.98 20.61 -8.21
N GLY C 447 25.56 19.50 -8.67
CA GLY C 447 25.65 18.30 -7.86
C GLY C 447 24.28 17.71 -7.55
N LEU C 448 24.19 16.97 -6.44
CA LEU C 448 22.96 16.25 -6.11
C LEU C 448 22.02 17.02 -5.20
N SER C 449 22.55 18.02 -4.51
CA SER C 449 21.73 18.79 -3.60
C SER C 449 21.52 20.20 -4.14
N LEU C 450 21.87 20.37 -5.41
CA LEU C 450 21.61 21.61 -6.16
C LEU C 450 22.41 22.77 -5.61
N VAL C 451 22.24 23.05 -4.33
CA VAL C 451 22.97 24.12 -3.67
C VAL C 451 23.48 23.67 -2.31
N LYS C 452 24.73 24.02 -2.02
CA LYS C 452 25.33 23.73 -0.73
C LYS C 452 24.74 24.67 0.31
N LEU C 453 24.58 24.19 1.54
CA LEU C 453 24.02 25.03 2.59
C LEU C 453 25.11 25.49 3.54
N ASP C 454 25.19 26.80 3.73
CA ASP C 454 26.09 27.39 4.71
C ASP C 454 25.33 27.48 6.03
N ILE C 455 25.96 27.12 7.14
CA ILE C 455 25.33 27.26 8.46
C ILE C 455 25.97 28.44 9.20
N ARG C 456 25.16 29.28 9.81
CA ARG C 456 25.70 30.45 10.50
C ARG C 456 25.00 30.68 11.84
N GLN C 457 25.80 30.78 12.90
CA GLN C 457 25.27 31.02 14.25
C GLN C 457 26.08 32.08 14.98
N GLU C 458 25.39 32.82 15.86
CA GLU C 458 26.03 33.83 16.70
C GLU C 458 27.23 33.25 17.42
N SER C 459 28.24 34.09 17.63
CA SER C 459 29.47 33.68 18.30
C SER C 459 29.22 33.30 19.77
N GLU C 460 28.55 34.19 20.49
CA GLU C 460 28.34 34.05 21.92
C GLU C 460 27.45 32.85 22.26
N ARG C 461 26.80 32.28 21.27
CA ARG C 461 25.93 31.15 21.52
C ARG C 461 26.73 29.90 21.79
N HIS C 462 27.84 29.74 21.08
CA HIS C 462 28.73 28.60 21.33
C HIS C 462 29.36 28.70 22.72
N THR C 463 29.65 29.93 23.14
CA THR C 463 30.22 30.18 24.45
C THR C 463 29.28 29.63 25.53
N ASP C 464 28.01 29.99 25.44
CA ASP C 464 26.99 29.55 26.38
C ASP C 464 26.92 28.03 26.50
N VAL C 465 27.14 27.34 25.39
CA VAL C 465 27.14 25.87 25.41
C VAL C 465 28.36 25.37 26.16
N ILE C 466 29.53 25.80 25.72
CA ILE C 466 30.78 25.37 26.34
C ILE C 466 30.85 25.75 27.83
N ASP C 467 30.30 26.90 28.19
CA ASP C 467 30.26 27.30 29.59
C ASP C 467 29.30 26.43 30.38
N ALA C 468 28.24 25.96 29.72
CA ALA C 468 27.32 25.05 30.37
C ALA C 468 28.04 23.74 30.62
N ILE C 469 28.89 23.35 29.68
CA ILE C 469 29.70 22.15 29.80
C ILE C 469 30.74 22.24 30.92
N THR C 470 31.57 23.29 30.90
CA THR C 470 32.62 23.43 31.91
C THR C 470 32.06 23.76 33.30
N THR C 471 30.80 24.18 33.34
CA THR C 471 30.14 24.43 34.62
C THR C 471 29.61 23.13 35.20
N HIS C 472 28.85 22.39 34.40
CA HIS C 472 28.36 21.08 34.79
C HIS C 472 29.50 20.15 35.24
N LEU C 473 30.63 20.20 34.53
CA LEU C 473 31.75 19.31 34.78
C LEU C 473 32.68 19.76 35.89
N GLY C 474 32.35 20.85 36.56
CA GLY C 474 33.16 21.36 37.66
C GLY C 474 34.60 21.68 37.29
N ILE C 475 34.78 22.35 36.15
CA ILE C 475 36.08 22.81 35.67
C ILE C 475 36.17 24.32 35.79
N GLY C 476 35.04 24.99 36.03
CA GLY C 476 35.01 26.43 36.06
C GLY C 476 34.18 27.01 34.92
N SER C 477 34.20 28.33 34.78
CA SER C 477 33.34 29.00 33.82
C SER C 477 34.13 29.45 32.59
N TYR C 478 33.89 28.77 31.47
CA TYR C 478 34.54 29.10 30.19
C TYR C 478 34.31 30.55 29.80
N ARG C 479 33.17 31.10 30.21
CA ARG C 479 32.83 32.48 29.93
C ARG C 479 33.80 33.44 30.64
N GLU C 480 34.21 33.08 31.84
CA GLU C 480 35.06 33.94 32.66
C GLU C 480 36.55 33.86 32.30
N TRP C 481 36.98 32.80 31.62
CA TRP C 481 38.39 32.65 31.26
C TRP C 481 38.83 33.74 30.26
N SER C 482 40.13 34.05 30.27
CA SER C 482 40.72 34.94 29.28
C SER C 482 40.92 34.15 27.99
N GLU C 483 41.05 34.88 26.88
CA GLU C 483 41.10 34.28 25.55
C GLU C 483 42.21 33.27 25.38
N ASP C 484 43.40 33.62 25.86
CA ASP C 484 44.55 32.74 25.74
C ASP C 484 44.36 31.44 26.52
N LYS C 485 43.59 31.51 27.61
CA LYS C 485 43.29 30.34 28.43
C LYS C 485 42.29 29.42 27.72
N ARG C 486 41.28 30.03 27.10
CA ARG C 486 40.29 29.32 26.32
C ARG C 486 40.97 28.54 25.20
N GLN C 487 41.90 29.19 24.50
CA GLN C 487 42.61 28.54 23.42
C GLN C 487 43.40 27.33 23.93
N GLU C 488 44.09 27.52 25.05
CA GLU C 488 44.88 26.45 25.66
C GLU C 488 44.01 25.28 26.09
N TRP C 489 42.84 25.60 26.65
CA TRP C 489 41.88 24.57 27.06
C TRP C 489 41.26 23.89 25.86
N LEU C 490 40.72 24.70 24.94
CA LEU C 490 40.13 24.18 23.72
C LEU C 490 41.12 23.29 22.99
N LEU C 491 42.39 23.68 22.96
CA LEU C 491 43.41 22.90 22.23
C LEU C 491 43.79 21.57 22.91
N SER C 492 43.74 21.53 24.23
CA SER C 492 43.93 20.29 24.96
C SER C 492 42.85 19.28 24.54
N GLU C 493 41.60 19.73 24.58
CA GLU C 493 40.45 18.89 24.24
C GLU C 493 40.47 18.35 22.81
N LEU C 494 40.86 19.21 21.87
CA LEU C 494 40.89 18.85 20.46
C LEU C 494 41.94 17.78 20.19
N ARG C 495 43.06 17.88 20.91
CA ARG C 495 44.13 16.90 20.80
C ARG C 495 43.74 15.63 21.55
N GLY C 496 43.05 15.82 22.67
CA GLY C 496 42.62 14.73 23.54
C GLY C 496 41.75 13.68 22.87
N LYS C 497 41.77 12.47 23.42
CA LYS C 497 41.04 11.37 22.82
C LYS C 497 39.74 11.06 23.55
N ARG C 498 39.48 11.82 24.63
CA ARG C 498 38.35 11.57 25.51
C ARG C 498 37.15 12.48 25.26
N PRO C 499 35.95 11.89 25.13
CA PRO C 499 34.67 12.59 25.05
C PRO C 499 34.52 13.63 26.15
N LEU C 500 33.76 14.68 25.85
CA LEU C 500 33.59 15.81 26.75
C LEU C 500 32.11 16.03 27.08
N LEU C 501 31.31 16.24 26.04
CA LEU C 501 29.90 16.59 26.20
C LEU C 501 29.07 15.53 26.94
N PRO C 502 28.65 15.82 28.18
CA PRO C 502 27.85 14.83 28.91
C PRO C 502 26.39 14.83 28.44
N PRO C 503 25.82 13.64 28.24
CA PRO C 503 24.41 13.54 27.80
C PRO C 503 23.44 14.14 28.82
N ASP C 504 23.78 14.04 30.10
CA ASP C 504 22.90 14.55 31.16
C ASP C 504 23.02 16.07 31.34
N LEU C 505 23.61 16.73 30.35
CA LEU C 505 23.80 18.18 30.40
C LEU C 505 22.47 18.91 30.40
N PRO C 506 22.22 19.72 31.44
CA PRO C 506 21.05 20.59 31.48
C PRO C 506 21.18 21.62 30.36
N GLN C 507 20.08 21.99 29.71
CA GLN C 507 20.16 22.86 28.54
C GLN C 507 19.06 23.91 28.55
N THR C 508 19.40 25.17 28.23
CA THR C 508 18.36 26.16 27.90
C THR C 508 17.85 25.81 26.50
N GLU C 509 16.73 26.41 26.10
CA GLU C 509 16.22 26.16 24.74
C GLU C 509 17.26 26.59 23.71
N GLU C 510 18.04 27.61 24.08
CA GLU C 510 19.08 28.14 23.20
C GLU C 510 20.29 27.21 23.09
N ILE C 511 20.61 26.53 24.18
CA ILE C 511 21.71 25.55 24.18
C ILE C 511 21.25 24.30 23.44
N ALA C 512 19.96 24.01 23.56
CA ALA C 512 19.33 22.93 22.83
C ALA C 512 19.44 23.14 21.33
N ASP C 513 18.95 24.29 20.86
CA ASP C 513 18.99 24.61 19.44
C ASP C 513 20.40 24.50 18.86
N VAL C 514 21.42 24.90 19.63
CA VAL C 514 22.81 24.87 19.13
C VAL C 514 23.35 23.45 18.95
N ILE C 515 23.23 22.63 19.99
CA ILE C 515 23.61 21.21 19.92
C ILE C 515 22.75 20.49 18.87
N GLY C 516 21.43 20.71 18.93
CA GLY C 516 20.50 20.05 18.04
C GLY C 516 20.75 20.40 16.59
N ALA C 517 21.41 21.53 16.37
CA ALA C 517 21.82 21.91 15.04
C ALA C 517 23.01 21.03 14.59
N PHE C 518 24.00 20.88 15.47
CA PHE C 518 25.15 20.04 15.16
C PHE C 518 24.71 18.60 14.97
N HIS C 519 23.69 18.20 15.73
CA HIS C 519 23.09 16.87 15.60
C HIS C 519 22.55 16.65 14.18
N VAL C 520 21.75 17.59 13.69
CA VAL C 520 21.19 17.48 12.35
C VAL C 520 22.29 17.49 11.30
N LEU C 521 23.38 18.20 11.58
CA LEU C 521 24.54 18.25 10.68
C LEU C 521 25.24 16.91 10.61
N ALA C 522 25.20 16.17 11.71
CA ALA C 522 25.97 14.94 11.83
C ALA C 522 25.31 13.78 11.10
N GLU C 523 24.00 13.86 10.89
CA GLU C 523 23.29 12.76 10.28
C GLU C 523 23.03 12.95 8.78
N LEU C 524 23.18 14.19 8.28
CA LEU C 524 22.95 14.50 6.87
C LEU C 524 24.24 14.41 6.07
N PRO C 525 24.15 13.97 4.80
CA PRO C 525 25.34 13.78 3.96
C PRO C 525 26.20 15.04 3.91
N PRO C 526 27.53 14.88 4.00
CA PRO C 526 28.41 16.05 4.08
C PRO C 526 28.35 16.90 2.81
N ASP C 527 28.06 16.27 1.67
CA ASP C 527 28.01 16.98 0.40
C ASP C 527 26.77 17.85 0.22
N SER C 528 26.03 18.05 1.32
CA SER C 528 24.86 18.93 1.29
C SER C 528 25.17 20.27 2.00
N PHE C 529 26.30 20.32 2.68
CA PHE C 529 26.69 21.49 3.45
C PHE C 529 27.88 22.24 2.87
N GLY C 530 28.04 23.48 3.33
CA GLY C 530 29.22 24.26 3.07
C GLY C 530 30.03 24.39 4.34
N PRO C 531 30.40 25.62 4.71
CA PRO C 531 31.12 25.88 5.96
C PRO C 531 30.17 26.26 7.09
N TYR C 532 30.69 26.30 8.32
CA TYR C 532 29.93 26.80 9.46
C TYR C 532 30.44 28.19 9.78
N ILE C 533 29.56 29.18 9.66
CA ILE C 533 29.97 30.57 9.78
C ILE C 533 29.64 31.11 11.18
N ILE C 534 30.56 31.87 11.74
CA ILE C 534 30.36 32.40 13.07
C ILE C 534 30.11 33.90 13.02
N SER C 535 28.86 34.30 13.20
CA SER C 535 28.51 35.72 13.28
C SER C 535 29.12 36.28 14.55
N MET C 536 29.57 37.54 14.51
CA MET C 536 30.24 38.22 15.63
C MET C 536 31.57 37.56 16.00
N ALA C 537 32.20 36.91 15.03
CA ALA C 537 33.46 36.24 15.29
C ALA C 537 34.55 37.26 15.67
N THR C 538 35.17 37.08 16.84
CA THR C 538 36.15 38.05 17.34
C THR C 538 37.58 37.51 17.40
N ALA C 539 37.75 36.36 18.05
CA ALA C 539 39.08 35.81 18.34
C ALA C 539 39.12 34.30 18.07
N PRO C 540 40.33 33.73 17.84
CA PRO C 540 40.51 32.30 17.53
C PRO C 540 39.81 31.31 18.47
N SER C 541 39.43 31.75 19.66
CA SER C 541 38.59 30.97 20.55
C SER C 541 37.33 30.54 19.83
N ASP C 542 36.64 31.52 19.26
CA ASP C 542 35.36 31.34 18.58
C ASP C 542 35.38 30.27 17.51
N VAL C 543 36.46 30.22 16.73
CA VAL C 543 36.64 29.21 15.70
C VAL C 543 36.86 27.84 16.35
N LEU C 544 37.76 27.80 17.34
CA LEU C 544 38.14 26.55 17.98
C LEU C 544 36.98 25.97 18.79
N ALA C 545 36.21 26.86 19.40
CA ALA C 545 35.02 26.47 20.15
C ALA C 545 34.02 25.69 19.28
N VAL C 546 33.93 26.07 18.01
CA VAL C 546 33.05 25.37 17.08
C VAL C 546 33.65 24.04 16.65
N GLU C 547 34.90 24.06 16.18
CA GLU C 547 35.62 22.85 15.85
C GLU C 547 35.42 21.75 16.90
N LEU C 548 35.43 22.15 18.17
CA LEU C 548 35.21 21.23 19.29
C LEU C 548 33.76 20.73 19.37
N LEU C 549 32.82 21.66 19.56
CA LEU C 549 31.39 21.35 19.63
C LEU C 549 30.93 20.50 18.46
N GLN C 550 31.52 20.75 17.31
CA GLN C 550 31.19 20.04 16.10
C GLN C 550 31.62 18.59 16.25
N ARG C 551 32.85 18.40 16.71
CA ARG C 551 33.42 17.07 16.91
C ARG C 551 32.70 16.33 18.03
N GLU C 552 32.38 17.05 19.10
CA GLU C 552 31.77 16.45 20.29
C GLU C 552 30.25 16.27 20.17
N CYS C 553 29.70 16.64 19.02
CA CYS C 553 28.31 16.36 18.70
C CYS C 553 28.23 15.26 17.66
N GLY C 554 29.40 14.74 17.27
CA GLY C 554 29.48 13.58 16.41
C GLY C 554 29.32 13.87 14.93
N VAL C 555 29.75 15.05 14.49
CA VAL C 555 29.78 15.35 13.07
C VAL C 555 30.98 14.63 12.45
N ARG C 556 30.74 13.43 11.94
CA ARG C 556 31.79 12.52 11.49
C ARG C 556 32.79 13.17 10.52
N GLN C 557 32.29 13.99 9.59
CA GLN C 557 33.19 14.77 8.74
C GLN C 557 32.86 16.25 8.80
N PRO C 558 33.53 16.97 9.70
CA PRO C 558 33.17 18.34 10.07
C PRO C 558 33.20 19.36 8.93
N LEU C 559 32.27 20.32 9.03
CA LEU C 559 32.23 21.48 8.14
C LEU C 559 33.37 22.40 8.47
N PRO C 560 34.09 22.87 7.45
CA PRO C 560 35.15 23.87 7.64
C PRO C 560 34.61 25.12 8.35
N VAL C 561 35.33 25.61 9.36
CA VAL C 561 34.81 26.70 10.19
C VAL C 561 35.32 28.07 9.73
N VAL C 562 34.40 28.92 9.27
CA VAL C 562 34.76 30.28 8.90
C VAL C 562 34.19 31.32 9.87
N PRO C 563 35.05 32.28 10.29
CA PRO C 563 34.60 33.35 11.17
C PRO C 563 34.04 34.48 10.32
N LEU C 564 33.09 35.25 10.86
CA LEU C 564 32.58 36.41 10.16
C LEU C 564 32.95 37.64 10.95
N PHE C 565 33.93 38.37 10.45
CA PHE C 565 34.36 39.60 11.09
C PHE C 565 33.41 40.73 10.65
N GLU C 566 32.51 41.12 11.53
CA GLU C 566 31.37 41.96 11.16
C GLU C 566 31.52 43.38 11.70
N ARG C 567 32.42 43.56 12.66
CA ARG C 567 32.53 44.85 13.36
C ARG C 567 33.93 45.45 13.22
N LEU C 568 34.10 46.69 13.67
CA LEU C 568 35.33 47.44 13.40
C LEU C 568 36.53 46.89 14.15
N ALA C 569 36.38 46.72 15.46
CA ALA C 569 37.43 46.13 16.27
C ALA C 569 37.87 44.77 15.71
N ASP C 570 36.89 43.91 15.39
CA ASP C 570 37.18 42.53 14.95
C ASP C 570 37.89 42.45 13.62
N LEU C 571 37.67 43.46 12.77
CA LEU C 571 38.32 43.53 11.46
C LEU C 571 39.75 44.04 11.56
N GLN C 572 40.02 44.82 12.60
CA GLN C 572 41.37 45.26 12.89
C GLN C 572 42.16 44.09 13.47
N SER C 573 41.59 43.43 14.48
CA SER C 573 42.23 42.27 15.11
C SER C 573 42.20 41.03 14.22
N ALA C 574 41.54 41.14 13.07
CA ALA C 574 41.33 40.00 12.19
C ALA C 574 42.60 39.29 11.71
N PRO C 575 43.55 40.03 11.11
CA PRO C 575 44.72 39.26 10.67
C PRO C 575 45.48 38.66 11.85
N ALA C 576 45.41 39.33 12.99
CA ALA C 576 46.03 38.80 14.21
C ALA C 576 45.33 37.52 14.67
N SER C 577 44.01 37.47 14.51
CA SER C 577 43.23 36.27 14.79
C SER C 577 43.65 35.12 13.87
N VAL C 578 43.77 35.43 12.58
CA VAL C 578 44.05 34.42 11.57
C VAL C 578 45.47 33.85 11.67
N GLU C 579 46.42 34.68 12.09
CA GLU C 579 47.80 34.21 12.24
C GLU C 579 47.93 33.25 13.43
N ARG C 580 47.19 33.51 14.50
CA ARG C 580 47.22 32.65 15.66
C ARG C 580 46.71 31.26 15.30
N LEU C 581 45.57 31.21 14.63
CA LEU C 581 45.01 29.94 14.18
C LEU C 581 45.99 29.22 13.27
N PHE C 582 46.54 29.93 12.29
CA PHE C 582 47.45 29.33 11.33
C PHE C 582 48.69 28.74 11.98
N SER C 583 49.07 29.31 13.13
CA SER C 583 50.30 28.91 13.83
C SER C 583 50.12 27.69 14.72
N VAL C 584 48.87 27.28 14.94
CA VAL C 584 48.55 26.10 15.75
C VAL C 584 48.67 24.82 14.92
N ASP C 585 49.47 23.88 15.41
CA ASP C 585 49.74 22.63 14.70
C ASP C 585 48.51 21.79 14.44
N TRP C 586 47.60 21.77 15.40
CA TRP C 586 46.36 21.01 15.24
C TRP C 586 45.46 21.61 14.16
N TYR C 587 45.23 22.91 14.27
CA TYR C 587 44.35 23.63 13.37
C TYR C 587 44.90 23.61 11.95
N MET C 588 46.22 23.66 11.82
CA MET C 588 46.85 23.66 10.51
C MET C 588 46.68 22.31 9.79
N ASP C 589 46.72 21.22 10.56
CA ASP C 589 46.51 19.89 9.99
C ASP C 589 45.06 19.74 9.60
N ARG C 590 44.20 20.41 10.35
CA ARG C 590 42.76 20.36 10.16
C ARG C 590 42.35 20.99 8.81
N ILE C 591 42.78 22.22 8.59
CA ILE C 591 42.36 22.98 7.41
C ILE C 591 43.04 22.54 6.12
N LYS C 592 44.22 21.95 6.22
CA LYS C 592 44.94 21.41 5.07
C LYS C 592 45.13 22.39 3.91
N GLY C 593 45.79 23.51 4.18
CA GLY C 593 46.17 24.47 3.15
C GLY C 593 45.07 25.43 2.72
N LYS C 594 43.88 25.23 3.26
CA LYS C 594 42.72 26.02 2.90
C LYS C 594 42.02 26.63 4.11
N GLN C 595 41.80 27.94 4.05
CA GLN C 595 41.04 28.65 5.05
C GLN C 595 40.14 29.66 4.36
N GLN C 596 38.84 29.65 4.68
CA GLN C 596 37.90 30.66 4.19
C GLN C 596 37.57 31.60 5.35
N VAL C 597 37.38 32.88 5.08
CA VAL C 597 36.95 33.85 6.10
C VAL C 597 35.96 34.87 5.53
N MET C 598 34.94 35.23 6.31
CA MET C 598 33.91 36.14 5.83
C MET C 598 34.03 37.53 6.43
N VAL C 599 33.69 38.53 5.64
CA VAL C 599 33.69 39.93 6.09
C VAL C 599 32.33 40.57 5.84
N GLY C 600 31.70 41.09 6.89
CA GLY C 600 30.36 41.64 6.79
C GLY C 600 30.31 43.12 6.44
N TYR C 601 29.62 43.47 5.36
CA TYR C 601 29.52 44.87 4.97
C TYR C 601 28.30 45.52 5.64
N SER C 602 27.33 44.70 6.05
CA SER C 602 26.14 45.20 6.72
C SER C 602 26.47 45.82 8.09
N ASP C 603 26.93 45.00 9.02
CA ASP C 603 27.16 45.49 10.38
C ASP C 603 28.48 46.29 10.54
N SER C 604 29.33 46.26 9.51
CA SER C 604 30.54 47.08 9.51
C SER C 604 30.17 48.54 9.51
N GLY C 605 29.59 49.00 8.40
CA GLY C 605 29.15 50.37 8.28
C GLY C 605 28.19 50.85 9.36
N LYS C 606 27.66 49.94 10.16
CA LYS C 606 26.76 50.32 11.23
C LYS C 606 27.55 50.61 12.49
N ASP C 607 28.75 50.03 12.55
CA ASP C 607 29.68 50.19 13.69
C ASP C 607 30.51 51.48 13.56
N ALA C 608 31.32 51.55 12.51
CA ALA C 608 31.98 52.80 12.13
C ALA C 608 31.08 53.53 11.15
N GLY C 609 31.60 54.54 10.47
CA GLY C 609 30.83 55.16 9.40
C GLY C 609 30.85 54.26 8.17
N ARG C 610 30.39 54.79 7.05
CA ARG C 610 30.52 54.09 5.78
C ARG C 610 31.98 54.08 5.31
N LEU C 611 32.65 55.22 5.42
CA LEU C 611 34.01 55.41 4.91
C LEU C 611 34.99 54.53 5.66
N SER C 612 34.94 54.62 6.99
CA SER C 612 35.84 53.88 7.86
C SER C 612 35.68 52.37 7.66
N ALA C 613 34.43 51.91 7.60
CA ALA C 613 34.18 50.49 7.40
C ALA C 613 34.71 49.97 6.07
N ALA C 614 34.49 50.71 4.99
CA ALA C 614 34.94 50.29 3.66
C ALA C 614 36.45 50.23 3.56
N TRP C 615 37.13 51.09 4.30
CA TRP C 615 38.60 51.11 4.35
C TRP C 615 39.12 49.99 5.22
N GLN C 616 38.49 49.81 6.37
CA GLN C 616 38.90 48.76 7.29
C GLN C 616 38.70 47.41 6.61
N LEU C 617 37.61 47.28 5.85
CA LEU C 617 37.36 46.06 5.09
C LEU C 617 38.41 45.83 4.03
N TYR C 618 38.97 46.92 3.49
CA TYR C 618 40.02 46.80 2.48
C TYR C 618 41.26 46.19 3.08
N ARG C 619 41.78 46.84 4.12
CA ARG C 619 43.07 46.45 4.70
C ARG C 619 42.97 45.19 5.54
N ALA C 620 41.76 44.82 5.95
CA ALA C 620 41.57 43.56 6.67
C ALA C 620 41.63 42.38 5.70
N GLN C 621 41.27 42.61 4.44
CA GLN C 621 41.45 41.63 3.39
C GLN C 621 42.93 41.54 3.06
N GLU C 622 43.51 42.72 2.87
CA GLU C 622 44.87 42.87 2.39
C GLU C 622 45.89 42.20 3.30
N GLU C 623 45.71 42.37 4.61
CA GLU C 623 46.63 41.85 5.61
C GLU C 623 46.47 40.34 5.81
N MET C 624 45.23 39.88 5.91
CA MET C 624 44.93 38.46 6.03
C MET C 624 45.54 37.65 4.88
N ALA C 625 45.42 38.18 3.66
CA ALA C 625 46.04 37.56 2.50
C ALA C 625 47.56 37.45 2.67
N GLN C 626 48.16 38.43 3.34
CA GLN C 626 49.60 38.38 3.60
C GLN C 626 49.95 37.27 4.59
N VAL C 627 49.24 37.22 5.71
CA VAL C 627 49.43 36.17 6.72
C VAL C 627 49.25 34.80 6.11
N ALA C 628 48.17 34.63 5.35
CA ALA C 628 47.90 33.38 4.65
C ALA C 628 49.03 33.03 3.68
N LYS C 629 49.55 34.00 2.95
CA LYS C 629 50.60 33.72 1.98
C LYS C 629 51.85 33.24 2.69
N ARG C 630 52.10 33.84 3.85
CA ARG C 630 53.27 33.50 4.65
C ARG C 630 53.18 32.06 5.17
N TYR C 631 51.99 31.65 5.61
CA TYR C 631 51.78 30.29 6.09
C TYR C 631 51.36 29.33 4.97
N GLY C 632 51.42 29.80 3.73
CA GLY C 632 51.08 28.98 2.57
C GLY C 632 49.64 28.51 2.49
N VAL C 633 48.76 29.21 3.22
CA VAL C 633 47.32 28.91 3.22
C VAL C 633 46.62 29.67 2.10
N LYS C 634 45.75 28.98 1.36
CA LYS C 634 44.97 29.61 0.30
C LYS C 634 43.75 30.30 0.87
N LEU C 635 43.80 31.63 0.98
CA LEU C 635 42.70 32.37 1.55
C LEU C 635 41.58 32.56 0.55
N THR C 636 40.36 32.30 1.00
CA THR C 636 39.18 32.52 0.17
C THR C 636 38.23 33.46 0.90
N LEU C 637 38.07 34.66 0.34
CA LEU C 637 37.29 35.68 1.00
C LEU C 637 35.80 35.56 0.67
N PHE C 638 34.98 35.54 1.73
CA PHE C 638 33.53 35.50 1.61
C PHE C 638 32.98 36.89 1.88
N HIS C 639 32.37 37.50 0.87
CA HIS C 639 31.91 38.88 0.99
C HIS C 639 30.43 38.99 1.33
N GLY C 640 30.15 39.62 2.46
CA GLY C 640 28.78 39.81 2.91
C GLY C 640 28.17 41.07 2.34
N ARG C 641 27.97 41.08 1.03
CA ARG C 641 27.44 42.25 0.33
C ARG C 641 25.92 42.25 0.24
N GLY C 642 25.31 43.40 0.48
CA GLY C 642 23.87 43.56 0.37
C GLY C 642 23.49 44.21 -0.95
N GLY C 643 22.27 44.76 -1.02
CA GLY C 643 21.79 45.40 -2.23
C GLY C 643 21.96 46.90 -2.24
N THR C 644 21.76 47.50 -1.06
CA THR C 644 21.91 48.93 -0.84
C THR C 644 23.37 49.32 -0.70
N VAL C 645 23.70 50.56 -1.08
CA VAL C 645 25.07 51.05 -1.07
C VAL C 645 25.71 50.95 0.31
N GLY C 646 24.89 51.20 1.34
CA GLY C 646 25.35 51.18 2.71
C GLY C 646 25.52 49.79 3.32
N ARG C 647 25.50 48.77 2.48
CA ARG C 647 25.82 47.42 2.94
C ARG C 647 26.72 46.72 1.92
N GLY C 648 27.49 47.51 1.17
CA GLY C 648 28.38 46.93 0.19
C GLY C 648 27.72 46.80 -1.16
N GLY C 649 26.65 47.57 -1.35
CA GLY C 649 25.94 47.56 -2.62
C GLY C 649 26.76 48.20 -3.72
N GLY C 650 26.24 48.12 -4.94
CA GLY C 650 26.89 48.72 -6.08
C GLY C 650 27.28 47.70 -7.13
N PRO C 651 27.39 48.15 -8.41
CA PRO C 651 27.80 47.35 -9.57
C PRO C 651 28.80 46.24 -9.24
N THR C 652 28.63 45.11 -9.92
CA THR C 652 29.33 43.91 -9.54
C THR C 652 30.81 43.95 -9.95
N HIS C 653 31.07 44.41 -11.16
CA HIS C 653 32.43 44.51 -11.68
C HIS C 653 33.26 45.56 -10.96
N LEU C 654 32.61 46.59 -10.42
CA LEU C 654 33.29 47.66 -9.69
C LEU C 654 33.59 47.23 -8.26
N ALA C 655 32.66 46.49 -7.66
CA ALA C 655 32.82 46.00 -6.29
C ALA C 655 34.03 45.10 -6.19
N ILE C 656 34.28 44.34 -7.26
CA ILE C 656 35.42 43.46 -7.32
C ILE C 656 36.68 44.30 -7.51
N LEU C 657 36.62 45.19 -8.50
CA LEU C 657 37.75 46.07 -8.83
C LEU C 657 38.18 46.89 -7.62
N SER C 658 37.25 47.19 -6.72
CA SER C 658 37.56 47.93 -5.49
C SER C 658 38.22 47.09 -4.38
N GLN C 659 38.53 45.83 -4.66
CA GLN C 659 39.13 44.97 -3.63
C GLN C 659 40.63 44.84 -3.82
N PRO C 660 41.40 44.77 -2.71
CA PRO C 660 42.87 44.77 -2.73
C PRO C 660 43.46 43.80 -3.75
N PRO C 661 44.55 44.19 -4.42
CA PRO C 661 45.13 43.33 -5.46
C PRO C 661 45.67 42.05 -4.84
N ASP C 662 45.71 40.97 -5.61
CA ASP C 662 46.26 39.69 -5.14
C ASP C 662 45.50 39.10 -3.95
N THR C 663 44.27 39.54 -3.70
CA THR C 663 43.44 38.94 -2.65
C THR C 663 42.16 38.32 -3.20
N ILE C 664 42.25 37.72 -4.40
CA ILE C 664 41.15 36.99 -5.00
C ILE C 664 41.69 35.70 -5.63
N ASN C 665 42.42 35.85 -6.74
CA ASN C 665 43.09 34.74 -7.40
C ASN C 665 42.21 33.51 -7.64
N GLY C 666 41.17 33.70 -8.45
CA GLY C 666 40.28 32.63 -8.84
C GLY C 666 39.48 31.98 -7.73
N SER C 667 39.34 32.64 -6.57
CA SER C 667 38.59 32.05 -5.47
C SER C 667 37.90 33.06 -4.55
N ILE C 668 36.59 33.21 -4.73
CA ILE C 668 35.81 34.22 -4.01
C ILE C 668 34.35 33.82 -3.80
N ARG C 669 33.78 34.16 -2.64
CA ARG C 669 32.38 33.95 -2.41
C ARG C 669 31.72 35.26 -2.07
N VAL C 670 30.57 35.51 -2.70
CA VAL C 670 29.79 36.73 -2.49
C VAL C 670 28.35 36.38 -2.22
N THR C 671 27.72 37.08 -1.28
CA THR C 671 26.33 36.82 -0.99
C THR C 671 25.44 37.57 -1.98
N VAL C 672 24.31 36.97 -2.32
CA VAL C 672 23.29 37.61 -3.13
C VAL C 672 22.03 37.68 -2.25
N GLN C 673 21.66 38.86 -1.76
CA GLN C 673 20.70 38.94 -0.65
C GLN C 673 19.30 39.48 -0.97
N GLY C 674 18.29 38.64 -0.83
CA GLY C 674 16.90 39.08 -0.89
C GLY C 674 16.46 39.51 -2.28
N GLU C 675 16.19 40.80 -2.46
CA GLU C 675 15.69 41.30 -3.73
C GLU C 675 16.77 41.23 -4.81
N VAL C 676 18.03 41.25 -4.36
CA VAL C 676 19.17 41.18 -5.26
C VAL C 676 19.17 39.92 -6.14
N ILE C 677 18.56 38.84 -5.66
CA ILE C 677 18.40 37.64 -6.49
C ILE C 677 17.51 37.96 -7.69
N GLU C 678 16.44 38.73 -7.45
CA GLU C 678 15.51 39.14 -8.49
C GLU C 678 16.16 40.10 -9.47
N PHE C 679 17.05 40.95 -8.96
CA PHE C 679 17.76 41.93 -9.78
C PHE C 679 18.72 41.21 -10.71
N CYS C 680 19.33 40.14 -10.19
CA CYS C 680 20.39 39.44 -10.91
C CYS C 680 19.89 38.23 -11.69
N PHE C 681 18.92 37.51 -11.15
CA PHE C 681 18.46 36.28 -11.78
C PHE C 681 16.96 36.26 -12.01
N GLY C 682 16.38 37.42 -12.29
CA GLY C 682 14.96 37.52 -12.56
C GLY C 682 14.61 37.09 -13.97
N GLU C 683 15.53 37.30 -14.89
CA GLU C 683 15.29 36.99 -16.30
C GLU C 683 16.44 36.16 -16.86
N GLU C 684 16.22 35.52 -18.00
CA GLU C 684 17.25 34.71 -18.63
C GLU C 684 18.50 35.52 -18.88
N HIS C 685 18.32 36.68 -19.50
CA HIS C 685 19.43 37.55 -19.87
C HIS C 685 20.15 38.15 -18.66
N LEU C 686 19.38 38.39 -17.61
CA LEU C 686 19.91 38.97 -16.38
C LEU C 686 20.84 37.99 -15.71
N CYS C 687 20.41 36.74 -15.63
CA CYS C 687 21.21 35.68 -15.05
C CYS C 687 22.52 35.55 -15.80
N PHE C 688 22.42 35.45 -17.12
CA PHE C 688 23.59 35.39 -17.98
C PHE C 688 24.52 36.58 -17.79
N GLN C 689 23.95 37.78 -17.80
CA GLN C 689 24.73 39.00 -17.61
C GLN C 689 25.46 39.03 -16.25
N THR C 690 24.78 38.57 -15.20
CA THR C 690 25.35 38.54 -13.86
C THR C 690 26.50 37.52 -13.74
N LEU C 691 26.34 36.36 -14.37
CA LEU C 691 27.43 35.39 -14.42
C LEU C 691 28.61 35.99 -15.19
N GLN C 692 28.31 36.80 -16.20
CA GLN C 692 29.34 37.49 -16.96
C GLN C 692 30.16 38.46 -16.10
N ARG C 693 29.49 39.27 -15.30
CA ARG C 693 30.19 40.26 -14.49
C ARG C 693 31.12 39.62 -13.48
N PHE C 694 30.60 38.72 -12.66
CA PHE C 694 31.42 38.06 -11.66
C PHE C 694 32.61 37.34 -12.27
N THR C 695 32.41 36.73 -13.43
CA THR C 695 33.46 35.90 -14.01
C THR C 695 34.56 36.73 -14.68
N ALA C 696 34.14 37.68 -15.53
CA ALA C 696 35.08 38.53 -16.24
C ALA C 696 35.87 39.45 -15.29
N ALA C 697 35.20 40.00 -14.29
CA ALA C 697 35.87 40.83 -13.30
C ALA C 697 36.93 40.05 -12.52
N THR C 698 36.49 38.96 -11.90
CA THR C 698 37.36 38.10 -11.09
C THR C 698 38.60 37.71 -11.88
N LEU C 699 38.41 37.42 -13.17
CA LEU C 699 39.51 37.01 -14.03
C LEU C 699 40.56 38.12 -14.21
N GLU C 700 40.10 39.25 -14.73
CA GLU C 700 40.95 40.43 -14.90
C GLU C 700 41.65 40.77 -13.60
N HIS C 701 40.88 40.91 -12.53
CA HIS C 701 41.42 41.22 -11.20
C HIS C 701 42.52 40.26 -10.75
N GLY C 702 42.50 39.04 -11.27
CA GLY C 702 43.51 38.05 -10.90
C GLY C 702 44.80 38.23 -11.66
N MET C 703 44.68 38.43 -12.97
CA MET C 703 45.84 38.54 -13.86
C MET C 703 46.32 39.97 -13.98
N HIS C 704 45.38 40.91 -13.92
CA HIS C 704 45.67 42.33 -14.09
C HIS C 704 45.05 43.10 -12.93
N PRO C 705 45.67 43.01 -11.74
CA PRO C 705 45.13 43.57 -10.51
C PRO C 705 45.16 45.09 -10.52
N PRO C 706 44.39 45.74 -9.64
CA PRO C 706 44.41 47.21 -9.56
C PRO C 706 45.70 47.69 -8.91
N VAL C 707 45.86 49.01 -8.86
CA VAL C 707 47.04 49.60 -8.23
C VAL C 707 46.96 49.53 -6.70
N SER C 708 48.03 49.06 -6.07
CA SER C 708 48.12 49.09 -4.62
C SER C 708 48.17 50.55 -4.21
N PRO C 709 47.55 50.89 -3.09
CA PRO C 709 47.56 52.29 -2.61
C PRO C 709 48.95 52.78 -2.20
N LYS C 710 49.37 53.90 -2.79
CA LYS C 710 50.60 54.58 -2.38
C LYS C 710 50.51 54.83 -0.87
N PRO C 711 51.66 54.90 -0.19
CA PRO C 711 51.66 55.16 1.25
C PRO C 711 51.02 56.51 1.64
N GLU C 712 51.11 57.51 0.76
CA GLU C 712 50.43 58.79 0.96
C GLU C 712 48.95 58.55 1.20
N TRP C 713 48.37 57.84 0.24
CA TRP C 713 46.96 57.47 0.23
C TRP C 713 46.61 56.72 1.49
N ARG C 714 47.44 55.74 1.85
CA ARG C 714 47.21 54.94 3.03
C ARG C 714 47.09 55.79 4.28
N LYS C 715 48.12 56.57 4.59
CA LYS C 715 48.09 57.37 5.80
C LYS C 715 46.86 58.27 5.84
N LEU C 716 46.50 58.85 4.71
CA LEU C 716 45.34 59.74 4.68
C LEU C 716 44.03 58.98 4.88
N MET C 717 43.95 57.74 4.41
CA MET C 717 42.74 56.95 4.66
C MET C 717 42.69 56.54 6.12
N ASP C 718 43.86 56.26 6.71
CA ASP C 718 43.93 55.85 8.10
C ASP C 718 43.46 56.98 9.01
N GLU C 719 43.91 58.20 8.70
CA GLU C 719 43.57 59.38 9.47
C GLU C 719 42.12 59.86 9.31
N MET C 720 41.60 59.80 8.09
CA MET C 720 40.24 60.25 7.83
C MET C 720 39.22 59.33 8.46
N ALA C 721 39.55 58.05 8.48
CA ALA C 721 38.63 57.02 8.93
C ALA C 721 38.34 57.19 10.41
N VAL C 722 39.36 57.58 11.16
CA VAL C 722 39.23 57.83 12.59
C VAL C 722 38.36 59.05 12.86
N VAL C 723 38.51 60.07 12.02
CA VAL C 723 37.73 61.30 12.12
C VAL C 723 36.29 61.00 11.79
N ALA C 724 36.12 60.22 10.73
CA ALA C 724 34.80 59.81 10.23
C ALA C 724 34.07 58.93 11.24
N THR C 725 34.79 57.99 11.84
CA THR C 725 34.21 57.11 12.85
C THR C 725 33.75 57.95 14.03
N GLU C 726 34.63 58.85 14.47
CA GLU C 726 34.34 59.72 15.61
C GLU C 726 33.06 60.50 15.37
N GLU C 727 32.94 61.06 14.17
CA GLU C 727 31.80 61.88 13.80
C GLU C 727 30.51 61.07 13.65
N TYR C 728 30.65 59.85 13.14
CA TYR C 728 29.52 58.96 12.96
C TYR C 728 28.98 58.51 14.31
N ARG C 729 29.90 58.06 15.16
CA ARG C 729 29.56 57.54 16.47
C ARG C 729 29.14 58.64 17.41
N SER C 730 29.58 59.87 17.11
CA SER C 730 29.17 61.03 17.88
C SER C 730 27.68 61.25 17.68
N VAL C 731 27.16 60.81 16.55
CA VAL C 731 25.72 60.94 16.29
C VAL C 731 24.93 59.72 16.74
N VAL C 732 25.36 58.53 16.35
CA VAL C 732 24.57 57.33 16.61
C VAL C 732 24.78 56.71 18.00
N VAL C 733 25.98 56.88 18.57
CA VAL C 733 26.29 56.27 19.86
C VAL C 733 26.33 57.30 20.99
N LYS C 734 27.21 58.29 20.88
CA LYS C 734 27.41 59.28 21.94
C LYS C 734 26.41 60.44 21.89
N GLU C 735 25.12 60.11 22.05
CA GLU C 735 24.05 61.07 21.97
C GLU C 735 22.76 60.41 22.44
N ALA C 736 22.31 60.76 23.64
CA ALA C 736 21.16 60.11 24.24
C ALA C 736 19.90 60.27 23.40
N ARG C 737 19.66 61.49 22.95
CA ARG C 737 18.42 61.81 22.27
C ARG C 737 18.37 61.36 20.81
N PHE C 738 19.40 60.65 20.36
CA PHE C 738 19.45 60.18 18.96
C PHE C 738 18.36 59.14 18.66
N VAL C 739 18.32 58.11 19.48
CA VAL C 739 17.42 56.98 19.28
C VAL C 739 15.95 57.43 19.28
N GLU C 740 15.67 58.52 20.00
CA GLU C 740 14.31 59.09 20.06
C GLU C 740 13.96 59.87 18.79
N TYR C 741 14.96 60.57 18.26
CA TYR C 741 14.85 61.25 16.98
C TYR C 741 14.77 60.25 15.84
N PHE C 742 15.58 59.18 15.95
CA PHE C 742 15.58 58.12 14.95
C PHE C 742 14.21 57.46 14.82
N ARG C 743 13.65 56.99 15.93
CA ARG C 743 12.38 56.25 15.89
C ARG C 743 11.19 57.16 15.61
N SER C 744 11.49 58.45 15.51
CA SER C 744 10.49 59.48 15.30
C SER C 744 10.49 60.01 13.86
N ALA C 745 11.68 60.32 13.33
CA ALA C 745 11.81 60.91 12.00
C ALA C 745 11.73 59.92 10.83
N THR C 746 11.98 58.64 11.10
CA THR C 746 11.99 57.61 10.05
C THR C 746 11.00 56.50 10.37
N PRO C 747 10.46 55.84 9.33
CA PRO C 747 9.49 54.77 9.58
C PRO C 747 10.16 53.48 10.03
N GLU C 748 11.07 53.56 10.99
CA GLU C 748 11.84 52.39 11.39
C GLU C 748 10.94 51.34 12.02
N THR C 749 10.17 51.74 13.01
CA THR C 749 9.38 50.81 13.81
C THR C 749 8.28 50.08 13.03
N GLU C 750 8.09 50.43 11.77
CA GLU C 750 7.00 49.87 10.97
C GLU C 750 7.46 48.81 9.98
N TYR C 751 8.76 48.58 9.93
CA TYR C 751 9.35 47.70 8.93
C TYR C 751 8.83 46.26 8.98
N GLY C 752 8.52 45.78 10.19
CA GLY C 752 8.07 44.41 10.35
C GLY C 752 6.71 44.15 9.73
N ARG C 753 5.97 45.24 9.49
CA ARG C 753 4.59 45.18 9.04
C ARG C 753 4.48 44.72 7.59
N MET C 754 5.61 44.68 6.90
CA MET C 754 5.65 44.23 5.51
C MET C 754 5.66 42.71 5.42
N ASN C 755 5.91 42.06 6.56
CA ASN C 755 5.93 40.60 6.63
C ASN C 755 6.88 39.98 5.63
N ILE C 756 8.05 40.60 5.47
CA ILE C 756 8.98 40.21 4.42
C ILE C 756 9.58 38.81 4.63
N GLY C 757 10.32 38.64 5.71
CA GLY C 757 10.99 37.38 5.99
C GLY C 757 10.53 36.75 7.29
N SER C 758 11.14 35.63 7.65
CA SER C 758 10.72 34.87 8.81
C SER C 758 11.43 35.34 10.07
N ARG C 759 12.45 36.16 9.88
CA ARG C 759 13.29 36.62 10.97
C ARG C 759 12.72 37.80 11.72
N PRO C 760 12.38 37.62 13.02
CA PRO C 760 12.21 38.82 13.83
C PRO C 760 13.44 39.72 13.70
N ALA C 761 13.27 40.91 13.12
CA ALA C 761 14.39 41.77 12.74
C ALA C 761 14.82 42.75 13.84
N LYS C 762 14.56 42.37 15.09
CA LYS C 762 15.17 42.99 16.27
C LYS C 762 15.71 41.84 17.12
N ARG C 763 17.02 41.80 17.32
CA ARG C 763 17.68 40.69 18.03
C ARG C 763 17.14 40.44 19.44
N ARG C 764 16.62 41.48 20.08
CA ARG C 764 16.05 41.40 21.42
C ARG C 764 15.30 42.70 21.69
N PRO C 765 14.09 42.64 22.31
CA PRO C 765 13.37 43.87 22.65
C PRO C 765 14.20 44.85 23.48
N GLY C 766 14.96 44.32 24.43
CA GLY C 766 15.90 45.10 25.20
C GLY C 766 17.32 44.82 24.78
N GLY C 767 17.93 45.79 24.10
CA GLY C 767 17.24 47.04 23.79
C GLY C 767 18.12 48.13 23.18
N GLY C 768 17.48 49.19 22.71
CA GLY C 768 18.18 50.31 22.09
C GLY C 768 18.44 50.12 20.60
N ILE C 769 19.29 50.97 20.04
CA ILE C 769 19.70 50.89 18.63
C ILE C 769 20.70 49.76 18.43
N THR C 770 21.45 49.47 19.48
CA THR C 770 22.54 48.50 19.44
C THR C 770 22.11 47.10 18.97
N THR C 771 20.86 46.74 19.21
CA THR C 771 20.35 45.42 18.81
C THR C 771 19.54 45.42 17.51
N LEU C 772 19.30 46.61 16.94
CA LEU C 772 18.52 46.73 15.70
C LEU C 772 19.29 46.23 14.49
N ARG C 773 18.72 45.28 13.75
CA ARG C 773 19.43 44.63 12.66
C ARG C 773 19.87 45.64 11.60
N ALA C 774 20.84 45.26 10.78
CA ALA C 774 21.42 46.20 9.82
C ALA C 774 20.44 46.60 8.72
N ILE C 775 19.52 45.71 8.37
CA ILE C 775 18.61 45.96 7.25
C ILE C 775 17.51 47.00 7.52
N PRO C 776 16.71 46.82 8.59
CA PRO C 776 15.75 47.89 8.86
C PRO C 776 16.44 49.23 9.13
N TRP C 777 17.70 49.21 9.57
CA TRP C 777 18.51 50.42 9.77
C TRP C 777 18.62 51.21 8.47
N ILE C 778 19.34 50.68 7.48
CA ILE C 778 19.48 51.32 6.17
C ILE C 778 18.12 51.65 5.54
N PHE C 779 17.15 50.75 5.70
CA PHE C 779 15.80 50.95 5.19
C PHE C 779 15.18 52.25 5.71
N SER C 780 15.29 52.46 7.02
CA SER C 780 14.67 53.60 7.69
C SER C 780 15.13 54.92 7.10
N TRP C 781 16.42 55.04 6.85
CA TRP C 781 16.98 56.28 6.29
C TRP C 781 16.80 56.36 4.76
N THR C 782 16.40 55.26 4.14
CA THR C 782 16.20 55.24 2.69
C THR C 782 14.83 55.76 2.31
N GLN C 783 13.82 55.38 3.10
CA GLN C 783 12.45 55.83 2.87
C GLN C 783 12.39 57.35 2.93
N THR C 784 12.98 57.89 3.98
CA THR C 784 12.97 59.31 4.26
C THR C 784 13.83 60.09 3.25
N ARG C 785 14.57 59.35 2.43
CA ARG C 785 15.50 59.91 1.43
C ARG C 785 16.52 60.86 2.07
N PHE C 786 17.17 60.39 3.13
CA PHE C 786 18.21 61.15 3.80
C PHE C 786 19.52 60.39 3.74
N HIS C 787 19.44 59.07 3.88
CA HIS C 787 20.59 58.17 3.74
C HIS C 787 21.70 58.45 4.74
N LEU C 788 21.32 58.72 5.98
CA LEU C 788 22.27 59.12 7.03
C LEU C 788 23.52 58.25 7.21
N PRO C 789 23.36 56.92 7.33
CA PRO C 789 24.54 56.13 7.69
C PRO C 789 25.50 55.93 6.51
N VAL C 790 24.98 56.23 5.32
CA VAL C 790 25.71 56.09 4.07
C VAL C 790 26.77 57.19 3.90
N TRP C 791 26.45 58.43 4.29
CA TRP C 791 27.39 59.54 4.13
C TRP C 791 27.93 60.16 5.42
N LEU C 792 27.33 59.85 6.57
CA LEU C 792 27.77 60.45 7.83
C LEU C 792 29.24 60.11 8.10
N GLY C 793 30.03 61.14 8.37
CA GLY C 793 31.45 60.97 8.64
C GLY C 793 32.34 61.23 7.44
N VAL C 794 31.78 61.15 6.24
CA VAL C 794 32.55 61.38 5.02
C VAL C 794 32.92 62.85 4.90
N GLY C 795 31.95 63.72 5.19
CA GLY C 795 32.16 65.15 5.15
C GLY C 795 33.23 65.59 6.12
N ALA C 796 33.16 65.11 7.35
CA ALA C 796 34.14 65.43 8.36
C ALA C 796 35.53 64.94 7.98
N ALA C 797 35.61 63.75 7.40
CA ALA C 797 36.90 63.20 7.01
C ALA C 797 37.50 64.00 5.85
N PHE C 798 36.64 64.52 4.98
CA PHE C 798 37.09 65.35 3.87
C PHE C 798 37.56 66.69 4.40
N LYS C 799 36.72 67.27 5.26
CA LYS C 799 36.99 68.58 5.86
C LYS C 799 38.26 68.54 6.70
N PHE C 800 38.47 67.45 7.43
CA PHE C 800 39.67 67.30 8.26
C PHE C 800 40.92 67.28 7.39
N ALA C 801 40.89 66.49 6.32
CA ALA C 801 42.06 66.28 5.47
C ALA C 801 42.56 67.55 4.79
N ILE C 802 41.62 68.39 4.34
CA ILE C 802 41.98 69.61 3.64
C ILE C 802 42.28 70.79 4.60
N ASP C 803 41.71 70.75 5.81
CA ASP C 803 42.02 71.75 6.82
C ASP C 803 43.37 71.48 7.46
N LYS C 804 43.70 70.20 7.60
CA LYS C 804 45.01 69.77 8.11
C LYS C 804 46.11 70.29 7.19
N ASP C 805 45.91 70.13 5.89
CA ASP C 805 46.89 70.58 4.89
C ASP C 805 46.20 70.78 3.53
N VAL C 806 46.17 72.01 3.04
CA VAL C 806 45.49 72.37 1.78
C VAL C 806 46.10 71.62 0.59
N ARG C 807 47.28 71.07 0.80
CA ARG C 807 47.91 70.22 -0.19
C ARG C 807 47.10 68.95 -0.43
N ASN C 808 46.44 68.46 0.63
CA ASN C 808 45.68 67.21 0.57
C ASN C 808 44.50 67.24 -0.40
N PHE C 809 44.03 68.43 -0.74
CA PHE C 809 42.93 68.54 -1.70
C PHE C 809 43.40 67.92 -3.02
N GLN C 810 44.67 68.15 -3.38
CA GLN C 810 45.26 67.59 -4.59
C GLN C 810 45.66 66.13 -4.41
N VAL C 811 45.58 65.66 -3.17
CA VAL C 811 45.86 64.27 -2.85
C VAL C 811 44.55 63.48 -2.94
N LEU C 812 43.50 64.01 -2.32
CA LEU C 812 42.17 63.44 -2.49
C LEU C 812 41.83 63.34 -3.98
N LYS C 813 42.06 64.43 -4.73
CA LYS C 813 41.79 64.44 -6.17
C LYS C 813 42.60 63.38 -6.92
N GLU C 814 43.83 63.16 -6.49
CA GLU C 814 44.67 62.19 -7.16
C GLU C 814 44.19 60.77 -6.88
N MET C 815 43.63 60.57 -5.68
CA MET C 815 43.14 59.25 -5.29
C MET C 815 41.86 58.90 -6.06
N TYR C 816 40.94 59.85 -6.14
CA TYR C 816 39.69 59.66 -6.89
C TYR C 816 39.94 59.39 -8.36
N ASN C 817 41.06 59.87 -8.89
CA ASN C 817 41.37 59.67 -10.30
C ASN C 817 42.14 58.37 -10.54
N GLU C 818 42.95 57.98 -9.57
CA GLU C 818 43.98 56.96 -9.83
C GLU C 818 43.75 55.66 -9.05
N TRP C 819 42.97 55.75 -7.98
CA TRP C 819 42.78 54.62 -7.07
C TRP C 819 41.35 54.06 -7.07
N PRO C 820 41.15 52.92 -7.75
CA PRO C 820 39.86 52.25 -7.98
C PRO C 820 38.98 52.20 -6.74
N PHE C 821 39.51 51.66 -5.64
CA PHE C 821 38.79 51.66 -4.38
C PHE C 821 38.23 53.03 -4.00
N PHE C 822 39.06 54.05 -4.03
CA PHE C 822 38.61 55.36 -3.56
C PHE C 822 37.57 55.93 -4.50
N ARG C 823 37.80 55.75 -5.81
CA ARG C 823 36.89 56.26 -6.82
C ARG C 823 35.52 55.61 -6.74
N VAL C 824 35.47 54.28 -6.76
CA VAL C 824 34.21 53.55 -6.62
C VAL C 824 33.43 53.99 -5.37
N THR C 825 34.12 54.21 -4.26
CA THR C 825 33.47 54.56 -3.01
C THR C 825 32.77 55.90 -3.07
N LEU C 826 33.44 56.87 -3.70
CA LEU C 826 32.88 58.20 -3.86
C LEU C 826 31.77 58.18 -4.89
N ASP C 827 32.02 57.50 -6.02
CA ASP C 827 31.04 57.41 -7.08
C ASP C 827 29.72 56.85 -6.56
N LEU C 828 29.80 55.81 -5.74
CA LEU C 828 28.63 55.21 -5.12
C LEU C 828 27.92 56.18 -4.19
N LEU C 829 28.69 57.04 -3.54
CA LEU C 829 28.17 58.08 -2.66
C LEU C 829 27.44 59.17 -3.43
N GLU C 830 27.94 59.46 -4.63
CA GLU C 830 27.30 60.44 -5.50
C GLU C 830 25.93 59.95 -5.92
N MET C 831 25.83 58.66 -6.25
CA MET C 831 24.57 58.08 -6.65
C MET C 831 23.54 58.20 -5.53
N VAL C 832 23.97 57.89 -4.31
CA VAL C 832 23.09 58.02 -3.15
C VAL C 832 22.55 59.43 -2.99
N PHE C 833 23.45 60.42 -2.96
CA PHE C 833 23.07 61.82 -2.85
C PHE C 833 22.14 62.26 -4.00
N ALA C 834 22.29 61.64 -5.17
CA ALA C 834 21.40 61.92 -6.29
C ALA C 834 20.01 61.35 -6.01
N LYS C 835 19.97 60.34 -5.16
CA LYS C 835 18.70 59.79 -4.72
C LYS C 835 18.29 60.43 -3.40
N GLY C 836 18.96 61.51 -3.04
CA GLY C 836 18.69 62.17 -1.78
C GLY C 836 18.02 63.52 -1.91
N ASP C 837 17.08 63.76 -1.01
CA ASP C 837 16.47 65.07 -0.88
C ASP C 837 16.29 65.35 0.60
N PRO C 838 17.11 66.26 1.15
CA PRO C 838 17.04 66.62 2.56
C PRO C 838 15.78 67.41 2.87
N GLY C 839 15.19 68.01 1.84
CA GLY C 839 13.92 68.71 1.97
C GLY C 839 12.82 67.76 2.40
N ILE C 840 12.93 66.51 1.95
CA ILE C 840 11.99 65.47 2.36
C ILE C 840 12.26 65.07 3.80
N ALA C 841 13.54 64.99 4.16
CA ALA C 841 13.94 64.66 5.52
C ALA C 841 13.43 65.73 6.50
N GLY C 842 13.49 66.98 6.05
CA GLY C 842 12.93 68.09 6.82
C GLY C 842 11.42 68.00 6.95
N LEU C 843 10.76 67.36 6.00
CA LEU C 843 9.31 67.20 6.04
C LEU C 843 8.87 66.19 7.09
N TYR C 844 9.63 65.11 7.25
CA TYR C 844 9.36 64.17 8.33
C TYR C 844 9.68 64.82 9.67
N ASP C 845 10.76 65.60 9.70
CA ASP C 845 11.18 66.30 10.92
C ASP C 845 10.12 67.27 11.39
N GLU C 846 9.45 67.92 10.45
CA GLU C 846 8.43 68.90 10.77
C GLU C 846 7.19 68.27 11.41
N LEU C 847 6.65 67.24 10.77
CA LEU C 847 5.41 66.62 11.20
C LEU C 847 5.53 65.65 12.37
N LEU C 848 6.69 65.03 12.56
CA LEU C 848 6.79 63.94 13.52
C LEU C 848 7.77 64.17 14.68
N VAL C 849 8.82 64.95 14.45
CA VAL C 849 9.84 65.14 15.48
C VAL C 849 9.43 66.15 16.54
N ALA C 850 9.70 65.81 17.80
CA ALA C 850 9.53 66.71 18.94
C ALA C 850 10.26 68.03 18.72
N GLU C 851 9.79 69.10 19.36
CA GLU C 851 10.34 70.43 19.11
C GLU C 851 11.80 70.56 19.50
N GLU C 852 12.16 70.09 20.69
CA GLU C 852 13.52 70.21 21.19
C GLU C 852 14.55 69.59 20.25
N LEU C 853 14.16 68.49 19.60
CA LEU C 853 15.06 67.73 18.74
C LEU C 853 15.12 68.30 17.33
N LYS C 854 14.07 69.02 16.95
CA LYS C 854 13.98 69.59 15.59
C LYS C 854 15.24 70.35 15.12
N PRO C 855 15.88 71.14 16.00
CA PRO C 855 17.16 71.73 15.59
C PRO C 855 18.28 70.70 15.44
N PHE C 856 18.24 69.61 16.21
CA PHE C 856 19.22 68.55 16.03
C PHE C 856 19.12 68.02 14.61
N GLY C 857 17.89 67.94 14.10
CA GLY C 857 17.67 67.45 12.76
C GLY C 857 18.23 68.40 11.72
N LYS C 858 17.97 69.69 11.92
CA LYS C 858 18.50 70.73 11.03
C LYS C 858 20.02 70.71 11.01
N GLN C 859 20.61 70.37 12.17
CA GLN C 859 22.07 70.26 12.29
C GLN C 859 22.59 69.16 11.38
N LEU C 860 21.85 68.05 11.33
CA LEU C 860 22.21 66.90 10.49
C LEU C 860 22.09 67.18 8.99
N ARG C 861 21.05 67.90 8.59
CA ARG C 861 20.85 68.24 7.18
C ARG C 861 21.96 69.18 6.71
N ASP C 862 22.53 69.92 7.66
CA ASP C 862 23.61 70.83 7.32
C ASP C 862 24.87 70.04 6.96
N LYS C 863 25.03 68.87 7.58
CA LYS C 863 26.13 67.96 7.31
C LYS C 863 25.94 67.27 5.97
N TYR C 864 24.68 66.90 5.68
CA TYR C 864 24.31 66.31 4.39
C TYR C 864 24.80 67.19 3.24
N VAL C 865 24.43 68.48 3.29
CA VAL C 865 24.79 69.41 2.22
C VAL C 865 26.28 69.67 2.19
N GLU C 866 26.91 69.72 3.37
CA GLU C 866 28.34 69.96 3.45
C GLU C 866 29.12 68.80 2.84
N THR C 867 28.60 67.59 3.05
CA THR C 867 29.28 66.38 2.58
C THR C 867 29.20 66.27 1.07
N GLN C 868 28.00 66.48 0.54
CA GLN C 868 27.76 66.46 -0.89
C GLN C 868 28.65 67.47 -1.59
N GLN C 869 28.69 68.68 -1.01
CA GLN C 869 29.45 69.80 -1.55
C GLN C 869 30.93 69.44 -1.74
N LEU C 870 31.54 68.90 -0.69
CA LEU C 870 32.94 68.47 -0.72
C LEU C 870 33.16 67.31 -1.69
N LEU C 871 32.28 66.32 -1.62
CA LEU C 871 32.33 65.14 -2.47
C LEU C 871 32.48 65.51 -3.94
N LEU C 872 31.61 66.43 -4.39
CA LEU C 872 31.63 66.85 -5.77
C LEU C 872 32.96 67.52 -6.13
N GLN C 873 33.44 68.41 -5.27
CA GLN C 873 34.69 69.13 -5.51
C GLN C 873 35.83 68.17 -5.74
N ILE C 874 35.96 67.21 -4.83
CA ILE C 874 36.98 66.18 -4.94
C ILE C 874 36.87 65.39 -6.25
N ALA C 875 35.65 65.03 -6.61
CA ALA C 875 35.41 64.27 -7.83
C ALA C 875 35.63 65.13 -9.09
N GLY C 876 35.59 66.45 -8.94
CA GLY C 876 35.74 67.35 -10.07
C GLY C 876 34.45 67.57 -10.83
N HIS C 877 33.33 67.33 -10.15
CA HIS C 877 32.03 67.54 -10.76
C HIS C 877 31.42 68.85 -10.26
N LYS C 878 30.78 69.58 -11.16
CA LYS C 878 30.09 70.80 -10.81
C LYS C 878 28.66 70.46 -10.36
N ASP C 879 28.09 69.44 -11.00
CA ASP C 879 26.71 69.02 -10.77
C ASP C 879 26.67 67.55 -10.36
N ILE C 880 25.56 67.14 -9.76
CA ILE C 880 25.41 65.76 -9.33
C ILE C 880 24.80 64.89 -10.43
N LEU C 881 25.32 63.67 -10.56
CA LEU C 881 25.02 62.77 -11.70
C LEU C 881 25.38 63.35 -13.08
N GLU C 882 26.35 64.26 -13.10
CA GLU C 882 27.00 64.70 -14.32
C GLU C 882 27.93 63.55 -14.70
N GLY C 883 28.16 63.35 -15.99
CA GLY C 883 28.96 62.23 -16.42
C GLY C 883 28.18 60.93 -16.29
N ASP C 884 26.86 61.07 -16.20
CA ASP C 884 25.94 59.94 -16.19
C ASP C 884 24.55 60.37 -16.67
N PRO C 885 24.23 60.07 -17.92
CA PRO C 885 22.88 60.32 -18.44
C PRO C 885 21.96 59.20 -18.02
N PHE C 886 20.70 59.26 -18.44
CA PHE C 886 19.77 58.14 -18.26
C PHE C 886 19.43 57.81 -16.79
N LEU C 887 20.43 57.59 -15.95
CA LEU C 887 20.17 57.35 -14.52
C LEU C 887 19.77 58.66 -13.83
N LYS C 888 20.14 59.80 -14.42
CA LYS C 888 19.62 61.09 -14.01
C LYS C 888 18.26 61.35 -14.64
N GLN C 889 18.13 61.02 -15.92
CA GLN C 889 16.85 61.06 -16.61
C GLN C 889 15.86 60.18 -15.86
N GLY C 890 16.31 59.01 -15.47
CA GLY C 890 15.47 58.03 -14.80
C GLY C 890 14.90 58.54 -13.49
N LEU C 891 15.67 59.40 -12.82
CA LEU C 891 15.23 60.01 -11.58
C LEU C 891 14.29 61.17 -11.80
N VAL C 892 14.14 61.61 -13.05
CA VAL C 892 13.29 62.78 -13.31
C VAL C 892 11.80 62.44 -13.32
N LEU C 893 11.40 61.37 -14.02
CA LEU C 893 10.00 60.95 -13.95
C LEU C 893 9.70 60.20 -12.66
N ARG C 894 10.68 59.46 -12.16
CA ARG C 894 10.45 58.65 -10.96
C ARG C 894 10.20 59.51 -9.71
N ASN C 895 10.90 60.63 -9.60
CA ASN C 895 10.87 61.44 -8.38
C ASN C 895 9.51 61.98 -7.89
N PRO C 896 8.70 62.60 -8.77
CA PRO C 896 7.47 63.19 -8.22
C PRO C 896 6.54 62.18 -7.55
N TYR C 897 6.67 60.90 -7.90
CA TYR C 897 5.86 59.88 -7.26
C TYR C 897 6.40 59.50 -5.88
N ILE C 898 7.73 59.37 -5.79
CA ILE C 898 8.41 59.10 -4.52
C ILE C 898 8.18 60.25 -3.54
N THR C 899 8.14 61.47 -4.08
CA THR C 899 7.78 62.64 -3.29
C THR C 899 6.32 62.53 -2.81
N THR C 900 5.42 62.09 -3.69
CA THR C 900 4.01 61.97 -3.32
C THR C 900 3.84 60.97 -2.18
N LEU C 901 4.47 59.80 -2.32
CA LEU C 901 4.48 58.81 -1.26
C LEU C 901 5.15 59.31 0.04
N ASN C 902 6.30 59.98 -0.10
CA ASN C 902 7.00 60.56 1.05
C ASN C 902 6.06 61.43 1.86
N VAL C 903 5.35 62.31 1.16
CA VAL C 903 4.35 63.15 1.78
C VAL C 903 3.24 62.29 2.40
N PHE C 904 2.71 61.37 1.59
CA PHE C 904 1.63 60.48 2.01
C PHE C 904 2.00 59.72 3.29
N GLN C 905 3.24 59.26 3.36
CA GLN C 905 3.71 58.42 4.46
C GLN C 905 3.92 59.23 5.72
N ALA C 906 4.49 60.41 5.55
CA ALA C 906 4.75 61.30 6.68
C ALA C 906 3.44 61.65 7.38
N TYR C 907 2.42 61.99 6.61
CA TYR C 907 1.12 62.30 7.19
C TYR C 907 0.44 61.05 7.72
N THR C 908 0.65 59.94 7.03
CA THR C 908 0.02 58.69 7.44
C THR C 908 0.65 58.21 8.75
N LEU C 909 1.93 58.52 8.94
CA LEU C 909 2.61 58.23 10.20
C LEU C 909 2.05 59.09 11.32
N LYS C 910 1.93 60.39 11.05
CA LYS C 910 1.35 61.30 12.01
C LYS C 910 -0.02 60.83 12.47
N ARG C 911 -0.93 60.64 11.52
CA ARG C 911 -2.29 60.18 11.80
C ARG C 911 -2.33 58.99 12.74
N ILE C 912 -1.36 58.10 12.60
CA ILE C 912 -1.26 56.89 13.42
C ILE C 912 -0.77 57.22 14.83
N ARG C 913 0.29 58.02 14.90
CA ARG C 913 0.94 58.33 16.17
C ARG C 913 0.13 59.30 17.03
N ASP C 914 -0.32 60.39 16.42
CA ASP C 914 -1.06 61.43 17.13
C ASP C 914 -2.55 61.38 16.80
N PRO C 915 -3.38 60.87 17.74
CA PRO C 915 -4.82 60.82 17.50
C PRO C 915 -5.39 62.23 17.36
N ASN C 916 -4.67 63.21 17.93
CA ASN C 916 -5.05 64.63 17.91
C ASN C 916 -5.00 65.30 16.54
N PHE C 917 -4.08 64.86 15.68
CA PHE C 917 -4.01 65.42 14.34
C PHE C 917 -5.21 64.98 13.54
N LYS C 918 -6.32 65.71 13.70
CA LYS C 918 -7.53 65.42 12.94
C LYS C 918 -7.53 66.23 11.65
N VAL C 919 -8.03 65.61 10.57
CA VAL C 919 -8.15 66.29 9.29
C VAL C 919 -9.56 66.03 8.75
N THR C 920 -10.14 67.02 8.10
CA THR C 920 -11.49 66.93 7.56
C THR C 920 -11.57 65.93 6.40
N PRO C 921 -12.40 64.87 6.56
CA PRO C 921 -12.55 63.80 5.55
C PRO C 921 -13.22 64.29 4.26
N GLN C 922 -12.64 63.94 3.12
CA GLN C 922 -13.17 64.36 1.83
C GLN C 922 -14.27 63.40 1.39
N PRO C 923 -14.91 63.68 0.23
CA PRO C 923 -15.84 62.72 -0.35
C PRO C 923 -15.12 61.52 -0.98
N PRO C 924 -15.84 60.40 -1.18
CA PRO C 924 -15.23 59.26 -1.89
C PRO C 924 -14.87 59.61 -3.34
N LEU C 925 -13.84 58.96 -3.87
CA LEU C 925 -13.35 59.22 -5.23
C LEU C 925 -13.56 58.01 -6.14
N SER C 926 -13.52 56.82 -5.57
CA SER C 926 -13.67 55.63 -6.37
C SER C 926 -15.14 55.37 -6.58
N LYS C 927 -15.54 55.18 -7.84
CA LYS C 927 -16.91 54.85 -8.16
C LYS C 927 -17.29 53.50 -7.55
N GLU C 928 -16.27 52.70 -7.23
CA GLU C 928 -16.43 51.37 -6.69
C GLU C 928 -16.92 51.42 -5.25
N PHE C 929 -16.37 52.35 -4.48
CA PHE C 929 -16.71 52.51 -3.07
C PHE C 929 -17.51 53.79 -2.86
N ALA C 930 -18.72 53.78 -3.37
CA ALA C 930 -19.64 54.91 -3.26
C ALA C 930 -20.23 54.98 -1.86
N ASP C 931 -21.21 54.13 -1.59
CA ASP C 931 -21.97 54.17 -0.34
C ASP C 931 -21.69 52.99 0.60
N GLU C 932 -21.85 53.23 1.91
CA GLU C 932 -21.71 52.17 2.91
C GLU C 932 -22.93 51.25 2.96
N ALA C 936 -16.74 48.90 2.98
CA ALA C 936 -15.70 49.04 1.96
C ALA C 936 -14.87 47.77 1.89
N GLY C 937 -15.16 46.93 0.89
CA GLY C 937 -14.60 45.58 0.80
C GLY C 937 -13.08 45.44 0.70
N LEU C 938 -12.42 46.43 0.11
CA LEU C 938 -10.98 46.41 -0.06
C LEU C 938 -10.27 46.57 1.26
N VAL C 939 -10.79 47.47 2.10
CA VAL C 939 -10.19 47.73 3.40
C VAL C 939 -10.27 46.49 4.28
N LYS C 940 -11.29 45.67 4.04
CA LYS C 940 -11.51 44.44 4.80
C LYS C 940 -10.48 43.36 4.50
N LEU C 941 -9.61 43.61 3.53
CA LEU C 941 -8.50 42.70 3.23
C LEU C 941 -7.56 42.57 4.44
N ASN C 942 -7.59 43.60 5.29
CA ASN C 942 -6.87 43.60 6.57
C ASN C 942 -7.84 43.33 7.73
N PRO C 943 -7.89 42.08 8.20
CA PRO C 943 -8.90 41.61 9.16
C PRO C 943 -8.86 42.41 10.46
N ALA C 944 -7.85 42.16 11.28
CA ALA C 944 -7.67 42.89 12.51
C ALA C 944 -6.36 43.66 12.47
N SER C 945 -6.44 44.97 12.26
CA SER C 945 -5.25 45.82 12.26
C SER C 945 -5.17 46.60 13.55
N GLU C 946 -3.95 46.79 14.05
CA GLU C 946 -3.75 47.54 15.28
C GLU C 946 -4.09 49.02 15.08
N TYR C 947 -4.21 49.42 13.82
CA TYR C 947 -4.40 50.81 13.44
C TYR C 947 -5.84 51.05 12.93
N PRO C 948 -6.30 52.32 12.96
CA PRO C 948 -7.63 52.68 12.46
C PRO C 948 -7.80 52.31 10.98
N PRO C 949 -9.04 52.05 10.53
CA PRO C 949 -9.39 51.56 9.19
C PRO C 949 -8.54 52.09 8.03
N GLY C 950 -7.81 51.18 7.39
CA GLY C 950 -7.04 51.50 6.19
C GLY C 950 -5.77 52.29 6.40
N LEU C 951 -5.39 52.50 7.66
CA LEU C 951 -4.17 53.24 7.94
C LEU C 951 -2.94 52.38 7.81
N GLU C 952 -3.04 51.11 8.19
CA GLU C 952 -1.89 50.22 8.10
C GLU C 952 -1.58 49.87 6.65
N ASP C 953 -2.63 49.65 5.85
CA ASP C 953 -2.45 49.30 4.44
C ASP C 953 -1.92 50.47 3.63
N THR C 954 -2.40 51.67 3.96
CA THR C 954 -1.91 52.89 3.33
C THR C 954 -0.41 53.05 3.62
N LEU C 955 -0.02 52.82 4.87
CA LEU C 955 1.38 52.90 5.30
C LEU C 955 2.27 51.87 4.61
N ILE C 956 1.85 50.60 4.62
CA ILE C 956 2.64 49.54 4.02
C ILE C 956 2.87 49.84 2.55
N LEU C 957 1.82 50.24 1.85
CA LEU C 957 1.93 50.61 0.45
C LEU C 957 2.90 51.79 0.24
N THR C 958 2.90 52.76 1.14
CA THR C 958 3.84 53.88 0.99
C THR C 958 5.26 53.38 1.15
N MET C 959 5.46 52.41 2.03
CA MET C 959 6.79 51.82 2.23
C MET C 959 7.22 51.01 1.02
N LYS C 960 6.34 50.14 0.55
CA LYS C 960 6.63 49.30 -0.61
C LYS C 960 6.94 50.15 -1.84
N GLY C 961 6.10 51.15 -2.09
CA GLY C 961 6.27 52.06 -3.21
C GLY C 961 7.55 52.89 -3.18
N ILE C 962 7.87 53.49 -2.03
CA ILE C 962 9.09 54.26 -1.90
C ILE C 962 10.30 53.37 -2.13
N ALA C 963 10.20 52.12 -1.65
CA ALA C 963 11.26 51.16 -1.86
C ALA C 963 11.43 50.83 -3.34
N ALA C 964 10.32 50.76 -4.07
CA ALA C 964 10.38 50.56 -5.51
C ALA C 964 11.03 51.75 -6.24
N GLY C 965 10.68 52.97 -5.83
CA GLY C 965 11.24 54.17 -6.44
C GLY C 965 12.74 54.27 -6.18
N MET C 966 13.14 53.92 -4.98
CA MET C 966 14.55 53.89 -4.62
C MET C 966 15.24 52.67 -5.21
N GLN C 967 14.42 51.78 -5.78
CA GLN C 967 14.86 50.49 -6.27
C GLN C 967 15.69 49.75 -5.22
N ASN C 968 15.29 49.90 -3.96
CA ASN C 968 15.91 49.20 -2.85
C ASN C 968 15.07 49.21 -1.56
N THR C 969 15.01 48.05 -0.91
CA THR C 969 14.29 47.91 0.34
C THR C 969 15.20 48.31 1.52
N GLY C 970 16.36 47.67 1.64
CA GLY C 970 17.32 48.05 2.67
C GLY C 970 18.62 47.26 2.76
N GLU D 36 20.42 29.09 -51.48
CA GLU D 36 20.98 29.93 -50.42
C GLU D 36 20.88 29.26 -49.05
N TYR D 37 19.69 28.73 -48.74
CA TYR D 37 19.46 28.03 -47.48
C TYR D 37 19.89 26.56 -47.56
N ASP D 38 19.71 25.96 -48.73
CA ASP D 38 20.10 24.56 -48.97
C ASP D 38 21.60 24.43 -49.15
N ALA D 39 22.20 25.46 -49.75
CA ALA D 39 23.64 25.53 -49.94
C ALA D 39 24.35 25.58 -48.57
N LEU D 40 23.68 26.18 -47.59
CA LEU D 40 24.20 26.27 -46.23
C LEU D 40 24.26 24.87 -45.63
N LEU D 41 23.15 24.13 -45.74
CA LEU D 41 23.02 22.81 -45.11
C LEU D 41 23.80 21.72 -45.83
N VAL D 42 23.53 21.53 -47.12
CA VAL D 42 24.19 20.49 -47.92
C VAL D 42 25.72 20.53 -47.80
N ASP D 43 26.29 21.72 -47.80
CA ASP D 43 27.74 21.86 -47.67
C ASP D 43 28.25 21.43 -46.29
N ARG D 44 27.48 21.71 -45.25
CA ARG D 44 27.87 21.33 -43.88
C ARG D 44 27.83 19.85 -43.67
N PHE D 45 26.90 19.18 -44.34
CA PHE D 45 26.77 17.74 -44.24
C PHE D 45 27.98 17.10 -44.89
N LEU D 46 28.35 17.63 -46.04
CA LEU D 46 29.49 17.12 -46.79
C LEU D 46 30.79 17.20 -45.98
N ASN D 47 31.01 18.33 -45.33
CA ASN D 47 32.17 18.49 -44.46
C ASN D 47 32.17 17.43 -43.36
N ILE D 48 30.97 17.13 -42.84
CA ILE D 48 30.77 16.11 -41.81
C ILE D 48 30.95 14.71 -42.40
N LEU D 49 30.36 14.50 -43.58
CA LEU D 49 30.53 13.26 -44.33
C LEU D 49 32.00 12.94 -44.64
N GLN D 50 32.78 13.98 -44.94
CA GLN D 50 34.19 13.84 -45.23
C GLN D 50 34.95 13.64 -43.94
N ASP D 51 34.41 14.22 -42.87
CA ASP D 51 35.08 14.20 -41.58
C ASP D 51 34.95 12.85 -40.87
N LEU D 52 33.91 12.11 -41.19
CA LEU D 52 33.66 10.83 -40.52
C LEU D 52 34.02 9.60 -41.36
N HIS D 53 34.12 9.76 -42.67
CA HIS D 53 34.32 8.63 -43.57
C HIS D 53 35.39 8.85 -44.65
N GLY D 54 36.06 10.01 -44.63
CA GLY D 54 37.15 10.27 -45.56
C GLY D 54 36.73 10.94 -46.86
N PRO D 55 37.69 11.60 -47.53
CA PRO D 55 37.45 12.42 -48.73
C PRO D 55 36.88 11.64 -49.92
N SER D 56 37.41 10.46 -50.19
CA SER D 56 37.00 9.68 -51.35
C SER D 56 35.50 9.41 -51.41
N LEU D 57 34.87 9.23 -50.24
CA LEU D 57 33.43 9.01 -50.19
C LEU D 57 32.70 10.28 -50.57
N ARG D 58 33.18 11.39 -50.03
CA ARG D 58 32.55 12.70 -50.26
C ARG D 58 32.55 13.03 -51.75
N GLU D 59 33.67 12.77 -52.39
CA GLU D 59 33.79 13.02 -53.82
C GLU D 59 32.91 12.08 -54.61
N PHE D 60 32.73 10.87 -54.09
CA PHE D 60 31.88 9.89 -54.76
C PHE D 60 30.44 10.36 -54.83
N VAL D 61 29.91 10.81 -53.69
CA VAL D 61 28.54 11.32 -53.59
C VAL D 61 28.34 12.55 -54.50
N GLN D 62 29.42 13.30 -54.68
CA GLN D 62 29.42 14.50 -55.53
C GLN D 62 29.48 14.11 -57.00
N GLU D 63 30.19 13.03 -57.28
CA GLU D 63 30.28 12.49 -58.64
C GLU D 63 28.91 12.05 -59.10
N CYS D 64 28.19 11.36 -58.22
CA CYS D 64 26.87 10.88 -58.54
C CYS D 64 25.94 12.03 -58.90
N TYR D 65 26.14 13.17 -58.25
CA TYR D 65 25.27 14.32 -58.46
C TYR D 65 25.36 14.82 -59.89
N GLU D 66 26.58 15.12 -60.33
CA GLU D 66 26.81 15.69 -61.66
C GLU D 66 26.55 14.67 -62.77
N VAL D 67 26.79 13.39 -62.47
CA VAL D 67 26.42 12.34 -63.39
C VAL D 67 24.91 12.45 -63.60
N SER D 68 24.19 12.49 -62.49
CA SER D 68 22.73 12.60 -62.52
C SER D 68 22.30 13.93 -63.10
N ALA D 69 22.99 15.00 -62.73
CA ALA D 69 22.69 16.33 -63.26
C ALA D 69 22.84 16.36 -64.79
N ASP D 70 23.84 15.66 -65.31
CA ASP D 70 24.04 15.55 -66.77
C ASP D 70 22.81 14.98 -67.45
N TYR D 71 22.21 13.97 -66.82
CA TYR D 71 20.97 13.41 -67.30
C TYR D 71 19.88 14.46 -67.24
N GLU D 72 19.81 15.19 -66.13
CA GLU D 72 18.75 16.15 -65.89
C GLU D 72 18.74 17.25 -66.96
N GLY D 73 19.90 17.83 -67.23
CA GLY D 73 20.01 18.95 -68.15
C GLY D 73 20.02 18.64 -69.63
N LYS D 74 20.20 17.37 -70.00
CA LYS D 74 20.28 16.98 -71.40
C LYS D 74 19.34 15.83 -71.79
N GLY D 75 19.19 14.85 -70.89
CA GLY D 75 18.30 13.74 -71.14
C GLY D 75 19.00 12.50 -71.68
N ASP D 76 20.31 12.45 -71.48
CA ASP D 76 21.12 11.32 -71.97
C ASP D 76 20.96 10.07 -71.12
N THR D 77 20.13 9.15 -71.61
CA THR D 77 19.82 7.92 -70.89
C THR D 77 21.04 7.00 -70.67
N THR D 78 22.19 7.39 -71.21
CA THR D 78 23.41 6.58 -71.08
C THR D 78 24.14 6.86 -69.76
N LYS D 79 24.00 8.10 -69.27
CA LYS D 79 24.57 8.51 -67.99
C LYS D 79 24.00 7.70 -66.82
N LEU D 80 22.71 7.40 -66.90
CA LEU D 80 22.04 6.61 -65.87
C LEU D 80 22.68 5.23 -65.75
N GLY D 81 22.83 4.55 -66.88
CA GLY D 81 23.47 3.24 -66.89
C GLY D 81 24.91 3.35 -66.44
N GLU D 82 25.56 4.44 -66.84
CA GLU D 82 26.91 4.77 -66.41
C GLU D 82 27.00 4.77 -64.89
N LEU D 83 26.11 5.52 -64.25
CA LEU D 83 26.07 5.61 -62.79
C LEU D 83 25.76 4.27 -62.14
N GLY D 84 24.91 3.48 -62.80
CA GLY D 84 24.48 2.20 -62.27
C GLY D 84 25.65 1.25 -62.09
N ALA D 85 26.69 1.46 -62.89
CA ALA D 85 27.92 0.71 -62.78
C ALA D 85 28.57 0.98 -61.43
N LYS D 86 28.82 2.25 -61.17
CA LYS D 86 29.46 2.70 -59.95
C LYS D 86 28.74 2.19 -58.69
N LEU D 87 27.44 2.49 -58.58
CA LEU D 87 26.66 2.21 -57.37
C LEU D 87 26.53 0.72 -57.02
N THR D 88 26.73 -0.14 -58.03
CA THR D 88 26.51 -1.57 -57.87
C THR D 88 27.71 -2.30 -57.27
N GLY D 89 28.89 -1.75 -57.49
CA GLY D 89 30.12 -2.37 -57.02
C GLY D 89 30.43 -2.11 -55.57
N LEU D 90 29.76 -1.13 -54.97
CA LEU D 90 30.04 -0.70 -53.60
C LEU D 90 30.00 -1.80 -52.53
N ALA D 91 30.87 -1.66 -51.54
CA ALA D 91 30.91 -2.52 -50.35
C ALA D 91 29.61 -2.41 -49.59
N PRO D 92 29.21 -3.48 -48.88
CA PRO D 92 27.96 -3.44 -48.11
C PRO D 92 27.86 -2.23 -47.15
N ALA D 93 28.95 -1.90 -46.46
CA ALA D 93 28.94 -0.73 -45.59
C ALA D 93 28.82 0.57 -46.38
N ASP D 94 29.46 0.61 -47.55
CA ASP D 94 29.48 1.82 -48.37
C ASP D 94 28.21 1.99 -49.19
N ALA D 95 27.50 0.89 -49.43
CA ALA D 95 26.28 0.96 -50.22
C ALA D 95 25.22 1.65 -49.40
N ILE D 96 25.23 1.36 -48.10
CA ILE D 96 24.34 2.00 -47.15
C ILE D 96 24.71 3.47 -46.93
N LEU D 97 25.96 3.71 -46.53
CA LEU D 97 26.47 5.05 -46.29
C LEU D 97 26.15 6.02 -47.41
N VAL D 98 26.16 5.53 -48.66
CA VAL D 98 25.82 6.35 -49.80
C VAL D 98 24.31 6.66 -49.84
N ALA D 99 23.50 5.63 -49.65
CA ALA D 99 22.05 5.79 -49.63
C ALA D 99 21.59 6.68 -48.46
N SER D 100 22.21 6.47 -47.31
CA SER D 100 21.96 7.29 -46.14
C SER D 100 22.32 8.74 -46.44
N SER D 101 23.47 8.95 -47.09
CA SER D 101 23.94 10.29 -47.39
C SER D 101 23.08 11.03 -48.40
N ILE D 102 22.58 10.32 -49.39
CA ILE D 102 21.67 10.96 -50.33
C ILE D 102 20.38 11.32 -49.60
N LEU D 103 19.90 10.40 -48.78
CA LEU D 103 18.69 10.62 -47.99
C LEU D 103 18.80 11.87 -47.13
N HIS D 104 19.85 11.94 -46.32
CA HIS D 104 20.00 13.06 -45.42
C HIS D 104 20.10 14.39 -46.15
N MET D 105 20.87 14.43 -47.25
CA MET D 105 20.97 15.64 -48.04
C MET D 105 19.62 16.01 -48.64
N LEU D 106 18.89 15.00 -49.07
CA LEU D 106 17.56 15.18 -49.65
C LEU D 106 16.59 15.77 -48.62
N ASN D 107 16.73 15.32 -47.38
CA ASN D 107 15.92 15.79 -46.27
C ASN D 107 16.31 17.22 -45.87
N LEU D 108 17.62 17.49 -45.84
CA LEU D 108 18.13 18.82 -45.54
C LEU D 108 17.68 19.85 -46.57
N ALA D 109 17.53 19.41 -47.81
CA ALA D 109 17.01 20.25 -48.87
C ALA D 109 15.53 20.54 -48.62
N ASN D 110 14.80 19.54 -48.18
CA ASN D 110 13.40 19.76 -47.81
C ASN D 110 13.31 20.73 -46.64
N LEU D 111 14.17 20.53 -45.65
CA LEU D 111 14.18 21.38 -44.46
C LEU D 111 14.42 22.84 -44.83
N ALA D 112 15.47 23.10 -45.59
CA ALA D 112 15.80 24.45 -46.02
C ALA D 112 14.67 25.09 -46.82
N GLU D 113 13.94 24.29 -47.59
CA GLU D 113 12.82 24.82 -48.36
C GLU D 113 11.66 25.22 -47.44
N GLU D 114 11.40 24.44 -46.39
CA GLU D 114 10.36 24.76 -45.43
C GLU D 114 10.63 26.07 -44.70
N VAL D 115 11.91 26.31 -44.41
CA VAL D 115 12.36 27.52 -43.72
C VAL D 115 12.30 28.73 -44.65
N GLN D 116 12.56 28.52 -45.93
CA GLN D 116 12.49 29.59 -46.90
C GLN D 116 11.06 29.91 -47.30
N ILE D 117 10.16 28.95 -47.07
CA ILE D 117 8.75 29.17 -47.33
C ILE D 117 8.14 29.97 -46.19
N ALA D 118 8.49 29.58 -44.97
CA ALA D 118 7.99 30.30 -43.80
C ALA D 118 8.48 31.74 -43.84
N HIS D 119 9.76 31.93 -44.15
CA HIS D 119 10.35 33.27 -44.27
C HIS D 119 9.57 34.13 -45.25
N ARG D 120 9.40 33.63 -46.48
CA ARG D 120 8.69 34.35 -47.54
C ARG D 120 7.25 34.68 -47.15
N ARG D 121 6.62 33.79 -46.38
CA ARG D 121 5.25 34.04 -45.93
C ARG D 121 5.17 35.21 -44.96
N ARG D 122 6.12 35.27 -44.02
CA ARG D 122 6.12 36.32 -43.01
C ARG D 122 6.47 37.66 -43.63
N ASN D 123 7.25 37.63 -44.71
CA ASN D 123 7.55 38.83 -45.47
C ASN D 123 6.32 39.36 -46.17
N SER D 124 5.47 38.47 -46.64
CA SER D 124 4.21 38.87 -47.24
C SER D 124 3.15 39.25 -46.20
N LYS D 125 3.63 39.70 -45.04
CA LYS D 125 2.77 40.25 -44.03
C LYS D 125 3.56 41.37 -43.34
N LEU D 126 4.27 42.17 -44.14
CA LEU D 126 5.11 43.25 -43.63
C LEU D 126 5.46 44.29 -44.71
N SER D 141 -4.83 33.27 -48.96
CA SER D 141 -4.94 34.38 -48.00
C SER D 141 -5.15 33.89 -46.56
N ASP D 142 -5.35 34.84 -45.65
CA ASP D 142 -5.50 34.55 -44.23
C ASP D 142 -6.94 34.73 -43.74
N ILE D 143 -7.11 34.89 -42.43
CA ILE D 143 -8.45 34.95 -41.83
C ILE D 143 -8.98 36.37 -41.67
N GLU D 144 -8.09 37.31 -41.33
CA GLU D 144 -8.50 38.70 -41.18
C GLU D 144 -8.85 39.32 -42.53
N GLU D 145 -8.17 38.88 -43.59
CA GLU D 145 -8.48 39.32 -44.95
C GLU D 145 -9.80 38.75 -45.43
N THR D 146 -10.01 37.46 -45.13
CA THR D 146 -11.21 36.76 -45.52
C THR D 146 -12.46 37.37 -44.91
N LEU D 147 -12.35 37.85 -43.67
CA LEU D 147 -13.48 38.51 -43.05
C LEU D 147 -13.77 39.84 -43.76
N LYS D 148 -12.71 40.60 -44.03
CA LYS D 148 -12.85 41.90 -44.67
C LYS D 148 -13.45 41.75 -46.08
N ARG D 149 -12.89 40.82 -46.84
CA ARG D 149 -13.32 40.55 -48.21
C ARG D 149 -14.78 40.15 -48.29
N LEU D 150 -15.24 39.36 -47.34
CA LEU D 150 -16.63 38.92 -47.33
C LEU D 150 -17.57 40.05 -46.96
N VAL D 151 -17.04 41.10 -46.33
CA VAL D 151 -17.85 42.27 -46.01
C VAL D 151 -17.82 43.27 -47.18
N SER D 152 -16.63 43.74 -47.56
CA SER D 152 -16.48 44.75 -48.63
C SER D 152 -16.85 44.22 -50.02
N GLU D 153 -16.29 43.07 -50.38
CA GLU D 153 -16.44 42.57 -51.74
C GLU D 153 -17.71 41.74 -51.93
N VAL D 154 -17.95 40.80 -51.02
CA VAL D 154 -19.12 39.94 -51.10
C VAL D 154 -20.38 40.67 -50.59
N GLY D 155 -20.17 41.70 -49.78
CA GLY D 155 -21.28 42.51 -49.31
C GLY D 155 -22.07 41.88 -48.18
N LYS D 156 -21.44 40.99 -47.43
CA LYS D 156 -22.07 40.42 -46.25
C LYS D 156 -21.95 41.42 -45.10
N SER D 157 -22.91 41.38 -44.17
CA SER D 157 -22.81 42.24 -43.00
C SER D 157 -21.79 41.60 -42.08
N PRO D 158 -21.07 42.41 -41.30
CA PRO D 158 -20.20 41.85 -40.27
C PRO D 158 -20.96 40.93 -39.32
N GLU D 159 -22.25 41.21 -39.11
CA GLU D 159 -23.08 40.39 -38.23
C GLU D 159 -23.34 39.04 -38.88
N GLU D 160 -23.60 39.05 -40.18
CA GLU D 160 -23.80 37.82 -40.95
C GLU D 160 -22.52 36.98 -40.94
N VAL D 161 -21.39 37.66 -41.09
CA VAL D 161 -20.10 36.98 -41.06
C VAL D 161 -19.90 36.39 -39.67
N PHE D 162 -20.07 37.20 -38.65
CA PHE D 162 -20.00 36.76 -37.26
C PHE D 162 -20.80 35.49 -37.08
N GLU D 163 -22.10 35.58 -37.36
CA GLU D 163 -23.04 34.46 -37.22
C GLU D 163 -22.61 33.18 -37.92
N ALA D 164 -22.08 33.29 -39.13
CA ALA D 164 -21.67 32.10 -39.87
C ALA D 164 -20.44 31.41 -39.27
N LEU D 165 -19.65 32.19 -38.53
CA LEU D 165 -18.50 31.66 -37.82
C LEU D 165 -18.97 30.88 -36.60
N LYS D 166 -19.90 31.46 -35.84
CA LYS D 166 -20.49 30.77 -34.69
C LYS D 166 -21.05 29.40 -35.12
N ASN D 167 -21.59 29.34 -36.34
CA ASN D 167 -22.13 28.10 -36.88
C ASN D 167 -21.16 27.21 -37.67
N GLN D 168 -19.92 27.65 -37.77
CA GLN D 168 -18.93 26.82 -38.43
C GLN D 168 -18.29 25.84 -37.45
N THR D 169 -17.84 24.71 -38.00
CA THR D 169 -17.04 23.71 -37.28
C THR D 169 -16.30 22.88 -38.29
N VAL D 170 -14.98 22.85 -38.20
CA VAL D 170 -14.16 22.01 -39.09
C VAL D 170 -13.48 20.91 -38.27
N ASP D 171 -13.83 19.66 -38.55
CA ASP D 171 -13.32 18.54 -37.74
C ASP D 171 -12.13 17.87 -38.44
N LEU D 172 -10.92 18.13 -37.96
CA LEU D 172 -9.74 17.49 -38.55
C LEU D 172 -9.46 16.13 -37.88
N VAL D 173 -9.43 15.08 -38.70
CA VAL D 173 -9.30 13.72 -38.22
C VAL D 173 -7.89 13.17 -38.40
N PHE D 174 -7.19 12.96 -37.29
CA PHE D 174 -5.87 12.35 -37.35
C PHE D 174 -6.01 10.86 -37.58
N THR D 175 -5.29 10.33 -38.57
CA THR D 175 -5.34 8.90 -38.83
C THR D 175 -3.96 8.32 -38.94
N ALA D 176 -3.84 7.02 -38.69
CA ALA D 176 -2.53 6.38 -38.65
C ALA D 176 -2.16 5.72 -39.97
N HIS D 177 -2.74 6.19 -41.07
CA HIS D 177 -2.49 5.59 -42.40
C HIS D 177 -1.00 5.46 -42.64
N PRO D 178 -0.55 4.24 -42.94
CA PRO D 178 0.89 3.94 -43.03
C PRO D 178 1.62 4.76 -44.08
N THR D 179 2.00 5.98 -43.75
CA THR D 179 2.71 6.85 -44.68
C THR D 179 3.86 7.63 -44.05
N GLN D 180 4.11 7.41 -42.76
CA GLN D 180 5.22 8.08 -42.10
C GLN D 180 6.42 7.14 -41.94
N SER D 181 7.34 7.19 -42.89
CA SER D 181 8.55 6.39 -42.80
C SER D 181 9.41 6.84 -41.61
N ALA D 182 9.55 8.16 -41.47
CA ALA D 182 10.42 8.79 -40.46
C ALA D 182 10.22 8.33 -39.02
N ARG D 183 11.30 7.84 -38.38
CA ARG D 183 11.29 7.59 -36.94
C ARG D 183 11.06 8.92 -36.24
N ARG D 184 10.35 8.92 -35.11
CA ARG D 184 10.05 10.17 -34.44
C ARG D 184 11.32 10.84 -33.91
N SER D 185 12.34 10.04 -33.62
CA SER D 185 13.60 10.54 -33.08
C SER D 185 14.39 11.33 -34.13
N LEU D 186 14.07 11.08 -35.40
CA LEU D 186 14.69 11.82 -36.49
C LEU D 186 13.91 13.12 -36.72
N LEU D 187 12.59 13.03 -36.65
CA LEU D 187 11.71 14.18 -36.85
C LEU D 187 11.98 15.29 -35.85
N GLN D 188 12.23 14.91 -34.60
CA GLN D 188 12.55 15.86 -33.55
C GLN D 188 13.78 16.66 -33.95
N LYS D 189 14.74 15.97 -34.55
CA LYS D 189 15.99 16.59 -35.01
C LYS D 189 15.76 17.52 -36.18
N ASN D 190 14.74 17.24 -36.99
CA ASN D 190 14.40 18.16 -38.07
C ASN D 190 14.05 19.51 -37.50
N ALA D 191 13.14 19.51 -36.52
CA ALA D 191 12.69 20.71 -35.83
C ALA D 191 13.84 21.59 -35.35
N ARG D 192 14.80 20.97 -34.66
CA ARG D 192 15.96 21.68 -34.16
C ARG D 192 16.78 22.27 -35.30
N ILE D 193 16.91 21.51 -36.38
CA ILE D 193 17.65 21.98 -37.53
C ILE D 193 16.95 23.20 -38.13
N ARG D 194 15.63 23.13 -38.29
CA ARG D 194 14.86 24.26 -38.82
C ARG D 194 15.01 25.49 -37.93
N ASN D 195 14.92 25.27 -36.62
CA ASN D 195 15.07 26.35 -35.66
C ASN D 195 16.44 27.00 -35.74
N CYS D 196 17.49 26.19 -35.62
CA CYS D 196 18.89 26.62 -35.73
C CYS D 196 19.17 27.34 -37.03
N LEU D 197 18.46 26.94 -38.07
CA LEU D 197 18.57 27.58 -39.37
C LEU D 197 17.78 28.89 -39.38
N THR D 198 16.68 28.95 -38.64
CA THR D 198 15.85 30.16 -38.59
C THR D 198 16.50 31.28 -37.79
N GLN D 199 17.04 30.93 -36.63
CA GLN D 199 17.72 31.90 -35.77
C GLN D 199 19.03 32.35 -36.40
N LEU D 200 19.57 31.51 -37.29
CA LEU D 200 20.83 31.77 -37.93
C LEU D 200 20.70 32.93 -38.89
N ASN D 201 19.56 33.02 -39.54
CA ASN D 201 19.31 34.04 -40.54
C ASN D 201 18.31 35.08 -40.06
N ALA D 202 18.52 35.54 -38.83
CA ALA D 202 17.72 36.61 -38.22
C ALA D 202 18.40 37.93 -38.48
N LYS D 203 17.66 39.03 -38.34
CA LYS D 203 18.19 40.38 -38.57
C LYS D 203 19.17 40.84 -37.48
N ASP D 204 18.68 40.87 -36.24
CA ASP D 204 19.54 41.21 -35.11
C ASP D 204 20.08 39.94 -34.47
N ILE D 205 21.40 39.80 -34.48
CA ILE D 205 22.09 38.62 -33.97
C ILE D 205 23.57 38.91 -33.89
N THR D 206 24.22 38.50 -32.80
CA THR D 206 25.64 38.81 -32.64
C THR D 206 26.54 37.84 -33.41
N ASP D 207 27.83 38.16 -33.50
CA ASP D 207 28.80 37.32 -34.20
C ASP D 207 28.97 35.98 -33.50
N ASP D 208 29.00 36.03 -32.17
CA ASP D 208 29.17 34.84 -31.35
C ASP D 208 27.87 34.02 -31.31
N ASP D 209 26.74 34.70 -31.18
CA ASP D 209 25.43 34.06 -31.26
C ASP D 209 25.31 33.26 -32.54
N LYS D 210 25.83 33.84 -33.63
CA LYS D 210 25.77 33.20 -34.93
C LYS D 210 26.76 32.03 -34.98
N GLN D 211 27.89 32.18 -34.29
CA GLN D 211 28.94 31.18 -34.29
C GLN D 211 28.53 29.92 -33.56
N GLU D 212 27.72 30.11 -32.52
CA GLU D 212 27.23 29.01 -31.69
C GLU D 212 25.99 28.37 -32.29
N LEU D 213 25.11 29.19 -32.86
CA LEU D 213 23.95 28.66 -33.57
C LEU D 213 24.41 27.78 -34.70
N ASP D 214 25.56 28.13 -35.27
CA ASP D 214 26.18 27.35 -36.31
C ASP D 214 26.70 26.02 -35.75
N GLU D 215 27.43 26.10 -34.63
CA GLU D 215 27.92 24.91 -33.95
C GLU D 215 26.77 23.99 -33.56
N ALA D 216 25.64 24.59 -33.22
CA ALA D 216 24.45 23.84 -32.86
C ALA D 216 23.82 23.17 -34.10
N LEU D 217 23.87 23.87 -35.23
CA LEU D 217 23.41 23.29 -36.49
C LEU D 217 24.31 22.12 -36.91
N GLN D 218 25.63 22.31 -36.80
CA GLN D 218 26.60 21.28 -37.17
C GLN D 218 26.33 19.93 -36.50
N ARG D 219 26.22 19.95 -35.17
CA ARG D 219 26.08 18.72 -34.39
C ARG D 219 24.71 18.08 -34.54
N GLU D 220 23.72 18.90 -34.88
CA GLU D 220 22.35 18.40 -35.03
C GLU D 220 22.17 17.60 -36.31
N ILE D 221 22.87 17.99 -37.37
CA ILE D 221 22.84 17.25 -38.62
C ILE D 221 23.55 15.92 -38.42
N GLN D 222 24.75 16.00 -37.86
CA GLN D 222 25.60 14.82 -37.61
C GLN D 222 24.92 13.82 -36.70
N ALA D 223 24.09 14.34 -35.79
CA ALA D 223 23.32 13.48 -34.90
C ALA D 223 22.32 12.65 -35.68
N ALA D 224 21.56 13.30 -36.55
CA ALA D 224 20.59 12.60 -37.37
C ALA D 224 21.29 11.60 -38.30
N PHE D 225 22.47 11.97 -38.79
CA PHE D 225 23.24 11.13 -39.74
C PHE D 225 23.76 9.85 -39.11
N ARG D 226 24.16 9.92 -37.84
CA ARG D 226 24.72 8.77 -37.15
C ARG D 226 23.68 8.05 -36.32
N THR D 227 22.43 8.16 -36.76
CA THR D 227 21.30 7.44 -36.19
C THR D 227 20.78 6.49 -37.24
N ASP D 228 20.42 5.27 -36.83
CA ASP D 228 19.85 4.33 -37.79
C ASP D 228 18.46 4.78 -38.22
N GLU D 229 18.35 5.20 -39.49
CA GLU D 229 17.12 5.77 -40.04
C GLU D 229 15.97 4.77 -40.16
N ILE D 230 16.29 3.48 -40.10
CA ILE D 230 15.32 2.44 -40.41
C ILE D 230 14.61 1.88 -39.18
N ARG D 231 13.29 1.99 -39.15
CA ARG D 231 12.51 1.39 -38.08
C ARG D 231 12.64 -0.12 -38.19
N ARG D 232 13.22 -0.73 -37.17
CA ARG D 232 13.52 -2.16 -37.22
C ARG D 232 12.38 -3.07 -36.75
N ALA D 233 11.21 -2.50 -36.48
CA ALA D 233 10.06 -3.30 -36.07
C ALA D 233 8.74 -2.56 -36.29
N GLN D 234 7.73 -3.29 -36.77
CA GLN D 234 6.39 -2.72 -36.93
C GLN D 234 5.86 -2.11 -35.64
N PRO D 235 5.24 -0.94 -35.73
CA PRO D 235 4.63 -0.32 -34.55
C PRO D 235 3.40 -1.09 -34.08
N THR D 236 2.95 -0.82 -32.86
CA THR D 236 1.65 -1.32 -32.41
C THR D 236 0.67 -0.21 -32.69
N PRO D 237 -0.63 -0.53 -32.77
CA PRO D 237 -1.60 0.56 -32.95
C PRO D 237 -1.53 1.59 -31.82
N GLN D 238 -1.20 1.15 -30.61
CA GLN D 238 -1.00 2.08 -29.49
C GLN D 238 0.29 2.88 -29.63
N ASP D 239 1.28 2.35 -30.34
CA ASP D 239 2.48 3.13 -30.64
C ASP D 239 2.08 4.23 -31.59
N GLU D 240 1.32 3.84 -32.60
CA GLU D 240 0.87 4.75 -33.63
C GLU D 240 0.04 5.88 -33.03
N MET D 241 -0.76 5.55 -32.03
CA MET D 241 -1.68 6.52 -31.44
C MET D 241 -0.96 7.58 -30.62
N ARG D 242 0.04 7.16 -29.83
CA ARG D 242 0.84 8.09 -29.05
C ARG D 242 1.65 8.99 -29.97
N TYR D 243 2.07 8.41 -31.08
CA TYR D 243 2.84 9.14 -32.09
C TYR D 243 2.00 10.32 -32.56
N GLY D 244 0.75 10.06 -32.92
CA GLY D 244 -0.13 11.10 -33.39
C GLY D 244 -0.51 12.11 -32.33
N MET D 245 -0.67 11.65 -31.10
CA MET D 245 -1.02 12.52 -29.99
C MET D 245 0.09 13.50 -29.62
N SER D 246 1.32 13.22 -30.02
CA SER D 246 2.43 14.13 -29.72
C SER D 246 2.25 15.48 -30.41
N TYR D 247 1.58 15.45 -31.56
CA TYR D 247 1.22 16.68 -32.28
C TYR D 247 0.15 17.48 -31.56
N ILE D 248 -0.90 16.78 -31.14
CA ILE D 248 -1.92 17.36 -30.28
C ILE D 248 -1.25 18.04 -29.08
N HIS D 249 -0.38 17.33 -28.36
CA HIS D 249 0.34 17.92 -27.24
C HIS D 249 1.17 19.14 -27.64
N GLU D 250 2.07 18.97 -28.60
CA GLU D 250 3.12 19.96 -28.79
C GLU D 250 2.80 21.17 -29.64
N THR D 251 1.75 21.13 -30.44
CA THR D 251 1.40 22.32 -31.21
C THR D 251 -0.08 22.65 -31.15
N VAL D 252 -0.91 21.62 -31.22
CA VAL D 252 -2.36 21.83 -31.34
C VAL D 252 -2.99 22.29 -30.02
N TRP D 253 -2.46 21.82 -28.90
CA TRP D 253 -2.95 22.22 -27.60
C TRP D 253 -2.87 23.73 -27.38
N LYS D 254 -1.66 24.28 -27.47
CA LYS D 254 -1.48 25.72 -27.27
C LYS D 254 -1.97 26.51 -28.47
N GLY D 255 -2.02 25.86 -29.63
CA GLY D 255 -2.23 26.52 -30.90
C GLY D 255 -3.69 26.82 -31.26
N VAL D 256 -4.60 26.02 -30.73
CA VAL D 256 -6.02 26.31 -30.90
C VAL D 256 -6.41 27.66 -30.28
N PRO D 257 -6.11 27.87 -28.97
CA PRO D 257 -6.49 29.14 -28.33
C PRO D 257 -5.86 30.36 -28.99
N LYS D 258 -4.64 30.22 -29.50
CA LYS D 258 -3.98 31.30 -30.22
C LYS D 258 -4.71 31.61 -31.51
N PHE D 259 -5.09 30.57 -32.26
CA PHE D 259 -5.79 30.81 -33.50
C PHE D 259 -7.15 31.49 -33.26
N LEU D 260 -7.88 31.03 -32.26
CA LEU D 260 -9.18 31.63 -31.95
C LEU D 260 -9.04 33.07 -31.51
N ARG D 261 -7.91 33.42 -30.89
CA ARG D 261 -7.72 34.79 -30.45
C ARG D 261 -7.47 35.70 -31.65
N ARG D 262 -6.93 35.13 -32.72
CA ARG D 262 -6.77 35.86 -33.97
C ARG D 262 -8.14 36.10 -34.61
N VAL D 263 -8.98 35.08 -34.60
CA VAL D 263 -10.36 35.16 -35.08
C VAL D 263 -11.10 36.23 -34.31
N ASP D 264 -10.72 36.42 -33.05
CA ASP D 264 -11.28 37.49 -32.23
C ASP D 264 -10.91 38.81 -32.85
N THR D 265 -9.62 39.00 -33.03
CA THR D 265 -9.08 40.26 -33.52
C THR D 265 -9.60 40.57 -34.91
N ALA D 266 -9.54 39.59 -35.81
CA ALA D 266 -10.13 39.71 -37.14
C ALA D 266 -11.62 40.09 -37.09
N LEU D 267 -12.34 39.62 -36.07
CA LEU D 267 -13.74 40.00 -35.88
C LEU D 267 -13.85 41.46 -35.47
N LYS D 268 -12.88 41.92 -34.68
CA LYS D 268 -12.89 43.30 -34.22
C LYS D 268 -12.47 44.24 -35.33
N ASN D 269 -11.61 43.78 -36.24
CA ASN D 269 -11.21 44.55 -37.42
C ASN D 269 -12.32 44.78 -38.44
N ILE D 270 -13.43 44.06 -38.30
CA ILE D 270 -14.59 44.31 -39.14
C ILE D 270 -15.68 44.86 -38.23
N GLY D 271 -15.23 45.37 -37.09
CA GLY D 271 -16.07 46.12 -36.18
C GLY D 271 -17.13 45.31 -35.46
N ILE D 272 -16.75 44.16 -34.90
CA ILE D 272 -17.75 43.34 -34.22
C ILE D 272 -17.87 43.67 -32.73
N ASN D 273 -16.76 44.04 -32.09
CA ASN D 273 -16.78 44.40 -30.67
C ASN D 273 -17.19 43.22 -29.81
N GLU D 274 -16.77 42.03 -30.20
CA GLU D 274 -17.18 40.83 -29.48
C GLU D 274 -16.20 39.69 -29.72
N ARG D 275 -15.99 38.86 -28.72
CA ARG D 275 -15.16 37.69 -28.93
C ARG D 275 -16.03 36.54 -29.40
N LEU D 276 -15.50 35.76 -30.33
CA LEU D 276 -16.13 34.53 -30.76
C LEU D 276 -16.38 33.72 -29.50
N PRO D 277 -17.66 33.56 -29.10
CA PRO D 277 -18.04 32.98 -27.81
C PRO D 277 -17.30 31.68 -27.55
N TYR D 278 -16.79 31.49 -26.33
CA TYR D 278 -15.89 30.37 -26.08
C TYR D 278 -16.52 28.97 -26.26
N ASN D 279 -17.84 28.90 -26.39
CA ASN D 279 -18.52 27.63 -26.59
C ASN D 279 -18.55 27.16 -28.06
N VAL D 280 -18.09 28.03 -28.96
CA VAL D 280 -18.02 27.68 -30.38
C VAL D 280 -16.84 26.76 -30.63
N SER D 281 -17.06 25.61 -31.24
CA SER D 281 -15.95 24.77 -31.63
C SER D 281 -15.67 25.02 -33.11
N LEU D 282 -14.89 26.06 -33.37
CA LEU D 282 -14.69 26.53 -34.74
C LEU D 282 -13.82 25.55 -35.49
N ILE D 283 -13.18 24.68 -34.70
CA ILE D 283 -12.25 23.69 -35.19
C ILE D 283 -12.12 22.63 -34.10
N ARG D 284 -12.15 21.36 -34.51
CA ARG D 284 -12.16 20.22 -33.59
C ARG D 284 -11.23 19.15 -34.11
N PHE D 285 -10.77 18.26 -33.24
CA PHE D 285 -9.82 17.21 -33.64
C PHE D 285 -10.30 15.80 -33.27
N SER D 286 -10.36 14.93 -34.27
CA SER D 286 -10.77 13.54 -34.05
C SER D 286 -9.67 12.60 -34.49
N SER D 287 -9.79 11.32 -34.14
CA SER D 287 -8.72 10.37 -34.40
C SER D 287 -9.26 9.03 -34.92
N TRP D 288 -8.48 8.37 -35.76
CA TRP D 288 -8.79 7.01 -36.22
C TRP D 288 -7.80 6.05 -35.60
N MET D 289 -6.82 6.61 -34.91
CA MET D 289 -5.71 5.84 -34.39
C MET D 289 -6.14 4.99 -33.20
N GLY D 290 -6.53 3.75 -33.49
CA GLY D 290 -7.08 2.85 -32.48
C GLY D 290 -8.54 2.53 -32.78
N GLY D 291 -9.07 3.10 -33.86
CA GLY D 291 -10.47 2.91 -34.17
C GLY D 291 -10.69 2.31 -35.55
N ASP D 292 -9.80 2.65 -36.46
CA ASP D 292 -9.91 2.18 -37.84
C ASP D 292 -9.46 0.74 -37.91
N ARG D 293 -10.39 -0.15 -38.25
CA ARG D 293 -10.14 -1.59 -38.26
C ARG D 293 -10.07 -2.17 -39.65
N ASP D 294 -10.50 -1.39 -40.65
CA ASP D 294 -10.60 -1.85 -42.02
C ASP D 294 -9.29 -2.44 -42.55
N GLY D 295 -9.27 -3.76 -42.72
CA GLY D 295 -8.11 -4.44 -43.25
C GLY D 295 -6.95 -4.53 -42.28
N ASN D 296 -7.23 -4.30 -41.00
CA ASN D 296 -6.19 -4.36 -39.99
C ASN D 296 -6.69 -5.13 -38.79
N PRO D 297 -6.41 -6.43 -38.76
CA PRO D 297 -6.87 -7.28 -37.66
C PRO D 297 -6.13 -6.95 -36.37
N ARG D 298 -5.03 -6.20 -36.47
CA ARG D 298 -4.22 -5.87 -35.30
C ARG D 298 -4.91 -4.82 -34.42
N VAL D 299 -5.95 -4.18 -34.95
CA VAL D 299 -6.78 -3.24 -34.17
C VAL D 299 -7.91 -4.00 -33.50
N THR D 300 -7.59 -4.54 -32.33
CA THR D 300 -8.48 -5.42 -31.60
C THR D 300 -9.47 -4.56 -30.82
N PRO D 301 -10.50 -5.19 -30.22
CA PRO D 301 -11.31 -4.41 -29.28
C PRO D 301 -10.43 -3.80 -28.19
N GLU D 302 -9.43 -4.57 -27.73
CA GLU D 302 -8.60 -4.12 -26.61
C GLU D 302 -7.74 -2.90 -26.94
N VAL D 303 -7.30 -2.83 -28.19
CA VAL D 303 -6.55 -1.67 -28.68
C VAL D 303 -7.39 -0.41 -28.52
N THR D 304 -8.63 -0.47 -29.01
CA THR D 304 -9.58 0.60 -28.88
C THR D 304 -9.79 1.03 -27.42
N ARG D 305 -9.86 0.07 -26.51
CA ARG D 305 -10.03 0.40 -25.10
C ARG D 305 -8.80 1.12 -24.53
N ASP D 306 -7.62 0.65 -24.89
CA ASP D 306 -6.38 1.26 -24.43
C ASP D 306 -6.25 2.70 -24.94
N VAL D 307 -6.52 2.89 -26.22
CA VAL D 307 -6.49 4.21 -26.83
C VAL D 307 -7.47 5.17 -26.16
N CYS D 308 -8.67 4.71 -25.84
CA CYS D 308 -9.68 5.56 -25.21
C CYS D 308 -9.28 6.07 -23.82
N LEU D 309 -8.66 5.21 -23.02
CA LEU D 309 -8.25 5.59 -21.68
C LEU D 309 -6.97 6.43 -21.73
N LEU D 310 -5.97 5.95 -22.47
CA LEU D 310 -4.74 6.71 -22.70
C LEU D 310 -5.00 8.18 -23.05
N ALA D 311 -5.97 8.41 -23.92
CA ALA D 311 -6.33 9.76 -24.33
C ALA D 311 -6.83 10.57 -23.13
N ARG D 312 -7.73 10.00 -22.32
CA ARG D 312 -8.31 10.72 -21.16
C ARG D 312 -7.27 11.03 -20.14
N MET D 313 -6.27 10.16 -20.07
CA MET D 313 -5.11 10.34 -19.22
C MET D 313 -4.31 11.54 -19.73
N MET D 314 -4.02 11.54 -21.03
CA MET D 314 -3.27 12.62 -21.66
C MET D 314 -3.99 13.95 -21.48
N ALA D 315 -5.31 13.90 -21.58
CA ALA D 315 -6.12 15.09 -21.53
C ALA D 315 -6.09 15.70 -20.14
N ALA D 316 -6.28 14.88 -19.12
CA ALA D 316 -6.31 15.40 -17.78
C ALA D 316 -4.95 15.98 -17.45
N ASN D 317 -3.91 15.28 -17.87
CA ASN D 317 -2.53 15.67 -17.60
C ASN D 317 -2.15 17.02 -18.23
N LEU D 318 -2.78 17.36 -19.34
CA LEU D 318 -2.65 18.68 -19.95
C LEU D 318 -3.49 19.73 -19.22
N TYR D 319 -4.70 19.35 -18.83
CA TYR D 319 -5.55 20.27 -18.07
C TYR D 319 -4.96 20.56 -16.71
N ILE D 320 -4.16 19.63 -16.18
CA ILE D 320 -3.54 19.87 -14.89
C ILE D 320 -2.45 20.92 -15.00
N ASP D 321 -1.56 20.75 -15.95
CA ASP D 321 -0.51 21.73 -16.20
C ASP D 321 -1.08 23.14 -16.44
N GLN D 322 -2.18 23.24 -17.19
CA GLN D 322 -2.81 24.55 -17.46
C GLN D 322 -3.41 25.16 -16.22
N ILE D 323 -4.16 24.35 -15.47
CA ILE D 323 -4.84 24.82 -14.26
C ILE D 323 -3.85 25.34 -13.24
N GLU D 324 -2.75 24.62 -13.04
CA GLU D 324 -1.70 25.05 -12.13
C GLU D 324 -1.13 26.44 -12.48
N GLU D 325 -0.91 26.72 -13.76
CA GLU D 325 -0.47 28.05 -14.15
C GLU D 325 -1.54 29.08 -13.85
N LEU D 326 -2.78 28.75 -14.19
CA LEU D 326 -3.92 29.65 -13.97
C LEU D 326 -4.12 30.04 -12.49
N MET D 327 -3.78 29.10 -11.59
CA MET D 327 -3.87 29.36 -10.16
C MET D 327 -2.83 30.37 -9.76
N PHE D 328 -1.66 30.28 -10.38
CA PHE D 328 -0.61 31.23 -10.12
C PHE D 328 -1.08 32.61 -10.52
N GLU D 329 -1.81 32.67 -11.63
CA GLU D 329 -2.22 33.92 -12.26
C GLU D 329 -3.40 34.61 -11.56
N LEU D 330 -4.54 33.93 -11.47
CA LEU D 330 -5.72 34.55 -10.88
C LEU D 330 -5.54 34.68 -9.35
N SER D 331 -4.75 35.69 -8.96
CA SER D 331 -4.51 35.99 -7.56
C SER D 331 -5.42 37.12 -7.09
N MET D 332 -6.39 37.51 -7.92
CA MET D 332 -7.34 38.54 -7.51
C MET D 332 -8.23 38.10 -6.33
N TRP D 333 -8.65 39.09 -5.55
CA TRP D 333 -9.41 38.88 -4.33
C TRP D 333 -10.89 39.23 -4.53
N ARG D 334 -11.18 40.08 -5.52
CA ARG D 334 -12.56 40.46 -5.85
C ARG D 334 -13.29 39.33 -6.55
N CYS D 335 -14.40 38.88 -5.97
CA CYS D 335 -15.25 37.89 -6.61
C CYS D 335 -16.72 38.19 -6.35
N ASN D 336 -17.59 37.60 -7.16
CA ASN D 336 -19.03 37.77 -7.00
C ASN D 336 -19.60 36.75 -6.00
N ASP D 337 -20.82 36.99 -5.53
CA ASP D 337 -21.41 36.23 -4.44
C ASP D 337 -21.42 34.72 -4.63
N GLU D 338 -21.79 34.25 -5.82
CA GLU D 338 -21.85 32.81 -6.07
C GLU D 338 -20.49 32.14 -5.89
N LEU D 339 -19.44 32.74 -6.47
CA LEU D 339 -18.11 32.20 -6.31
C LEU D 339 -17.66 32.26 -4.85
N ARG D 340 -17.91 33.38 -4.17
CA ARG D 340 -17.55 33.52 -2.76
C ARG D 340 -18.12 32.41 -1.88
N VAL D 341 -19.39 32.08 -2.09
CA VAL D 341 -20.04 31.02 -1.34
C VAL D 341 -19.34 29.68 -1.53
N ARG D 342 -19.25 29.25 -2.79
CA ARG D 342 -18.60 27.98 -3.10
C ARG D 342 -17.17 28.01 -2.60
N ALA D 343 -16.52 29.16 -2.75
CA ALA D 343 -15.13 29.27 -2.33
C ALA D 343 -14.98 28.96 -0.84
N GLU D 344 -15.93 29.44 -0.04
CA GLU D 344 -15.87 29.23 1.41
C GLU D 344 -16.25 27.83 1.83
N GLU D 345 -17.12 27.20 1.05
CA GLU D 345 -17.46 25.82 1.28
C GLU D 345 -16.21 24.96 1.13
N LEU D 346 -15.53 25.11 -0.01
CA LEU D 346 -14.33 24.33 -0.31
C LEU D 346 -13.18 24.63 0.66
N HIS D 347 -12.95 25.92 0.92
CA HIS D 347 -11.90 26.36 1.82
C HIS D 347 -12.06 25.72 3.20
N SER D 348 -13.23 25.90 3.80
CA SER D 348 -13.50 25.44 5.15
C SER D 348 -13.59 23.92 5.28
N SER D 349 -13.78 23.23 4.15
CA SER D 349 -13.86 21.77 4.20
C SER D 349 -12.51 21.13 3.92
N SER D 350 -11.47 21.95 3.74
CA SER D 350 -10.15 21.51 3.29
C SER D 350 -10.22 20.68 1.99
N GLY D 351 -10.90 21.24 0.99
CA GLY D 351 -10.95 20.66 -0.34
C GLY D 351 -12.23 19.95 -0.75
N SER D 352 -13.15 19.79 0.21
CA SER D 352 -14.39 19.00 0.03
C SER D 352 -14.13 17.49 -0.18
N LYS D 353 -13.08 16.99 0.47
CA LYS D 353 -12.81 15.55 0.60
C LYS D 353 -12.39 14.78 -0.68
N VAL D 354 -11.88 15.47 -1.69
CA VAL D 354 -11.66 14.87 -3.02
C VAL D 354 -10.46 13.89 -3.21
N THR D 355 -9.25 14.30 -2.83
CA THR D 355 -8.06 13.52 -3.19
C THR D 355 -7.04 13.17 -2.08
N LYS D 356 -6.87 14.05 -1.09
CA LYS D 356 -5.83 13.93 -0.04
C LYS D 356 -4.40 14.16 -0.57
N TYR D 357 -4.25 14.09 -1.89
CA TYR D 357 -3.10 14.63 -2.60
C TYR D 357 -3.33 16.15 -2.65
N TYR D 358 -2.27 16.92 -2.88
CA TYR D 358 -2.36 18.38 -2.87
C TYR D 358 -3.00 18.89 -1.56
N ILE D 359 -2.77 18.17 -0.46
CA ILE D 359 -3.29 18.56 0.87
C ILE D 359 -2.37 19.62 1.51
N GLU D 360 -1.08 19.56 1.15
CA GLU D 360 -0.11 20.60 1.51
C GLU D 360 -0.49 21.96 0.93
N PHE D 361 -1.15 21.94 -0.23
CA PHE D 361 -1.62 23.16 -0.86
C PHE D 361 -2.85 23.77 -0.17
N TRP D 362 -3.74 22.92 0.36
CA TRP D 362 -4.98 23.39 1.00
C TRP D 362 -4.73 24.17 2.30
N LYS D 363 -3.92 23.58 3.18
CA LYS D 363 -3.44 24.24 4.38
C LYS D 363 -2.73 25.55 4.03
N GLN D 364 -2.01 25.55 2.91
CA GLN D 364 -1.35 26.75 2.41
C GLN D 364 -2.33 27.86 2.03
N ILE D 365 -3.43 27.49 1.35
CA ILE D 365 -4.39 28.47 0.83
C ILE D 365 -4.87 29.53 1.83
N PRO D 366 -4.54 30.81 1.56
CA PRO D 366 -5.01 31.98 2.30
C PRO D 366 -6.46 32.23 1.92
N PRO D 367 -7.20 32.99 2.76
CA PRO D 367 -8.66 33.11 2.57
C PRO D 367 -9.10 33.83 1.29
N ASN D 368 -8.58 35.04 1.10
CA ASN D 368 -9.06 35.96 0.07
C ASN D 368 -8.45 35.75 -1.31
N GLU D 369 -8.20 34.49 -1.63
CA GLU D 369 -7.70 34.12 -2.95
C GLU D 369 -8.67 33.11 -3.54
N PRO D 370 -9.89 33.59 -3.87
CA PRO D 370 -11.03 32.72 -4.21
C PRO D 370 -10.77 31.92 -5.46
N TYR D 371 -10.20 32.57 -6.48
CA TYR D 371 -9.98 31.89 -7.75
C TYR D 371 -9.07 30.67 -7.60
N ARG D 372 -7.99 30.82 -6.84
CA ARG D 372 -7.12 29.69 -6.57
C ARG D 372 -7.88 28.60 -5.83
N VAL D 373 -8.85 28.98 -5.01
CA VAL D 373 -9.65 28.02 -4.26
C VAL D 373 -10.48 27.12 -5.18
N ILE D 374 -11.34 27.72 -5.99
CA ILE D 374 -12.16 26.94 -6.91
C ILE D 374 -11.27 26.09 -7.82
N LEU D 375 -10.32 26.77 -8.45
CA LEU D 375 -9.35 26.12 -9.34
C LEU D 375 -8.57 25.01 -8.66
N GLY D 376 -8.17 25.22 -7.40
CA GLY D 376 -7.48 24.20 -6.64
C GLY D 376 -8.28 22.92 -6.57
N HIS D 377 -9.57 23.05 -6.24
CA HIS D 377 -10.48 21.93 -6.21
C HIS D 377 -10.62 21.31 -7.60
N VAL D 378 -10.71 22.17 -8.61
CA VAL D 378 -10.74 21.72 -10.01
C VAL D 378 -9.51 20.90 -10.35
N ARG D 379 -8.38 21.26 -9.76
CA ARG D 379 -7.15 20.52 -10.01
C ARG D 379 -7.18 19.20 -9.28
N ASP D 380 -7.55 19.23 -8.00
CA ASP D 380 -7.66 18.02 -7.18
C ASP D 380 -8.50 17.01 -7.93
N LYS D 381 -9.61 17.48 -8.44
CA LYS D 381 -10.58 16.63 -9.13
C LYS D 381 -10.01 16.10 -10.46
N LEU D 382 -9.03 16.82 -11.03
CA LEU D 382 -8.38 16.41 -12.29
C LEU D 382 -7.36 15.31 -12.07
N TYR D 383 -6.55 15.46 -11.03
CA TYR D 383 -5.62 14.44 -10.60
C TYR D 383 -6.35 13.11 -10.48
N ASN D 384 -7.50 13.11 -9.82
CA ASN D 384 -8.33 11.92 -9.68
C ASN D 384 -8.74 11.34 -11.01
N THR D 385 -9.00 12.22 -11.98
CA THR D 385 -9.54 11.80 -13.28
C THR D 385 -8.48 11.06 -14.07
N ARG D 386 -7.24 11.57 -14.02
CA ARG D 386 -6.15 10.93 -14.73
C ARG D 386 -5.64 9.68 -14.02
N GLU D 387 -5.79 9.63 -12.70
CA GLU D 387 -5.44 8.43 -11.95
C GLU D 387 -6.45 7.34 -12.20
N ARG D 388 -7.73 7.69 -12.11
CA ARG D 388 -8.80 6.74 -12.32
C ARG D 388 -8.68 6.07 -13.69
N ALA D 389 -8.20 6.82 -14.67
CA ALA D 389 -7.97 6.27 -16.00
C ALA D 389 -6.81 5.29 -15.97
N ARG D 390 -5.75 5.67 -15.26
CA ARG D 390 -4.56 4.84 -15.09
C ARG D 390 -4.91 3.48 -14.48
N HIS D 391 -5.70 3.49 -13.41
CA HIS D 391 -6.12 2.27 -12.74
C HIS D 391 -7.13 1.47 -13.57
N LEU D 392 -7.94 2.17 -14.37
CA LEU D 392 -8.90 1.55 -15.28
C LEU D 392 -8.16 0.93 -16.47
N LEU D 393 -6.99 1.49 -16.77
CA LEU D 393 -6.16 0.98 -17.83
C LEU D 393 -5.33 -0.16 -17.28
N ALA D 394 -4.57 0.12 -16.23
CA ALA D 394 -3.61 -0.83 -15.66
C ALA D 394 -4.26 -2.11 -15.10
N SER D 395 -5.54 -2.03 -14.74
CA SER D 395 -6.29 -3.19 -14.25
C SER D 395 -7.76 -2.93 -14.47
N GLY D 396 -8.60 -3.90 -14.10
CA GLY D 396 -10.02 -3.79 -14.33
C GLY D 396 -10.66 -2.48 -13.90
N VAL D 397 -10.56 -2.18 -12.60
CA VAL D 397 -11.16 -0.97 -12.06
C VAL D 397 -10.25 -0.17 -11.13
N SER D 398 -10.86 0.81 -10.44
CA SER D 398 -10.13 1.72 -9.56
C SER D 398 -10.86 1.93 -8.24
N GLU D 399 -10.09 2.30 -7.22
CA GLU D 399 -10.62 2.68 -5.93
C GLU D 399 -11.28 4.07 -6.01
N ILE D 400 -10.72 4.93 -6.86
CA ILE D 400 -11.17 6.31 -7.01
C ILE D 400 -12.56 6.36 -7.65
N SER D 401 -13.53 6.91 -6.91
CA SER D 401 -14.94 6.84 -7.29
C SER D 401 -15.30 7.63 -8.55
N ALA D 402 -16.55 7.51 -8.97
CA ALA D 402 -17.06 8.31 -10.08
C ALA D 402 -17.10 9.79 -9.72
N GLU D 403 -17.76 10.14 -8.61
CA GLU D 403 -17.88 11.55 -8.29
C GLU D 403 -16.78 12.09 -7.40
N SER D 404 -15.58 11.54 -7.58
CA SER D 404 -14.39 12.11 -6.97
C SER D 404 -13.54 12.70 -8.07
N SER D 405 -14.01 12.51 -9.32
CA SER D 405 -13.33 13.02 -10.51
C SER D 405 -14.33 13.61 -11.49
N PHE D 406 -13.84 14.07 -12.65
CA PHE D 406 -14.72 14.62 -13.67
C PHE D 406 -15.25 13.51 -14.59
N THR D 407 -16.56 13.43 -14.70
CA THR D 407 -17.20 12.39 -15.51
C THR D 407 -17.80 13.01 -16.78
N SER D 408 -18.34 14.22 -16.62
CA SER D 408 -18.95 14.94 -17.73
C SER D 408 -18.22 16.22 -18.06
N ILE D 409 -18.27 16.62 -19.32
CA ILE D 409 -17.69 17.89 -19.72
C ILE D 409 -18.44 19.05 -19.08
N GLU D 410 -19.74 18.88 -18.82
CA GLU D 410 -20.52 19.95 -18.16
C GLU D 410 -20.10 20.15 -16.70
N GLU D 411 -19.58 19.10 -16.09
CA GLU D 411 -19.14 19.13 -14.69
C GLU D 411 -17.79 19.82 -14.61
N PHE D 412 -17.03 19.74 -15.70
CA PHE D 412 -15.71 20.33 -15.76
C PHE D 412 -15.86 21.80 -16.09
N LEU D 413 -16.90 22.12 -16.85
CA LEU D 413 -17.12 23.49 -17.29
C LEU D 413 -17.82 24.31 -16.24
N GLU D 414 -18.50 23.64 -15.32
CA GLU D 414 -19.23 24.36 -14.29
C GLU D 414 -18.36 25.35 -13.49
N PRO D 415 -17.23 24.90 -12.92
CA PRO D 415 -16.45 25.82 -12.07
C PRO D 415 -15.67 26.87 -12.86
N LEU D 416 -15.20 26.49 -14.06
CA LEU D 416 -14.45 27.39 -14.91
C LEU D 416 -15.28 28.58 -15.37
N GLU D 417 -16.54 28.31 -15.73
CA GLU D 417 -17.44 29.34 -16.23
C GLU D 417 -17.86 30.25 -15.10
N LEU D 418 -18.00 29.67 -13.91
CA LEU D 418 -18.26 30.43 -12.70
C LEU D 418 -17.15 31.46 -12.46
N CYS D 419 -15.90 31.02 -12.60
CA CYS D 419 -14.75 31.93 -12.52
C CYS D 419 -14.86 33.05 -13.53
N TYR D 420 -15.22 32.69 -14.77
CA TYR D 420 -15.28 33.65 -15.87
C TYR D 420 -16.33 34.68 -15.62
N LYS D 421 -17.48 34.24 -15.09
CA LYS D 421 -18.58 35.15 -14.82
C LYS D 421 -18.27 36.00 -13.60
N SER D 422 -17.51 35.45 -12.66
CA SER D 422 -17.11 36.21 -11.49
C SER D 422 -16.25 37.37 -11.90
N LEU D 423 -15.19 37.09 -12.64
CA LEU D 423 -14.28 38.12 -13.09
C LEU D 423 -14.96 39.19 -13.94
N CYS D 424 -15.95 38.79 -14.74
CA CYS D 424 -16.69 39.76 -15.54
C CYS D 424 -17.56 40.64 -14.65
N ASP D 425 -18.25 40.00 -13.70
CA ASP D 425 -19.10 40.68 -12.74
C ASP D 425 -18.36 41.75 -11.92
N CYS D 426 -17.07 41.53 -11.69
CA CYS D 426 -16.27 42.47 -10.90
C CYS D 426 -15.58 43.51 -11.79
N GLY D 427 -15.85 43.43 -13.09
CA GLY D 427 -15.31 44.39 -14.05
C GLY D 427 -13.92 44.05 -14.56
N ASP D 428 -13.43 42.87 -14.22
CA ASP D 428 -12.12 42.45 -14.68
C ASP D 428 -12.28 41.50 -15.84
N LYS D 429 -13.22 41.76 -16.73
CA LYS D 429 -13.38 40.89 -17.88
C LYS D 429 -12.10 40.83 -18.71
N ALA D 430 -11.33 41.93 -18.71
CA ALA D 430 -10.05 41.97 -19.41
C ALA D 430 -9.11 40.88 -18.91
N ILE D 431 -9.11 40.68 -17.60
CA ILE D 431 -8.38 39.59 -16.97
C ILE D 431 -9.02 38.25 -17.35
N ALA D 432 -10.35 38.22 -17.38
CA ALA D 432 -11.06 36.99 -17.71
C ALA D 432 -10.75 36.49 -19.13
N ASP D 433 -10.56 37.43 -20.06
CA ASP D 433 -10.24 37.09 -21.45
C ASP D 433 -8.80 36.61 -21.62
N GLY D 434 -8.03 36.61 -20.53
CA GLY D 434 -6.64 36.20 -20.57
C GLY D 434 -6.46 34.69 -20.63
N SER D 435 -5.68 34.14 -19.70
CA SER D 435 -5.36 32.72 -19.73
C SER D 435 -6.58 31.84 -19.53
N LEU D 436 -7.53 32.31 -18.71
CA LEU D 436 -8.79 31.59 -18.46
C LEU D 436 -9.56 31.35 -19.75
N LEU D 437 -9.63 32.37 -20.60
CA LEU D 437 -10.40 32.25 -21.83
C LEU D 437 -9.79 31.16 -22.70
N ASP D 438 -8.47 31.11 -22.71
CA ASP D 438 -7.76 30.16 -23.54
C ASP D 438 -8.01 28.73 -23.09
N LEU D 439 -8.03 28.51 -21.78
CA LEU D 439 -8.39 27.20 -21.22
C LEU D 439 -9.82 26.77 -21.58
N LEU D 440 -10.79 27.63 -21.31
CA LEU D 440 -12.20 27.36 -21.58
C LEU D 440 -12.35 26.85 -22.99
N ARG D 441 -11.78 27.59 -23.93
CA ARG D 441 -11.79 27.22 -25.35
C ARG D 441 -11.13 25.87 -25.62
N GLN D 442 -10.21 25.47 -24.74
CA GLN D 442 -9.62 24.15 -24.86
C GLN D 442 -10.60 23.12 -24.34
N VAL D 443 -11.36 23.48 -23.31
CA VAL D 443 -12.37 22.57 -22.75
C VAL D 443 -13.46 22.29 -23.77
N PHE D 444 -13.88 23.30 -24.51
CA PHE D 444 -14.91 23.11 -25.51
C PHE D 444 -14.33 22.41 -26.73
N THR D 445 -13.09 22.73 -27.06
CA THR D 445 -12.47 22.14 -28.25
C THR D 445 -11.98 20.70 -28.03
N PHE D 446 -11.52 20.38 -26.82
CA PHE D 446 -10.89 19.08 -26.60
C PHE D 446 -11.64 18.12 -25.69
N GLY D 447 -12.49 18.65 -24.83
CA GLY D 447 -13.25 17.81 -23.91
C GLY D 447 -12.36 17.02 -22.97
N LEU D 448 -12.94 16.02 -22.32
CA LEU D 448 -12.23 15.22 -21.33
C LEU D 448 -11.41 14.11 -21.93
N SER D 449 -11.65 13.81 -23.21
CA SER D 449 -10.94 12.73 -23.91
C SER D 449 -9.92 13.23 -24.91
N LEU D 450 -9.82 14.56 -25.04
CA LEU D 450 -8.87 15.20 -25.95
C LEU D 450 -9.32 15.15 -27.42
N VAL D 451 -9.41 13.94 -27.97
CA VAL D 451 -9.91 13.69 -29.33
C VAL D 451 -10.94 12.56 -29.38
N LYS D 452 -11.89 12.65 -30.30
CA LYS D 452 -12.94 11.64 -30.43
C LYS D 452 -12.51 10.52 -31.37
N LEU D 453 -12.76 9.27 -30.95
CA LEU D 453 -12.35 8.11 -31.75
C LEU D 453 -13.41 7.70 -32.77
N ASP D 454 -13.02 7.69 -34.05
CA ASP D 454 -13.89 7.16 -35.08
C ASP D 454 -13.65 5.65 -35.21
N ILE D 455 -14.71 4.85 -35.13
CA ILE D 455 -14.57 3.42 -35.39
C ILE D 455 -14.91 3.16 -36.85
N ARG D 456 -14.11 2.36 -37.54
CA ARG D 456 -14.42 2.01 -38.92
C ARG D 456 -14.25 0.52 -39.22
N GLN D 457 -15.24 -0.08 -39.86
CA GLN D 457 -15.17 -1.49 -40.22
C GLN D 457 -15.77 -1.77 -41.61
N GLU D 458 -15.24 -2.81 -42.24
CA GLU D 458 -15.62 -3.28 -43.57
C GLU D 458 -17.12 -3.53 -43.62
N SER D 459 -17.71 -3.40 -44.81
CA SER D 459 -19.15 -3.57 -44.95
C SER D 459 -19.56 -5.02 -44.74
N GLU D 460 -18.84 -5.92 -45.42
CA GLU D 460 -19.15 -7.35 -45.42
C GLU D 460 -18.89 -8.01 -44.08
N ARG D 461 -18.14 -7.35 -43.21
CA ARG D 461 -17.80 -7.95 -41.92
C ARG D 461 -18.98 -7.94 -40.97
N HIS D 462 -19.92 -7.04 -41.23
CA HIS D 462 -21.14 -6.94 -40.45
C HIS D 462 -22.17 -7.89 -41.02
N THR D 463 -22.12 -8.05 -42.34
CA THR D 463 -22.92 -9.02 -43.05
C THR D 463 -22.65 -10.42 -42.50
N ASP D 464 -21.37 -10.73 -42.31
CA ASP D 464 -20.94 -12.02 -41.78
C ASP D 464 -21.56 -12.31 -40.43
N VAL D 465 -21.64 -11.28 -39.59
CA VAL D 465 -22.23 -11.41 -38.27
C VAL D 465 -23.74 -11.66 -38.38
N ILE D 466 -24.40 -10.89 -39.23
CA ILE D 466 -25.84 -11.00 -39.32
C ILE D 466 -26.25 -12.29 -40.02
N ASP D 467 -25.39 -12.80 -40.89
CA ASP D 467 -25.61 -14.12 -41.50
C ASP D 467 -25.38 -15.28 -40.52
N ALA D 468 -24.48 -15.09 -39.56
CA ALA D 468 -24.25 -16.10 -38.54
C ALA D 468 -25.43 -16.19 -37.59
N ILE D 469 -26.13 -15.07 -37.41
CA ILE D 469 -27.27 -15.06 -36.52
C ILE D 469 -28.51 -15.62 -37.20
N THR D 470 -28.76 -15.25 -38.45
CA THR D 470 -29.95 -15.75 -39.15
C THR D 470 -29.81 -17.22 -39.47
N THR D 471 -28.57 -17.70 -39.53
CA THR D 471 -28.33 -19.10 -39.76
C THR D 471 -28.50 -19.90 -38.49
N HIS D 472 -28.01 -19.36 -37.38
CA HIS D 472 -28.09 -20.03 -36.08
C HIS D 472 -29.54 -20.12 -35.58
N LEU D 473 -30.29 -19.04 -35.74
CA LEU D 473 -31.70 -19.00 -35.34
C LEU D 473 -32.58 -19.68 -36.38
N GLY D 474 -31.98 -20.15 -37.47
CA GLY D 474 -32.71 -20.79 -38.55
C GLY D 474 -33.72 -19.89 -39.26
N ILE D 475 -33.50 -18.57 -39.21
CA ILE D 475 -34.36 -17.63 -39.94
C ILE D 475 -34.06 -17.70 -41.43
N GLY D 476 -32.81 -18.01 -41.77
CA GLY D 476 -32.40 -18.14 -43.16
C GLY D 476 -30.94 -17.77 -43.34
N SER D 477 -30.58 -17.38 -44.56
CA SER D 477 -29.24 -16.87 -44.81
C SER D 477 -29.34 -15.41 -45.20
N TYR D 478 -28.96 -14.53 -44.27
CA TYR D 478 -29.04 -13.09 -44.51
C TYR D 478 -28.21 -12.71 -45.74
N ARG D 479 -27.13 -13.42 -45.96
CA ARG D 479 -26.23 -13.09 -47.04
C ARG D 479 -26.90 -13.22 -48.40
N GLU D 480 -27.72 -14.26 -48.55
CA GLU D 480 -28.37 -14.55 -49.83
C GLU D 480 -29.61 -13.68 -50.10
N TRP D 481 -30.13 -13.03 -49.07
CA TRP D 481 -31.29 -12.14 -49.22
C TRP D 481 -30.96 -10.94 -50.13
N SER D 482 -31.93 -10.53 -50.96
CA SER D 482 -31.76 -9.35 -51.80
C SER D 482 -31.77 -8.11 -50.92
N GLU D 483 -31.30 -6.99 -51.47
CA GLU D 483 -31.16 -5.75 -50.69
C GLU D 483 -32.46 -5.27 -50.06
N ASP D 484 -33.55 -5.39 -50.79
CA ASP D 484 -34.84 -4.90 -50.27
C ASP D 484 -35.37 -5.82 -49.19
N LYS D 485 -34.95 -7.08 -49.20
CA LYS D 485 -35.35 -8.03 -48.18
C LYS D 485 -34.53 -7.79 -46.92
N ARG D 486 -33.25 -7.50 -47.10
CA ARG D 486 -32.38 -7.18 -45.98
C ARG D 486 -32.94 -5.98 -45.24
N GLN D 487 -33.32 -4.93 -45.97
CA GLN D 487 -33.88 -3.72 -45.36
C GLN D 487 -35.16 -3.96 -44.59
N GLU D 488 -35.98 -4.85 -45.14
CA GLU D 488 -37.30 -5.14 -44.60
C GLU D 488 -37.17 -5.92 -43.30
N TRP D 489 -36.21 -6.84 -43.26
CA TRP D 489 -35.96 -7.65 -42.06
C TRP D 489 -35.31 -6.85 -40.94
N LEU D 490 -34.23 -6.15 -41.29
CA LEU D 490 -33.57 -5.25 -40.36
C LEU D 490 -34.56 -4.29 -39.74
N LEU D 491 -35.43 -3.68 -40.54
CA LEU D 491 -36.42 -2.74 -39.99
C LEU D 491 -37.48 -3.37 -39.06
N SER D 492 -37.83 -4.63 -39.31
CA SER D 492 -38.71 -5.36 -38.39
C SER D 492 -38.03 -5.47 -37.03
N GLU D 493 -36.77 -5.91 -37.06
CA GLU D 493 -35.97 -6.07 -35.84
C GLU D 493 -35.76 -4.76 -35.09
N LEU D 494 -35.53 -3.68 -35.83
CA LEU D 494 -35.26 -2.38 -35.24
C LEU D 494 -36.50 -1.80 -34.61
N ARG D 495 -37.65 -2.09 -35.19
CA ARG D 495 -38.92 -1.63 -34.62
C ARG D 495 -39.35 -2.50 -33.44
N GLY D 496 -38.88 -3.75 -33.44
CA GLY D 496 -39.23 -4.72 -32.42
C GLY D 496 -38.53 -4.48 -31.10
N LYS D 497 -39.14 -4.96 -30.02
CA LYS D 497 -38.57 -4.76 -28.69
C LYS D 497 -37.81 -5.99 -28.19
N ARG D 498 -37.97 -7.12 -28.87
CA ARG D 498 -37.33 -8.36 -28.46
C ARG D 498 -35.89 -8.50 -28.95
N PRO D 499 -34.98 -8.87 -28.04
CA PRO D 499 -33.58 -9.23 -28.31
C PRO D 499 -33.42 -10.17 -29.50
N LEU D 500 -32.21 -10.25 -30.04
CA LEU D 500 -31.94 -11.02 -31.24
C LEU D 500 -30.72 -11.90 -31.07
N LEU D 501 -29.61 -11.27 -30.69
CA LEU D 501 -28.30 -11.90 -30.65
C LEU D 501 -28.23 -12.94 -29.54
N PRO D 502 -28.12 -14.23 -29.90
CA PRO D 502 -28.00 -15.31 -28.92
C PRO D 502 -26.59 -15.38 -28.34
N PRO D 503 -26.47 -15.62 -27.02
CA PRO D 503 -25.19 -15.59 -26.34
C PRO D 503 -24.38 -16.86 -26.60
N ASP D 504 -25.07 -17.90 -27.09
CA ASP D 504 -24.42 -19.15 -27.46
C ASP D 504 -24.10 -19.18 -28.95
N LEU D 505 -24.02 -17.99 -29.55
CA LEU D 505 -23.74 -17.87 -30.99
C LEU D 505 -22.33 -18.34 -31.32
N PRO D 506 -22.21 -19.26 -32.29
CA PRO D 506 -20.90 -19.66 -32.79
C PRO D 506 -20.23 -18.53 -33.59
N GLN D 507 -18.98 -18.22 -33.25
CA GLN D 507 -18.27 -17.12 -33.88
C GLN D 507 -16.92 -17.58 -34.39
N THR D 508 -16.57 -17.15 -35.60
CA THR D 508 -15.19 -17.25 -36.07
C THR D 508 -14.38 -16.17 -35.36
N GLU D 509 -13.08 -16.13 -35.61
CA GLU D 509 -12.26 -15.11 -34.96
C GLU D 509 -12.61 -13.72 -35.46
N GLU D 510 -12.91 -13.61 -36.74
CA GLU D 510 -13.38 -12.35 -37.30
C GLU D 510 -14.67 -11.89 -36.65
N ILE D 511 -15.63 -12.80 -36.54
CA ILE D 511 -16.92 -12.47 -35.95
C ILE D 511 -16.78 -12.05 -34.49
N ALA D 512 -15.81 -12.63 -33.80
CA ALA D 512 -15.57 -12.29 -32.39
C ALA D 512 -14.87 -10.93 -32.23
N ASP D 513 -14.29 -10.44 -33.33
CA ASP D 513 -13.63 -9.14 -33.35
C ASP D 513 -14.64 -8.05 -33.68
N VAL D 514 -15.72 -8.43 -34.35
CA VAL D 514 -16.78 -7.49 -34.67
C VAL D 514 -17.61 -7.25 -33.42
N ILE D 515 -18.09 -8.35 -32.84
CA ILE D 515 -18.99 -8.27 -31.71
C ILE D 515 -18.25 -7.77 -30.47
N GLY D 516 -17.00 -8.19 -30.32
CA GLY D 516 -16.17 -7.77 -29.20
C GLY D 516 -15.90 -6.28 -29.26
N ALA D 517 -15.77 -5.75 -30.47
CA ALA D 517 -15.56 -4.33 -30.65
C ALA D 517 -16.78 -3.55 -30.18
N PHE D 518 -17.96 -3.99 -30.58
CA PHE D 518 -19.18 -3.33 -30.15
C PHE D 518 -19.29 -3.36 -28.65
N HIS D 519 -18.85 -4.48 -28.07
CA HIS D 519 -18.88 -4.65 -26.63
C HIS D 519 -18.04 -3.60 -25.93
N VAL D 520 -16.90 -3.26 -26.51
CA VAL D 520 -16.03 -2.22 -25.98
C VAL D 520 -16.69 -0.85 -26.00
N LEU D 521 -17.32 -0.52 -27.14
CA LEU D 521 -18.07 0.72 -27.27
C LEU D 521 -19.22 0.79 -26.27
N ALA D 522 -19.81 -0.37 -25.98
CA ALA D 522 -20.89 -0.46 -25.00
C ALA D 522 -20.44 0.05 -23.62
N GLU D 523 -19.18 -0.21 -23.26
CA GLU D 523 -18.68 0.10 -21.91
C GLU D 523 -18.19 1.53 -21.74
N LEU D 524 -17.23 1.90 -22.58
CA LEU D 524 -16.62 3.22 -22.51
C LEU D 524 -17.67 4.33 -22.58
N PRO D 525 -17.41 5.47 -21.92
CA PRO D 525 -18.32 6.62 -21.97
C PRO D 525 -18.56 7.02 -23.41
N PRO D 526 -19.80 7.40 -23.74
CA PRO D 526 -20.18 7.76 -25.12
C PRO D 526 -19.38 8.93 -25.70
N ASP D 527 -18.96 9.87 -24.86
CA ASP D 527 -18.29 11.07 -25.34
C ASP D 527 -16.83 10.82 -25.73
N SER D 528 -16.45 9.56 -25.88
CA SER D 528 -15.10 9.24 -26.31
C SER D 528 -15.05 8.83 -27.77
N PHE D 529 -16.24 8.60 -28.35
CA PHE D 529 -16.35 8.16 -29.74
C PHE D 529 -17.01 9.20 -30.61
N GLY D 530 -16.66 9.17 -31.89
CA GLY D 530 -17.34 9.95 -32.90
C GLY D 530 -18.46 9.13 -33.50
N PRO D 531 -18.32 8.75 -34.78
CA PRO D 531 -19.27 7.87 -35.45
C PRO D 531 -18.74 6.44 -35.61
N TYR D 532 -19.57 5.59 -36.18
CA TYR D 532 -19.15 4.27 -36.65
C TYR D 532 -19.15 4.32 -38.19
N ILE D 533 -17.96 4.13 -38.77
CA ILE D 533 -17.79 4.30 -40.22
C ILE D 533 -17.75 2.96 -40.94
N ILE D 534 -18.58 2.83 -41.97
CA ILE D 534 -18.66 1.59 -42.73
C ILE D 534 -17.90 1.71 -44.04
N SER D 535 -16.75 1.03 -44.14
CA SER D 535 -15.97 0.99 -45.38
C SER D 535 -16.72 0.13 -46.39
N MET D 536 -16.46 0.36 -47.67
CA MET D 536 -17.14 -0.36 -48.75
C MET D 536 -18.67 -0.31 -48.64
N ALA D 537 -19.18 0.81 -48.12
CA ALA D 537 -20.62 1.05 -48.05
C ALA D 537 -21.21 1.07 -49.45
N THR D 538 -22.32 0.36 -49.63
CA THR D 538 -22.93 0.15 -50.93
C THR D 538 -24.41 0.53 -50.96
N ALA D 539 -25.19 -0.07 -50.06
CA ALA D 539 -26.63 0.15 -50.00
C ALA D 539 -27.07 0.48 -48.57
N PRO D 540 -28.32 0.95 -48.37
CA PRO D 540 -28.83 1.28 -47.03
C PRO D 540 -28.85 0.12 -46.03
N SER D 541 -28.82 -1.11 -46.53
CA SER D 541 -28.71 -2.29 -45.66
C SER D 541 -27.52 -2.18 -44.71
N ASP D 542 -26.35 -1.80 -45.25
CA ASP D 542 -25.12 -1.68 -44.46
C ASP D 542 -25.27 -0.78 -43.22
N VAL D 543 -25.92 0.35 -43.42
CA VAL D 543 -26.17 1.31 -42.35
C VAL D 543 -27.15 0.76 -41.33
N LEU D 544 -28.24 0.16 -41.79
CA LEU D 544 -29.22 -0.43 -40.89
C LEU D 544 -28.66 -1.65 -40.16
N ALA D 545 -27.78 -2.40 -40.83
CA ALA D 545 -27.14 -3.58 -40.25
C ALA D 545 -26.36 -3.20 -39.00
N VAL D 546 -25.54 -2.15 -39.12
CA VAL D 546 -24.77 -1.66 -37.98
C VAL D 546 -25.67 -1.08 -36.90
N GLU D 547 -26.68 -0.30 -37.30
CA GLU D 547 -27.63 0.24 -36.33
C GLU D 547 -28.23 -0.85 -35.44
N LEU D 548 -28.41 -2.04 -36.03
CA LEU D 548 -28.96 -3.21 -35.34
C LEU D 548 -27.94 -3.93 -34.47
N LEU D 549 -26.78 -4.25 -35.04
CA LEU D 549 -25.69 -4.87 -34.29
C LEU D 549 -25.27 -4.02 -33.11
N GLN D 550 -25.35 -2.71 -33.27
CA GLN D 550 -24.93 -1.78 -32.24
C GLN D 550 -25.84 -1.90 -31.03
N ARG D 551 -27.14 -1.96 -31.29
CA ARG D 551 -28.15 -2.09 -30.25
C ARG D 551 -28.10 -3.48 -29.63
N GLU D 552 -27.98 -4.50 -30.48
CA GLU D 552 -27.94 -5.88 -30.03
C GLU D 552 -26.65 -6.28 -29.34
N CYS D 553 -25.69 -5.36 -29.27
CA CYS D 553 -24.50 -5.58 -28.48
C CYS D 553 -24.51 -4.68 -27.24
N GLY D 554 -25.63 -3.98 -27.04
CA GLY D 554 -25.84 -3.25 -25.81
C GLY D 554 -25.19 -1.89 -25.72
N VAL D 555 -24.73 -1.37 -26.85
CA VAL D 555 -24.21 -0.01 -26.86
C VAL D 555 -25.34 0.96 -26.52
N ARG D 556 -25.46 1.33 -25.24
CA ARG D 556 -26.64 2.02 -24.70
C ARG D 556 -26.99 3.30 -25.47
N GLN D 557 -26.04 4.21 -25.57
CA GLN D 557 -26.20 5.36 -26.44
C GLN D 557 -25.31 5.21 -27.66
N PRO D 558 -25.89 4.72 -28.76
CA PRO D 558 -25.17 4.30 -29.96
C PRO D 558 -24.48 5.41 -30.72
N LEU D 559 -23.41 5.05 -31.41
CA LEU D 559 -22.67 5.95 -32.29
C LEU D 559 -23.49 6.17 -33.54
N PRO D 560 -23.46 7.39 -34.10
CA PRO D 560 -24.18 7.66 -35.34
C PRO D 560 -23.48 6.93 -36.49
N VAL D 561 -24.26 6.34 -37.39
CA VAL D 561 -23.69 5.50 -38.44
C VAL D 561 -23.44 6.27 -39.72
N VAL D 562 -22.19 6.27 -40.19
CA VAL D 562 -21.87 6.90 -41.47
C VAL D 562 -21.30 5.86 -42.45
N PRO D 563 -21.79 5.92 -43.70
CA PRO D 563 -21.32 5.00 -44.73
C PRO D 563 -20.14 5.60 -45.47
N LEU D 564 -19.13 4.79 -45.78
CA LEU D 564 -18.01 5.26 -46.59
C LEU D 564 -18.14 4.74 -48.00
N PHE D 565 -18.48 5.63 -48.91
CA PHE D 565 -18.59 5.25 -50.30
C PHE D 565 -17.20 5.39 -50.94
N GLU D 566 -16.50 4.27 -51.06
CA GLU D 566 -15.11 4.29 -51.49
C GLU D 566 -14.96 4.14 -53.00
N ARG D 567 -15.90 3.45 -53.62
CA ARG D 567 -15.78 3.10 -55.03
C ARG D 567 -16.83 3.77 -55.90
N LEU D 568 -16.65 3.65 -57.21
CA LEU D 568 -17.43 4.43 -58.17
C LEU D 568 -18.90 4.05 -58.17
N ALA D 569 -19.16 2.75 -58.30
CA ALA D 569 -20.53 2.24 -58.36
C ALA D 569 -21.33 2.62 -57.12
N ASP D 570 -20.63 2.73 -56.00
CA ASP D 570 -21.25 3.07 -54.72
C ASP D 570 -21.54 4.56 -54.62
N LEU D 571 -20.70 5.37 -55.26
CA LEU D 571 -20.85 6.83 -55.26
C LEU D 571 -21.99 7.27 -56.18
N GLN D 572 -22.36 6.39 -57.11
CA GLN D 572 -23.43 6.65 -58.07
C GLN D 572 -24.77 6.36 -57.46
N SER D 573 -24.85 5.20 -56.82
CA SER D 573 -26.03 4.80 -56.06
C SER D 573 -26.15 5.65 -54.78
N ALA D 574 -25.03 6.23 -54.37
CA ALA D 574 -24.90 6.96 -53.11
C ALA D 574 -26.05 7.90 -52.76
N PRO D 575 -26.42 8.81 -53.67
CA PRO D 575 -27.53 9.68 -53.27
C PRO D 575 -28.86 8.94 -53.15
N ALA D 576 -29.03 7.87 -53.92
CA ALA D 576 -30.25 7.07 -53.85
C ALA D 576 -30.31 6.29 -52.53
N SER D 577 -29.17 5.75 -52.11
CA SER D 577 -29.04 5.05 -50.83
C SER D 577 -29.45 5.98 -49.70
N VAL D 578 -28.94 7.20 -49.74
CA VAL D 578 -29.20 8.26 -48.78
C VAL D 578 -30.68 8.63 -48.70
N GLU D 579 -31.33 8.72 -49.87
CA GLU D 579 -32.75 9.00 -49.88
C GLU D 579 -33.53 7.82 -49.34
N ARG D 580 -33.05 6.62 -49.62
CA ARG D 580 -33.69 5.42 -49.13
C ARG D 580 -33.62 5.38 -47.59
N LEU D 581 -32.46 5.75 -47.06
CA LEU D 581 -32.23 5.77 -45.61
C LEU D 581 -33.07 6.84 -44.93
N PHE D 582 -33.26 7.99 -45.61
CA PHE D 582 -34.29 8.94 -45.19
C PHE D 582 -35.58 8.30 -45.67
N SER D 583 -36.75 8.92 -45.43
CA SER D 583 -38.01 8.30 -45.85
C SER D 583 -38.37 6.99 -45.13
N VAL D 584 -37.45 6.47 -44.31
CA VAL D 584 -37.74 5.39 -43.39
C VAL D 584 -38.03 6.00 -42.02
N ASP D 585 -39.29 5.94 -41.58
CA ASP D 585 -39.72 6.65 -40.38
C ASP D 585 -38.96 6.28 -39.12
N TRP D 586 -38.37 5.10 -39.08
CA TRP D 586 -37.50 4.71 -37.98
C TRP D 586 -36.17 5.44 -38.02
N TYR D 587 -35.51 5.35 -39.18
CA TYR D 587 -34.19 5.96 -39.34
C TYR D 587 -34.23 7.47 -39.24
N MET D 588 -35.39 8.05 -39.50
CA MET D 588 -35.48 9.49 -39.48
C MET D 588 -35.49 9.99 -38.03
N ASP D 589 -36.10 9.22 -37.14
CA ASP D 589 -36.21 9.55 -35.71
C ASP D 589 -34.90 9.32 -34.98
N ARG D 590 -34.13 8.34 -35.47
CA ARG D 590 -32.81 8.05 -34.95
C ARG D 590 -31.84 9.21 -35.18
N ILE D 591 -31.69 9.65 -36.42
CA ILE D 591 -30.68 10.64 -36.76
C ILE D 591 -31.04 12.05 -36.30
N LYS D 592 -32.33 12.33 -36.21
CA LYS D 592 -32.80 13.64 -35.75
C LYS D 592 -32.19 14.82 -36.51
N GLY D 593 -32.27 14.77 -37.84
CA GLY D 593 -31.90 15.89 -38.69
C GLY D 593 -30.42 15.98 -39.03
N LYS D 594 -29.65 15.08 -38.46
CA LYS D 594 -28.21 15.08 -38.67
C LYS D 594 -27.75 13.79 -39.30
N GLN D 595 -27.18 13.89 -40.50
CA GLN D 595 -26.60 12.75 -41.19
C GLN D 595 -25.21 13.07 -41.71
N GLN D 596 -24.24 12.21 -41.42
CA GLN D 596 -22.89 12.37 -41.93
C GLN D 596 -22.58 11.23 -42.91
N VAL D 597 -21.87 11.54 -43.99
CA VAL D 597 -21.43 10.49 -44.90
C VAL D 597 -19.99 10.75 -45.36
N MET D 598 -19.18 9.70 -45.39
CA MET D 598 -17.79 9.84 -45.82
C MET D 598 -17.62 9.51 -47.31
N VAL D 599 -16.80 10.29 -48.01
CA VAL D 599 -16.43 9.96 -49.40
C VAL D 599 -14.94 9.66 -49.52
N GLY D 600 -14.60 8.51 -50.09
CA GLY D 600 -13.23 8.05 -50.15
C GLY D 600 -12.46 8.46 -51.41
N TYR D 601 -11.41 9.26 -51.22
CA TYR D 601 -10.62 9.75 -52.34
C TYR D 601 -9.49 8.80 -52.72
N SER D 602 -9.09 7.96 -51.77
CA SER D 602 -8.05 6.98 -52.02
C SER D 602 -8.59 5.90 -52.96
N ASP D 603 -9.47 5.07 -52.43
CA ASP D 603 -9.94 3.87 -53.12
C ASP D 603 -10.82 4.15 -54.35
N SER D 604 -11.23 5.41 -54.53
CA SER D 604 -11.98 5.84 -55.72
C SER D 604 -11.13 5.78 -56.98
N GLY D 605 -10.09 6.61 -56.99
CA GLY D 605 -9.15 6.66 -58.09
C GLY D 605 -8.58 5.31 -58.47
N LYS D 606 -8.46 4.41 -57.50
CA LYS D 606 -8.01 3.06 -57.80
C LYS D 606 -9.06 2.34 -58.62
N ASP D 607 -10.33 2.47 -58.22
CA ASP D 607 -11.45 1.85 -58.93
C ASP D 607 -11.71 2.43 -60.33
N ALA D 608 -11.77 3.76 -60.42
CA ALA D 608 -12.19 4.43 -61.66
C ALA D 608 -11.10 5.18 -62.44
N GLY D 609 -10.08 5.67 -61.74
CA GLY D 609 -9.03 6.48 -62.36
C GLY D 609 -9.18 7.92 -61.94
N ARG D 610 -8.11 8.70 -62.02
CA ARG D 610 -8.12 10.03 -61.43
C ARG D 610 -9.31 10.95 -61.81
N LEU D 611 -9.51 11.17 -63.12
CA LEU D 611 -10.53 12.13 -63.59
C LEU D 611 -11.94 11.65 -63.32
N SER D 612 -12.20 10.39 -63.64
CA SER D 612 -13.53 9.79 -63.45
C SER D 612 -13.93 9.70 -61.98
N ALA D 613 -12.96 9.46 -61.10
CA ALA D 613 -13.17 9.49 -59.67
C ALA D 613 -13.54 10.90 -59.23
N ALA D 614 -12.60 11.83 -59.46
CA ALA D 614 -12.73 13.23 -59.04
C ALA D 614 -14.06 13.84 -59.42
N TRP D 615 -14.56 13.48 -60.60
CA TRP D 615 -15.83 13.98 -61.08
C TRP D 615 -17.01 13.31 -60.39
N GLN D 616 -16.95 12.00 -60.18
CA GLN D 616 -18.07 11.31 -59.55
C GLN D 616 -18.19 11.73 -58.10
N LEU D 617 -17.03 11.92 -57.46
CA LEU D 617 -16.94 12.56 -56.15
C LEU D 617 -17.62 13.92 -56.10
N TYR D 618 -17.50 14.70 -57.18
CA TYR D 618 -18.13 16.02 -57.23
C TYR D 618 -19.65 15.92 -57.14
N ARG D 619 -20.26 15.16 -58.04
CA ARG D 619 -21.72 15.09 -58.08
C ARG D 619 -22.30 14.13 -57.06
N ALA D 620 -21.45 13.32 -56.44
CA ALA D 620 -21.85 12.53 -55.30
C ALA D 620 -22.29 13.49 -54.20
N GLN D 621 -21.42 14.43 -53.86
CA GLN D 621 -21.70 15.41 -52.81
C GLN D 621 -22.86 16.32 -53.18
N GLU D 622 -22.97 16.59 -54.48
CA GLU D 622 -23.91 17.57 -55.01
C GLU D 622 -25.34 17.11 -54.85
N GLU D 623 -25.58 15.86 -55.24
CA GLU D 623 -26.91 15.27 -55.22
C GLU D 623 -27.30 14.83 -53.82
N MET D 624 -26.35 14.31 -53.04
CA MET D 624 -26.63 13.98 -51.65
C MET D 624 -27.09 15.22 -50.92
N ALA D 625 -26.43 16.34 -51.21
CA ALA D 625 -26.86 17.62 -50.69
C ALA D 625 -28.34 17.82 -50.97
N GLN D 626 -28.72 17.73 -52.25
CA GLN D 626 -30.10 17.99 -52.66
C GLN D 626 -31.13 17.07 -52.00
N VAL D 627 -30.76 15.80 -51.82
CA VAL D 627 -31.65 14.84 -51.17
C VAL D 627 -31.83 15.27 -49.73
N ALA D 628 -30.69 15.49 -49.06
CA ALA D 628 -30.68 15.93 -47.69
C ALA D 628 -31.49 17.21 -47.54
N LYS D 629 -31.27 18.16 -48.44
CA LYS D 629 -31.99 19.43 -48.39
C LYS D 629 -33.49 19.20 -48.46
N ARG D 630 -33.91 18.33 -49.37
CA ARG D 630 -35.34 18.07 -49.54
C ARG D 630 -35.94 17.39 -48.30
N TYR D 631 -35.16 16.57 -47.62
CA TYR D 631 -35.65 15.86 -46.43
C TYR D 631 -35.52 16.63 -45.11
N GLY D 632 -34.97 17.84 -45.16
CA GLY D 632 -34.74 18.62 -43.96
C GLY D 632 -33.63 18.05 -43.08
N VAL D 633 -32.55 17.60 -43.72
CA VAL D 633 -31.46 16.93 -43.04
C VAL D 633 -30.13 17.66 -43.25
N LYS D 634 -29.38 17.88 -42.17
CA LYS D 634 -28.08 18.55 -42.27
C LYS D 634 -26.99 17.56 -42.66
N LEU D 635 -26.62 17.55 -43.92
CA LEU D 635 -25.62 16.62 -44.40
C LEU D 635 -24.23 17.11 -44.06
N THR D 636 -23.52 16.40 -43.18
CA THR D 636 -22.10 16.69 -42.99
C THR D 636 -21.23 15.73 -43.77
N LEU D 637 -20.32 16.27 -44.56
CA LEU D 637 -19.48 15.47 -45.43
C LEU D 637 -18.08 15.23 -44.85
N PHE D 638 -17.72 13.98 -44.71
CA PHE D 638 -16.40 13.61 -44.21
C PHE D 638 -15.54 13.24 -45.43
N HIS D 639 -14.51 14.05 -45.69
CA HIS D 639 -13.65 13.81 -46.85
C HIS D 639 -12.42 13.01 -46.47
N GLY D 640 -12.23 11.88 -47.13
CA GLY D 640 -11.08 11.03 -46.88
C GLY D 640 -10.01 11.33 -47.88
N ARG D 641 -9.10 12.24 -47.53
CA ARG D 641 -8.09 12.68 -48.46
C ARG D 641 -6.71 12.02 -48.25
N GLY D 642 -5.72 12.77 -47.80
CA GLY D 642 -4.39 12.22 -47.66
C GLY D 642 -3.35 12.96 -48.49
N GLY D 643 -2.12 12.47 -48.45
CA GLY D 643 -0.98 13.22 -48.94
C GLY D 643 -0.82 13.37 -50.44
N THR D 644 -0.74 12.24 -51.12
CA THR D 644 -0.50 12.21 -52.56
C THR D 644 -1.66 12.77 -53.37
N VAL D 645 -1.35 13.38 -54.50
CA VAL D 645 -2.36 13.95 -55.38
C VAL D 645 -3.33 12.88 -55.84
N GLY D 646 -2.84 11.65 -55.93
CA GLY D 646 -3.65 10.52 -56.35
C GLY D 646 -4.58 10.00 -55.27
N ARG D 647 -4.68 10.73 -54.17
CA ARG D 647 -5.62 10.36 -53.11
C ARG D 647 -6.37 11.59 -52.61
N GLY D 648 -6.61 12.55 -53.49
CA GLY D 648 -7.35 13.74 -53.14
C GLY D 648 -6.43 14.72 -52.45
N GLY D 649 -5.15 14.61 -52.76
CA GLY D 649 -4.17 15.48 -52.14
C GLY D 649 -4.17 16.84 -52.79
N GLY D 650 -3.53 17.80 -52.12
CA GLY D 650 -3.41 19.14 -52.66
C GLY D 650 -3.58 20.19 -51.60
N PRO D 651 -3.24 21.45 -51.95
CA PRO D 651 -3.48 22.62 -51.11
C PRO D 651 -4.88 22.64 -50.54
N THR D 652 -4.96 22.95 -49.26
CA THR D 652 -6.19 22.85 -48.51
C THR D 652 -7.28 23.80 -48.98
N HIS D 653 -6.95 25.08 -49.14
CA HIS D 653 -7.91 26.08 -49.58
C HIS D 653 -8.42 25.85 -51.00
N LEU D 654 -7.64 25.14 -51.81
CA LEU D 654 -8.03 24.85 -53.20
C LEU D 654 -8.95 23.64 -53.26
N ALA D 655 -8.63 22.63 -52.45
CA ALA D 655 -9.47 21.45 -52.36
C ALA D 655 -10.88 21.85 -51.96
N ILE D 656 -11.00 22.66 -50.92
CA ILE D 656 -12.28 23.18 -50.45
C ILE D 656 -12.99 24.06 -51.50
N LEU D 657 -12.20 24.76 -52.32
CA LEU D 657 -12.73 25.57 -53.40
C LEU D 657 -13.32 24.68 -54.48
N SER D 658 -12.68 23.54 -54.69
CA SER D 658 -13.05 22.63 -55.75
C SER D 658 -14.34 21.87 -55.44
N GLN D 659 -14.78 21.91 -54.18
CA GLN D 659 -15.99 21.20 -53.74
C GLN D 659 -17.25 21.97 -54.13
N PRO D 660 -18.31 21.24 -54.54
CA PRO D 660 -19.55 21.85 -55.07
C PRO D 660 -20.19 22.88 -54.13
N PRO D 661 -20.75 23.97 -54.69
CA PRO D 661 -21.37 25.03 -53.90
C PRO D 661 -22.46 24.47 -52.99
N ASP D 662 -22.68 25.12 -51.84
CA ASP D 662 -23.76 24.76 -50.94
C ASP D 662 -23.75 23.31 -50.44
N THR D 663 -22.56 22.70 -50.43
CA THR D 663 -22.41 21.39 -49.81
C THR D 663 -21.40 21.44 -48.67
N ILE D 664 -21.25 22.60 -48.02
CA ILE D 664 -20.41 22.67 -46.84
C ILE D 664 -21.11 23.36 -45.69
N ASN D 665 -21.47 24.63 -45.91
CA ASN D 665 -22.23 25.39 -44.93
C ASN D 665 -21.79 25.15 -43.49
N GLY D 666 -20.54 25.52 -43.18
CA GLY D 666 -20.00 25.43 -41.83
C GLY D 666 -20.16 24.08 -41.14
N SER D 667 -19.89 22.99 -41.86
CA SER D 667 -19.93 21.65 -41.27
C SER D 667 -19.19 20.67 -42.19
N ILE D 668 -18.02 20.21 -41.75
CA ILE D 668 -17.16 19.40 -42.59
C ILE D 668 -16.14 18.65 -41.74
N ARG D 669 -15.70 17.49 -42.23
CA ARG D 669 -14.60 16.74 -41.61
C ARG D 669 -13.62 16.32 -42.68
N VAL D 670 -12.33 16.35 -42.36
CA VAL D 670 -11.30 15.97 -43.33
C VAL D 670 -10.22 15.11 -42.67
N THR D 671 -9.75 14.09 -43.37
CA THR D 671 -8.68 13.26 -42.85
C THR D 671 -7.32 13.92 -43.02
N VAL D 672 -6.53 13.88 -41.94
CA VAL D 672 -5.15 14.32 -41.96
C VAL D 672 -4.32 13.06 -41.77
N GLN D 673 -3.86 12.47 -42.87
CA GLN D 673 -3.39 11.09 -42.83
C GLN D 673 -1.88 10.88 -42.64
N GLY D 674 -1.52 10.31 -41.49
CA GLY D 674 -0.17 9.84 -41.24
C GLY D 674 0.90 10.90 -41.33
N GLU D 675 1.65 10.91 -42.42
CA GLU D 675 2.73 11.86 -42.59
C GLU D 675 2.20 13.27 -42.80
N VAL D 676 0.93 13.39 -43.23
CA VAL D 676 0.35 14.71 -43.47
C VAL D 676 0.21 15.50 -42.17
N ILE D 677 0.14 14.78 -41.06
CA ILE D 677 0.08 15.41 -39.75
C ILE D 677 1.35 16.20 -39.47
N GLU D 678 2.50 15.67 -39.85
CA GLU D 678 3.77 16.40 -39.71
C GLU D 678 3.82 17.55 -40.70
N PHE D 679 3.18 17.38 -41.86
CA PHE D 679 3.15 18.44 -42.87
C PHE D 679 2.36 19.64 -42.37
N CYS D 680 1.37 19.38 -41.52
CA CYS D 680 0.48 20.45 -41.04
C CYS D 680 0.77 20.89 -39.62
N PHE D 681 1.17 19.97 -38.76
CA PHE D 681 1.27 20.29 -37.35
C PHE D 681 2.65 20.04 -36.77
N GLY D 682 3.66 20.02 -37.63
CA GLY D 682 5.02 19.79 -37.20
C GLY D 682 5.66 20.94 -36.44
N GLU D 683 5.18 22.15 -36.69
CA GLU D 683 5.72 23.33 -36.03
C GLU D 683 4.57 24.21 -35.54
N GLU D 684 4.84 25.14 -34.64
CA GLU D 684 3.81 26.06 -34.15
C GLU D 684 3.21 26.85 -35.31
N HIS D 685 4.09 27.44 -36.13
CA HIS D 685 3.68 28.29 -37.25
C HIS D 685 2.83 27.55 -38.27
N LEU D 686 3.25 26.31 -38.56
CA LEU D 686 2.52 25.38 -39.42
C LEU D 686 1.12 25.06 -38.89
N CYS D 687 1.02 24.82 -37.59
CA CYS D 687 -0.27 24.49 -37.00
C CYS D 687 -1.21 25.66 -37.17
N PHE D 688 -0.74 26.87 -36.87
CA PHE D 688 -1.54 28.08 -36.99
C PHE D 688 -1.96 28.27 -38.44
N GLN D 689 -1.01 28.13 -39.34
CA GLN D 689 -1.28 28.30 -40.76
C GLN D 689 -2.31 27.29 -41.27
N THR D 690 -2.34 26.11 -40.66
CA THR D 690 -3.24 25.05 -41.11
C THR D 690 -4.66 25.25 -40.63
N LEU D 691 -4.84 25.75 -39.41
CA LEU D 691 -6.19 26.08 -38.91
C LEU D 691 -6.72 27.27 -39.70
N GLN D 692 -5.79 28.13 -40.12
CA GLN D 692 -6.09 29.31 -40.91
C GLN D 692 -6.75 28.96 -42.25
N ARG D 693 -6.11 28.09 -43.01
CA ARG D 693 -6.62 27.71 -44.31
C ARG D 693 -8.01 27.10 -44.19
N PHE D 694 -8.15 26.07 -43.34
CA PHE D 694 -9.42 25.37 -43.15
C PHE D 694 -10.56 26.28 -42.71
N THR D 695 -10.27 27.18 -41.78
CA THR D 695 -11.28 28.11 -41.29
C THR D 695 -11.64 29.16 -42.34
N ALA D 696 -10.63 29.69 -43.03
CA ALA D 696 -10.90 30.71 -44.03
C ALA D 696 -11.53 30.16 -45.32
N ALA D 697 -11.09 28.99 -45.77
CA ALA D 697 -11.67 28.40 -46.98
C ALA D 697 -13.13 28.00 -46.77
N THR D 698 -13.39 27.30 -45.67
CA THR D 698 -14.74 26.85 -45.30
C THR D 698 -15.71 28.00 -45.08
N LEU D 699 -15.24 29.08 -44.47
CA LEU D 699 -16.12 30.21 -44.23
C LEU D 699 -16.47 30.84 -45.56
N GLU D 700 -15.43 31.13 -46.34
CA GLU D 700 -15.63 31.76 -47.63
C GLU D 700 -16.54 30.93 -48.52
N HIS D 701 -16.27 29.62 -48.59
CA HIS D 701 -17.06 28.71 -49.41
C HIS D 701 -18.55 28.69 -49.03
N GLY D 702 -18.85 28.90 -47.76
CA GLY D 702 -20.24 28.89 -47.33
C GLY D 702 -21.00 30.07 -47.88
N MET D 703 -20.44 31.27 -47.68
CA MET D 703 -21.09 32.55 -47.98
C MET D 703 -20.79 33.07 -49.38
N HIS D 704 -19.69 32.60 -49.96
CA HIS D 704 -19.28 33.05 -51.28
C HIS D 704 -18.85 31.88 -52.15
N PRO D 705 -19.82 31.03 -52.54
CA PRO D 705 -19.56 29.75 -53.20
C PRO D 705 -18.82 29.85 -54.54
N PRO D 706 -18.23 28.73 -54.98
CA PRO D 706 -17.70 28.67 -56.34
C PRO D 706 -18.87 28.62 -57.30
N VAL D 707 -18.57 28.69 -58.59
CA VAL D 707 -19.62 28.64 -59.58
C VAL D 707 -20.11 27.21 -59.83
N SER D 708 -21.40 27.08 -60.15
CA SER D 708 -21.95 25.81 -60.63
C SER D 708 -21.49 25.67 -62.06
N PRO D 709 -21.22 24.43 -62.50
CA PRO D 709 -20.80 24.23 -63.90
C PRO D 709 -21.94 24.42 -64.90
N LYS D 710 -21.64 24.99 -66.07
CA LYS D 710 -22.62 25.14 -67.14
C LYS D 710 -23.03 23.76 -67.59
N PRO D 711 -24.29 23.61 -68.06
CA PRO D 711 -24.78 22.33 -68.58
C PRO D 711 -23.87 21.69 -69.64
N GLU D 712 -23.25 22.53 -70.47
CA GLU D 712 -22.30 22.07 -71.50
C GLU D 712 -21.13 21.34 -70.86
N TRP D 713 -20.62 21.92 -69.78
CA TRP D 713 -19.48 21.40 -69.05
C TRP D 713 -19.82 20.07 -68.40
N ARG D 714 -20.97 20.04 -67.76
CA ARG D 714 -21.44 18.85 -67.09
C ARG D 714 -21.49 17.68 -68.03
N LYS D 715 -22.19 17.85 -69.15
CA LYS D 715 -22.32 16.79 -70.13
C LYS D 715 -20.96 16.32 -70.61
N LEU D 716 -20.05 17.25 -70.86
CA LEU D 716 -18.71 16.88 -71.32
C LEU D 716 -17.96 16.05 -70.26
N MET D 717 -18.18 16.37 -68.98
CA MET D 717 -17.54 15.66 -67.87
C MET D 717 -18.04 14.23 -67.74
N ASP D 718 -19.35 14.06 -67.83
CA ASP D 718 -19.98 12.74 -67.82
C ASP D 718 -19.40 11.88 -68.94
N GLU D 719 -19.33 12.46 -70.15
CA GLU D 719 -18.83 11.77 -71.34
C GLU D 719 -17.35 11.42 -71.22
N MET D 720 -16.57 12.35 -70.70
CA MET D 720 -15.14 12.13 -70.55
C MET D 720 -14.85 11.13 -69.44
N ALA D 721 -15.73 11.09 -68.44
CA ALA D 721 -15.58 10.20 -67.29
C ALA D 721 -15.59 8.74 -67.72
N VAL D 722 -16.60 8.38 -68.52
CA VAL D 722 -16.74 7.05 -69.11
C VAL D 722 -15.48 6.63 -69.86
N VAL D 723 -14.99 7.54 -70.70
CA VAL D 723 -13.82 7.32 -71.57
C VAL D 723 -12.56 7.12 -70.75
N ALA D 724 -12.42 7.92 -69.70
CA ALA D 724 -11.28 7.84 -68.80
C ALA D 724 -11.32 6.55 -68.00
N THR D 725 -12.51 6.20 -67.50
CA THR D 725 -12.68 4.99 -66.73
C THR D 725 -12.26 3.77 -67.57
N GLU D 726 -12.78 3.69 -68.78
CA GLU D 726 -12.52 2.55 -69.65
C GLU D 726 -11.04 2.42 -70.01
N GLU D 727 -10.41 3.55 -70.31
CA GLU D 727 -8.99 3.59 -70.63
C GLU D 727 -8.15 3.16 -69.42
N TYR D 728 -8.53 3.65 -68.24
CA TYR D 728 -7.82 3.30 -67.02
C TYR D 728 -8.02 1.83 -66.66
N ARG D 729 -9.24 1.32 -66.83
CA ARG D 729 -9.51 -0.06 -66.49
C ARG D 729 -8.96 -1.04 -67.53
N SER D 730 -8.87 -0.59 -68.78
CA SER D 730 -8.28 -1.41 -69.84
C SER D 730 -6.81 -1.75 -69.53
N VAL D 731 -6.17 -0.96 -68.67
CA VAL D 731 -4.78 -1.19 -68.29
C VAL D 731 -4.63 -2.01 -66.99
N VAL D 732 -5.32 -1.59 -65.93
CA VAL D 732 -5.13 -2.20 -64.62
C VAL D 732 -6.01 -3.44 -64.36
N VAL D 733 -7.09 -3.56 -65.12
CA VAL D 733 -8.02 -4.67 -65.00
C VAL D 733 -7.94 -5.57 -66.24
N LYS D 734 -8.42 -5.06 -67.36
CA LYS D 734 -8.53 -5.87 -68.57
C LYS D 734 -7.19 -6.07 -69.30
N GLU D 735 -6.14 -6.41 -68.55
CA GLU D 735 -4.89 -6.82 -69.15
C GLU D 735 -4.26 -7.88 -68.27
N ALA D 736 -4.19 -9.10 -68.79
CA ALA D 736 -3.79 -10.25 -68.00
C ALA D 736 -2.43 -10.04 -67.37
N ARG D 737 -1.49 -9.56 -68.16
CA ARG D 737 -0.09 -9.53 -67.75
C ARG D 737 0.30 -8.22 -67.05
N PHE D 738 -0.69 -7.37 -66.75
CA PHE D 738 -0.41 -6.08 -66.12
C PHE D 738 0.09 -6.24 -64.69
N VAL D 739 -0.59 -7.07 -63.92
CA VAL D 739 -0.23 -7.33 -62.54
C VAL D 739 1.20 -7.90 -62.44
N GLU D 740 1.64 -8.61 -63.47
CA GLU D 740 3.02 -9.11 -63.54
C GLU D 740 3.98 -7.97 -63.82
N TYR D 741 3.57 -7.06 -64.70
CA TYR D 741 4.36 -5.88 -65.04
C TYR D 741 4.48 -4.94 -63.84
N PHE D 742 3.38 -4.81 -63.11
CA PHE D 742 3.30 -3.90 -61.96
C PHE D 742 4.28 -4.26 -60.85
N ARG D 743 4.24 -5.51 -60.38
CA ARG D 743 5.11 -5.94 -59.30
C ARG D 743 6.54 -6.17 -59.78
N SER D 744 6.82 -5.73 -61.01
CA SER D 744 8.12 -5.95 -61.61
C SER D 744 8.84 -4.64 -61.87
N ALA D 745 8.11 -3.63 -62.34
CA ALA D 745 8.68 -2.33 -62.71
C ALA D 745 8.71 -1.32 -61.56
N THR D 746 8.09 -1.69 -60.45
CA THR D 746 8.01 -0.83 -59.28
C THR D 746 8.31 -1.64 -58.03
N PRO D 747 8.87 -0.99 -57.00
CA PRO D 747 9.14 -1.67 -55.74
C PRO D 747 7.88 -1.79 -54.88
N GLU D 748 6.76 -2.17 -55.51
CA GLU D 748 5.50 -2.31 -54.79
C GLU D 748 5.58 -3.33 -53.67
N THR D 749 6.23 -4.45 -53.95
CA THR D 749 6.25 -5.59 -53.03
C THR D 749 7.14 -5.35 -51.82
N GLU D 750 8.08 -4.43 -51.95
CA GLU D 750 9.05 -4.15 -50.90
C GLU D 750 8.55 -3.10 -49.91
N TYR D 751 7.30 -2.69 -50.08
CA TYR D 751 6.73 -1.64 -49.24
C TYR D 751 6.78 -2.01 -47.77
N GLY D 752 6.46 -3.27 -47.47
CA GLY D 752 6.36 -3.72 -46.09
C GLY D 752 7.64 -3.70 -45.28
N ARG D 753 8.77 -3.54 -45.96
CA ARG D 753 10.09 -3.60 -45.30
C ARG D 753 10.46 -2.31 -44.56
N MET D 754 9.70 -1.25 -44.80
CA MET D 754 9.96 0.02 -44.13
C MET D 754 9.39 0.03 -42.71
N ASN D 755 8.51 -0.92 -42.42
CA ASN D 755 7.83 -1.03 -41.13
C ASN D 755 7.13 0.27 -40.76
N ILE D 756 6.39 0.80 -41.72
CA ILE D 756 5.70 2.07 -41.50
C ILE D 756 4.54 1.87 -40.53
N GLY D 757 3.59 1.02 -40.91
CA GLY D 757 2.38 0.86 -40.14
C GLY D 757 2.22 -0.48 -39.47
N SER D 758 1.24 -0.57 -38.57
CA SER D 758 0.89 -1.83 -37.94
C SER D 758 0.11 -2.68 -38.93
N ARG D 759 -0.56 -2.02 -39.88
CA ARG D 759 -1.41 -2.67 -40.87
C ARG D 759 -0.59 -3.33 -41.97
N PRO D 760 -0.76 -4.65 -42.14
CA PRO D 760 -0.29 -5.30 -43.36
C PRO D 760 -0.87 -4.64 -44.63
N ALA D 761 0.01 -4.33 -45.59
CA ALA D 761 -0.32 -3.51 -46.76
C ALA D 761 -1.19 -4.19 -47.82
N LYS D 762 -1.51 -5.46 -47.61
CA LYS D 762 -2.43 -6.19 -48.48
C LYS D 762 -3.55 -6.77 -47.61
N ARG D 763 -4.79 -6.71 -48.10
CA ARG D 763 -5.91 -7.32 -47.37
C ARG D 763 -5.94 -8.83 -47.63
N ARG D 764 -4.88 -9.53 -47.18
CA ARG D 764 -4.66 -10.98 -47.41
C ARG D 764 -4.37 -11.35 -48.89
N PRO D 765 -3.58 -12.42 -49.13
CA PRO D 765 -2.95 -12.67 -50.45
C PRO D 765 -3.88 -12.73 -51.66
N GLY D 766 -4.99 -13.47 -51.56
CA GLY D 766 -5.88 -13.67 -52.69
C GLY D 766 -6.49 -12.40 -53.24
N GLY D 767 -6.82 -12.41 -54.53
CA GLY D 767 -7.39 -11.26 -55.18
C GLY D 767 -6.50 -10.64 -56.26
N GLY D 768 -5.20 -10.57 -55.98
CA GLY D 768 -4.27 -9.92 -56.91
C GLY D 768 -4.18 -8.44 -56.63
N ILE D 769 -4.37 -7.62 -57.67
CA ILE D 769 -4.31 -6.16 -57.52
C ILE D 769 -5.49 -5.58 -56.71
N THR D 770 -6.64 -6.23 -56.83
CA THR D 770 -7.87 -5.75 -56.20
C THR D 770 -7.81 -5.60 -54.68
N THR D 771 -6.87 -6.28 -54.05
CA THR D 771 -6.78 -6.28 -52.60
C THR D 771 -5.62 -5.44 -52.07
N LEU D 772 -4.79 -4.95 -53.00
CA LEU D 772 -3.68 -4.09 -52.63
C LEU D 772 -4.20 -2.71 -52.27
N ARG D 773 -4.01 -2.32 -51.01
CA ARG D 773 -4.53 -1.05 -50.50
C ARG D 773 -4.01 0.15 -51.29
N ALA D 774 -4.78 1.23 -51.29
CA ALA D 774 -4.49 2.41 -52.10
C ALA D 774 -3.12 3.05 -51.85
N ILE D 775 -2.59 2.88 -50.65
CA ILE D 775 -1.35 3.54 -50.27
C ILE D 775 -0.08 2.91 -50.88
N PRO D 776 0.13 1.58 -50.69
CA PRO D 776 1.31 1.03 -51.37
C PRO D 776 1.15 1.01 -52.90
N TRP D 777 -0.08 1.10 -53.37
CA TRP D 777 -0.41 1.29 -54.79
C TRP D 777 0.20 2.58 -55.33
N ILE D 778 -0.27 3.71 -54.79
CA ILE D 778 0.20 5.04 -55.20
C ILE D 778 1.72 5.19 -54.99
N PHE D 779 2.21 4.61 -53.91
CA PHE D 779 3.64 4.64 -53.56
C PHE D 779 4.51 4.04 -54.64
N SER D 780 4.01 2.99 -55.27
CA SER D 780 4.76 2.21 -56.23
C SER D 780 5.12 3.04 -57.46
N TRP D 781 4.12 3.75 -57.98
CA TRP D 781 4.31 4.56 -59.17
C TRP D 781 4.98 5.89 -58.84
N THR D 782 4.93 6.26 -57.56
CA THR D 782 5.55 7.49 -57.09
C THR D 782 7.05 7.32 -56.98
N GLN D 783 7.48 6.14 -56.55
CA GLN D 783 8.91 5.82 -56.48
C GLN D 783 9.53 5.85 -57.87
N THR D 784 8.89 5.15 -58.79
CA THR D 784 9.39 5.00 -60.15
C THR D 784 9.27 6.32 -60.95
N ARG D 785 8.59 7.30 -60.35
CA ARG D 785 8.31 8.59 -61.00
C ARG D 785 7.55 8.43 -62.32
N PHE D 786 6.54 7.57 -62.31
CA PHE D 786 5.70 7.37 -63.48
C PHE D 786 4.30 7.87 -63.17
N HIS D 787 3.89 7.74 -61.91
CA HIS D 787 2.62 8.26 -61.40
C HIS D 787 1.39 7.73 -62.13
N LEU D 788 1.49 6.50 -62.64
CA LEU D 788 0.47 5.90 -63.49
C LEU D 788 -1.01 6.16 -63.11
N PRO D 789 -1.39 5.89 -61.85
CA PRO D 789 -2.83 5.98 -61.53
C PRO D 789 -3.33 7.42 -61.54
N VAL D 790 -2.40 8.35 -61.34
CA VAL D 790 -2.72 9.77 -61.26
C VAL D 790 -3.14 10.39 -62.59
N TRP D 791 -2.58 9.92 -63.70
CA TRP D 791 -2.87 10.54 -65.01
C TRP D 791 -3.43 9.58 -66.07
N LEU D 792 -3.51 8.30 -65.74
CA LEU D 792 -3.99 7.34 -66.72
C LEU D 792 -5.48 7.52 -66.96
N GLY D 793 -5.83 7.82 -68.21
CA GLY D 793 -7.21 8.02 -68.60
C GLY D 793 -7.52 9.47 -68.93
N VAL D 794 -6.75 10.38 -68.37
CA VAL D 794 -6.98 11.80 -68.58
C VAL D 794 -6.63 12.18 -70.01
N GLY D 795 -5.61 11.54 -70.58
CA GLY D 795 -5.23 11.77 -71.96
C GLY D 795 -6.32 11.30 -72.89
N ALA D 796 -6.79 10.08 -72.66
CA ALA D 796 -7.84 9.48 -73.49
C ALA D 796 -9.15 10.27 -73.41
N ALA D 797 -9.39 10.91 -72.27
CA ALA D 797 -10.62 11.68 -72.05
C ALA D 797 -10.58 13.02 -72.76
N PHE D 798 -9.38 13.59 -72.85
CA PHE D 798 -9.19 14.87 -73.53
C PHE D 798 -9.22 14.65 -75.03
N LYS D 799 -8.45 13.67 -75.49
CA LYS D 799 -8.39 13.34 -76.90
C LYS D 799 -9.78 13.07 -77.44
N PHE D 800 -10.58 12.30 -76.69
CA PHE D 800 -11.95 12.00 -77.07
C PHE D 800 -12.77 13.28 -77.26
N ALA D 801 -12.60 14.23 -76.32
CA ALA D 801 -13.44 15.41 -76.30
C ALA D 801 -13.19 16.36 -77.48
N ILE D 802 -11.93 16.54 -77.84
CA ILE D 802 -11.57 17.42 -78.94
C ILE D 802 -11.73 16.76 -80.31
N ASP D 803 -11.76 15.43 -80.34
CA ASP D 803 -11.99 14.69 -81.60
C ASP D 803 -13.48 14.55 -81.90
N LYS D 804 -14.31 14.51 -80.86
CA LYS D 804 -15.75 14.39 -81.04
C LYS D 804 -16.31 15.68 -81.63
N ASP D 805 -15.65 16.78 -81.35
CA ASP D 805 -15.99 18.09 -81.93
C ASP D 805 -14.85 19.05 -81.58
N VAL D 806 -14.20 19.59 -82.60
CA VAL D 806 -13.04 20.47 -82.40
C VAL D 806 -13.42 21.70 -81.55
N ARG D 807 -14.70 22.04 -81.56
CA ARG D 807 -15.24 23.10 -80.72
C ARG D 807 -14.97 22.88 -79.23
N ASN D 808 -14.79 21.62 -78.84
CA ASN D 808 -14.59 21.26 -77.43
C ASN D 808 -13.26 21.73 -76.85
N PHE D 809 -12.29 21.96 -77.72
CA PHE D 809 -11.02 22.50 -77.27
C PHE D 809 -11.23 23.91 -76.71
N GLN D 810 -12.15 24.66 -77.31
CA GLN D 810 -12.43 26.01 -76.83
C GLN D 810 -13.34 25.96 -75.60
N VAL D 811 -13.84 24.77 -75.31
CA VAL D 811 -14.65 24.54 -74.12
C VAL D 811 -13.76 24.10 -72.96
N LEU D 812 -12.88 23.13 -73.24
CA LEU D 812 -11.96 22.60 -72.24
C LEU D 812 -11.05 23.69 -71.65
N LYS D 813 -10.64 24.64 -72.47
CA LYS D 813 -9.90 25.77 -71.96
C LYS D 813 -10.83 26.69 -71.20
N GLU D 814 -12.00 26.97 -71.78
CA GLU D 814 -12.98 27.83 -71.14
C GLU D 814 -13.37 27.35 -69.74
N MET D 815 -13.30 26.03 -69.55
CA MET D 815 -13.54 25.43 -68.24
C MET D 815 -12.35 25.62 -67.32
N TYR D 816 -11.15 25.39 -67.84
CA TYR D 816 -9.95 25.52 -67.02
C TYR D 816 -9.80 26.93 -66.48
N ASN D 817 -10.16 27.91 -67.30
CA ASN D 817 -10.01 29.32 -66.90
C ASN D 817 -11.05 29.77 -65.88
N GLU D 818 -12.21 29.14 -65.89
CA GLU D 818 -13.36 29.63 -65.14
C GLU D 818 -13.83 28.73 -63.99
N TRP D 819 -13.75 27.41 -64.19
CA TRP D 819 -14.29 26.44 -63.22
C TRP D 819 -13.26 25.99 -62.18
N PRO D 820 -13.49 26.35 -60.90
CA PRO D 820 -12.63 26.00 -59.76
C PRO D 820 -12.36 24.50 -59.65
N PHE D 821 -13.38 23.67 -59.81
CA PHE D 821 -13.16 22.22 -59.80
C PHE D 821 -12.21 21.75 -60.90
N PHE D 822 -12.51 22.14 -62.13
CA PHE D 822 -11.76 21.64 -63.27
C PHE D 822 -10.33 22.13 -63.18
N ARG D 823 -10.18 23.39 -62.79
CA ARG D 823 -8.86 24.00 -62.75
C ARG D 823 -7.96 23.34 -61.71
N VAL D 824 -8.49 23.15 -60.50
CA VAL D 824 -7.69 22.55 -59.44
C VAL D 824 -7.22 21.14 -59.82
N THR D 825 -8.05 20.39 -60.54
CA THR D 825 -7.68 19.02 -60.88
C THR D 825 -6.57 18.99 -61.93
N LEU D 826 -6.66 19.87 -62.92
CA LEU D 826 -5.66 19.96 -63.97
C LEU D 826 -4.33 20.50 -63.44
N ASP D 827 -4.39 21.45 -62.51
CA ASP D 827 -3.19 22.02 -61.92
C ASP D 827 -2.45 20.98 -61.07
N LEU D 828 -3.22 20.25 -60.26
CA LEU D 828 -2.68 19.20 -59.40
C LEU D 828 -2.08 18.08 -60.22
N LEU D 829 -2.65 17.85 -61.40
CA LEU D 829 -2.07 16.94 -62.40
C LEU D 829 -0.74 17.49 -62.89
N GLU D 830 -0.72 18.78 -63.21
CA GLU D 830 0.48 19.43 -63.73
C GLU D 830 1.64 19.29 -62.76
N MET D 831 1.37 19.50 -61.47
CA MET D 831 2.40 19.35 -60.44
C MET D 831 2.96 17.95 -60.46
N VAL D 832 2.07 16.98 -60.69
CA VAL D 832 2.48 15.59 -60.70
C VAL D 832 3.44 15.36 -61.84
N PHE D 833 3.03 15.76 -63.04
CA PHE D 833 3.86 15.57 -64.22
C PHE D 833 5.20 16.27 -64.07
N ALA D 834 5.22 17.39 -63.35
CA ALA D 834 6.46 18.13 -63.13
C ALA D 834 7.34 17.42 -62.12
N LYS D 835 6.79 16.43 -61.43
CA LYS D 835 7.55 15.58 -60.54
C LYS D 835 7.71 14.25 -61.25
N GLY D 836 7.51 14.27 -62.56
CA GLY D 836 7.49 13.05 -63.35
C GLY D 836 8.59 12.99 -64.38
N ASP D 837 9.16 11.81 -64.52
CA ASP D 837 10.23 11.57 -65.47
C ASP D 837 10.04 10.17 -66.04
N PRO D 838 9.53 10.11 -67.29
CA PRO D 838 9.26 8.81 -67.92
C PRO D 838 10.57 8.12 -68.34
N GLY D 839 11.66 8.87 -68.35
CA GLY D 839 12.97 8.31 -68.65
C GLY D 839 13.44 7.43 -67.50
N ILE D 840 12.99 7.76 -66.29
CA ILE D 840 13.25 6.95 -65.11
C ILE D 840 12.39 5.68 -65.14
N ALA D 841 11.10 5.84 -65.45
CA ALA D 841 10.21 4.69 -65.59
C ALA D 841 10.75 3.72 -66.62
N GLY D 842 11.40 4.26 -67.64
CA GLY D 842 12.02 3.47 -68.68
C GLY D 842 13.27 2.76 -68.23
N LEU D 843 13.92 3.29 -67.19
CA LEU D 843 15.13 2.67 -66.67
C LEU D 843 14.78 1.47 -65.79
N TYR D 844 13.65 1.55 -65.10
CA TYR D 844 13.15 0.40 -64.35
C TYR D 844 12.70 -0.68 -65.32
N ASP D 845 12.05 -0.28 -66.41
CA ASP D 845 11.56 -1.25 -67.40
C ASP D 845 12.70 -2.05 -67.98
N GLU D 846 13.84 -1.39 -68.18
CA GLU D 846 15.02 -2.05 -68.72
C GLU D 846 15.54 -3.16 -67.81
N LEU D 847 16.03 -2.78 -66.64
CA LEU D 847 16.69 -3.73 -65.73
C LEU D 847 15.79 -4.76 -65.06
N LEU D 848 14.48 -4.61 -65.19
CA LEU D 848 13.58 -5.43 -64.38
C LEU D 848 12.51 -6.16 -65.19
N VAL D 849 11.82 -5.45 -66.06
CA VAL D 849 10.71 -6.04 -66.80
C VAL D 849 11.20 -7.03 -67.87
N ALA D 850 10.54 -8.19 -67.90
CA ALA D 850 10.81 -9.21 -68.92
C ALA D 850 10.74 -8.64 -70.33
N GLU D 851 11.33 -9.37 -71.28
CA GLU D 851 11.47 -8.89 -72.66
C GLU D 851 10.17 -8.82 -73.43
N GLU D 852 9.20 -9.66 -73.04
CA GLU D 852 7.91 -9.69 -73.71
C GLU D 852 7.01 -8.55 -73.25
N LEU D 853 7.12 -8.19 -71.97
CA LEU D 853 6.28 -7.15 -71.39
C LEU D 853 6.84 -5.77 -71.64
N LYS D 854 8.10 -5.71 -72.06
CA LYS D 854 8.79 -4.44 -72.25
C LYS D 854 8.09 -3.44 -73.22
N PRO D 855 7.61 -3.92 -74.39
CA PRO D 855 6.92 -2.96 -75.27
C PRO D 855 5.62 -2.46 -74.67
N PHE D 856 4.98 -3.27 -73.85
CA PHE D 856 3.79 -2.83 -73.11
C PHE D 856 4.15 -1.64 -72.25
N GLY D 857 5.33 -1.68 -71.64
CA GLY D 857 5.82 -0.58 -70.83
C GLY D 857 6.03 0.66 -71.67
N LYS D 858 6.58 0.46 -72.86
CA LYS D 858 6.84 1.57 -73.77
C LYS D 858 5.55 2.11 -74.34
N GLN D 859 4.50 1.30 -74.31
CA GLN D 859 3.19 1.76 -74.77
C GLN D 859 2.59 2.73 -73.77
N LEU D 860 2.76 2.43 -72.48
CA LEU D 860 2.30 3.29 -71.40
C LEU D 860 3.03 4.63 -71.44
N ARG D 861 4.34 4.58 -71.65
CA ARG D 861 5.16 5.79 -71.70
C ARG D 861 4.76 6.69 -72.85
N ASP D 862 4.18 6.10 -73.89
CA ASP D 862 3.66 6.91 -74.97
C ASP D 862 2.36 7.59 -74.53
N LYS D 863 1.63 6.96 -73.61
CA LYS D 863 0.42 7.56 -73.04
C LYS D 863 0.79 8.70 -72.10
N TYR D 864 1.89 8.51 -71.37
CA TYR D 864 2.40 9.51 -70.45
C TYR D 864 2.64 10.82 -71.17
N VAL D 865 3.40 10.74 -72.26
CA VAL D 865 3.78 11.94 -72.98
C VAL D 865 2.57 12.58 -73.66
N GLU D 866 1.70 11.77 -74.24
CA GLU D 866 0.50 12.29 -74.92
C GLU D 866 -0.43 12.98 -73.93
N THR D 867 -0.42 12.51 -72.69
CA THR D 867 -1.26 13.08 -71.63
C THR D 867 -0.70 14.42 -71.13
N GLN D 868 0.58 14.44 -70.78
CA GLN D 868 1.25 15.69 -70.37
C GLN D 868 1.17 16.75 -71.47
N GLN D 869 1.24 16.32 -72.73
CA GLN D 869 1.13 17.25 -73.83
C GLN D 869 -0.28 17.84 -73.93
N LEU D 870 -1.29 16.97 -73.87
CA LEU D 870 -2.69 17.39 -73.94
C LEU D 870 -3.09 18.26 -72.75
N LEU D 871 -2.51 17.99 -71.59
CA LEU D 871 -2.76 18.77 -70.39
C LEU D 871 -2.33 20.23 -70.59
N LEU D 872 -1.07 20.43 -70.97
CA LEU D 872 -0.52 21.76 -71.12
C LEU D 872 -1.24 22.59 -72.18
N GLN D 873 -1.80 21.94 -73.19
CA GLN D 873 -2.51 22.67 -74.24
C GLN D 873 -3.81 23.25 -73.72
N ILE D 874 -4.42 22.56 -72.77
CA ILE D 874 -5.69 23.01 -72.21
C ILE D 874 -5.46 24.04 -71.10
N ALA D 875 -4.31 23.94 -70.44
CA ALA D 875 -3.97 24.87 -69.35
C ALA D 875 -3.36 26.20 -69.84
N GLY D 876 -3.10 26.31 -71.14
CA GLY D 876 -2.52 27.52 -71.69
C GLY D 876 -1.08 27.71 -71.27
N HIS D 877 -0.41 26.59 -70.99
CA HIS D 877 1.00 26.60 -70.61
C HIS D 877 1.84 25.95 -71.73
N LYS D 878 2.98 26.56 -72.03
CA LYS D 878 3.89 26.01 -73.03
C LYS D 878 4.82 24.99 -72.36
N ASP D 879 5.26 25.34 -71.15
CA ASP D 879 6.19 24.53 -70.36
C ASP D 879 5.48 24.01 -69.11
N ILE D 880 6.15 23.12 -68.38
CA ILE D 880 5.58 22.57 -67.16
C ILE D 880 6.05 23.30 -65.89
N LEU D 881 5.10 23.61 -65.01
CA LEU D 881 5.29 24.56 -63.89
C LEU D 881 5.82 25.91 -64.38
N GLU D 882 5.28 26.38 -65.50
CA GLU D 882 5.65 27.68 -66.07
C GLU D 882 5.13 28.81 -65.19
N GLY D 883 4.01 28.57 -64.52
CA GLY D 883 3.42 29.55 -63.63
C GLY D 883 3.95 29.48 -62.21
N ASP D 884 4.71 28.43 -61.91
CA ASP D 884 5.28 28.28 -60.57
C ASP D 884 6.80 28.33 -60.63
N PRO D 885 7.39 29.48 -60.23
CA PRO D 885 8.84 29.67 -60.31
C PRO D 885 9.61 29.01 -59.16
N PHE D 886 9.06 29.04 -57.94
CA PHE D 886 9.77 28.55 -56.76
C PHE D 886 9.67 27.03 -56.59
N LEU D 887 8.52 26.47 -56.91
CA LEU D 887 8.35 25.02 -56.83
C LEU D 887 9.19 24.36 -57.92
N LYS D 888 9.42 25.10 -59.01
CA LYS D 888 10.25 24.60 -60.11
C LYS D 888 11.75 24.70 -59.77
N GLN D 889 12.13 25.78 -59.08
CA GLN D 889 13.50 25.95 -58.61
C GLN D 889 13.92 24.81 -57.70
N GLY D 890 13.04 24.44 -56.76
CA GLY D 890 13.35 23.44 -55.75
C GLY D 890 13.61 22.09 -56.35
N LEU D 891 12.86 21.76 -57.39
CA LEU D 891 13.02 20.51 -58.13
C LEU D 891 14.30 20.50 -58.97
N VAL D 892 15.02 21.61 -59.00
CA VAL D 892 16.27 21.67 -59.75
C VAL D 892 17.45 21.06 -58.97
N LEU D 893 17.54 21.39 -57.68
CA LEU D 893 18.63 20.87 -56.83
C LEU D 893 18.26 19.51 -56.26
N ARG D 894 16.97 19.26 -56.14
CA ARG D 894 16.48 18.02 -55.57
C ARG D 894 16.64 16.86 -56.57
N ASN D 895 16.19 17.09 -57.81
CA ASN D 895 16.12 16.03 -58.82
C ASN D 895 17.36 15.15 -59.01
N PRO D 896 18.57 15.74 -59.14
CA PRO D 896 19.74 14.88 -59.28
C PRO D 896 19.96 13.89 -58.12
N TYR D 897 19.43 14.19 -56.94
CA TYR D 897 19.55 13.25 -55.83
C TYR D 897 18.47 12.18 -55.91
N ILE D 898 17.28 12.59 -56.33
CA ILE D 898 16.19 11.65 -56.56
C ILE D 898 16.57 10.70 -57.71
N THR D 899 17.21 11.24 -58.74
CA THR D 899 17.68 10.45 -59.89
C THR D 899 18.74 9.43 -59.48
N THR D 900 19.65 9.87 -58.62
CA THR D 900 20.71 9.02 -58.11
C THR D 900 20.14 7.87 -57.32
N LEU D 901 19.07 8.13 -56.58
CA LEU D 901 18.41 7.08 -55.81
C LEU D 901 17.50 6.22 -56.69
N ASN D 902 17.01 6.78 -57.78
CA ASN D 902 16.23 6.01 -58.75
C ASN D 902 17.11 4.96 -59.41
N VAL D 903 18.31 5.36 -59.79
CA VAL D 903 19.28 4.45 -60.38
C VAL D 903 19.69 3.40 -59.35
N PHE D 904 20.06 3.86 -58.16
CA PHE D 904 20.51 2.99 -57.07
C PHE D 904 19.45 1.94 -56.72
N GLN D 905 18.18 2.35 -56.77
CA GLN D 905 17.08 1.46 -56.41
C GLN D 905 16.88 0.35 -57.44
N ALA D 906 16.85 0.72 -58.72
CA ALA D 906 16.61 -0.23 -59.80
C ALA D 906 17.65 -1.35 -59.82
N TYR D 907 18.92 -0.96 -59.73
CA TYR D 907 20.00 -1.93 -59.72
C TYR D 907 19.97 -2.76 -58.43
N THR D 908 19.54 -2.14 -57.34
CA THR D 908 19.44 -2.84 -56.05
C THR D 908 18.29 -3.85 -56.07
N LEU D 909 17.22 -3.51 -56.79
CA LEU D 909 16.13 -4.45 -56.98
C LEU D 909 16.62 -5.62 -57.84
N LYS D 910 17.46 -5.32 -58.82
CA LYS D 910 18.02 -6.34 -59.70
C LYS D 910 18.82 -7.39 -58.93
N ARG D 911 19.76 -6.93 -58.10
CA ARG D 911 20.60 -7.82 -57.31
C ARG D 911 19.81 -8.74 -56.39
N ILE D 912 18.68 -8.28 -55.88
CA ILE D 912 17.81 -9.11 -55.07
C ILE D 912 17.20 -10.20 -55.93
N ARG D 913 16.44 -9.77 -56.94
CA ARG D 913 15.64 -10.70 -57.75
C ARG D 913 16.48 -11.64 -58.62
N ASP D 914 17.61 -11.12 -59.10
CA ASP D 914 18.47 -11.86 -60.02
C ASP D 914 19.82 -12.15 -59.37
N PRO D 915 19.99 -13.37 -58.83
CA PRO D 915 21.27 -13.78 -58.23
C PRO D 915 22.28 -14.20 -59.30
N ASN D 916 21.83 -14.27 -60.55
CA ASN D 916 22.71 -14.49 -61.69
C ASN D 916 23.27 -13.18 -62.24
N PHE D 917 22.81 -12.07 -61.67
CA PHE D 917 23.31 -10.75 -62.05
C PHE D 917 24.71 -10.58 -61.47
N LYS D 918 25.67 -10.31 -62.35
CA LYS D 918 27.07 -10.20 -61.95
C LYS D 918 27.48 -8.74 -61.84
N VAL D 919 28.26 -8.43 -60.81
CA VAL D 919 28.84 -7.10 -60.70
C VAL D 919 30.16 -7.18 -59.93
N THR D 920 31.16 -6.46 -60.43
CA THR D 920 32.49 -6.51 -59.83
C THR D 920 32.62 -5.53 -58.66
N PRO D 921 32.95 -6.05 -57.46
CA PRO D 921 33.02 -5.21 -56.25
C PRO D 921 34.16 -4.19 -56.27
N GLN D 922 33.90 -3.04 -55.64
CA GLN D 922 34.87 -1.96 -55.53
C GLN D 922 35.63 -2.10 -54.21
N PRO D 923 36.68 -1.26 -54.00
CA PRO D 923 37.31 -1.19 -52.68
C PRO D 923 36.45 -0.36 -51.72
N PRO D 924 36.66 -0.53 -50.39
CA PRO D 924 35.94 0.27 -49.40
C PRO D 924 36.19 1.77 -49.51
N LEU D 925 35.11 2.57 -49.43
CA LEU D 925 35.19 4.03 -49.53
C LEU D 925 35.19 4.70 -48.16
N SER D 926 34.66 4.01 -47.16
CA SER D 926 34.58 4.55 -45.79
C SER D 926 35.81 4.21 -44.97
N LYS D 927 36.53 5.23 -44.51
CA LYS D 927 37.72 5.04 -43.69
C LYS D 927 37.37 4.32 -42.37
N GLU D 928 36.08 4.36 -42.02
CA GLU D 928 35.59 3.69 -40.83
C GLU D 928 35.60 2.17 -40.98
N PHE D 929 35.32 1.70 -42.19
CA PHE D 929 35.24 0.27 -42.46
C PHE D 929 36.30 -0.19 -43.46
N ALA D 930 37.52 -0.35 -42.96
CA ALA D 930 38.68 -0.71 -43.75
C ALA D 930 38.74 -2.22 -44.04
N ASP D 931 39.00 -3.02 -43.00
CA ASP D 931 39.09 -4.48 -43.18
C ASP D 931 37.93 -5.25 -42.51
N GLU D 932 37.69 -6.47 -42.98
CA GLU D 932 36.60 -7.31 -42.45
C GLU D 932 36.99 -7.96 -41.12
N ALA D 936 31.92 -5.53 -40.73
CA ALA D 936 31.36 -4.17 -40.74
C ALA D 936 30.18 -4.01 -39.78
N GLY D 937 30.40 -3.28 -38.70
CA GLY D 937 29.42 -3.13 -37.63
C GLY D 937 28.10 -2.45 -37.98
N LEU D 938 28.08 -1.70 -39.07
CA LEU D 938 26.88 -1.00 -39.51
C LEU D 938 25.85 -1.92 -40.19
N VAL D 939 26.36 -2.86 -41.00
CA VAL D 939 25.50 -3.76 -41.74
C VAL D 939 24.89 -4.82 -40.82
N LYS D 940 25.50 -4.95 -39.64
CA LYS D 940 25.02 -5.86 -38.60
C LYS D 940 23.84 -5.26 -37.85
N LEU D 941 23.53 -4.00 -38.14
CA LEU D 941 22.33 -3.38 -37.60
C LEU D 941 21.06 -4.10 -38.07
N ASN D 942 21.17 -4.83 -39.19
CA ASN D 942 20.10 -5.72 -39.63
C ASN D 942 20.31 -7.11 -38.98
N PRO D 943 19.34 -7.53 -38.16
CA PRO D 943 19.48 -8.78 -37.39
C PRO D 943 19.70 -9.99 -38.28
N ALA D 944 18.73 -10.25 -39.17
CA ALA D 944 18.78 -11.38 -40.09
C ALA D 944 17.96 -11.07 -41.33
N SER D 945 18.56 -10.35 -42.27
CA SER D 945 17.88 -9.96 -43.50
C SER D 945 17.68 -11.14 -44.44
N GLU D 946 16.53 -11.18 -45.11
CA GLU D 946 16.25 -12.24 -46.06
C GLU D 946 17.09 -12.08 -47.32
N TYR D 947 17.59 -10.88 -47.56
CA TYR D 947 18.40 -10.60 -48.73
C TYR D 947 19.87 -10.66 -48.34
N PRO D 948 20.78 -10.77 -49.34
CA PRO D 948 22.23 -10.59 -49.15
C PRO D 948 22.60 -9.39 -48.26
N PRO D 949 23.77 -9.43 -47.61
CA PRO D 949 24.18 -8.44 -46.61
C PRO D 949 24.24 -7.01 -47.11
N GLY D 950 23.41 -6.14 -46.54
CA GLY D 950 23.40 -4.73 -46.86
C GLY D 950 22.50 -4.38 -48.02
N LEU D 951 21.79 -5.37 -48.54
CA LEU D 951 20.94 -5.17 -49.71
C LEU D 951 19.55 -4.67 -49.29
N GLU D 952 19.08 -5.13 -48.14
CA GLU D 952 17.78 -4.67 -47.64
C GLU D 952 17.87 -3.23 -47.13
N ASP D 953 18.85 -2.96 -46.28
CA ASP D 953 19.02 -1.62 -45.72
C ASP D 953 19.30 -0.57 -46.79
N THR D 954 19.89 -1.01 -47.90
CA THR D 954 20.17 -0.11 -49.03
C THR D 954 18.89 0.13 -49.81
N LEU D 955 18.10 -0.92 -49.98
CA LEU D 955 16.82 -0.84 -50.68
C LEU D 955 15.84 0.04 -49.91
N ILE D 956 15.87 -0.06 -48.59
CA ILE D 956 14.99 0.74 -47.74
C ILE D 956 15.35 2.22 -47.78
N LEU D 957 16.65 2.50 -47.65
CA LEU D 957 17.12 3.88 -47.69
C LEU D 957 16.89 4.54 -49.05
N THR D 958 16.77 3.73 -50.09
CA THR D 958 16.49 4.27 -51.42
C THR D 958 15.01 4.61 -51.55
N MET D 959 14.17 3.91 -50.80
CA MET D 959 12.74 4.18 -50.79
C MET D 959 12.38 5.39 -49.92
N LYS D 960 12.96 5.46 -48.73
CA LYS D 960 12.73 6.57 -47.81
C LYS D 960 13.32 7.85 -48.41
N GLY D 961 14.49 7.72 -49.02
CA GLY D 961 15.13 8.82 -49.70
C GLY D 961 14.28 9.35 -50.84
N ILE D 962 13.90 8.49 -51.78
CA ILE D 962 13.05 8.88 -52.89
C ILE D 962 11.73 9.46 -52.35
N ALA D 963 11.24 8.86 -51.27
CA ALA D 963 10.02 9.33 -50.62
C ALA D 963 10.14 10.78 -50.16
N ALA D 964 11.29 11.12 -49.57
CA ALA D 964 11.56 12.49 -49.14
C ALA D 964 11.70 13.43 -50.34
N GLY D 965 12.31 12.94 -51.42
CA GLY D 965 12.51 13.74 -52.61
C GLY D 965 11.20 14.10 -53.30
N MET D 966 10.22 13.21 -53.24
CA MET D 966 8.90 13.47 -53.79
C MET D 966 8.06 14.20 -52.77
N GLN D 967 8.57 14.29 -51.54
CA GLN D 967 7.84 14.88 -50.42
C GLN D 967 6.53 14.13 -50.15
N ASN D 968 6.45 12.90 -50.67
CA ASN D 968 5.28 12.03 -50.48
C ASN D 968 5.68 10.56 -50.45
N THR D 969 5.19 9.84 -49.45
CA THR D 969 5.39 8.40 -49.37
C THR D 969 4.37 7.68 -50.27
N GLY D 970 3.08 7.95 -50.06
CA GLY D 970 2.05 7.39 -50.91
C GLY D 970 0.63 7.72 -50.48
N GLY E . -32.34 -8.99 33.20
CA GLY E . -31.43 -7.87 33.38
C GLY E . -30.77 -7.76 34.75
O GLY E . -31.23 -8.25 35.80
OXT GLY E . -29.71 -7.12 34.84
C ACT F . 24.92 -23.04 36.28
O ACT F . 24.10 -22.11 36.08
OXT ACT F . 24.46 -24.21 36.30
CH3 ACT F . 26.39 -22.76 36.49
C ACT G . 27.07 -23.81 31.97
O ACT G . 26.02 -23.39 31.43
OXT ACT G . 27.38 -25.00 31.71
CH3 ACT G . 27.89 -22.93 32.86
C ACT H . 22.43 -25.78 48.51
O ACT H . 21.87 -26.11 49.57
OXT ACT H . 22.15 -24.63 48.10
CH3 ACT H . 23.40 -26.69 47.78
N GLY I . -42.69 -21.05 4.82
CA GLY I . -41.72 -20.86 5.89
C GLY I . -42.31 -20.42 7.22
O GLY I . -42.23 -19.25 7.63
OXT GLY I . -42.88 -21.21 7.97
N GLY J . 13.35 -43.20 12.64
CA GLY J . 13.57 -43.31 11.21
C GLY J . 12.72 -44.39 10.56
O GLY J . 12.44 -45.44 11.17
OXT GLY J . 12.30 -44.24 9.41
C ACT K . -25.66 -10.76 20.50
O ACT K . -24.75 -10.38 19.72
OXT ACT K . -25.26 -11.13 21.63
CH3 ACT K . -27.10 -10.78 20.09
C ACT L . -41.25 -25.19 5.66
O ACT L . -40.15 -24.60 5.82
OXT ACT L . -41.63 -25.89 6.63
CH3 ACT L . -42.05 -25.07 4.40
C ACT M . -44.80 -37.75 6.67
O ACT M . -44.92 -38.91 7.11
OXT ACT M . -43.71 -37.51 6.08
CH3 ACT M . -45.91 -36.75 6.82
N GLY N . 22.85 4.02 -39.92
CA GLY N . 23.28 5.25 -40.56
C GLY N . 24.71 5.67 -40.21
O GLY N . 25.21 5.36 -39.12
OXT GLY N . 25.37 6.35 -41.00
C ACT O . 36.21 46.40 -0.17
O ACT O . 35.91 45.21 -0.48
OXT ACT O . 37.11 46.93 -0.87
CH3 ACT O . 35.54 47.15 0.95
C ACT P . 2.03 34.37 -2.47
O ACT P . 1.50 34.30 -3.60
OXT ACT P . 2.82 35.33 -2.29
CH3 ACT P . 1.73 33.37 -1.38
C ACT Q . 26.30 40.63 5.96
O ACT Q . 26.04 40.31 4.78
OXT ACT Q . 27.06 41.62 6.08
CH3 ACT Q . 25.76 39.87 7.12
C ACT R . 22.01 41.07 8.52
O ACT R . 21.53 42.15 8.11
OXT ACT R . 21.34 40.04 8.27
CH3 ACT R . 23.32 40.98 9.27
N GLY S . -5.60 46.18 -3.64
CA GLY S . -5.49 46.95 -4.87
C GLY S . -6.69 46.75 -5.80
O GLY S . -7.37 45.74 -5.65
OXT GLY S . -6.99 47.57 -6.68
C ACT T . 12.15 5.08 -31.86
O ACT T . 12.69 6.10 -31.38
OXT ACT T . 11.49 5.27 -32.91
CH3 ACT T . 12.27 3.71 -31.22
C ACT U . -9.99 7.27 -47.72
O ACT U . -9.76 7.60 -46.54
OXT ACT U . -9.30 7.84 -48.59
CH3 ACT U . -11.03 6.25 -48.09
C ACT V . -14.10 17.30 -55.26
O ACT V . -13.57 16.45 -56.01
OXT ACT V . -13.79 17.27 -54.05
CH3 ACT V . -15.06 18.32 -55.78
#